data_8VUY
#
_entry.id   8VUY
#
_cell.length_a   1.00
_cell.length_b   1.00
_cell.length_c   1.00
_cell.angle_alpha   90.00
_cell.angle_beta   90.00
_cell.angle_gamma   90.00
#
_symmetry.space_group_name_H-M   'P 1'
#
loop_
_entity.id
_entity.type
_entity.pdbx_description
1 polymer 'Glutamate receptor ionotropic, NMDA 1'
2 polymer 'Glutamate receptor ionotropic, NMDA 2B'
3 polymer '003-102 Heavy'
4 polymer '003-102 Light'
#
loop_
_entity_poly.entity_id
_entity_poly.type
_entity_poly.pdbx_seq_one_letter_code
_entity_poly.pdbx_strand_id
1 'polypeptide(L)'
;KIVNIGAVLSTRKHEQMFREAVNQANKRHGSWKIQLQATSVTHKPNAIQMALSVCEDLISSQVYAILVSHPPTPNDHFTP
TPVSYTAGFYRIPVLGLTTRMSIYSDKSIHLSFLRTVPPYSHQSSVWFEMMRVYNWNHIILLVSDDHEGRAAQKRLETLL
EERESKAEKVLQFDPGTKNVTALLMEARELEARVIILSASEDDAATVYRAAAMLDMTGSGYVWLVGEREISGNALRYAPD
GIIGLQLINGKNESAHISDAVGVVAQAVHELLEKENITDPPRGCVGNTNIWKTGPLFKRVLMSSKYADGVTGRVEFNEDG
DRKFAQYSIMNLQNRKLVQVGIYNGTHVIPNDRKIIWPGGETEKPRGYQMSTRLKIVTIHQEPFVYVKPTMSDGTCKEEF
TVNGDPVKKVICTGPNDTSPGSPRHTVPQCCYGFCIDLLIKLARTMQFTYEVHLVADGKFGTQERVQNSNKKEWNGMMGE
LLSGQADMIVAPLTINNERAQYIEFSKPFKYQGLTILVKKEIPRSTLDSFMNPFQSTLWLLVGLSVHVVAVMLYLLDRFS
PFGRFKVNSEEEEEDALTLSSAMWFSWGVLLNSGIGEGAPRSFSARILGMVWAGFAMIIVASYTANLAAFLVLDRPEERI
TGINDPRLRNPSDKFIYATVKQSSVDIYFRRQVELSTMYRHMEKHNYESAAEAIQAVRDNKLHAFIWDSAVLEFEASQKC
DLVTTGELFFRSGFGIGMRKDSPWKQQVSLSILKSHENGFMEDLDKTWVRYQECDSRSNAPATLTFENMAGVFMIVAGGI
VAGIFLIFIEIAYKSRA
;
A,C
2 'polypeptide(L)'
;SIGIAVILVGTSDEVAIKDAHEKDDFHHLSVVPRVELVAMNETDPKSIITRICDLMSDRKIQGVVFADDTDQEAIAQILD
FISAQTLTPILGIHGGSSMIMADKDESSMFFQFGPSIEQQASVMLNIMEEYDWYIFSIVTTYFPGYQDFVNKIRSTIENS
FVGWELEEVLLLDMSLDDGDSKIQNQLKKLQSPIILLYCTKEEATYIFEVANSVGLTGYGYTWIVPSLVAGDTDTVPSEF
PTGLISVSYDEWDYGLPARVRDGIAIITTAASDMLSEHSFIPEPKSSCYNTHEKRIYQSNMLNRYLINVTFEGRDLSFSE
EGYQMHPKLVIILLNKERKWERVGKWKDKSLQMKYYVWPRMCPETEEQEDDHLSIVTLEEAPFVIVESVDPLSGTCMRNT
VPCEKRIISENKTDEEPGYIKKCCKGFCIDILKKISKSVKFTYDLYLVTNGKHGKKINGTWNGMIGEVVMKRAYMAVGSL
TINEERSEVVDFSVPFIETGISVMVSRSNGTVSPSAFLEPFSADVWVMMFVMLLIVSAVAVFVFEYFSPVGYNRCLADGR
EPGGPSFTIGKAIWLLWGLVFNNSVPVQNPKGTTSKIMVSVWAFFAVIFLASYTANLAAFMIQEEYVDQVSGLSDKKFQR
PNDFSPPFRFGTVPNGSTERNIRNNYAEMHAYMGKFNQRGVDDALLSLKTGKLDAFIYDAAVLNYMAGRDEGCKLVTIGS
GKVFASTGYGIAIQKDSGWKRQVDLAILQLFGDGEMEELEALWLTGICHNEKNEVMSSQLDIDNMAGVFYMLGAAMALSL
ITFISEHLFYWQ
;
B,D
3 'polypeptide(L)'
;LQLQESGPGLVKPSQTLSLTCTVSGGSISSSNWWSWVRQPPGKGLEWIGEIYHSGNTNYNPSLKSRVTVSVDKSKNQFSL
KLTSVTAADTAVYYCARDVSGGVNWFDPWGQGTLV
;
H,J
4 'polypeptide(L)'
;NFMLTQPHSVSESPGKTVTISCTRSSGSIASNYVQWYQQRPGSAPTTVIYEDNQRPSGVPDRFSGSIDSSSNSASLTISG
LKTEDEADYYCQSYDSSTVVFGGGTKLT
;
K,L
#
# COMPACT_ATOMS: atom_id res chain seq x y z
N LYS A 1 44.97 19.69 46.02
CA LYS A 1 43.92 20.69 46.23
C LYS A 1 43.02 20.29 47.39
N ILE A 2 42.47 21.29 48.08
CA ILE A 2 41.62 21.08 49.24
C ILE A 2 40.18 21.41 48.86
N VAL A 3 39.28 20.46 49.09
CA VAL A 3 37.85 20.65 48.83
C VAL A 3 37.08 20.23 50.07
N ASN A 4 36.16 21.08 50.50
CA ASN A 4 35.39 20.84 51.71
C ASN A 4 33.91 20.70 51.38
N ILE A 5 33.19 19.98 52.23
CA ILE A 5 31.76 19.77 52.10
C ILE A 5 31.09 20.20 53.39
N GLY A 6 30.08 21.07 53.28
CA GLY A 6 29.36 21.57 54.43
C GLY A 6 28.06 20.82 54.66
N ALA A 7 27.40 21.17 55.77
CA ALA A 7 26.15 20.52 56.14
C ALA A 7 25.40 21.39 57.13
N VAL A 8 24.11 21.12 57.25
CA VAL A 8 23.25 21.73 58.26
C VAL A 8 22.60 20.61 59.06
N LEU A 9 22.64 20.72 60.38
CA LEU A 9 22.14 19.66 61.25
C LEU A 9 21.13 20.18 62.26
N SER A 10 20.74 19.34 63.21
CA SER A 10 19.74 19.71 64.20
C SER A 10 20.26 19.72 65.63
N THR A 11 21.48 19.24 65.88
CA THR A 11 22.03 19.22 67.23
C THR A 11 23.54 19.31 67.16
N ARG A 12 24.13 19.75 68.28
CA ARG A 12 25.59 19.87 68.36
C ARG A 12 26.27 18.51 68.34
N LYS A 13 25.65 17.50 68.93
CA LYS A 13 26.24 16.16 68.93
C LYS A 13 26.37 15.62 67.51
N HIS A 14 25.37 15.89 66.66
CA HIS A 14 25.47 15.48 65.26
C HIS A 14 26.63 16.15 64.56
N GLU A 15 26.94 17.40 64.92
CA GLU A 15 28.10 18.08 64.35
C GLU A 15 29.40 17.37 64.74
N GLN A 16 29.51 16.95 66.00
CA GLN A 16 30.69 16.21 66.44
C GLN A 16 30.78 14.87 65.74
N MET A 17 29.64 14.20 65.55
CA MET A 17 29.64 12.93 64.82
C MET A 17 30.08 13.13 63.37
N PHE A 18 29.62 14.22 62.74
CA PHE A 18 30.04 14.54 61.38
C PHE A 18 31.54 14.80 61.32
N ARG A 19 32.07 15.55 62.29
CA ARG A 19 33.51 15.81 62.33
C ARG A 19 34.30 14.53 62.49
N GLU A 20 33.86 13.64 63.38
CA GLU A 20 34.54 12.36 63.56
C GLU A 20 34.48 11.52 62.30
N ALA A 21 33.32 11.50 61.64
CA ALA A 21 33.17 10.71 60.42
C ALA A 21 34.07 11.23 59.31
N VAL A 22 34.13 12.56 59.12
CA VAL A 22 34.98 13.09 58.07
C VAL A 22 36.45 12.89 58.42
N ASN A 23 36.82 12.98 59.71
CA ASN A 23 38.19 12.70 60.10
C ASN A 23 38.57 11.26 59.81
N GLN A 24 37.66 10.32 60.07
CA GLN A 24 37.93 8.92 59.74
C GLN A 24 37.99 8.72 58.23
N ALA A 25 37.16 9.44 57.47
CA ALA A 25 37.11 9.26 56.03
C ALA A 25 38.38 9.76 55.36
N ASN A 26 38.83 10.96 55.70
CA ASN A 26 40.01 11.52 55.04
C ASN A 26 41.28 10.76 55.35
N LYS A 27 41.30 9.99 56.44
CA LYS A 27 42.45 9.15 56.77
C LYS A 27 42.35 7.78 56.11
N ARG A 28 42.12 7.78 54.80
CA ARG A 28 41.98 6.56 54.01
C ARG A 28 42.11 6.94 52.54
N HIS A 29 41.99 5.93 51.67
CA HIS A 29 42.06 6.09 50.22
C HIS A 29 43.41 6.71 49.88
N GLY A 30 43.48 7.85 49.19
CA GLY A 30 44.73 8.48 48.84
C GLY A 30 44.96 9.77 49.61
N SER A 31 46.18 10.29 49.46
CA SER A 31 46.60 11.52 50.11
C SER A 31 47.36 12.41 49.13
N TRP A 32 46.86 12.53 47.91
CA TRP A 32 47.49 13.34 46.87
C TRP A 32 47.12 14.81 47.08
N LYS A 33 47.62 15.35 48.19
CA LYS A 33 47.34 16.74 48.59
C LYS A 33 45.84 17.00 48.70
N ILE A 34 45.12 16.03 49.24
CA ILE A 34 43.66 16.11 49.40
C ILE A 34 43.36 16.17 50.89
N GLN A 35 42.62 17.21 51.29
CA GLN A 35 42.23 17.38 52.68
C GLN A 35 40.86 18.03 52.72
N LEU A 36 39.88 17.35 53.31
CA LEU A 36 38.51 17.82 53.36
C LEU A 36 38.09 18.08 54.80
N GLN A 37 37.37 19.18 55.01
CA GLN A 37 36.90 19.58 56.32
C GLN A 37 35.40 19.81 56.27
N ALA A 38 34.76 19.74 57.44
CA ALA A 38 33.32 19.84 57.57
C ALA A 38 32.94 21.14 58.25
N THR A 39 32.04 21.89 57.63
CA THR A 39 31.49 23.12 58.20
C THR A 39 30.01 22.91 58.43
N SER A 40 29.55 23.18 59.66
CA SER A 40 28.19 22.89 60.06
C SER A 40 27.47 24.16 60.52
N VAL A 41 26.16 24.04 60.65
CA VAL A 41 25.32 25.15 61.10
C VAL A 41 24.00 24.55 61.59
N THR A 42 23.45 25.13 62.65
CA THR A 42 22.21 24.64 63.24
C THR A 42 21.01 25.14 62.43
N HIS A 43 19.81 24.94 62.97
CA HIS A 43 18.57 25.30 62.29
C HIS A 43 17.94 26.52 62.94
N LYS A 44 17.22 27.28 62.13
CA LYS A 44 16.53 28.50 62.53
C LYS A 44 15.08 28.41 62.08
N PRO A 45 14.16 29.12 62.77
CA PRO A 45 12.74 28.97 62.46
C PRO A 45 12.33 29.32 61.03
N ASN A 46 12.64 30.55 60.59
CA ASN A 46 12.13 31.04 59.32
C ASN A 46 13.07 30.68 58.18
N ALA A 47 12.48 30.46 57.00
CA ALA A 47 13.22 29.92 55.85
C ALA A 47 14.16 30.92 55.21
N ILE A 48 13.78 32.21 55.18
CA ILE A 48 14.67 33.21 54.58
C ILE A 48 15.97 33.32 55.38
N GLN A 49 15.90 33.09 56.69
CA GLN A 49 17.12 33.01 57.47
C GLN A 49 17.99 31.84 57.01
N MET A 50 17.37 30.70 56.70
CA MET A 50 18.12 29.59 56.12
C MET A 50 18.76 29.99 54.79
N ALA A 51 18.03 30.71 53.96
CA ALA A 51 18.58 31.12 52.67
C ALA A 51 19.81 32.00 52.84
N LEU A 52 19.69 33.05 53.66
CA LEU A 52 20.82 33.96 53.85
C LEU A 52 21.99 33.23 54.51
N SER A 53 21.72 32.40 55.53
CA SER A 53 22.80 31.70 56.21
C SER A 53 23.50 30.72 55.28
N VAL A 54 22.75 30.01 54.44
CA VAL A 54 23.37 29.04 53.55
C VAL A 54 24.15 29.74 52.45
N CYS A 55 23.71 30.92 51.99
CA CYS A 55 24.52 31.58 50.97
C CYS A 55 25.77 32.17 51.60
N GLU A 56 25.68 32.59 52.87
CA GLU A 56 26.88 33.01 53.59
C GLU A 56 27.86 31.85 53.76
N ASP A 57 27.33 30.66 54.04
CA ASP A 57 28.17 29.47 54.13
C ASP A 57 28.84 29.18 52.79
N LEU A 58 28.09 29.32 51.69
CA LEU A 58 28.68 29.21 50.36
C LEU A 58 29.76 30.26 50.14
N ILE A 59 29.55 31.46 50.69
CA ILE A 59 30.55 32.52 50.62
C ILE A 59 31.81 32.12 51.38
N SER A 60 31.66 31.39 52.48
CA SER A 60 32.82 31.02 53.29
C SER A 60 33.81 30.18 52.50
N SER A 61 33.31 29.21 51.73
CA SER A 61 34.19 28.37 50.93
C SER A 61 33.39 27.74 49.80
N GLN A 62 34.10 27.27 48.79
CA GLN A 62 33.48 26.62 47.63
C GLN A 62 33.02 25.23 48.05
N VAL A 63 31.75 25.13 48.46
CA VAL A 63 31.20 23.87 48.92
C VAL A 63 30.77 23.03 47.71
N TYR A 64 31.35 21.83 47.59
CA TYR A 64 31.02 20.96 46.47
C TYR A 64 29.67 20.28 46.64
N ALA A 65 29.30 19.94 47.88
CA ALA A 65 28.02 19.30 48.15
C ALA A 65 27.59 19.63 49.57
N ILE A 66 26.28 19.69 49.77
CA ILE A 66 25.70 20.08 51.06
C ILE A 66 24.85 18.93 51.58
N LEU A 67 24.99 18.63 52.87
CA LEU A 67 24.21 17.60 53.53
C LEU A 67 23.13 18.25 54.38
N VAL A 68 21.88 17.82 54.18
CA VAL A 68 20.74 18.39 54.88
C VAL A 68 19.95 17.25 55.53
N SER A 69 19.40 17.53 56.72
CA SER A 69 18.59 16.56 57.44
C SER A 69 17.41 17.27 58.08
N HIS A 70 16.25 16.63 58.02
CA HIS A 70 15.05 17.22 58.60
C HIS A 70 15.07 17.04 60.12
N PRO A 71 14.90 18.12 60.88
CA PRO A 71 14.89 17.98 62.34
C PRO A 71 13.66 17.19 62.78
N PRO A 72 13.72 16.53 63.94
CA PRO A 72 12.56 15.77 64.42
C PRO A 72 11.38 16.68 64.71
N THR A 73 10.33 16.56 63.89
CA THR A 73 9.20 17.46 63.91
C THR A 73 8.08 16.85 63.07
N PRO A 74 6.89 17.47 62.98
CA PRO A 74 5.91 17.02 61.98
C PRO A 74 6.45 17.14 60.56
N ASN A 75 5.66 16.70 59.58
CA ASN A 75 6.14 16.59 58.19
C ASN A 75 6.84 17.86 57.74
N ASP A 76 6.08 18.97 57.68
CA ASP A 76 6.62 20.32 57.44
C ASP A 76 7.64 20.32 56.29
N HIS A 77 7.15 20.03 55.09
CA HIS A 77 8.03 19.99 53.93
C HIS A 77 8.60 21.36 53.55
N PHE A 78 8.28 22.42 54.31
CA PHE A 78 8.84 23.73 54.03
C PHE A 78 10.24 23.91 54.63
N THR A 79 10.64 23.04 55.55
CA THR A 79 11.97 23.17 56.13
C THR A 79 13.11 22.89 55.15
N PRO A 80 13.07 21.86 54.29
CA PRO A 80 14.24 21.59 53.44
C PRO A 80 14.24 22.33 52.11
N THR A 81 13.15 22.98 51.73
CA THR A 81 13.09 23.60 50.40
C THR A 81 13.97 24.84 50.25
N PRO A 82 14.20 25.68 51.27
CA PRO A 82 15.09 26.84 51.03
C PRO A 82 16.49 26.45 50.60
N VAL A 83 17.05 25.37 51.16
CA VAL A 83 18.39 24.96 50.79
C VAL A 83 18.43 24.53 49.32
N SER A 84 17.43 23.73 48.91
CA SER A 84 17.37 23.29 47.52
C SER A 84 17.16 24.45 46.56
N TYR A 85 16.30 25.40 46.94
CA TYR A 85 16.06 26.57 46.08
C TYR A 85 17.32 27.42 45.94
N THR A 86 18.04 27.63 47.03
CA THR A 86 19.24 28.46 46.97
C THR A 86 20.35 27.77 46.19
N ALA A 87 20.63 26.51 46.50
CA ALA A 87 21.71 25.80 45.83
C ALA A 87 21.37 25.43 44.40
N GLY A 88 20.09 25.43 44.03
CA GLY A 88 19.70 25.07 42.68
C GLY A 88 20.16 26.08 41.64
N PHE A 89 20.10 27.37 41.98
CA PHE A 89 20.52 28.39 41.02
C PHE A 89 22.00 28.26 40.70
N TYR A 90 22.81 27.84 41.67
CA TYR A 90 24.21 27.55 41.42
C TYR A 90 24.43 26.16 40.83
N ARG A 91 23.38 25.32 40.83
CA ARG A 91 23.46 23.96 40.28
C ARG A 91 24.55 23.13 40.97
N ILE A 92 24.56 23.18 42.30
CA ILE A 92 25.45 22.34 43.10
C ILE A 92 24.63 21.23 43.74
N PRO A 93 25.12 19.99 43.74
CA PRO A 93 24.33 18.89 44.30
C PRO A 93 24.06 19.07 45.79
N VAL A 94 22.89 18.61 46.21
CA VAL A 94 22.47 18.67 47.60
C VAL A 94 22.02 17.27 48.02
N LEU A 95 22.50 16.81 49.17
CA LEU A 95 22.20 15.48 49.67
C LEU A 95 21.19 15.57 50.81
N GLY A 96 20.11 14.81 50.69
CA GLY A 96 19.09 14.74 51.72
C GLY A 96 19.26 13.49 52.57
N LEU A 97 18.82 13.58 53.82
CA LEU A 97 19.04 12.52 54.79
C LEU A 97 17.76 11.82 55.22
N THR A 98 16.77 12.57 55.72
CA THR A 98 15.56 11.97 56.28
C THR A 98 14.26 12.44 55.64
N THR A 99 14.30 13.38 54.70
CA THR A 99 13.08 13.87 54.08
C THR A 99 12.53 12.80 53.15
N ARG A 100 11.39 12.22 53.52
CA ARG A 100 10.78 11.14 52.75
C ARG A 100 9.62 11.60 51.88
N MET A 101 9.36 12.89 51.81
CA MET A 101 8.25 13.38 51.00
C MET A 101 8.53 13.14 49.51
N SER A 102 7.45 12.92 48.75
CA SER A 102 7.56 12.57 47.35
C SER A 102 7.50 13.78 46.41
N ILE A 103 7.34 14.99 46.95
CA ILE A 103 7.30 16.17 46.10
C ILE A 103 8.66 16.42 45.45
N TYR A 104 9.74 16.14 46.17
CA TYR A 104 11.09 16.42 45.69
C TYR A 104 11.52 15.50 44.56
N SER A 105 10.75 14.45 44.27
CA SER A 105 11.10 13.54 43.19
C SER A 105 10.89 14.15 41.80
N ASP A 106 10.25 15.31 41.71
CA ASP A 106 10.00 15.95 40.43
C ASP A 106 11.28 16.56 39.89
N LYS A 107 11.68 16.17 38.68
CA LYS A 107 12.89 16.71 38.08
C LYS A 107 12.74 18.20 37.77
N SER A 108 11.56 18.61 37.30
CA SER A 108 11.37 20.00 36.88
C SER A 108 11.55 20.96 38.04
N ILE A 109 10.94 20.65 39.20
CA ILE A 109 11.00 21.55 40.33
C ILE A 109 12.41 21.57 40.93
N HIS A 110 13.00 20.40 41.12
CA HIS A 110 14.33 20.27 41.73
C HIS A 110 15.23 19.49 40.77
N LEU A 111 16.08 20.22 40.05
CA LEU A 111 16.98 19.58 39.09
C LEU A 111 18.14 18.88 39.77
N SER A 112 18.58 19.36 40.93
CA SER A 112 19.74 18.80 41.64
C SER A 112 19.34 18.55 43.08
N PHE A 113 18.97 17.30 43.39
CA PHE A 113 18.63 16.91 44.76
C PHE A 113 18.68 15.39 44.84
N LEU A 114 19.51 14.87 45.75
CA LEU A 114 19.66 13.45 45.93
C LEU A 114 19.11 13.03 47.29
N ARG A 115 18.51 11.85 47.33
CA ARG A 115 17.87 11.33 48.53
C ARG A 115 18.51 10.02 48.95
N THR A 116 18.62 9.81 50.26
CA THR A 116 19.25 8.63 50.81
C THR A 116 18.24 7.58 51.29
N VAL A 117 16.96 7.92 51.37
CA VAL A 117 15.94 6.98 51.80
C VAL A 117 14.81 7.00 50.78
N PRO A 118 14.12 5.88 50.54
CA PRO A 118 13.05 5.88 49.56
C PRO A 118 11.90 6.77 50.01
N PRO A 119 11.18 7.38 49.07
CA PRO A 119 10.09 8.29 49.45
C PRO A 119 8.85 7.53 49.92
N TYR A 120 7.88 8.31 50.40
CA TYR A 120 6.63 7.72 50.88
C TYR A 120 5.90 6.99 49.76
N SER A 121 5.84 7.60 48.57
CA SER A 121 5.19 6.97 47.44
C SER A 121 6.14 6.00 46.76
N HIS A 122 6.71 5.08 47.53
CA HIS A 122 7.60 4.07 46.99
C HIS A 122 7.41 2.70 47.62
N GLN A 123 6.45 2.55 48.54
CA GLN A 123 6.19 1.27 49.18
C GLN A 123 5.13 0.45 48.44
N SER A 124 4.65 0.93 47.30
CA SER A 124 3.65 0.18 46.54
C SER A 124 4.20 -1.16 46.07
N SER A 125 5.51 -1.26 45.88
CA SER A 125 6.11 -2.54 45.52
C SER A 125 5.89 -3.57 46.62
N VAL A 126 5.96 -3.14 47.88
CA VAL A 126 5.70 -4.05 48.99
C VAL A 126 4.26 -4.55 48.94
N TRP A 127 3.32 -3.66 48.68
CA TRP A 127 1.92 -4.08 48.59
C TRP A 127 1.70 -5.04 47.43
N PHE A 128 2.32 -4.77 46.28
CA PHE A 128 2.19 -5.68 45.14
C PHE A 128 2.75 -7.05 45.46
N GLU A 129 3.94 -7.09 46.08
CA GLU A 129 4.55 -8.37 46.43
C GLU A 129 3.70 -9.13 47.45
N MET A 130 3.17 -8.42 48.45
CA MET A 130 2.34 -9.07 49.45
C MET A 130 1.06 -9.62 48.84
N MET A 131 0.47 -8.87 47.90
CA MET A 131 -0.71 -9.38 47.21
C MET A 131 -0.38 -10.61 46.39
N ARG A 132 0.78 -10.62 45.74
CA ARG A 132 1.19 -11.80 44.98
C ARG A 132 1.41 -12.99 45.90
N VAL A 133 1.98 -12.77 47.08
CA VAL A 133 2.29 -13.87 47.98
C VAL A 133 1.01 -14.50 48.52
N TYR A 134 0.07 -13.67 48.97
CA TYR A 134 -1.16 -14.15 49.59
C TYR A 134 -2.32 -14.27 48.60
N ASN A 135 -2.02 -14.35 47.31
CA ASN A 135 -2.99 -14.56 46.23
C ASN A 135 -4.24 -13.70 46.41
N TRP A 136 -4.03 -12.40 46.45
CA TRP A 136 -5.10 -11.41 46.48
C TRP A 136 -5.13 -10.66 45.15
N ASN A 137 -6.32 -10.61 44.53
CA ASN A 137 -6.46 -10.04 43.20
C ASN A 137 -7.36 -8.83 43.14
N HIS A 138 -8.16 -8.56 44.18
CA HIS A 138 -9.10 -7.44 44.19
C HIS A 138 -8.77 -6.53 45.37
N ILE A 139 -8.59 -5.24 45.08
CA ILE A 139 -8.22 -4.26 46.08
C ILE A 139 -9.08 -3.02 45.92
N ILE A 140 -9.18 -2.24 47.00
CA ILE A 140 -9.96 -1.00 47.01
C ILE A 140 -9.04 0.11 47.53
N LEU A 141 -8.64 1.02 46.66
CA LEU A 141 -7.84 2.15 47.09
C LEU A 141 -8.69 3.12 47.91
N LEU A 142 -8.01 3.87 48.77
CA LEU A 142 -8.65 4.91 49.57
C LEU A 142 -7.78 6.15 49.65
N VAL A 143 -7.02 6.43 48.58
CA VAL A 143 -6.05 7.51 48.60
C VAL A 143 -6.75 8.87 48.76
N SER A 144 -6.18 9.72 49.62
CA SER A 144 -6.68 11.07 49.80
C SER A 144 -6.29 11.95 48.63
N ASP A 145 -7.06 13.02 48.42
CA ASP A 145 -6.84 13.93 47.29
C ASP A 145 -5.78 14.94 47.67
N ASP A 146 -4.56 14.71 47.21
CA ASP A 146 -3.44 15.63 47.46
C ASP A 146 -2.34 15.29 46.47
N HIS A 147 -1.27 16.10 46.49
CA HIS A 147 -0.14 15.86 45.61
C HIS A 147 0.64 14.62 46.03
N GLU A 148 0.57 14.25 47.32
CA GLU A 148 1.31 13.09 47.79
C GLU A 148 0.72 11.80 47.27
N GLY A 149 -0.61 11.66 47.35
CA GLY A 149 -1.24 10.40 46.98
C GLY A 149 -1.35 10.14 45.50
N ARG A 150 -1.24 11.19 44.67
CA ARG A 150 -1.34 11.01 43.23
C ARG A 150 -0.21 10.13 42.70
N ALA A 151 1.01 10.37 43.20
CA ALA A 151 2.15 9.56 42.76
C ALA A 151 1.97 8.09 43.15
N ALA A 152 1.51 7.84 44.37
CA ALA A 152 1.30 6.47 44.80
C ALA A 152 0.22 5.79 43.97
N GLN A 153 -0.89 6.49 43.71
CA GLN A 153 -1.97 5.89 42.94
C GLN A 153 -1.54 5.62 41.51
N LYS A 154 -0.76 6.53 40.90
CA LYS A 154 -0.33 6.30 39.52
C LYS A 154 0.70 5.19 39.44
N ARG A 155 1.60 5.10 40.42
CA ARG A 155 2.56 4.00 40.43
C ARG A 155 1.86 2.66 40.59
N LEU A 156 0.90 2.57 41.50
CA LEU A 156 0.16 1.32 41.68
C LEU A 156 -0.65 0.99 40.44
N GLU A 157 -1.25 2.00 39.81
CA GLU A 157 -2.01 1.77 38.58
C GLU A 157 -1.12 1.21 37.48
N THR A 158 0.08 1.79 37.30
CA THR A 158 0.99 1.28 36.27
C THR A 158 1.45 -0.13 36.59
N LEU A 159 1.79 -0.39 37.86
CA LEU A 159 2.27 -1.72 38.23
C LEU A 159 1.18 -2.77 38.02
N LEU A 160 -0.07 -2.43 38.33
CA LEU A 160 -1.17 -3.36 38.08
C LEU A 160 -1.44 -3.51 36.58
N GLU A 161 -1.31 -2.41 35.83
CA GLU A 161 -1.49 -2.47 34.38
C GLU A 161 -0.42 -3.31 33.70
N GLU A 162 0.72 -3.53 34.36
CA GLU A 162 1.69 -4.47 33.84
C GLU A 162 1.08 -5.86 33.70
N ARG A 163 0.30 -6.28 34.69
CA ARG A 163 -0.32 -7.60 34.70
C ARG A 163 -1.70 -7.63 34.05
N GLU A 164 -2.15 -6.50 33.48
CA GLU A 164 -3.47 -6.40 32.85
C GLU A 164 -4.58 -6.72 33.83
N SER A 165 -4.44 -6.27 35.08
CA SER A 165 -5.46 -6.43 36.11
C SER A 165 -5.55 -5.11 36.87
N LYS A 166 -6.55 -4.30 36.53
CA LYS A 166 -6.70 -2.98 37.11
C LYS A 166 -7.31 -3.07 38.51
N ALA A 167 -7.14 -1.98 39.27
CA ALA A 167 -7.73 -1.89 40.59
C ALA A 167 -9.25 -1.83 40.49
N GLU A 168 -9.92 -2.42 41.47
CA GLU A 168 -11.38 -2.53 41.40
C GLU A 168 -12.03 -1.16 41.46
N LYS A 169 -11.53 -0.27 42.32
CA LYS A 169 -11.99 1.10 42.39
C LYS A 169 -10.96 1.95 43.11
N VAL A 170 -10.94 3.24 42.79
CA VAL A 170 -10.09 4.21 43.48
C VAL A 170 -10.98 5.34 43.98
N LEU A 171 -10.97 5.57 45.29
CA LEU A 171 -11.74 6.64 45.90
C LEU A 171 -10.84 7.82 46.23
N GLN A 172 -11.46 8.98 46.39
CA GLN A 172 -10.76 10.22 46.70
C GLN A 172 -11.61 11.04 47.65
N PHE A 173 -11.06 11.39 48.80
CA PHE A 173 -11.74 12.24 49.78
C PHE A 173 -10.88 13.47 50.05
N ASP A 174 -11.54 14.62 50.15
CA ASP A 174 -10.82 15.87 50.31
C ASP A 174 -10.07 15.89 51.63
N PRO A 175 -8.84 16.41 51.66
CA PRO A 175 -8.08 16.44 52.91
C PRO A 175 -8.70 17.39 53.93
N GLY A 176 -8.52 17.05 55.20
CA GLY A 176 -9.01 17.89 56.28
C GLY A 176 -10.52 18.04 56.30
N THR A 177 -11.26 16.97 56.05
CA THR A 177 -12.71 17.01 56.08
C THR A 177 -13.20 16.66 57.48
N LYS A 178 -14.52 16.53 57.63
CA LYS A 178 -15.12 16.19 58.91
C LYS A 178 -16.15 15.08 58.83
N ASN A 179 -16.63 14.72 57.65
CA ASN A 179 -17.61 13.66 57.50
C ASN A 179 -17.35 12.96 56.17
N VAL A 180 -16.75 11.76 56.24
CA VAL A 180 -16.42 10.97 55.06
C VAL A 180 -17.31 9.74 54.96
N THR A 181 -18.39 9.68 55.74
CA THR A 181 -19.21 8.48 55.83
C THR A 181 -19.82 8.11 54.48
N ALA A 182 -20.11 9.10 53.63
CA ALA A 182 -20.76 8.81 52.35
C ALA A 182 -19.88 7.93 51.47
N LEU A 183 -18.58 8.22 51.41
CA LEU A 183 -17.67 7.41 50.61
C LEU A 183 -17.58 6.00 51.13
N LEU A 184 -17.53 5.84 52.46
CA LEU A 184 -17.43 4.50 53.03
C LEU A 184 -18.70 3.69 52.77
N MET A 185 -19.87 4.34 52.86
CA MET A 185 -21.10 3.66 52.47
C MET A 185 -21.07 3.25 51.01
N GLU A 186 -20.56 4.13 50.14
CA GLU A 186 -20.53 3.83 48.71
C GLU A 186 -19.61 2.65 48.42
N ALA A 187 -18.46 2.58 49.09
CA ALA A 187 -17.44 1.58 48.79
C ALA A 187 -17.41 0.44 49.81
N ARG A 188 -18.43 0.30 50.64
CA ARG A 188 -18.41 -0.73 51.67
C ARG A 188 -18.54 -2.13 51.09
N GLU A 189 -19.40 -2.31 50.09
CA GLU A 189 -19.82 -3.65 49.67
C GLU A 189 -19.73 -3.82 48.16
N LEU A 190 -18.68 -3.30 47.53
CA LEU A 190 -18.65 -3.35 46.06
C LEU A 190 -18.33 -4.76 45.56
N GLU A 191 -17.09 -5.21 45.71
CA GLU A 191 -16.76 -6.59 45.40
C GLU A 191 -15.70 -7.18 46.33
N ALA A 192 -14.96 -6.32 47.02
CA ALA A 192 -13.68 -6.72 47.59
C ALA A 192 -13.63 -6.47 49.09
N ARG A 193 -12.63 -7.08 49.74
CA ARG A 193 -12.45 -6.98 51.18
C ARG A 193 -11.01 -6.61 51.55
N VAL A 194 -10.27 -6.00 50.62
CA VAL A 194 -8.90 -5.58 50.86
C VAL A 194 -8.84 -4.07 50.69
N ILE A 195 -8.58 -3.36 51.79
CA ILE A 195 -8.56 -1.91 51.81
C ILE A 195 -7.12 -1.44 51.94
N ILE A 196 -6.68 -0.62 51.00
CA ILE A 196 -5.33 -0.05 51.00
C ILE A 196 -5.47 1.44 51.29
N LEU A 197 -4.92 1.89 52.41
CA LEU A 197 -5.12 3.25 52.88
C LEU A 197 -3.81 4.03 52.82
N SER A 198 -3.89 5.28 52.40
CA SER A 198 -2.72 6.15 52.35
C SER A 198 -3.19 7.60 52.44
N ALA A 199 -3.03 8.20 53.62
CA ALA A 199 -3.47 9.57 53.85
C ALA A 199 -2.70 10.14 55.04
N SER A 200 -3.07 11.35 55.45
CA SER A 200 -2.42 11.99 56.58
C SER A 200 -2.94 11.41 57.90
N GLU A 201 -2.32 11.84 59.00
CA GLU A 201 -2.61 11.26 60.30
C GLU A 201 -4.03 11.58 60.74
N ASP A 202 -4.43 12.86 60.69
CA ASP A 202 -5.77 13.25 61.14
C ASP A 202 -6.84 12.63 60.26
N ASP A 203 -6.63 12.64 58.94
CA ASP A 203 -7.57 12.00 58.03
C ASP A 203 -7.64 10.50 58.31
N ALA A 204 -6.50 9.89 58.63
CA ALA A 204 -6.50 8.46 58.97
C ALA A 204 -7.32 8.21 60.24
N ALA A 205 -7.19 9.08 61.24
CA ALA A 205 -7.98 8.91 62.46
C ALA A 205 -9.47 9.05 62.19
N THR A 206 -9.85 10.04 61.37
CA THR A 206 -11.26 10.21 61.02
C THR A 206 -11.78 8.99 60.27
N VAL A 207 -10.99 8.47 59.33
CA VAL A 207 -11.39 7.29 58.57
C VAL A 207 -11.53 6.08 59.50
N TYR A 208 -10.60 5.93 60.45
CA TYR A 208 -10.68 4.82 61.39
C TYR A 208 -11.95 4.91 62.22
N ARG A 209 -12.27 6.10 62.72
CA ARG A 209 -13.48 6.26 63.52
C ARG A 209 -14.73 5.97 62.69
N ALA A 210 -14.77 6.48 61.46
CA ALA A 210 -15.93 6.23 60.61
C ALA A 210 -16.09 4.75 60.29
N ALA A 211 -14.99 4.06 60.00
CA ALA A 211 -15.05 2.64 59.72
C ALA A 211 -15.47 1.83 60.94
N ALA A 212 -14.98 2.22 62.13
CA ALA A 212 -15.41 1.55 63.34
C ALA A 212 -16.89 1.76 63.63
N MET A 213 -17.42 2.94 63.27
CA MET A 213 -18.84 3.18 63.46
C MET A 213 -19.72 2.41 62.49
N LEU A 214 -19.16 1.95 61.36
CA LEU A 214 -19.92 1.21 60.36
C LEU A 214 -19.83 -0.29 60.50
N ASP A 215 -19.16 -0.79 61.56
CA ASP A 215 -19.00 -2.22 61.80
C ASP A 215 -18.35 -2.92 60.61
N MET A 216 -17.35 -2.26 60.01
CA MET A 216 -16.59 -2.84 58.91
C MET A 216 -15.28 -3.46 59.37
N THR A 217 -14.85 -3.21 60.59
CA THR A 217 -13.61 -3.75 61.13
C THR A 217 -13.76 -5.19 61.61
N GLY A 218 -14.94 -5.78 61.46
CA GLY A 218 -15.16 -7.15 61.88
C GLY A 218 -14.44 -8.13 60.99
N SER A 219 -14.64 -9.41 61.29
CA SER A 219 -13.96 -10.47 60.56
C SER A 219 -14.36 -10.45 59.09
N GLY A 220 -13.42 -10.80 58.23
CA GLY A 220 -13.62 -10.79 56.80
C GLY A 220 -13.08 -9.58 56.07
N TYR A 221 -12.28 -8.75 56.72
CA TYR A 221 -11.67 -7.58 56.10
C TYR A 221 -10.18 -7.55 56.40
N VAL A 222 -9.39 -7.14 55.41
CA VAL A 222 -7.94 -7.07 55.53
C VAL A 222 -7.52 -5.63 55.26
N TRP A 223 -6.85 -5.00 56.23
CA TRP A 223 -6.36 -3.65 56.09
C TRP A 223 -4.88 -3.67 55.75
N LEU A 224 -4.46 -2.75 54.88
CA LEU A 224 -3.06 -2.58 54.51
C LEU A 224 -2.77 -1.09 54.47
N VAL A 225 -2.13 -0.57 55.51
CA VAL A 225 -1.86 0.84 55.65
C VAL A 225 -0.42 1.11 55.25
N GLY A 226 -0.11 2.40 55.07
CA GLY A 226 1.25 2.81 54.76
C GLY A 226 2.12 2.84 56.01
N GLU A 227 2.97 3.86 56.12
CA GLU A 227 3.83 4.02 57.29
C GLU A 227 3.34 5.08 58.25
N ARG A 228 2.82 6.20 57.75
CA ARG A 228 2.46 7.31 58.63
C ARG A 228 1.33 6.93 59.58
N GLU A 229 0.32 6.21 59.10
CA GLU A 229 -0.84 5.91 59.94
C GLU A 229 -0.63 4.64 60.74
N ILE A 230 0.52 4.54 61.41
CA ILE A 230 0.76 3.47 62.36
C ILE A 230 1.40 4.07 63.61
N SER A 231 1.87 5.31 63.49
CA SER A 231 2.57 5.99 64.57
C SER A 231 1.96 7.37 64.79
N GLY A 232 2.10 7.86 66.02
CA GLY A 232 1.51 9.14 66.40
C GLY A 232 0.21 8.94 67.18
N ASN A 233 -0.81 9.71 66.82
CA ASN A 233 -2.13 9.56 67.41
C ASN A 233 -3.04 8.63 66.62
N ALA A 234 -2.52 8.00 65.57
CA ALA A 234 -3.32 7.05 64.80
C ALA A 234 -3.60 5.78 65.58
N LEU A 235 -2.85 5.52 66.65
CA LEU A 235 -3.08 4.34 67.47
C LEU A 235 -4.18 4.55 68.51
N ARG A 236 -4.71 5.76 68.64
CA ARG A 236 -5.83 5.99 69.54
C ARG A 236 -7.06 5.20 69.10
N TYR A 237 -7.36 5.20 67.81
CA TYR A 237 -8.42 4.39 67.23
C TYR A 237 -7.84 3.61 66.06
N ALA A 238 -7.76 2.29 66.20
CA ALA A 238 -7.24 1.44 65.13
C ALA A 238 -7.70 0.00 65.34
N PRO A 239 -8.34 -0.60 64.34
CA PRO A 239 -8.77 -2.00 64.49
C PRO A 239 -7.56 -2.93 64.53
N ASP A 240 -7.65 -3.94 65.38
CA ASP A 240 -6.56 -4.91 65.51
C ASP A 240 -6.41 -5.70 64.22
N GLY A 241 -5.16 -5.98 63.86
CA GLY A 241 -4.85 -6.75 62.68
C GLY A 241 -4.40 -5.96 61.48
N ILE A 242 -4.27 -4.64 61.59
CA ILE A 242 -3.74 -3.86 60.48
C ILE A 242 -2.28 -4.26 60.25
N ILE A 243 -1.85 -4.20 58.99
CA ILE A 243 -0.51 -4.59 58.59
C ILE A 243 0.17 -3.37 57.99
N GLY A 244 1.03 -2.72 58.78
CA GLY A 244 1.75 -1.55 58.35
C GLY A 244 3.20 -1.86 58.02
N LEU A 245 3.88 -0.86 57.46
CA LEU A 245 5.26 -0.97 57.07
C LEU A 245 6.10 0.05 57.84
N GLN A 246 7.35 -0.31 58.10
CA GLN A 246 8.28 0.55 58.82
C GLN A 246 9.68 0.38 58.24
N LEU A 247 10.39 1.50 58.10
CA LEU A 247 11.76 1.46 57.62
C LEU A 247 12.67 0.81 58.65
N ILE A 248 13.68 0.09 58.16
CA ILE A 248 14.54 -0.68 59.06
C ILE A 248 15.39 0.24 59.93
N ASN A 249 15.93 1.31 59.35
CA ASN A 249 16.84 2.21 60.06
C ASN A 249 16.51 3.66 59.74
N GLY A 250 15.23 4.00 59.80
CA GLY A 250 14.79 5.34 59.45
C GLY A 250 15.11 6.41 60.48
N LYS A 251 15.58 6.02 61.66
CA LYS A 251 15.89 6.97 62.72
C LYS A 251 17.36 7.02 63.11
N ASN A 252 18.11 5.95 62.90
CA ASN A 252 19.54 5.92 63.23
C ASN A 252 20.29 6.69 62.15
N GLU A 253 20.38 8.01 62.34
CA GLU A 253 20.96 8.88 61.33
C GLU A 253 22.48 8.74 61.24
N SER A 254 23.14 8.15 62.24
CA SER A 254 24.59 8.05 62.22
C SER A 254 25.08 7.17 61.06
N ALA A 255 24.42 6.03 60.84
CA ALA A 255 24.82 5.16 59.75
C ALA A 255 24.60 5.84 58.40
N HIS A 256 23.47 6.54 58.26
CA HIS A 256 23.22 7.28 57.03
C HIS A 256 24.28 8.35 56.79
N ILE A 257 24.68 9.06 57.85
CA ILE A 257 25.70 10.09 57.71
C ILE A 257 27.02 9.47 57.29
N SER A 258 27.40 8.35 57.91
CA SER A 258 28.65 7.69 57.57
C SER A 258 28.65 7.22 56.12
N ASP A 259 27.55 6.59 55.69
CA ASP A 259 27.48 6.09 54.32
C ASP A 259 27.50 7.24 53.32
N ALA A 260 26.80 8.34 53.62
CA ALA A 260 26.83 9.50 52.74
C ALA A 260 28.22 10.08 52.64
N VAL A 261 28.92 10.19 53.78
CA VAL A 261 30.28 10.71 53.77
C VAL A 261 31.17 9.84 52.90
N GLY A 262 31.05 8.52 53.06
CA GLY A 262 31.87 7.62 52.26
C GLY A 262 31.57 7.70 50.77
N VAL A 263 30.29 7.76 50.41
CA VAL A 263 29.95 7.75 48.99
C VAL A 263 30.36 9.06 48.32
N VAL A 264 30.16 10.20 48.99
CA VAL A 264 30.60 11.46 48.39
C VAL A 264 32.12 11.56 48.37
N ALA A 265 32.82 10.96 49.35
CA ALA A 265 34.27 10.94 49.30
C ALA A 265 34.76 10.14 48.10
N GLN A 266 34.17 8.97 47.87
CA GLN A 266 34.53 8.18 46.70
C GLN A 266 34.23 8.95 45.41
N ALA A 267 33.07 9.61 45.37
CA ALA A 267 32.68 10.34 44.16
C ALA A 267 33.66 11.47 43.86
N VAL A 268 34.03 12.25 44.89
CA VAL A 268 34.93 13.37 44.65
C VAL A 268 36.32 12.88 44.30
N HIS A 269 36.77 11.79 44.92
CA HIS A 269 38.08 11.23 44.58
C HIS A 269 38.11 10.73 43.14
N GLU A 270 37.02 10.10 42.69
CA GLU A 270 36.95 9.67 41.29
C GLU A 270 36.90 10.86 40.34
N LEU A 271 36.15 11.91 40.72
CA LEU A 271 36.00 13.06 39.85
C LEU A 271 37.32 13.83 39.68
N LEU A 272 38.08 13.97 40.77
CA LEU A 272 39.29 14.80 40.72
C LEU A 272 40.34 14.24 39.76
N GLU A 273 40.23 12.97 39.37
CA GLU A 273 41.17 12.40 38.41
C GLU A 273 40.71 12.65 36.99
N LYS A 274 40.57 13.92 36.61
CA LYS A 274 40.13 14.28 35.27
C LYS A 274 40.64 15.68 34.94
N GLU A 275 40.32 16.12 33.73
CA GLU A 275 40.69 17.45 33.26
C GLU A 275 39.43 18.31 33.06
N ASN A 276 39.66 19.60 32.81
CA ASN A 276 38.60 20.57 32.53
C ASN A 276 37.60 20.66 33.68
N ILE A 277 38.11 21.11 34.84
CA ILE A 277 37.27 21.36 36.01
C ILE A 277 37.48 22.81 36.43
N THR A 278 36.46 23.37 37.08
CA THR A 278 36.52 24.70 37.65
C THR A 278 36.05 24.64 39.10
N ASP A 279 35.83 25.79 39.73
CA ASP A 279 35.32 25.78 41.09
C ASP A 279 34.02 26.55 41.17
N PRO A 280 33.12 26.17 42.09
CA PRO A 280 31.90 26.95 42.29
C PRO A 280 32.24 28.34 42.84
N PRO A 281 31.39 29.32 42.58
CA PRO A 281 31.72 30.68 42.97
C PRO A 281 31.57 31.04 44.46
N ARG A 282 32.47 31.93 44.89
CA ARG A 282 32.60 32.29 46.29
C ARG A 282 31.87 33.61 46.54
N GLY A 283 30.89 33.58 47.43
CA GLY A 283 30.09 34.74 47.74
C GLY A 283 28.70 34.69 47.16
N CYS A 284 27.68 34.89 47.99
CA CYS A 284 26.29 34.90 47.52
C CYS A 284 25.85 36.30 47.06
N VAL A 285 26.80 37.20 46.83
CA VAL A 285 26.49 38.53 46.33
C VAL A 285 27.34 38.94 45.14
N GLY A 286 28.43 38.25 44.84
CA GLY A 286 29.33 38.69 43.78
C GLY A 286 29.00 38.17 42.39
N ASN A 287 28.92 36.85 42.24
CA ASN A 287 28.72 36.22 40.96
C ASN A 287 27.30 35.69 40.82
N THR A 288 26.79 35.71 39.59
CA THR A 288 25.45 35.24 39.27
C THR A 288 25.49 34.34 38.04
N ASN A 289 26.43 33.39 38.03
CA ASN A 289 26.62 32.49 36.90
C ASN A 289 26.55 31.05 37.36
N ILE A 290 26.23 30.17 36.41
CA ILE A 290 26.13 28.75 36.70
C ILE A 290 27.51 28.16 36.90
N TRP A 291 27.72 27.47 38.02
CA TRP A 291 29.00 26.83 38.28
C TRP A 291 29.22 25.68 37.31
N LYS A 292 30.43 25.58 36.78
CA LYS A 292 30.76 24.51 35.85
C LYS A 292 30.78 23.15 36.53
N THR A 293 30.94 23.10 37.85
CA THR A 293 30.85 21.85 38.61
C THR A 293 29.36 21.49 38.72
N GLY A 294 28.86 20.85 37.67
CA GLY A 294 27.45 20.64 37.52
C GLY A 294 27.08 19.22 37.15
N PRO A 295 26.41 19.06 36.00
CA PRO A 295 25.84 17.75 35.66
C PRO A 295 26.84 16.62 35.60
N LEU A 296 28.11 16.89 35.28
CA LEU A 296 29.10 15.83 35.28
C LEU A 296 29.29 15.24 36.67
N PHE A 297 29.31 16.10 37.69
CA PHE A 297 29.46 15.63 39.06
C PHE A 297 28.30 14.74 39.46
N LYS A 298 27.07 15.16 39.14
CA LYS A 298 25.90 14.35 39.48
C LYS A 298 25.91 13.03 38.71
N ARG A 299 26.30 13.07 37.43
CA ARG A 299 26.33 11.85 36.63
C ARG A 299 27.33 10.86 37.17
N VAL A 300 28.52 11.33 37.57
CA VAL A 300 29.51 10.42 38.14
C VAL A 300 29.12 10.00 39.55
N LEU A 301 28.28 10.79 40.25
CA LEU A 301 27.81 10.41 41.57
C LEU A 301 26.74 9.32 41.49
N MET A 302 25.91 9.34 40.45
CA MET A 302 24.85 8.34 40.33
C MET A 302 25.43 6.94 40.19
N SER A 303 26.46 6.79 39.35
CA SER A 303 27.11 5.49 39.14
C SER A 303 28.21 5.33 40.17
N SER A 304 27.80 5.01 41.40
CA SER A 304 28.70 4.87 42.54
C SER A 304 28.37 3.62 43.33
N LYS A 305 28.28 2.48 42.63
CA LYS A 305 27.97 1.21 43.28
C LYS A 305 28.95 0.93 44.42
N TYR A 306 28.40 0.67 45.60
CA TYR A 306 29.17 0.48 46.82
C TYR A 306 28.98 -0.95 47.31
N ALA A 307 30.08 -1.57 47.75
CA ALA A 307 30.08 -3.01 47.97
C ALA A 307 29.27 -3.41 49.20
N ASP A 308 29.71 -2.99 50.38
CA ASP A 308 29.06 -3.41 51.63
C ASP A 308 29.51 -2.49 52.76
N GLY A 309 28.55 -2.01 53.54
CA GLY A 309 28.83 -1.08 54.62
C GLY A 309 27.95 -1.35 55.82
N VAL A 310 27.46 -0.27 56.43
CA VAL A 310 26.65 -0.38 57.64
C VAL A 310 25.16 -0.54 57.36
N THR A 311 24.72 -0.27 56.13
CA THR A 311 23.31 -0.37 55.78
C THR A 311 23.01 -1.36 54.66
N GLY A 312 24.01 -1.77 53.89
CA GLY A 312 23.83 -2.71 52.81
C GLY A 312 24.32 -2.11 51.51
N ARG A 313 23.96 -2.77 50.41
CA ARG A 313 24.33 -2.29 49.09
C ARG A 313 23.64 -0.96 48.80
N VAL A 314 24.41 -0.02 48.24
CA VAL A 314 23.91 1.30 47.91
C VAL A 314 23.96 1.46 46.39
N GLU A 315 22.80 1.60 45.77
CA GLU A 315 22.70 1.80 44.33
C GLU A 315 21.64 2.85 44.06
N PHE A 316 21.95 3.76 43.14
CA PHE A 316 21.06 4.87 42.80
C PHE A 316 20.45 4.63 41.43
N ASN A 317 19.13 4.78 41.33
CA ASN A 317 18.45 4.70 40.05
C ASN A 317 18.44 6.08 39.40
N GLU A 318 17.83 6.16 38.21
CA GLU A 318 17.73 7.44 37.53
C GLU A 318 16.53 8.23 38.05
N ASP A 319 16.41 8.33 39.37
CA ASP A 319 15.33 9.11 39.98
C ASP A 319 15.77 9.88 41.20
N GLY A 320 17.05 9.86 41.57
CA GLY A 320 17.50 10.54 42.76
C GLY A 320 17.06 9.90 44.06
N ASP A 321 16.69 8.63 44.04
CA ASP A 321 16.17 7.93 45.20
C ASP A 321 16.99 6.67 45.45
N ARG A 322 17.29 6.41 46.72
CA ARG A 322 18.05 5.23 47.09
C ARG A 322 17.23 3.96 46.80
N LYS A 323 17.90 2.96 46.25
CA LYS A 323 17.29 1.70 45.90
C LYS A 323 17.72 0.60 46.86
N PHE A 324 17.05 -0.55 46.76
CA PHE A 324 17.38 -1.75 47.53
C PHE A 324 17.33 -1.48 49.03
N ALA A 325 16.15 -1.12 49.50
CA ALA A 325 15.92 -0.85 50.91
C ALA A 325 15.31 -2.07 51.61
N GLN A 326 15.35 -2.03 52.94
CA GLN A 326 14.82 -3.10 53.77
C GLN A 326 13.59 -2.60 54.50
N TYR A 327 12.51 -3.38 54.42
CA TYR A 327 11.25 -3.04 55.07
C TYR A 327 10.86 -4.16 56.02
N SER A 328 10.22 -3.77 57.13
CA SER A 328 9.83 -4.70 58.20
C SER A 328 8.32 -4.77 58.27
N ILE A 329 7.73 -5.70 57.51
CA ILE A 329 6.30 -5.93 57.58
C ILE A 329 5.94 -6.32 59.00
N MET A 330 5.07 -5.54 59.64
CA MET A 330 4.74 -5.75 61.04
C MET A 330 3.25 -5.64 61.26
N ASN A 331 2.75 -6.31 62.30
CA ASN A 331 1.34 -6.41 62.60
C ASN A 331 1.08 -5.87 64.00
N LEU A 332 -0.13 -5.38 64.21
CA LEU A 332 -0.55 -4.81 65.49
C LEU A 332 -1.51 -5.77 66.18
N GLN A 333 -1.18 -6.15 67.41
CA GLN A 333 -2.02 -7.05 68.21
C GLN A 333 -2.20 -6.45 69.60
N ASN A 334 -3.45 -6.28 70.01
CA ASN A 334 -3.79 -5.84 71.37
C ASN A 334 -3.03 -4.57 71.76
N ARG A 335 -3.03 -3.60 70.84
CA ARG A 335 -2.39 -2.30 71.04
C ARG A 335 -0.87 -2.42 71.20
N LYS A 336 -0.29 -3.56 70.83
CA LYS A 336 1.15 -3.77 70.89
C LYS A 336 1.64 -4.27 69.54
N LEU A 337 2.59 -3.55 68.95
CA LEU A 337 3.11 -3.91 67.65
C LEU A 337 4.20 -4.97 67.78
N VAL A 338 4.37 -5.77 66.73
CA VAL A 338 5.34 -6.85 66.72
C VAL A 338 5.74 -7.12 65.28
N GLN A 339 6.94 -7.69 65.12
CA GLN A 339 7.47 -7.99 63.79
C GLN A 339 6.89 -9.31 63.27
N VAL A 340 6.63 -9.36 61.97
CA VAL A 340 6.03 -10.54 61.36
C VAL A 340 6.87 -11.02 60.19
N GLY A 341 7.61 -10.10 59.56
CA GLY A 341 8.35 -10.48 58.38
C GLY A 341 9.48 -9.51 58.07
N ILE A 342 10.17 -9.80 56.97
CA ILE A 342 11.29 -8.98 56.50
C ILE A 342 11.19 -8.88 54.98
N TYR A 343 11.34 -7.67 54.46
CA TYR A 343 11.37 -7.42 53.02
C TYR A 343 12.80 -7.05 52.64
N ASN A 344 13.48 -7.96 51.95
CA ASN A 344 14.88 -7.76 51.56
C ASN A 344 15.03 -7.03 50.23
N GLY A 345 13.94 -6.65 49.59
CA GLY A 345 13.96 -6.02 48.29
C GLY A 345 13.71 -6.98 47.14
N THR A 346 13.90 -8.28 47.35
CA THR A 346 13.55 -9.29 46.36
C THR A 346 12.17 -9.88 46.63
N HIS A 347 11.99 -10.46 47.81
CA HIS A 347 10.71 -11.01 48.24
C HIS A 347 10.56 -10.76 49.74
N VAL A 348 9.57 -11.40 50.34
CA VAL A 348 9.32 -11.29 51.77
C VAL A 348 9.39 -12.68 52.38
N ILE A 349 10.21 -12.84 53.42
CA ILE A 349 10.37 -14.10 54.12
C ILE A 349 9.59 -14.04 55.42
N PRO A 350 8.58 -14.87 55.61
CA PRO A 350 7.83 -14.85 56.88
C PRO A 350 8.71 -15.29 58.04
N ASN A 351 8.40 -14.74 59.21
CA ASN A 351 9.11 -15.07 60.44
C ASN A 351 8.40 -16.24 61.13
N ASP A 352 8.77 -16.48 62.39
CA ASP A 352 8.20 -17.58 63.17
C ASP A 352 7.01 -17.14 64.02
N ARG A 353 6.30 -16.10 63.59
CA ARG A 353 5.12 -15.61 64.27
C ARG A 353 3.92 -15.68 63.34
N LYS A 354 2.76 -16.02 63.90
CA LYS A 354 1.53 -16.13 63.12
C LYS A 354 0.74 -14.84 63.23
N ILE A 355 0.32 -14.30 62.08
CA ILE A 355 -0.42 -13.05 62.08
C ILE A 355 -1.79 -13.25 62.70
N ILE A 356 -2.36 -12.16 63.22
CA ILE A 356 -3.69 -12.16 63.81
C ILE A 356 -4.56 -11.28 62.91
N TRP A 357 -5.36 -11.91 62.06
CA TRP A 357 -6.17 -11.16 61.12
C TRP A 357 -7.30 -10.43 61.84
N PRO A 358 -7.80 -9.33 61.28
CA PRO A 358 -8.81 -8.53 61.98
C PRO A 358 -10.04 -9.34 62.33
N GLY A 359 -10.62 -9.01 63.49
CA GLY A 359 -11.75 -9.76 63.99
C GLY A 359 -11.39 -11.07 64.65
N GLY A 360 -10.13 -11.27 65.00
CA GLY A 360 -9.70 -12.52 65.58
C GLY A 360 -9.51 -13.60 64.53
N GLU A 361 -9.29 -14.82 65.02
CA GLU A 361 -9.12 -16.03 64.21
C GLU A 361 -7.86 -15.98 63.35
N THR A 362 -7.43 -17.14 62.87
CA THR A 362 -6.24 -17.27 62.03
C THR A 362 -6.62 -18.17 60.86
N GLU A 363 -7.12 -17.58 59.77
CA GLU A 363 -7.53 -18.36 58.62
C GLU A 363 -7.16 -17.75 57.27
N LYS A 364 -6.46 -16.60 57.25
CA LYS A 364 -6.11 -15.91 56.01
C LYS A 364 -7.33 -15.72 55.13
N PRO A 365 -8.21 -14.77 55.47
CA PRO A 365 -9.47 -14.64 54.73
C PRO A 365 -9.24 -14.43 53.24
N ARG A 366 -10.10 -15.04 52.43
CA ARG A 366 -9.92 -15.01 50.98
C ARG A 366 -10.01 -13.60 50.43
N GLY A 367 -10.70 -12.70 51.13
CA GLY A 367 -10.83 -11.33 50.68
C GLY A 367 -11.59 -11.16 49.39
N TYR A 368 -12.65 -11.95 49.19
CA TYR A 368 -13.52 -11.79 48.03
C TYR A 368 -14.87 -12.42 48.35
N GLN A 369 -15.90 -11.59 48.45
CA GLN A 369 -17.26 -12.06 48.73
C GLN A 369 -18.08 -11.84 47.47
N MET A 370 -18.65 -12.92 46.95
CA MET A 370 -19.43 -12.84 45.72
C MET A 370 -20.87 -12.43 46.05
N SER A 371 -21.40 -11.49 45.30
CA SER A 371 -22.75 -10.97 45.50
C SER A 371 -23.65 -11.55 44.42
N THR A 372 -24.66 -12.31 44.83
CA THR A 372 -25.59 -12.94 43.89
C THR A 372 -26.76 -11.99 43.58
N ARG A 373 -26.40 -10.77 43.21
CA ARG A 373 -27.39 -9.75 42.84
C ARG A 373 -26.74 -8.80 41.85
N LEU A 374 -27.25 -8.77 40.63
CA LEU A 374 -26.69 -7.94 39.57
C LEU A 374 -27.64 -6.83 39.18
N LYS A 375 -27.09 -5.68 38.84
CA LYS A 375 -27.84 -4.58 38.27
C LYS A 375 -27.57 -4.58 36.77
N ILE A 376 -28.64 -4.72 35.98
CA ILE A 376 -28.55 -4.90 34.55
C ILE A 376 -29.17 -3.68 33.86
N VAL A 377 -28.39 -3.05 32.97
CA VAL A 377 -28.82 -1.85 32.29
C VAL A 377 -29.18 -2.20 30.85
N THR A 378 -30.35 -1.75 30.40
CA THR A 378 -30.81 -1.94 29.04
C THR A 378 -31.20 -0.60 28.46
N ILE A 379 -31.46 -0.59 27.15
CA ILE A 379 -31.86 0.62 26.44
C ILE A 379 -33.10 0.30 25.60
N HIS A 380 -33.88 1.34 25.31
CA HIS A 380 -35.09 1.17 24.52
C HIS A 380 -34.73 0.82 23.08
N GLN A 381 -35.42 -0.19 22.54
CA GLN A 381 -35.25 -0.58 21.15
C GLN A 381 -36.58 -1.14 20.65
N GLU A 382 -36.74 -1.15 19.32
CA GLU A 382 -38.05 -1.49 18.76
C GLU A 382 -38.34 -2.99 18.84
N PRO A 383 -37.51 -3.89 18.28
CA PRO A 383 -37.87 -5.31 18.31
C PRO A 383 -37.27 -6.07 19.47
N PHE A 384 -36.37 -5.44 20.23
CA PHE A 384 -35.61 -6.13 21.26
C PHE A 384 -36.17 -5.89 22.67
N VAL A 385 -36.28 -4.63 23.08
CA VAL A 385 -36.73 -4.30 24.43
C VAL A 385 -37.81 -3.24 24.31
N TYR A 386 -39.07 -3.66 24.37
CA TYR A 386 -40.18 -2.71 24.39
C TYR A 386 -40.26 -2.01 25.73
N VAL A 387 -41.03 -0.92 25.78
CA VAL A 387 -41.31 -0.21 27.01
C VAL A 387 -42.76 0.25 26.96
N LYS A 388 -43.56 -0.22 27.91
CA LYS A 388 -44.97 0.16 27.99
C LYS A 388 -45.27 0.66 29.41
N PRO A 389 -45.81 1.86 29.56
CA PRO A 389 -46.15 2.35 30.90
C PRO A 389 -47.16 1.44 31.58
N THR A 390 -46.98 1.27 32.89
CA THR A 390 -47.86 0.40 33.66
C THR A 390 -49.22 1.04 33.88
N MET A 391 -50.17 0.23 34.32
CA MET A 391 -51.53 0.68 34.59
C MET A 391 -51.61 1.23 36.02
N SER A 392 -52.76 1.84 36.34
CA SER A 392 -52.83 2.77 37.47
C SER A 392 -52.40 2.12 38.78
N ASP A 393 -52.82 0.89 39.04
CA ASP A 393 -52.51 0.25 40.32
C ASP A 393 -51.01 0.09 40.51
N GLY A 394 -50.30 -0.33 39.47
CA GLY A 394 -48.86 -0.48 39.55
C GLY A 394 -48.35 -1.74 38.87
N THR A 395 -49.16 -2.79 38.84
CA THR A 395 -48.81 -4.02 38.16
C THR A 395 -49.19 -3.94 36.68
N CYS A 396 -48.39 -4.60 35.85
CA CYS A 396 -48.61 -4.57 34.42
C CYS A 396 -49.83 -5.41 34.04
N LYS A 397 -50.54 -4.97 33.01
CA LYS A 397 -51.67 -5.72 32.50
C LYS A 397 -51.19 -6.97 31.77
N GLU A 398 -52.04 -7.99 31.77
CA GLU A 398 -51.72 -9.25 31.11
C GLU A 398 -51.90 -9.12 29.60
N GLU A 399 -51.10 -9.88 28.87
CA GLU A 399 -51.18 -9.92 27.42
C GLU A 399 -51.05 -11.36 26.94
N PHE A 400 -51.55 -11.61 25.73
CA PHE A 400 -51.55 -12.94 25.15
C PHE A 400 -51.02 -12.87 23.73
N THR A 401 -50.15 -13.82 23.39
CA THR A 401 -49.64 -13.98 22.04
C THR A 401 -50.54 -14.94 21.27
N VAL A 402 -50.45 -14.89 19.94
CA VAL A 402 -51.38 -15.62 19.08
C VAL A 402 -51.39 -17.11 19.42
N ASN A 403 -50.21 -17.69 19.63
CA ASN A 403 -50.15 -19.11 19.99
C ASN A 403 -50.59 -19.38 21.43
N GLY A 404 -50.78 -18.35 22.24
CA GLY A 404 -51.38 -18.54 23.55
C GLY A 404 -50.42 -18.77 24.71
N ASP A 405 -49.47 -17.87 24.91
CA ASP A 405 -48.56 -17.99 26.03
C ASP A 405 -48.51 -16.70 26.83
N PRO A 406 -48.33 -16.80 28.15
CA PRO A 406 -48.24 -15.61 29.00
C PRO A 406 -46.87 -14.95 28.93
N VAL A 407 -46.67 -14.05 27.97
CA VAL A 407 -45.38 -13.39 27.79
C VAL A 407 -44.88 -12.84 29.12
N LYS A 408 -43.63 -13.18 29.45
CA LYS A 408 -43.04 -12.78 30.71
C LYS A 408 -42.70 -11.31 30.72
N LYS A 409 -42.86 -10.66 31.87
CA LYS A 409 -42.57 -9.24 32.03
C LYS A 409 -41.74 -9.03 33.29
N VAL A 410 -40.88 -8.01 33.24
CA VAL A 410 -40.12 -7.55 34.39
C VAL A 410 -40.27 -6.03 34.46
N ILE A 411 -40.09 -5.49 35.66
CA ILE A 411 -40.36 -4.08 35.94
C ILE A 411 -39.06 -3.30 35.85
N CYS A 412 -39.03 -2.33 34.94
CA CYS A 412 -37.90 -1.42 34.81
C CYS A 412 -38.09 -0.21 35.72
N THR A 413 -37.02 0.58 35.84
CA THR A 413 -37.05 1.78 36.69
C THR A 413 -36.39 2.95 35.96
N GLY A 414 -36.73 3.12 34.70
CA GLY A 414 -36.10 4.13 33.89
C GLY A 414 -36.90 5.43 33.81
N PRO A 415 -36.21 6.52 33.45
CA PRO A 415 -36.91 7.79 33.28
C PRO A 415 -37.82 7.78 32.06
N ASN A 416 -38.83 8.64 32.10
CA ASN A 416 -39.81 8.74 31.03
C ASN A 416 -39.45 9.89 30.09
N ASP A 417 -40.33 10.13 29.12
CA ASP A 417 -40.16 11.18 28.12
C ASP A 417 -38.88 10.89 27.33
N THR A 418 -38.17 11.93 26.91
CA THR A 418 -36.91 11.77 26.18
C THR A 418 -35.69 11.84 27.08
N SER A 419 -35.63 12.83 27.97
CA SER A 419 -34.51 12.98 28.88
C SER A 419 -35.04 13.47 30.22
N PRO A 420 -34.34 13.18 31.32
CA PRO A 420 -34.78 13.71 32.62
C PRO A 420 -34.31 15.13 32.88
N GLY A 421 -33.95 15.84 31.80
CA GLY A 421 -33.41 17.18 31.90
C GLY A 421 -34.28 18.17 32.66
N SER A 422 -35.43 18.53 32.10
CA SER A 422 -36.29 19.47 32.80
C SER A 422 -37.03 18.76 33.94
N PRO A 423 -37.80 17.67 33.70
CA PRO A 423 -38.36 16.93 34.83
C PRO A 423 -37.39 15.87 35.35
N ARG A 424 -36.95 16.00 36.59
CA ARG A 424 -36.01 15.05 37.18
C ARG A 424 -36.76 14.02 38.00
N HIS A 425 -37.62 13.25 37.33
CA HIS A 425 -38.43 12.23 37.96
C HIS A 425 -38.39 10.96 37.14
N THR A 426 -38.47 9.83 37.84
CA THR A 426 -38.45 8.51 37.21
C THR A 426 -39.69 7.75 37.66
N VAL A 427 -40.44 7.22 36.69
CA VAL A 427 -41.67 6.49 36.95
C VAL A 427 -41.43 5.02 36.60
N PRO A 428 -41.77 4.09 37.48
CA PRO A 428 -41.52 2.67 37.19
C PRO A 428 -42.40 2.16 36.07
N GLN A 429 -41.77 1.69 35.00
CA GLN A 429 -42.44 0.99 33.91
C GLN A 429 -42.04 -0.49 33.98
N CYS A 430 -42.49 -1.26 33.00
CA CYS A 430 -42.12 -2.67 32.92
C CYS A 430 -41.94 -3.07 31.47
N CYS A 431 -40.86 -3.78 31.19
CA CYS A 431 -40.36 -3.98 29.84
C CYS A 431 -40.33 -5.47 29.48
N TYR A 432 -40.72 -5.78 28.25
CA TYR A 432 -40.69 -7.13 27.73
C TYR A 432 -40.20 -7.10 26.29
N GLY A 433 -39.59 -8.19 25.86
CA GLY A 433 -39.06 -8.24 24.50
C GLY A 433 -38.30 -9.52 24.24
N PHE A 434 -37.49 -9.49 23.18
CA PHE A 434 -36.76 -10.68 22.74
C PHE A 434 -35.55 -10.98 23.64
N CYS A 435 -34.95 -9.96 24.24
CA CYS A 435 -33.82 -10.19 25.12
C CYS A 435 -34.22 -10.47 26.56
N ILE A 436 -35.39 -9.99 26.97
CA ILE A 436 -35.80 -10.13 28.37
C ILE A 436 -36.02 -11.58 28.74
N ASP A 437 -36.66 -12.36 27.86
CA ASP A 437 -36.89 -13.77 28.18
C ASP A 437 -35.60 -14.58 28.11
N LEU A 438 -34.67 -14.20 27.24
CA LEU A 438 -33.35 -14.81 27.27
C LEU A 438 -32.65 -14.53 28.58
N LEU A 439 -32.77 -13.30 29.09
CA LEU A 439 -32.23 -12.98 30.41
C LEU A 439 -32.92 -13.79 31.50
N ILE A 440 -34.22 -14.02 31.35
CA ILE A 440 -34.96 -14.85 32.32
C ILE A 440 -34.40 -16.26 32.33
N LYS A 441 -34.19 -16.83 31.14
CA LYS A 441 -33.62 -18.17 31.05
C LYS A 441 -32.22 -18.21 31.65
N LEU A 442 -31.41 -17.18 31.40
CA LEU A 442 -30.08 -17.12 31.98
C LEU A 442 -30.15 -17.07 33.50
N ALA A 443 -31.07 -16.28 34.06
CA ALA A 443 -31.21 -16.21 35.51
C ALA A 443 -31.68 -17.53 36.08
N ARG A 444 -32.59 -18.22 35.40
CA ARG A 444 -33.08 -19.50 35.89
C ARG A 444 -31.97 -20.54 35.92
N THR A 445 -31.19 -20.63 34.83
CA THR A 445 -30.11 -21.60 34.77
C THR A 445 -28.98 -21.24 35.74
N MET A 446 -28.70 -19.94 35.84
CA MET A 446 -27.53 -19.43 36.54
C MET A 446 -27.70 -19.39 38.05
N GLN A 447 -28.92 -19.51 38.56
CA GLN A 447 -29.21 -19.43 39.99
C GLN A 447 -28.72 -18.09 40.58
N PHE A 448 -29.27 -17.01 40.05
CA PHE A 448 -29.15 -15.70 40.68
C PHE A 448 -30.41 -14.90 40.41
N THR A 449 -30.51 -13.73 41.04
CA THR A 449 -31.60 -12.81 40.81
C THR A 449 -31.06 -11.52 40.18
N TYR A 450 -31.98 -10.69 39.70
CA TYR A 450 -31.61 -9.56 38.86
C TYR A 450 -32.46 -8.35 39.23
N GLU A 451 -32.11 -7.21 38.64
CA GLU A 451 -32.91 -5.99 38.77
C GLU A 451 -32.50 -5.07 37.63
N VAL A 452 -33.45 -4.76 36.74
CA VAL A 452 -33.16 -4.05 35.51
C VAL A 452 -33.64 -2.61 35.61
N HIS A 453 -32.80 -1.67 35.17
CA HIS A 453 -33.15 -0.27 35.11
C HIS A 453 -32.59 0.33 33.83
N LEU A 454 -33.35 1.24 33.22
CA LEU A 454 -32.96 1.84 31.96
C LEU A 454 -31.76 2.78 32.16
N VAL A 455 -31.30 3.36 31.06
CA VAL A 455 -30.15 4.26 31.05
C VAL A 455 -30.65 5.70 30.93
N ALA A 456 -30.09 6.58 31.75
CA ALA A 456 -30.59 7.95 31.83
C ALA A 456 -30.30 8.73 30.55
N ASP A 457 -29.06 8.66 30.06
CA ASP A 457 -28.67 9.48 28.91
C ASP A 457 -29.41 9.06 27.65
N GLY A 458 -29.42 7.76 27.36
CA GLY A 458 -30.11 7.24 26.20
C GLY A 458 -29.27 6.99 24.98
N LYS A 459 -27.94 7.10 25.09
CA LYS A 459 -27.04 6.88 23.98
C LYS A 459 -26.27 5.58 24.17
N PHE A 460 -25.75 5.06 23.06
CA PHE A 460 -25.06 3.78 23.09
C PHE A 460 -23.65 3.90 23.68
N GLY A 461 -22.99 5.04 23.48
CA GLY A 461 -21.70 5.26 24.11
C GLY A 461 -20.52 5.34 23.16
N THR A 462 -19.75 6.42 23.27
CA THR A 462 -18.54 6.60 22.49
C THR A 462 -17.55 7.45 23.28
N GLN A 463 -16.27 7.34 22.92
CA GLN A 463 -15.21 8.05 23.61
C GLN A 463 -15.26 9.52 23.21
N GLU A 464 -15.59 10.39 24.17
CA GLU A 464 -15.70 11.82 23.93
C GLU A 464 -14.66 12.57 24.75
N ARG A 465 -14.08 13.60 24.15
CA ARG A 465 -13.09 14.42 24.84
C ARG A 465 -13.74 15.26 25.93
N VAL A 466 -13.09 15.31 27.09
CA VAL A 466 -13.60 16.04 28.24
C VAL A 466 -13.50 17.54 27.99
N GLN A 467 -14.18 18.33 28.81
CA GLN A 467 -14.20 19.78 28.65
C GLN A 467 -12.85 20.36 29.08
N ASN A 468 -12.03 20.72 28.10
CA ASN A 468 -10.72 21.33 28.33
C ASN A 468 -9.85 20.49 29.25
N SER A 469 -9.86 19.18 29.03
CA SER A 469 -9.07 18.25 29.84
C SER A 469 -8.38 17.25 28.92
N ASN A 470 -7.35 16.60 29.47
CA ASN A 470 -6.55 15.63 28.73
C ASN A 470 -6.97 14.20 29.01
N LYS A 471 -8.10 13.99 29.67
CA LYS A 471 -8.60 12.66 29.99
C LYS A 471 -9.86 12.37 29.18
N LYS A 472 -9.91 11.20 28.57
CA LYS A 472 -11.05 10.78 27.76
C LYS A 472 -11.90 9.83 28.58
N GLU A 473 -13.20 10.14 28.71
CA GLU A 473 -14.13 9.30 29.44
C GLU A 473 -15.33 8.96 28.55
N TRP A 474 -15.96 7.84 28.88
CA TRP A 474 -17.08 7.35 28.09
C TRP A 474 -18.36 8.13 28.44
N ASN A 475 -19.46 7.72 27.83
CA ASN A 475 -20.73 8.39 28.05
C ASN A 475 -21.87 7.42 27.72
N GLY A 476 -23.07 7.77 28.19
CA GLY A 476 -24.23 6.96 27.90
C GLY A 476 -24.19 5.61 28.59
N MET A 477 -24.87 4.64 27.99
CA MET A 477 -24.94 3.30 28.55
C MET A 477 -23.57 2.64 28.62
N MET A 478 -22.70 2.93 27.65
CA MET A 478 -21.35 2.38 27.69
C MET A 478 -20.57 2.88 28.91
N GLY A 479 -20.84 4.10 29.36
CA GLY A 479 -20.16 4.66 30.50
C GLY A 479 -20.71 4.25 31.85
N GLU A 480 -21.82 3.53 31.88
CA GLU A 480 -22.42 3.08 33.14
C GLU A 480 -21.91 1.73 33.58
N LEU A 481 -21.05 1.09 32.79
CA LEU A 481 -20.44 -0.17 33.18
C LEU A 481 -19.10 0.03 33.88
N LEU A 482 -18.27 0.94 33.35
CA LEU A 482 -16.95 1.19 33.92
C LEU A 482 -16.99 2.00 35.20
N SER A 483 -18.14 2.56 35.57
CA SER A 483 -18.28 3.34 36.79
C SER A 483 -18.87 2.53 37.94
N GLY A 484 -18.98 1.21 37.78
CA GLY A 484 -19.50 0.36 38.83
C GLY A 484 -20.97 0.49 39.11
N GLN A 485 -21.71 1.23 38.28
CA GLN A 485 -23.14 1.40 38.50
C GLN A 485 -23.92 0.13 38.14
N ALA A 486 -23.51 -0.55 37.07
CA ALA A 486 -24.18 -1.76 36.63
C ALA A 486 -23.17 -2.90 36.47
N ASP A 487 -23.67 -4.06 36.07
CA ASP A 487 -22.82 -5.23 35.88
C ASP A 487 -23.07 -5.99 34.58
N MET A 488 -24.13 -5.68 33.83
CA MET A 488 -24.38 -6.34 32.56
C MET A 488 -25.09 -5.35 31.64
N ILE A 489 -24.86 -5.53 30.34
CA ILE A 489 -25.38 -4.61 29.33
C ILE A 489 -26.21 -5.44 28.36
N VAL A 490 -26.99 -6.39 28.89
CA VAL A 490 -27.79 -7.23 28.01
C VAL A 490 -28.72 -6.30 27.25
N ALA A 491 -28.42 -6.14 25.96
CA ALA A 491 -28.98 -5.10 25.11
C ALA A 491 -28.40 -5.28 23.71
N PRO A 492 -28.92 -4.59 22.69
CA PRO A 492 -28.28 -4.65 21.36
C PRO A 492 -26.97 -3.87 21.32
N LEU A 493 -25.88 -4.48 21.80
CA LEU A 493 -24.56 -3.87 21.80
C LEU A 493 -23.72 -4.50 20.70
N THR A 494 -23.17 -3.65 19.82
CA THR A 494 -22.34 -4.10 18.72
C THR A 494 -20.93 -4.44 19.23
N ILE A 495 -20.14 -5.10 18.39
CA ILE A 495 -18.79 -5.50 18.71
C ILE A 495 -17.84 -4.83 17.72
N ASN A 496 -16.87 -4.09 18.24
CA ASN A 496 -15.84 -3.47 17.41
C ASN A 496 -14.56 -3.40 18.23
N ASN A 497 -13.58 -2.63 17.76
CA ASN A 497 -12.28 -2.57 18.40
C ASN A 497 -12.12 -1.41 19.37
N GLU A 498 -12.98 -0.40 19.31
CA GLU A 498 -12.91 0.69 20.26
C GLU A 498 -13.44 0.30 21.63
N ARG A 499 -14.34 -0.69 21.69
CA ARG A 499 -14.90 -1.13 22.97
C ARG A 499 -14.19 -2.35 23.52
N ALA A 500 -13.79 -3.29 22.66
CA ALA A 500 -13.27 -4.57 23.12
C ALA A 500 -11.94 -4.46 23.86
N GLN A 501 -11.37 -3.26 23.99
CA GLN A 501 -10.16 -3.07 24.77
C GLN A 501 -10.44 -2.79 26.24
N TYR A 502 -11.70 -2.59 26.61
CA TYR A 502 -12.07 -2.26 27.98
C TYR A 502 -12.99 -3.27 28.63
N ILE A 503 -13.98 -3.78 27.90
CA ILE A 503 -14.90 -4.78 28.43
C ILE A 503 -14.79 -6.03 27.58
N GLU A 504 -15.22 -7.14 28.17
CA GLU A 504 -15.09 -8.46 27.54
C GLU A 504 -16.47 -8.92 27.07
N PHE A 505 -16.57 -9.20 25.78
CA PHE A 505 -17.84 -9.60 25.17
C PHE A 505 -17.98 -11.11 25.15
N SER A 506 -19.20 -11.58 25.32
CA SER A 506 -19.50 -13.00 25.22
C SER A 506 -19.69 -13.39 23.75
N LYS A 507 -19.93 -14.67 23.52
CA LYS A 507 -20.16 -15.13 22.15
C LYS A 507 -21.45 -14.51 21.61
N PRO A 508 -21.46 -14.07 20.35
CA PRO A 508 -22.65 -13.44 19.81
C PRO A 508 -23.84 -14.38 19.80
N PHE A 509 -25.02 -13.82 20.09
CA PHE A 509 -26.27 -14.57 20.04
C PHE A 509 -27.12 -14.19 18.83
N LYS A 510 -26.63 -13.31 17.96
CA LYS A 510 -27.32 -12.95 16.73
C LYS A 510 -26.37 -12.20 15.80
N TYR A 511 -26.29 -12.63 14.54
CA TYR A 511 -25.44 -12.00 13.55
C TYR A 511 -26.24 -11.02 12.71
N GLN A 512 -25.54 -10.03 12.16
CA GLN A 512 -26.19 -8.94 11.44
C GLN A 512 -25.13 -8.12 10.72
N GLY A 513 -25.56 -7.03 10.10
CA GLY A 513 -24.67 -6.09 9.47
C GLY A 513 -25.31 -4.73 9.39
N LEU A 514 -24.85 -3.92 8.45
CA LEU A 514 -25.48 -2.64 8.16
C LEU A 514 -26.24 -2.71 6.85
N THR A 515 -27.26 -1.85 6.73
CA THR A 515 -28.16 -1.91 5.59
C THR A 515 -28.94 -0.61 5.49
N ILE A 516 -29.04 -0.09 4.26
CA ILE A 516 -29.78 1.15 4.00
C ILE A 516 -31.27 0.85 3.99
N LEU A 517 -32.08 1.84 4.38
CA LEU A 517 -33.53 1.77 4.31
C LEU A 517 -34.04 3.00 3.59
N VAL A 518 -34.84 2.79 2.55
CA VAL A 518 -35.30 3.88 1.69
C VAL A 518 -36.78 3.68 1.38
N LYS A 519 -37.52 4.79 1.30
CA LYS A 519 -38.93 4.74 0.97
C LYS A 519 -39.14 4.27 -0.46
N LYS A 520 -40.30 3.65 -0.70
CA LYS A 520 -40.65 3.11 -2.01
C LYS A 520 -41.83 3.86 -2.59
N GLU A 521 -41.93 3.81 -3.92
CA GLU A 521 -42.97 4.52 -4.65
C GLU A 521 -44.25 3.68 -4.73
N ILE A 522 -45.23 4.16 -5.49
CA ILE A 522 -46.53 3.49 -5.61
C ILE A 522 -46.68 2.97 -7.04
N PRO A 523 -47.15 1.73 -7.24
CA PRO A 523 -47.26 1.19 -8.60
C PRO A 523 -48.36 1.84 -9.42
N ARG A 524 -48.53 1.38 -10.66
CA ARG A 524 -49.51 1.92 -11.59
C ARG A 524 -50.83 1.16 -11.47
N SER A 525 -51.72 1.37 -12.43
CA SER A 525 -53.04 0.74 -12.43
C SER A 525 -53.45 0.49 -13.87
N THR A 526 -54.74 0.20 -14.08
CA THR A 526 -55.25 -0.15 -15.39
C THR A 526 -55.73 1.05 -16.19
N LEU A 527 -55.78 2.24 -15.60
CA LEU A 527 -56.29 3.45 -16.25
C LEU A 527 -57.67 3.20 -16.85
N ASP A 528 -57.91 3.78 -18.03
CA ASP A 528 -59.21 3.63 -18.69
C ASP A 528 -59.23 2.33 -19.48
N SER A 529 -60.15 1.43 -19.11
CA SER A 529 -60.15 0.09 -19.68
C SER A 529 -60.42 0.11 -21.18
N PHE A 530 -61.34 0.96 -21.63
CA PHE A 530 -61.74 0.93 -23.03
C PHE A 530 -60.59 1.31 -23.96
N MET A 531 -59.78 2.29 -23.57
CA MET A 531 -58.70 2.80 -24.42
C MET A 531 -57.35 2.71 -23.73
N ASN A 532 -57.11 1.66 -22.96
CA ASN A 532 -55.79 1.51 -22.34
C ASN A 532 -54.70 1.14 -23.33
N PRO A 533 -54.90 0.22 -24.28
CA PRO A 533 -53.87 -0.01 -25.31
C PRO A 533 -53.93 0.95 -26.49
N PHE A 534 -54.97 1.79 -26.58
CA PHE A 534 -55.24 2.57 -27.77
C PHE A 534 -55.39 4.04 -27.41
N GLN A 535 -55.06 4.90 -28.37
CA GLN A 535 -55.19 6.33 -28.17
C GLN A 535 -56.65 6.75 -28.31
N SER A 536 -56.90 8.05 -28.32
CA SER A 536 -58.25 8.58 -28.35
C SER A 536 -58.74 8.88 -29.76
N THR A 537 -57.97 8.56 -30.80
CA THR A 537 -58.34 8.85 -32.17
C THR A 537 -58.50 7.63 -33.06
N LEU A 538 -57.93 6.48 -32.69
CA LEU A 538 -57.97 5.32 -33.58
C LEU A 538 -59.40 4.78 -33.74
N TRP A 539 -60.20 4.84 -32.68
CA TRP A 539 -61.54 4.25 -32.73
C TRP A 539 -62.43 4.98 -33.73
N LEU A 540 -62.35 6.31 -33.77
CA LEU A 540 -63.15 7.06 -34.73
C LEU A 540 -62.76 6.73 -36.16
N LEU A 541 -61.45 6.62 -36.42
CA LEU A 541 -60.99 6.25 -37.76
C LEU A 541 -61.46 4.84 -38.11
N VAL A 542 -61.44 3.93 -37.14
CA VAL A 542 -61.90 2.57 -37.39
C VAL A 542 -63.37 2.56 -37.77
N GLY A 543 -64.20 3.29 -37.00
CA GLY A 543 -65.62 3.35 -37.31
C GLY A 543 -65.89 3.99 -38.65
N LEU A 544 -65.14 5.03 -38.99
CA LEU A 544 -65.27 5.64 -40.31
C LEU A 544 -64.90 4.64 -41.40
N SER A 545 -63.89 3.80 -41.15
CA SER A 545 -63.53 2.76 -42.11
C SER A 545 -64.67 1.75 -42.28
N VAL A 546 -65.31 1.35 -41.18
CA VAL A 546 -66.45 0.44 -41.27
C VAL A 546 -67.55 1.05 -42.12
N HIS A 547 -67.88 2.32 -41.86
CA HIS A 547 -68.93 2.97 -42.64
C HIS A 547 -68.54 3.09 -44.10
N VAL A 548 -67.27 3.40 -44.38
CA VAL A 548 -66.80 3.55 -45.75
C VAL A 548 -66.90 2.23 -46.50
N VAL A 549 -66.45 1.14 -45.88
CA VAL A 549 -66.49 -0.15 -46.56
C VAL A 549 -67.93 -0.62 -46.74
N ALA A 550 -68.81 -0.33 -45.77
CA ALA A 550 -70.21 -0.68 -45.94
C ALA A 550 -70.83 0.07 -47.11
N VAL A 551 -70.55 1.36 -47.22
CA VAL A 551 -71.09 2.16 -48.32
C VAL A 551 -70.53 1.66 -49.65
N MET A 552 -69.24 1.34 -49.70
CA MET A 552 -68.63 0.84 -50.92
C MET A 552 -69.24 -0.49 -51.34
N LEU A 553 -69.47 -1.39 -50.38
CA LEU A 553 -70.12 -2.66 -50.71
C LEU A 553 -71.53 -2.45 -51.22
N TYR A 554 -72.27 -1.53 -50.60
CA TYR A 554 -73.62 -1.23 -51.08
C TYR A 554 -73.60 -0.69 -52.50
N LEU A 555 -72.66 0.21 -52.79
CA LEU A 555 -72.55 0.76 -54.14
C LEU A 555 -72.17 -0.32 -55.14
N LEU A 556 -71.26 -1.21 -54.76
CA LEU A 556 -70.87 -2.31 -55.65
C LEU A 556 -72.05 -3.23 -55.93
N ASP A 557 -72.85 -3.53 -54.90
CA ASP A 557 -74.03 -4.36 -55.11
C ASP A 557 -75.05 -3.67 -56.02
N ARG A 558 -75.25 -2.36 -55.83
CA ARG A 558 -76.20 -1.63 -56.64
C ARG A 558 -75.75 -1.55 -58.09
N PHE A 559 -74.45 -1.36 -58.33
CA PHE A 559 -73.95 -1.20 -59.69
C PHE A 559 -74.16 -2.47 -60.52
N SER A 560 -73.90 -3.63 -59.94
CA SER A 560 -74.06 -4.89 -60.65
C SER A 560 -75.53 -5.32 -60.70
N THR A 578 -79.12 -4.85 -49.38
CA THR A 578 -79.59 -3.51 -49.03
C THR A 578 -78.58 -2.81 -48.13
N LEU A 579 -78.87 -1.54 -47.80
CA LEU A 579 -77.99 -0.78 -46.93
C LEU A 579 -77.94 -1.40 -45.53
N SER A 580 -79.10 -1.74 -44.99
CA SER A 580 -79.16 -2.28 -43.63
C SER A 580 -78.47 -3.63 -43.53
N SER A 581 -78.67 -4.50 -44.52
CA SER A 581 -78.03 -5.81 -44.51
C SER A 581 -76.51 -5.68 -44.59
N ALA A 582 -76.02 -4.80 -45.46
CA ALA A 582 -74.58 -4.60 -45.57
C ALA A 582 -74.01 -4.04 -44.27
N MET A 583 -74.71 -3.08 -43.67
CA MET A 583 -74.23 -2.53 -42.40
C MET A 583 -74.21 -3.59 -41.31
N TRP A 584 -75.24 -4.43 -41.24
CA TRP A 584 -75.29 -5.48 -40.22
C TRP A 584 -74.15 -6.48 -40.42
N PHE A 585 -73.92 -6.89 -41.68
CA PHE A 585 -72.84 -7.83 -41.96
C PHE A 585 -71.48 -7.23 -41.61
N SER A 586 -71.26 -5.97 -41.98
CA SER A 586 -69.96 -5.36 -41.74
C SER A 586 -69.71 -5.11 -40.26
N TRP A 587 -70.77 -4.82 -39.50
CA TRP A 587 -70.61 -4.69 -38.06
C TRP A 587 -70.37 -6.04 -37.40
N GLY A 588 -71.12 -7.07 -37.81
CA GLY A 588 -71.00 -8.37 -37.18
C GLY A 588 -69.65 -9.02 -37.45
N VAL A 589 -69.12 -8.88 -38.66
CA VAL A 589 -67.83 -9.49 -38.95
C VAL A 589 -66.73 -8.85 -38.12
N LEU A 590 -66.83 -7.54 -37.87
CA LEU A 590 -65.84 -6.88 -37.01
C LEU A 590 -66.01 -7.32 -35.56
N LEU A 591 -67.25 -7.34 -35.07
CA LEU A 591 -67.50 -7.57 -33.66
C LEU A 591 -67.61 -9.04 -33.28
N ASN A 592 -67.61 -9.94 -34.27
CA ASN A 592 -67.77 -11.38 -34.04
C ASN A 592 -69.05 -11.65 -33.26
N SER A 593 -70.17 -11.21 -33.84
CA SER A 593 -71.47 -11.33 -33.19
C SER A 593 -72.29 -12.52 -33.69
N GLY A 594 -71.97 -13.05 -34.86
CA GLY A 594 -72.74 -14.16 -35.41
C GLY A 594 -74.18 -13.79 -35.71
N ILE A 595 -74.40 -12.60 -36.29
CA ILE A 595 -75.73 -12.13 -36.63
C ILE A 595 -75.72 -11.62 -38.06
N GLY A 596 -76.92 -11.52 -38.63
CA GLY A 596 -77.08 -11.03 -39.98
C GLY A 596 -77.26 -12.15 -40.99
N GLU A 597 -78.03 -11.86 -42.03
CA GLU A 597 -78.29 -12.81 -43.10
C GLU A 597 -77.98 -12.15 -44.44
N GLY A 598 -77.12 -12.78 -45.21
CA GLY A 598 -76.75 -12.25 -46.52
C GLY A 598 -75.32 -12.60 -46.85
N ALA A 599 -74.97 -12.33 -48.12
CA ALA A 599 -73.64 -12.60 -48.63
C ALA A 599 -73.42 -11.84 -49.93
N PRO A 600 -72.18 -11.45 -50.24
CA PRO A 600 -71.92 -10.76 -51.50
C PRO A 600 -72.11 -11.70 -52.69
N ARG A 601 -72.36 -11.09 -53.85
CA ARG A 601 -72.60 -11.83 -55.08
C ARG A 601 -71.48 -11.68 -56.10
N SER A 602 -70.87 -10.51 -56.21
CA SER A 602 -69.80 -10.29 -57.18
C SER A 602 -68.53 -11.02 -56.75
N PHE A 603 -67.57 -11.09 -57.66
CA PHE A 603 -66.30 -11.76 -57.42
C PHE A 603 -65.21 -10.80 -56.96
N SER A 604 -65.53 -9.52 -56.78
CA SER A 604 -64.65 -8.57 -56.12
C SER A 604 -65.07 -8.23 -54.71
N ALA A 605 -66.38 -8.23 -54.44
CA ALA A 605 -66.85 -8.09 -53.07
C ALA A 605 -66.38 -9.24 -52.20
N ARG A 606 -66.13 -10.41 -52.80
CA ARG A 606 -65.54 -11.52 -52.07
C ARG A 606 -64.17 -11.14 -51.50
N ILE A 607 -63.31 -10.58 -52.36
CA ILE A 607 -61.98 -10.16 -51.92
C ILE A 607 -62.10 -9.01 -50.93
N LEU A 608 -63.08 -8.11 -51.13
CA LEU A 608 -63.28 -7.01 -50.20
C LEU A 608 -63.64 -7.53 -48.81
N GLY A 609 -64.55 -8.50 -48.74
CA GLY A 609 -64.87 -9.10 -47.45
C GLY A 609 -63.70 -9.86 -46.86
N MET A 610 -62.90 -10.48 -47.72
CA MET A 610 -61.71 -11.19 -47.25
C MET A 610 -60.74 -10.23 -46.55
N VAL A 611 -60.43 -9.12 -47.19
CA VAL A 611 -59.50 -8.17 -46.58
C VAL A 611 -60.13 -7.51 -45.36
N TRP A 612 -61.46 -7.32 -45.37
CA TRP A 612 -62.13 -6.78 -44.19
C TRP A 612 -61.97 -7.71 -42.99
N ALA A 613 -62.17 -9.01 -43.21
CA ALA A 613 -61.99 -9.99 -42.13
C ALA A 613 -60.54 -10.02 -41.67
N GLY A 614 -59.59 -9.94 -42.60
CA GLY A 614 -58.19 -9.86 -42.22
C GLY A 614 -57.90 -8.65 -41.35
N PHE A 615 -58.49 -7.51 -41.71
CA PHE A 615 -58.33 -6.30 -40.90
C PHE A 615 -58.87 -6.51 -39.49
N ALA A 616 -60.06 -7.11 -39.37
CA ALA A 616 -60.63 -7.36 -38.05
C ALA A 616 -59.72 -8.25 -37.22
N MET A 617 -59.24 -9.35 -37.82
CA MET A 617 -58.39 -10.28 -37.08
C MET A 617 -57.09 -9.62 -36.65
N ILE A 618 -56.46 -8.85 -37.54
CA ILE A 618 -55.18 -8.24 -37.20
C ILE A 618 -55.37 -7.17 -36.12
N ILE A 619 -56.47 -6.42 -36.17
CA ILE A 619 -56.68 -5.39 -35.15
C ILE A 619 -56.92 -6.03 -33.79
N VAL A 620 -57.68 -7.14 -33.75
CA VAL A 620 -57.92 -7.81 -32.48
C VAL A 620 -56.63 -8.39 -31.91
N ALA A 621 -55.83 -9.03 -32.77
CA ALA A 621 -54.57 -9.61 -32.32
C ALA A 621 -53.62 -8.54 -31.81
N SER A 622 -53.54 -7.41 -32.52
CA SER A 622 -52.67 -6.31 -32.07
C SER A 622 -53.13 -5.76 -30.74
N TYR A 623 -54.45 -5.59 -30.57
CA TYR A 623 -54.96 -5.12 -29.28
C TYR A 623 -54.57 -6.06 -28.15
N THR A 624 -54.78 -7.37 -28.35
CA THR A 624 -54.44 -8.33 -27.30
C THR A 624 -52.96 -8.31 -26.99
N ALA A 625 -52.11 -8.29 -28.03
CA ALA A 625 -50.68 -8.31 -27.81
C ALA A 625 -50.21 -7.06 -27.08
N ASN A 626 -50.73 -5.90 -27.46
CA ASN A 626 -50.31 -4.65 -26.81
C ASN A 626 -50.76 -4.63 -25.35
N LEU A 627 -51.98 -5.09 -25.07
CA LEU A 627 -52.42 -5.13 -23.67
C LEU A 627 -51.55 -6.06 -22.85
N ALA A 628 -51.21 -7.23 -23.41
CA ALA A 628 -50.34 -8.15 -22.70
C ALA A 628 -48.95 -7.55 -22.46
N ALA A 629 -48.43 -6.84 -23.45
CA ALA A 629 -47.12 -6.20 -23.29
C ALA A 629 -47.16 -5.12 -22.21
N PHE A 630 -48.24 -4.33 -22.18
CA PHE A 630 -48.34 -3.26 -21.18
C PHE A 630 -48.53 -3.84 -19.78
N LEU A 631 -49.19 -4.99 -19.67
CA LEU A 631 -49.48 -5.58 -18.37
C LEU A 631 -48.31 -6.37 -17.80
N VAL A 632 -47.11 -6.28 -18.40
CA VAL A 632 -45.94 -7.03 -17.95
C VAL A 632 -44.77 -6.09 -17.63
N LEU A 633 -44.41 -5.22 -18.57
CA LEU A 633 -43.25 -4.37 -18.40
C LEU A 633 -43.47 -3.38 -17.27
N ASP A 634 -42.45 -3.23 -16.42
CA ASP A 634 -42.49 -2.34 -15.27
C ASP A 634 -41.29 -1.40 -15.31
N ARG A 635 -41.56 -0.10 -15.13
CA ARG A 635 -40.48 0.88 -15.16
C ARG A 635 -39.61 0.74 -13.91
N PRO A 636 -38.29 0.80 -14.07
CA PRO A 636 -37.39 0.68 -12.92
C PRO A 636 -37.26 2.01 -12.17
N GLU A 637 -36.39 2.01 -11.17
CA GLU A 637 -36.14 3.20 -10.36
C GLU A 637 -34.67 3.22 -9.96
N GLU A 638 -34.32 4.14 -9.06
CA GLU A 638 -32.93 4.28 -8.62
C GLU A 638 -32.43 3.03 -7.92
N ARG A 639 -33.03 2.69 -6.77
CA ARG A 639 -32.73 1.46 -6.04
C ARG A 639 -31.23 1.36 -5.72
N ILE A 640 -30.81 2.26 -4.83
CA ILE A 640 -29.42 2.35 -4.38
C ILE A 640 -28.86 0.98 -4.07
N THR A 641 -27.71 0.65 -4.66
CA THR A 641 -27.15 -0.70 -4.63
C THR A 641 -26.08 -0.87 -3.55
N GLY A 642 -26.19 -0.15 -2.44
CA GLY A 642 -25.26 -0.33 -1.35
C GLY A 642 -24.36 0.86 -1.11
N ILE A 643 -23.11 0.61 -0.72
CA ILE A 643 -22.18 1.68 -0.39
C ILE A 643 -21.30 2.09 -1.56
N ASN A 644 -21.30 1.33 -2.65
CA ASN A 644 -20.51 1.68 -3.83
C ASN A 644 -21.28 2.53 -4.82
N ASP A 645 -22.51 2.91 -4.50
CA ASP A 645 -23.31 3.70 -5.42
C ASP A 645 -22.76 5.12 -5.51
N PRO A 646 -22.66 5.69 -6.72
CA PRO A 646 -22.11 7.03 -6.86
C PRO A 646 -22.93 8.12 -6.19
N ARG A 647 -24.22 7.88 -5.93
CA ARG A 647 -25.03 8.88 -5.23
C ARG A 647 -24.52 9.12 -3.82
N LEU A 648 -24.14 8.05 -3.12
CA LEU A 648 -23.63 8.19 -1.76
C LEU A 648 -22.21 8.74 -1.72
N ARG A 649 -21.33 8.24 -2.60
CA ARG A 649 -19.91 8.58 -2.50
C ARG A 649 -19.68 10.07 -2.74
N ASN A 650 -20.32 10.64 -3.76
CA ASN A 650 -20.22 12.08 -4.04
C ASN A 650 -21.57 12.71 -3.79
N PRO A 651 -21.76 13.36 -2.64
CA PRO A 651 -23.08 13.88 -2.28
C PRO A 651 -23.35 15.26 -2.84
N SER A 652 -24.62 15.47 -3.19
CA SER A 652 -25.12 16.76 -3.63
C SER A 652 -26.02 17.36 -2.55
N ASP A 653 -26.63 18.50 -2.86
CA ASP A 653 -27.48 19.18 -1.90
C ASP A 653 -28.90 18.64 -1.88
N LYS A 654 -29.23 17.69 -2.76
CA LYS A 654 -30.59 17.16 -2.86
C LYS A 654 -30.67 15.69 -2.47
N PHE A 655 -29.77 15.24 -1.60
CA PHE A 655 -29.80 13.85 -1.13
C PHE A 655 -29.17 13.83 0.26
N ILE A 656 -30.00 13.77 1.29
CA ILE A 656 -29.55 13.82 2.68
C ILE A 656 -29.86 12.49 3.34
N TYR A 657 -28.81 11.87 3.92
CA TYR A 657 -28.93 10.60 4.62
C TYR A 657 -28.22 10.73 5.96
N ALA A 658 -28.81 10.14 7.00
CA ALA A 658 -28.34 10.35 8.36
C ALA A 658 -28.27 9.02 9.10
N THR A 659 -27.86 9.11 10.37
CA THR A 659 -27.79 7.98 11.28
C THR A 659 -27.84 8.51 12.70
N VAL A 660 -28.20 7.63 13.63
CA VAL A 660 -28.30 8.04 15.03
C VAL A 660 -26.91 8.34 15.58
N LYS A 661 -26.79 9.47 16.27
CA LYS A 661 -25.50 9.91 16.76
C LYS A 661 -25.03 9.06 17.93
N GLN A 662 -23.71 8.99 18.10
CA GLN A 662 -23.07 8.29 19.20
C GLN A 662 -23.48 6.82 19.25
N SER A 663 -23.10 6.10 18.20
CA SER A 663 -23.42 4.69 18.06
C SER A 663 -22.20 3.98 17.48
N SER A 664 -22.38 2.73 17.07
CA SER A 664 -21.31 1.98 16.44
C SER A 664 -21.23 2.25 14.94
N VAL A 665 -22.14 3.05 14.39
CA VAL A 665 -22.08 3.42 12.99
C VAL A 665 -21.17 4.62 12.76
N ASP A 666 -21.27 5.64 13.63
CA ASP A 666 -20.42 6.81 13.51
C ASP A 666 -18.96 6.46 13.72
N ILE A 667 -18.67 5.47 14.56
CA ILE A 667 -17.29 5.03 14.76
C ILE A 667 -16.73 4.43 13.46
N TYR A 668 -17.51 3.61 12.78
CA TYR A 668 -17.06 2.97 11.56
C TYR A 668 -16.83 3.96 10.42
N PHE A 669 -17.51 5.11 10.45
CA PHE A 669 -17.40 6.10 9.39
C PHE A 669 -16.35 7.17 9.70
N ARG A 670 -15.56 6.98 10.75
CA ARG A 670 -14.58 7.99 11.15
C ARG A 670 -13.20 7.36 11.29
N ARG A 671 -13.15 6.07 11.65
CA ARG A 671 -11.88 5.37 11.78
C ARG A 671 -11.20 5.12 10.45
N GLN A 672 -11.88 5.34 9.34
CA GLN A 672 -11.32 5.15 8.01
C GLN A 672 -10.94 6.49 7.40
N VAL A 673 -10.18 6.43 6.31
CA VAL A 673 -9.70 7.63 5.64
C VAL A 673 -10.33 7.83 4.26
N GLU A 674 -10.93 6.80 3.67
CA GLU A 674 -11.54 6.94 2.36
C GLU A 674 -12.97 7.45 2.41
N LEU A 675 -13.55 7.58 3.60
CA LEU A 675 -14.94 8.00 3.76
C LEU A 675 -15.04 9.30 4.54
N SER A 676 -14.15 10.25 4.25
CA SER A 676 -14.18 11.53 4.95
C SER A 676 -15.36 12.39 4.51
N THR A 677 -15.63 12.44 3.21
CA THR A 677 -16.72 13.26 2.70
C THR A 677 -18.06 12.77 3.23
N MET A 678 -18.26 11.46 3.29
CA MET A 678 -19.50 10.92 3.79
C MET A 678 -19.74 11.31 5.25
N TYR A 679 -18.70 11.22 6.09
CA TYR A 679 -18.83 11.65 7.48
C TYR A 679 -19.10 13.14 7.58
N ARG A 680 -18.39 13.94 6.78
CA ARG A 680 -18.58 15.39 6.84
C ARG A 680 -19.96 15.80 6.35
N HIS A 681 -20.59 14.99 5.50
CA HIS A 681 -21.94 15.29 5.03
C HIS A 681 -23.01 14.74 5.98
N MET A 682 -22.71 13.65 6.69
CA MET A 682 -23.66 13.11 7.64
C MET A 682 -23.71 13.91 8.93
N GLU A 683 -22.56 14.45 9.36
CA GLU A 683 -22.49 15.08 10.68
C GLU A 683 -23.33 16.34 10.81
N LYS A 684 -23.84 16.90 9.70
CA LYS A 684 -24.64 18.12 9.79
C LYS A 684 -25.97 17.86 10.47
N HIS A 685 -26.68 16.81 10.06
CA HIS A 685 -28.01 16.50 10.58
C HIS A 685 -28.06 15.02 10.96
N ASN A 686 -27.84 14.73 12.23
CA ASN A 686 -27.95 13.38 12.78
C ASN A 686 -29.04 13.36 13.82
N TYR A 687 -29.92 12.37 13.74
CA TYR A 687 -31.08 12.31 14.63
C TYR A 687 -30.68 11.73 15.97
N GLU A 688 -31.51 12.00 16.99
CA GLU A 688 -31.20 11.67 18.37
C GLU A 688 -31.68 10.29 18.78
N SER A 689 -32.56 9.65 18.00
CA SER A 689 -33.06 8.33 18.37
C SER A 689 -33.58 7.64 17.12
N ALA A 690 -33.52 6.30 17.14
CA ALA A 690 -33.98 5.50 16.01
C ALA A 690 -35.47 5.65 15.76
N ALA A 691 -36.27 5.78 16.81
CA ALA A 691 -37.72 5.89 16.64
C ALA A 691 -38.12 7.16 15.89
N GLU A 692 -37.42 8.27 16.13
CA GLU A 692 -37.75 9.51 15.43
C GLU A 692 -37.29 9.48 13.97
N ALA A 693 -36.16 8.84 13.68
CA ALA A 693 -35.65 8.81 12.31
C ALA A 693 -36.59 8.03 11.38
N ILE A 694 -37.08 6.88 11.83
CA ILE A 694 -38.00 6.10 11.01
C ILE A 694 -39.28 6.88 10.73
N GLN A 695 -39.80 7.55 11.76
CA GLN A 695 -40.97 8.41 11.56
C GLN A 695 -40.66 9.55 10.60
N ALA A 696 -39.43 10.04 10.59
CA ALA A 696 -39.05 11.12 9.68
C ALA A 696 -38.91 10.64 8.24
N VAL A 697 -38.49 9.39 8.04
CA VAL A 697 -38.30 8.88 6.69
C VAL A 697 -39.63 8.81 5.95
N ARG A 698 -40.69 8.33 6.62
CA ARG A 698 -41.98 8.20 5.98
C ARG A 698 -42.61 9.54 5.62
N ASP A 699 -42.12 10.65 6.18
CA ASP A 699 -42.60 11.97 5.86
C ASP A 699 -41.77 12.66 4.79
N ASN A 700 -40.86 11.93 4.16
CA ASN A 700 -40.02 12.43 3.07
C ASN A 700 -39.13 13.60 3.51
N LYS A 701 -38.81 13.67 4.80
CA LYS A 701 -37.78 14.58 5.27
C LYS A 701 -36.39 14.00 5.12
N LEU A 702 -36.27 12.70 4.85
CA LEU A 702 -35.01 12.03 4.60
C LEU A 702 -35.16 11.13 3.38
N HIS A 703 -34.03 10.72 2.82
CA HIS A 703 -34.02 9.82 1.68
C HIS A 703 -33.38 8.47 1.96
N ALA A 704 -32.64 8.34 3.07
CA ALA A 704 -32.05 7.06 3.43
C ALA A 704 -31.85 7.03 4.94
N PHE A 705 -31.39 5.89 5.43
CA PHE A 705 -31.12 5.72 6.86
C PHE A 705 -30.20 4.51 7.00
N ILE A 706 -29.03 4.71 7.59
CA ILE A 706 -28.01 3.68 7.69
C ILE A 706 -27.97 3.23 9.14
N TRP A 707 -28.55 2.07 9.43
CA TRP A 707 -28.65 1.56 10.78
C TRP A 707 -28.45 0.05 10.74
N ASP A 708 -28.80 -0.62 11.84
CA ASP A 708 -28.56 -2.04 11.99
C ASP A 708 -29.40 -2.84 10.99
N SER A 709 -29.18 -4.15 10.97
CA SER A 709 -29.83 -5.02 10.00
C SER A 709 -31.10 -5.67 10.54
N ALA A 710 -31.06 -6.23 11.74
CA ALA A 710 -32.23 -6.91 12.29
C ALA A 710 -33.39 -5.92 12.52
N VAL A 711 -33.07 -4.73 13.04
CA VAL A 711 -34.12 -3.75 13.33
C VAL A 711 -34.80 -3.31 12.05
N LEU A 712 -34.02 -3.00 11.01
CA LEU A 712 -34.62 -2.56 9.75
C LEU A 712 -35.34 -3.70 9.05
N GLU A 713 -34.82 -4.93 9.15
CA GLU A 713 -35.52 -6.07 8.58
C GLU A 713 -36.87 -6.28 9.24
N PHE A 714 -36.94 -6.13 10.55
CA PHE A 714 -38.23 -6.19 11.24
C PHE A 714 -39.14 -5.04 10.83
N GLU A 715 -38.57 -3.83 10.70
CA GLU A 715 -39.37 -2.67 10.36
C GLU A 715 -40.00 -2.81 8.99
N ALA A 716 -39.25 -3.35 8.02
CA ALA A 716 -39.78 -3.49 6.66
C ALA A 716 -41.01 -4.40 6.63
N SER A 717 -41.11 -5.35 7.57
CA SER A 717 -42.26 -6.24 7.58
C SER A 717 -43.50 -5.55 8.15
N GLN A 718 -43.34 -4.71 9.17
CA GLN A 718 -44.48 -4.10 9.83
C GLN A 718 -45.17 -3.09 8.92
N LYS A 719 -44.44 -2.06 8.50
CA LYS A 719 -45.02 -1.05 7.62
C LYS A 719 -45.02 -1.54 6.17
N CYS A 720 -45.59 -0.71 5.30
CA CYS A 720 -45.75 -1.06 3.89
C CYS A 720 -44.87 -0.26 2.96
N ASP A 721 -44.88 1.07 3.07
CA ASP A 721 -44.19 1.92 2.11
C ASP A 721 -42.67 1.90 2.29
N LEU A 722 -42.15 1.30 3.35
CA LEU A 722 -40.72 1.24 3.59
C LEU A 722 -40.17 -0.10 3.11
N VAL A 723 -39.07 -0.05 2.37
CA VAL A 723 -38.42 -1.24 1.84
C VAL A 723 -36.92 -1.15 2.15
N THR A 724 -36.27 -2.31 2.14
CA THR A 724 -34.86 -2.42 2.46
C THR A 724 -34.07 -2.85 1.22
N THR A 725 -32.96 -2.17 0.96
CA THR A 725 -32.12 -2.48 -0.19
C THR A 725 -30.67 -2.69 0.22
N GLY A 726 -29.78 -2.81 -0.75
CA GLY A 726 -28.36 -2.92 -0.49
C GLY A 726 -27.95 -4.29 0.02
N GLU A 727 -26.66 -4.39 0.35
CA GLU A 727 -26.07 -5.62 0.85
C GLU A 727 -25.32 -5.34 2.14
N LEU A 728 -25.22 -6.36 2.99
CA LEU A 728 -24.65 -6.19 4.31
C LEU A 728 -23.15 -5.91 4.23
N PHE A 729 -22.70 -4.94 5.03
CA PHE A 729 -21.29 -4.65 5.21
C PHE A 729 -21.04 -4.41 6.69
N PHE A 730 -19.79 -4.60 7.11
CA PHE A 730 -19.40 -4.53 8.52
C PHE A 730 -20.17 -5.56 9.33
N ARG A 731 -20.05 -6.82 8.91
CA ARG A 731 -20.81 -7.93 9.48
C ARG A 731 -20.19 -8.33 10.81
N SER A 732 -20.61 -7.66 11.88
CA SER A 732 -20.21 -7.97 13.24
C SER A 732 -21.45 -8.27 14.06
N GLY A 733 -21.44 -9.38 14.79
CA GLY A 733 -22.61 -9.82 15.52
C GLY A 733 -22.87 -9.00 16.76
N PHE A 734 -23.78 -9.52 17.59
CA PHE A 734 -24.15 -8.88 18.84
C PHE A 734 -23.30 -9.44 19.97
N GLY A 735 -23.67 -9.12 21.21
CA GLY A 735 -22.93 -9.64 22.34
C GLY A 735 -23.50 -9.09 23.63
N ILE A 736 -23.11 -9.74 24.73
CA ILE A 736 -23.53 -9.36 26.08
C ILE A 736 -22.32 -8.78 26.78
N GLY A 737 -22.26 -7.46 26.89
CA GLY A 737 -21.13 -6.81 27.53
C GLY A 737 -21.16 -6.95 29.04
N MET A 738 -19.98 -6.80 29.63
CA MET A 738 -19.76 -6.89 31.08
C MET A 738 -18.29 -6.58 31.35
N ARG A 739 -17.99 -6.31 32.62
CA ARG A 739 -16.66 -5.84 32.99
C ARG A 739 -15.60 -6.92 32.78
N LYS A 740 -14.35 -6.46 32.72
CA LYS A 740 -13.24 -7.34 32.35
C LYS A 740 -13.05 -8.46 33.35
N ASP A 741 -13.11 -8.16 34.65
CA ASP A 741 -12.89 -9.13 35.70
C ASP A 741 -14.23 -9.49 36.34
N SER A 742 -14.68 -10.72 36.12
CA SER A 742 -15.93 -11.21 36.67
C SER A 742 -15.91 -12.74 36.61
N PRO A 743 -16.64 -13.42 37.50
CA PRO A 743 -16.64 -14.88 37.51
C PRO A 743 -17.71 -15.54 36.64
N TRP A 744 -18.49 -14.77 35.88
CA TRP A 744 -19.59 -15.30 35.11
C TRP A 744 -19.24 -15.61 33.66
N LYS A 745 -18.03 -15.28 33.21
CA LYS A 745 -17.76 -15.25 31.77
C LYS A 745 -17.90 -16.63 31.13
N GLN A 746 -17.19 -17.63 31.65
CA GLN A 746 -17.21 -18.95 31.03
C GLN A 746 -18.60 -19.54 31.05
N GLN A 747 -19.30 -19.42 32.18
CA GLN A 747 -20.63 -20.01 32.29
C GLN A 747 -21.62 -19.31 31.36
N VAL A 748 -21.52 -17.99 31.24
CA VAL A 748 -22.44 -17.25 30.38
C VAL A 748 -22.21 -17.62 28.91
N SER A 749 -20.95 -17.69 28.49
CA SER A 749 -20.66 -18.09 27.12
C SER A 749 -21.15 -19.52 26.84
N LEU A 750 -20.93 -20.43 27.80
CA LEU A 750 -21.38 -21.80 27.60
C LEU A 750 -22.90 -21.89 27.54
N SER A 751 -23.60 -21.10 28.37
CA SER A 751 -25.06 -21.11 28.34
C SER A 751 -25.59 -20.58 27.01
N ILE A 752 -24.99 -19.51 26.50
CA ILE A 752 -25.43 -18.97 25.22
C ILE A 752 -25.18 -19.99 24.10
N LEU A 753 -24.01 -20.63 24.12
CA LEU A 753 -23.72 -21.64 23.09
C LEU A 753 -24.68 -22.82 23.19
N LYS A 754 -25.01 -23.24 24.41
CA LYS A 754 -25.97 -24.32 24.59
C LYS A 754 -27.35 -23.94 24.07
N SER A 755 -27.77 -22.71 24.33
CA SER A 755 -29.07 -22.26 23.82
C SER A 755 -29.06 -22.20 22.29
N HIS A 756 -27.94 -21.83 21.68
CA HIS A 756 -27.86 -21.85 20.22
C HIS A 756 -27.94 -23.26 19.68
N GLU A 757 -27.14 -24.18 20.23
CA GLU A 757 -27.08 -25.53 19.68
C GLU A 757 -28.38 -26.29 19.90
N ASN A 758 -29.01 -26.12 21.07
CA ASN A 758 -30.21 -26.89 21.39
C ASN A 758 -31.34 -26.56 20.43
N GLY A 759 -31.64 -25.28 20.24
CA GLY A 759 -32.71 -24.88 19.36
C GLY A 759 -33.67 -23.89 20.00
N PHE A 760 -33.30 -23.37 21.17
CA PHE A 760 -34.16 -22.42 21.87
C PHE A 760 -34.26 -21.10 21.11
N MET A 761 -33.15 -20.61 20.56
CA MET A 761 -33.18 -19.34 19.85
C MET A 761 -34.01 -19.41 18.58
N GLU A 762 -34.09 -20.59 17.96
CA GLU A 762 -34.97 -20.75 16.80
C GLU A 762 -36.43 -20.54 17.20
N ASP A 763 -36.83 -21.10 18.35
CA ASP A 763 -38.18 -20.87 18.86
C ASP A 763 -38.39 -19.40 19.21
N LEU A 764 -37.38 -18.78 19.82
CA LEU A 764 -37.51 -17.38 20.21
C LEU A 764 -37.69 -16.47 19.00
N ASP A 765 -36.94 -16.73 17.94
CA ASP A 765 -37.03 -15.90 16.74
C ASP A 765 -38.38 -16.05 16.05
N LYS A 766 -38.93 -17.27 16.06
CA LYS A 766 -40.20 -17.52 15.38
C LYS A 766 -41.38 -16.81 16.03
N THR A 767 -41.22 -16.30 17.24
CA THR A 767 -42.32 -15.67 17.97
C THR A 767 -42.22 -14.16 18.05
N TRP A 768 -41.01 -13.60 18.17
CA TRP A 768 -40.85 -12.18 18.41
C TRP A 768 -40.34 -11.38 17.22
N VAL A 769 -39.67 -12.02 16.25
CA VAL A 769 -39.02 -11.28 15.19
C VAL A 769 -39.44 -11.72 13.79
N ARG A 770 -40.08 -12.87 13.63
CA ARG A 770 -40.39 -13.39 12.29
C ARG A 770 -41.79 -13.97 12.25
N TYR A 771 -42.78 -13.25 12.80
CA TYR A 771 -44.15 -13.68 12.65
C TYR A 771 -44.76 -13.29 11.30
N GLN A 772 -44.03 -12.51 10.50
CA GLN A 772 -44.37 -12.23 9.10
C GLN A 772 -45.58 -11.33 8.94
N GLU A 773 -45.58 -10.52 7.88
CA GLU A 773 -46.67 -9.64 7.53
C GLU A 773 -46.69 -9.53 6.01
N CYS A 774 -47.35 -8.49 5.48
CA CYS A 774 -47.47 -8.32 4.04
C CYS A 774 -46.09 -8.27 3.39
N ASP A 775 -45.95 -9.01 2.28
CA ASP A 775 -44.69 -9.09 1.57
C ASP A 775 -44.57 -7.95 0.57
N SER A 776 -43.34 -7.72 0.11
CA SER A 776 -43.03 -6.65 -0.83
C SER A 776 -42.69 -7.17 -2.23
N ARG A 777 -41.83 -8.19 -2.31
CA ARG A 777 -41.40 -8.77 -3.58
C ARG A 777 -40.79 -7.73 -4.50
N SER A 778 -40.70 -8.05 -5.79
CA SER A 778 -40.14 -7.12 -6.76
C SER A 778 -41.05 -6.89 -7.95
N ASN A 779 -41.77 -7.91 -8.41
CA ASN A 779 -42.66 -7.78 -9.57
C ASN A 779 -44.11 -7.59 -9.15
N ALA A 780 -44.61 -8.44 -8.25
CA ALA A 780 -45.98 -8.38 -7.74
C ALA A 780 -47.01 -8.35 -8.86
N PRO A 781 -47.20 -9.46 -9.59
CA PRO A 781 -48.26 -9.49 -10.61
C PRO A 781 -49.64 -9.48 -10.00
N ALA A 782 -50.36 -8.38 -10.15
CA ALA A 782 -51.65 -8.22 -9.51
C ALA A 782 -52.76 -8.89 -10.32
N THR A 783 -53.83 -9.25 -9.62
CA THR A 783 -55.02 -9.82 -10.24
C THR A 783 -55.96 -8.68 -10.65
N LEU A 784 -56.61 -8.84 -11.81
CA LEU A 784 -57.50 -7.82 -12.34
C LEU A 784 -58.76 -7.76 -11.49
N THR A 785 -58.84 -6.74 -10.63
CA THR A 785 -59.94 -6.57 -9.69
C THR A 785 -61.05 -5.73 -10.31
N PHE A 786 -61.96 -5.24 -9.45
CA PHE A 786 -63.08 -4.42 -9.85
C PHE A 786 -62.67 -3.00 -10.26
N GLU A 787 -61.36 -2.72 -10.30
CA GLU A 787 -60.91 -1.35 -10.54
C GLU A 787 -61.05 -0.94 -12.01
N ASN A 788 -61.29 -1.89 -12.91
CA ASN A 788 -61.49 -1.58 -14.33
C ASN A 788 -62.95 -1.70 -14.77
N MET A 789 -63.88 -1.87 -13.84
CA MET A 789 -65.24 -2.26 -14.22
C MET A 789 -66.02 -1.11 -14.85
N ALA A 790 -65.82 0.12 -14.34
CA ALA A 790 -66.72 1.21 -14.70
C ALA A 790 -66.82 1.38 -16.21
N GLY A 791 -65.70 1.53 -16.89
CA GLY A 791 -65.70 1.79 -18.32
C GLY A 791 -66.24 0.68 -19.18
N VAL A 792 -66.73 -0.39 -18.56
CA VAL A 792 -67.30 -1.52 -19.29
C VAL A 792 -68.77 -1.70 -18.90
N PHE A 793 -69.03 -1.93 -17.61
CA PHE A 793 -70.41 -2.17 -17.20
C PHE A 793 -71.25 -0.89 -17.20
N MET A 794 -70.67 0.26 -16.85
CA MET A 794 -71.41 1.51 -17.01
C MET A 794 -71.72 1.77 -18.48
N ILE A 795 -70.78 1.41 -19.36
CA ILE A 795 -71.02 1.51 -20.80
C ILE A 795 -72.17 0.59 -21.20
N VAL A 796 -72.21 -0.62 -20.65
CA VAL A 796 -73.29 -1.55 -20.96
C VAL A 796 -74.64 -0.99 -20.50
N ALA A 797 -74.67 -0.41 -19.30
CA ALA A 797 -75.91 0.19 -18.80
C ALA A 797 -76.37 1.34 -19.67
N GLY A 798 -75.44 2.23 -20.04
CA GLY A 798 -75.79 3.31 -20.95
C GLY A 798 -76.28 2.80 -22.29
N GLY A 799 -75.65 1.72 -22.79
CA GLY A 799 -76.07 1.15 -24.05
C GLY A 799 -77.46 0.56 -24.00
N ILE A 800 -77.80 -0.12 -22.90
CA ILE A 800 -79.14 -0.70 -22.81
C ILE A 800 -80.19 0.41 -22.63
N VAL A 801 -79.84 1.48 -21.91
CA VAL A 801 -80.76 2.61 -21.80
C VAL A 801 -81.00 3.24 -23.17
N ALA A 802 -79.91 3.45 -23.93
CA ALA A 802 -80.04 3.99 -25.27
C ALA A 802 -80.82 3.04 -26.17
N GLY A 803 -80.66 1.74 -25.99
CA GLY A 803 -81.44 0.79 -26.76
C GLY A 803 -82.92 0.87 -26.45
N ILE A 804 -83.27 1.06 -25.18
CA ILE A 804 -84.67 1.27 -24.82
C ILE A 804 -85.20 2.53 -25.49
N PHE A 805 -84.42 3.62 -25.46
CA PHE A 805 -84.85 4.86 -26.10
C PHE A 805 -85.04 4.68 -27.60
N LEU A 806 -84.10 3.99 -28.26
CA LEU A 806 -84.21 3.78 -29.69
C LEU A 806 -85.36 2.83 -30.04
N ILE A 807 -85.65 1.86 -29.17
CA ILE A 807 -86.81 0.99 -29.38
C ILE A 807 -88.09 1.82 -29.31
N PHE A 808 -88.18 2.72 -28.34
CA PHE A 808 -89.33 3.62 -28.27
C PHE A 808 -89.44 4.48 -29.53
N ILE A 809 -88.32 5.02 -29.99
CA ILE A 809 -88.33 5.86 -31.19
C ILE A 809 -88.78 5.05 -32.40
N GLU A 810 -88.28 3.83 -32.54
CA GLU A 810 -88.63 2.99 -33.68
C GLU A 810 -90.10 2.59 -33.64
N ILE A 811 -90.61 2.25 -32.46
CA ILE A 811 -92.01 1.87 -32.37
C ILE A 811 -92.92 3.06 -32.59
N ALA A 812 -92.43 4.28 -32.30
CA ALA A 812 -93.21 5.47 -32.63
C ALA A 812 -93.18 5.75 -34.13
N TYR A 813 -92.02 5.57 -34.76
CA TYR A 813 -91.89 5.88 -36.19
C TYR A 813 -92.54 4.83 -37.08
N LYS A 814 -92.65 3.59 -36.61
CA LYS A 814 -93.22 2.53 -37.42
C LYS A 814 -94.69 2.79 -37.74
N SER A 815 -95.43 3.41 -36.82
CA SER A 815 -96.83 3.74 -37.09
C SER A 815 -96.94 4.74 -38.24
N ARG A 816 -96.06 5.74 -38.27
CA ARG A 816 -96.08 6.70 -39.36
C ARG A 816 -95.73 6.05 -40.69
N ALA A 817 -94.74 5.17 -40.69
CA ALA A 817 -94.32 4.47 -41.91
C ALA A 817 -93.78 3.09 -41.60
N SER B 1 -5.10 54.72 51.11
CA SER B 1 -3.74 54.76 51.63
C SER B 1 -3.09 53.38 51.59
N ILE B 2 -2.83 52.88 50.38
CA ILE B 2 -2.22 51.57 50.17
C ILE B 2 -0.83 51.79 49.58
N GLY B 3 0.17 51.23 50.25
CA GLY B 3 1.55 51.38 49.82
C GLY B 3 2.00 50.33 48.83
N ILE B 4 2.39 50.76 47.64
CA ILE B 4 2.88 49.87 46.58
C ILE B 4 4.28 50.29 46.21
N ALA B 5 5.20 49.33 46.18
CA ALA B 5 6.59 49.58 45.86
C ALA B 5 6.93 49.04 44.47
N VAL B 6 7.89 49.69 43.82
CA VAL B 6 8.35 49.30 42.49
C VAL B 6 9.86 49.11 42.54
N ILE B 7 10.34 48.02 41.95
CA ILE B 7 11.76 47.68 41.95
C ILE B 7 12.26 47.67 40.52
N LEU B 8 13.35 48.38 40.27
CA LEU B 8 13.96 48.47 38.96
C LEU B 8 15.38 47.92 39.01
N VAL B 9 15.72 47.08 38.02
CA VAL B 9 17.08 46.58 37.87
C VAL B 9 17.49 46.76 36.41
N GLY B 10 16.55 47.22 35.58
CA GLY B 10 16.81 47.40 34.17
C GLY B 10 17.56 48.66 33.80
N THR B 11 17.83 49.53 34.78
CA THR B 11 18.57 50.78 34.55
C THR B 11 17.93 51.62 33.45
N SER B 12 16.61 51.71 33.48
CA SER B 12 15.87 52.49 32.49
C SER B 12 15.67 53.92 33.00
N ASP B 13 14.91 54.71 32.27
CA ASP B 13 14.66 56.10 32.65
C ASP B 13 13.55 56.14 33.69
N GLU B 14 13.96 56.16 34.96
CA GLU B 14 13.00 56.17 36.06
C GLU B 14 12.22 57.47 36.13
N VAL B 15 12.77 58.57 35.61
CA VAL B 15 12.06 59.85 35.60
C VAL B 15 10.80 59.74 34.76
N ALA B 16 10.91 59.12 33.57
CA ALA B 16 9.73 58.93 32.73
C ALA B 16 8.72 58.02 33.38
N ILE B 17 9.18 56.98 34.09
CA ILE B 17 8.27 56.08 34.79
C ILE B 17 7.49 56.84 35.85
N LYS B 18 8.20 57.68 36.63
CA LYS B 18 7.54 58.48 37.65
C LYS B 18 6.54 59.45 37.04
N ASP B 19 6.94 60.11 35.93
CA ASP B 19 6.03 61.05 35.28
C ASP B 19 4.77 60.36 34.79
N ALA B 20 4.91 59.17 34.21
CA ALA B 20 3.74 58.41 33.77
C ALA B 20 2.88 58.00 34.96
N HIS B 21 3.51 57.58 36.06
CA HIS B 21 2.76 57.13 37.23
C HIS B 21 1.97 58.26 37.86
N GLU B 22 2.56 59.44 37.98
CA GLU B 22 1.89 60.56 38.63
C GLU B 22 0.71 61.11 37.83
N LYS B 23 0.61 60.78 36.55
CA LYS B 23 -0.50 61.25 35.71
C LYS B 23 -1.73 60.36 35.86
N ASP B 24 -2.18 60.15 37.10
CA ASP B 24 -3.33 59.31 37.39
C ASP B 24 -4.27 60.08 38.31
N ASP B 25 -5.49 60.33 37.83
CA ASP B 25 -6.51 61.01 38.62
C ASP B 25 -7.85 60.30 38.46
N PHE B 26 -7.82 58.97 38.61
CA PHE B 26 -9.04 58.18 38.49
C PHE B 26 -9.90 58.34 39.73
N HIS B 27 -10.79 59.35 39.72
CA HIS B 27 -11.63 59.66 40.88
C HIS B 27 -12.82 58.70 40.92
N HIS B 28 -12.51 57.43 41.15
CA HIS B 28 -13.53 56.41 41.32
C HIS B 28 -13.21 55.44 42.44
N LEU B 29 -12.12 55.66 43.18
CA LEU B 29 -11.70 54.72 44.22
C LEU B 29 -10.93 55.49 45.29
N SER B 30 -11.33 55.28 46.55
CA SER B 30 -10.64 55.89 47.69
C SER B 30 -9.43 55.02 48.03
N VAL B 31 -8.36 55.22 47.27
CA VAL B 31 -7.14 54.41 47.38
C VAL B 31 -5.95 55.26 47.80
N VAL B 32 -5.80 56.44 47.19
CA VAL B 32 -4.68 57.37 47.37
C VAL B 32 -3.37 56.62 47.62
N PRO B 33 -2.88 55.84 46.66
CA PRO B 33 -1.68 55.03 46.89
C PRO B 33 -0.41 55.85 46.78
N ARG B 34 0.69 55.24 47.22
CA ARG B 34 2.01 55.82 47.13
C ARG B 34 2.89 54.96 46.23
N VAL B 35 3.87 55.60 45.59
CA VAL B 35 4.76 54.94 44.65
C VAL B 35 6.19 55.12 45.14
N GLU B 36 6.94 54.02 45.20
CA GLU B 36 8.34 54.03 45.58
C GLU B 36 9.16 53.44 44.44
N LEU B 37 10.19 54.18 44.01
CA LEU B 37 11.05 53.76 42.93
C LEU B 37 12.48 53.59 43.44
N VAL B 38 13.04 52.40 43.24
CA VAL B 38 14.38 52.05 43.69
C VAL B 38 15.08 51.32 42.55
N ALA B 39 16.39 51.53 42.45
CA ALA B 39 17.19 50.98 41.36
C ALA B 39 18.32 50.12 41.91
N MET B 40 18.76 49.16 41.11
CA MET B 40 19.80 48.23 41.51
C MET B 40 20.44 47.63 40.26
N ASN B 41 21.57 46.94 40.46
CA ASN B 41 22.20 46.11 39.44
C ASN B 41 22.49 44.72 39.98
N GLU B 42 21.82 44.34 41.07
CA GLU B 42 22.11 43.09 41.77
C GLU B 42 21.23 41.97 41.22
N THR B 43 21.86 40.93 40.69
CA THR B 43 21.16 39.73 40.25
C THR B 43 21.33 38.56 41.21
N ASP B 44 22.18 38.69 42.23
CA ASP B 44 22.36 37.61 43.19
C ASP B 44 21.08 37.43 44.01
N PRO B 45 20.71 36.18 44.33
CA PRO B 45 19.48 35.97 45.11
C PRO B 45 19.52 36.61 46.49
N LYS B 46 20.69 36.63 47.13
CA LYS B 46 20.77 37.00 48.55
C LYS B 46 20.28 38.42 48.79
N SER B 47 20.77 39.39 48.01
CA SER B 47 20.37 40.77 48.21
C SER B 47 18.90 40.99 47.91
N ILE B 48 18.27 40.12 47.12
CA ILE B 48 16.88 40.31 46.73
C ILE B 48 15.96 40.25 47.95
N ILE B 49 16.11 39.20 48.77
CA ILE B 49 15.24 39.06 49.93
C ILE B 49 15.49 40.18 50.93
N THR B 50 16.76 40.49 51.19
CA THR B 50 17.09 41.55 52.13
C THR B 50 16.46 42.86 51.69
N ARG B 51 16.61 43.21 50.41
CA ARG B 51 16.13 44.50 49.94
C ARG B 51 14.60 44.54 49.88
N ILE B 52 13.96 43.45 49.46
CA ILE B 52 12.50 43.44 49.39
C ILE B 52 11.89 43.52 50.79
N CYS B 53 12.48 42.82 51.77
CA CYS B 53 11.94 42.90 53.11
C CYS B 53 12.27 44.22 53.79
N ASP B 54 13.41 44.83 53.45
CA ASP B 54 13.69 46.18 53.93
C ASP B 54 12.67 47.17 53.38
N LEU B 55 12.32 47.04 52.10
CA LEU B 55 11.27 47.89 51.53
C LEU B 55 9.93 47.62 52.21
N MET B 56 9.63 46.36 52.50
CA MET B 56 8.39 46.03 53.20
C MET B 56 8.34 46.67 54.58
N SER B 57 9.46 46.65 55.30
CA SER B 57 9.54 47.27 56.62
C SER B 57 9.71 48.78 56.56
N ASP B 58 9.94 49.35 55.38
CA ASP B 58 10.14 50.79 55.25
C ASP B 58 8.93 51.57 55.72
N ARG B 59 7.80 51.46 54.99
CA ARG B 59 6.56 52.07 55.45
C ARG B 59 5.38 51.27 54.90
N LYS B 60 4.97 50.26 55.67
CA LYS B 60 3.66 49.60 55.57
C LYS B 60 3.16 49.47 54.13
N ILE B 61 3.94 48.79 53.30
CA ILE B 61 3.52 48.51 51.93
C ILE B 61 2.84 47.14 51.90
N GLN B 62 2.03 46.93 50.87
CA GLN B 62 1.25 45.71 50.74
C GLN B 62 1.43 44.98 49.41
N GLY B 63 2.03 45.60 48.41
CA GLY B 63 2.23 44.96 47.12
C GLY B 63 3.47 45.48 46.44
N VAL B 64 4.14 44.59 45.72
CA VAL B 64 5.40 44.90 45.04
C VAL B 64 5.31 44.43 43.60
N VAL B 65 6.02 45.13 42.72
CA VAL B 65 6.15 44.75 41.32
C VAL B 65 7.63 44.68 40.97
N PHE B 66 8.01 43.63 40.25
CA PHE B 66 9.40 43.39 39.88
C PHE B 66 9.59 43.72 38.41
N ALA B 67 10.61 44.52 38.11
CA ALA B 67 10.94 44.90 36.73
C ALA B 67 12.38 44.48 36.46
N ASP B 68 12.55 43.42 35.68
CA ASP B 68 13.86 42.91 35.31
C ASP B 68 14.12 43.16 33.83
N ASP B 69 15.40 43.08 33.46
CA ASP B 69 15.80 43.28 32.08
C ASP B 69 16.77 42.22 31.56
N THR B 70 17.27 41.35 32.43
CA THR B 70 18.17 40.29 32.01
C THR B 70 17.38 39.11 31.43
N ASP B 71 18.09 38.05 31.07
CA ASP B 71 17.48 36.83 30.57
C ASP B 71 17.56 35.69 31.57
N GLN B 72 17.70 36.02 32.86
CA GLN B 72 17.76 34.99 33.89
C GLN B 72 16.46 34.22 33.97
N GLU B 73 16.54 32.90 34.01
CA GLU B 73 15.37 32.03 34.07
C GLU B 73 15.18 31.40 35.43
N ALA B 74 15.86 31.89 36.46
CA ALA B 74 15.79 31.30 37.79
C ALA B 74 15.24 32.22 38.86
N ILE B 75 15.09 33.52 38.57
CA ILE B 75 14.63 34.46 39.60
C ILE B 75 13.22 34.13 40.05
N ALA B 76 12.38 33.65 39.13
CA ALA B 76 10.98 33.39 39.45
C ALA B 76 10.84 32.44 40.64
N GLN B 77 11.81 31.54 40.83
CA GLN B 77 11.76 30.66 41.98
C GLN B 77 11.87 31.43 43.29
N ILE B 78 12.82 32.36 43.38
CA ILE B 78 12.94 33.16 44.60
C ILE B 78 11.76 34.10 44.76
N LEU B 79 11.23 34.64 43.65
CA LEU B 79 10.03 35.47 43.77
C LEU B 79 8.86 34.66 44.32
N ASP B 80 8.69 33.43 43.87
CA ASP B 80 7.65 32.57 44.42
C ASP B 80 7.92 32.26 45.89
N PHE B 81 9.19 32.06 46.25
CA PHE B 81 9.54 31.82 47.65
C PHE B 81 9.09 32.98 48.53
N ILE B 82 9.43 34.21 48.10
CA ILE B 82 9.08 35.39 48.88
C ILE B 82 7.57 35.57 48.93
N SER B 83 6.88 35.32 47.81
CA SER B 83 5.42 35.43 47.81
C SER B 83 4.78 34.42 48.75
N ALA B 84 5.31 33.20 48.79
CA ALA B 84 4.77 32.18 49.68
C ALA B 84 5.03 32.54 51.15
N GLN B 85 6.21 33.07 51.45
CA GLN B 85 6.53 33.43 52.82
C GLN B 85 5.78 34.67 53.27
N THR B 86 5.99 35.78 52.58
CA THR B 86 5.31 37.03 52.90
C THR B 86 4.01 37.12 52.11
N LEU B 87 2.91 37.38 52.82
CA LEU B 87 1.57 37.36 52.22
C LEU B 87 1.29 38.55 51.31
N THR B 88 2.27 39.38 50.99
CA THR B 88 2.03 40.52 50.10
C THR B 88 1.95 40.04 48.65
N PRO B 89 0.85 40.30 47.94
CA PRO B 89 0.80 39.92 46.52
C PRO B 89 1.87 40.64 45.72
N ILE B 90 2.43 39.94 44.74
CA ILE B 90 3.53 40.45 43.94
C ILE B 90 3.36 39.95 42.51
N LEU B 91 3.68 40.81 41.55
CA LEU B 91 3.58 40.47 40.14
C LEU B 91 4.70 41.15 39.37
N GLY B 92 5.36 40.40 38.49
CA GLY B 92 6.40 40.93 37.64
C GLY B 92 5.89 41.25 36.24
N ILE B 93 6.60 42.14 35.55
CA ILE B 93 6.12 42.64 34.27
C ILE B 93 7.13 42.38 33.14
N HIS B 94 8.41 42.64 33.40
CA HIS B 94 9.42 42.64 32.35
C HIS B 94 10.61 41.79 32.77
N GLY B 95 11.28 41.19 31.78
CA GLY B 95 12.49 40.43 32.03
C GLY B 95 12.23 38.98 32.38
N GLY B 96 12.97 38.46 33.36
CA GLY B 96 12.76 37.10 33.81
C GLY B 96 11.40 36.88 34.45
N SER B 97 10.71 37.95 34.82
CA SER B 97 9.36 37.81 35.36
C SER B 97 8.41 37.22 34.33
N SER B 98 8.52 37.64 33.08
CA SER B 98 7.68 37.11 32.01
C SER B 98 7.98 35.65 31.71
N MET B 99 9.15 35.15 32.11
CA MET B 99 9.50 33.76 31.90
C MET B 99 8.55 32.88 32.69
N ILE B 100 7.82 32.01 32.00
CA ILE B 100 6.79 31.19 32.62
C ILE B 100 7.40 29.88 33.10
N MET B 101 7.05 29.48 34.31
CA MET B 101 7.62 28.34 35.01
C MET B 101 6.57 27.25 35.20
N ALA B 102 6.99 26.17 35.86
CA ALA B 102 6.17 24.96 35.97
C ALA B 102 4.85 25.20 36.69
N ASP B 103 4.92 25.55 37.98
CA ASP B 103 3.71 25.70 38.78
C ASP B 103 4.07 26.33 40.11
N LYS B 104 3.15 27.12 40.65
CA LYS B 104 3.31 27.66 41.98
C LYS B 104 2.74 26.70 43.02
N ASP B 105 2.80 27.09 44.28
CA ASP B 105 2.33 26.25 45.38
C ASP B 105 0.81 26.39 45.51
N GLU B 106 0.25 25.84 46.59
CA GLU B 106 -1.20 25.87 46.79
C GLU B 106 -1.72 27.30 46.96
N SER B 107 -1.01 28.12 47.71
CA SER B 107 -1.48 29.46 48.07
C SER B 107 -0.43 30.52 47.78
N SER B 108 0.17 30.47 46.60
CA SER B 108 1.13 31.48 46.19
C SER B 108 0.42 32.66 45.54
N MET B 109 0.83 33.86 45.91
CA MET B 109 0.20 35.10 45.45
C MET B 109 1.03 35.77 44.36
N PHE B 110 1.66 34.98 43.51
CA PHE B 110 2.49 35.48 42.42
C PHE B 110 1.71 35.45 41.12
N PHE B 111 1.90 36.47 40.29
CA PHE B 111 1.24 36.56 38.99
C PHE B 111 2.23 37.09 37.97
N GLN B 112 2.06 36.64 36.73
CA GLN B 112 2.95 37.00 35.64
C GLN B 112 2.16 37.63 34.51
N PHE B 113 2.85 38.45 33.70
CA PHE B 113 2.22 39.15 32.59
C PHE B 113 2.46 38.49 31.24
N GLY B 114 3.37 37.53 31.16
CA GLY B 114 3.64 36.86 29.91
C GLY B 114 2.58 35.85 29.56
N PRO B 115 2.57 35.43 28.29
CA PRO B 115 1.64 34.38 27.88
C PRO B 115 2.03 33.03 28.46
N SER B 116 1.05 32.15 28.53
CA SER B 116 1.26 30.84 29.13
C SER B 116 1.95 29.93 28.11
N ILE B 117 2.07 28.64 28.46
CA ILE B 117 2.63 27.65 27.55
C ILE B 117 1.54 27.00 26.69
N GLU B 118 0.28 27.41 26.86
CA GLU B 118 -0.81 26.86 26.08
C GLU B 118 -1.35 27.81 25.02
N GLN B 119 -1.08 29.11 25.14
CA GLN B 119 -1.40 30.03 24.05
C GLN B 119 -0.44 29.85 22.88
N GLN B 120 0.83 29.55 23.17
CA GLN B 120 1.85 29.50 22.13
C GLN B 120 1.63 28.32 21.19
N ALA B 121 1.24 27.15 21.73
CA ALA B 121 0.95 26.01 20.86
C ALA B 121 -0.24 26.31 19.96
N SER B 122 -1.28 26.95 20.49
CA SER B 122 -2.43 27.30 19.68
C SER B 122 -2.06 28.28 18.59
N VAL B 123 -1.21 29.27 18.89
CA VAL B 123 -0.77 30.22 17.87
C VAL B 123 0.07 29.50 16.82
N MET B 124 0.91 28.57 17.24
CA MET B 124 1.74 27.82 16.29
C MET B 124 0.87 27.02 15.32
N LEU B 125 -0.11 26.30 15.85
CA LEU B 125 -0.98 25.55 14.96
C LEU B 125 -1.85 26.47 14.10
N ASN B 126 -2.22 27.63 14.63
CA ASN B 126 -2.99 28.60 13.85
C ASN B 126 -2.20 29.08 12.64
N ILE B 127 -0.94 29.46 12.85
CA ILE B 127 -0.14 29.94 11.73
C ILE B 127 0.17 28.80 10.75
N MET B 128 0.41 27.60 11.28
CA MET B 128 0.63 26.45 10.41
C MET B 128 -0.55 26.20 9.50
N GLU B 129 -1.77 26.23 10.05
CA GLU B 129 -2.96 26.02 9.23
C GLU B 129 -3.26 27.22 8.34
N GLU B 130 -2.79 28.42 8.72
CA GLU B 130 -3.02 29.59 7.89
C GLU B 130 -2.13 29.63 6.66
N TYR B 131 -0.91 29.10 6.75
CA TYR B 131 -0.01 29.11 5.62
C TYR B 131 0.07 27.78 4.87
N ASP B 132 -0.85 26.85 5.15
CA ASP B 132 -1.00 25.62 4.37
C ASP B 132 0.30 24.82 4.34
N TRP B 133 0.73 24.39 5.52
CA TRP B 133 1.90 23.54 5.66
C TRP B 133 1.57 22.13 6.14
N TYR B 134 0.64 22.02 7.10
CA TYR B 134 0.00 20.75 7.44
C TYR B 134 0.99 19.70 7.94
N ILE B 135 1.92 19.30 7.10
CA ILE B 135 2.90 18.28 7.49
C ILE B 135 3.96 18.92 8.37
N PHE B 136 4.21 18.32 9.54
CA PHE B 136 5.20 18.85 10.45
C PHE B 136 5.63 17.74 11.41
N SER B 137 6.69 18.02 12.17
CA SER B 137 7.20 17.09 13.16
C SER B 137 7.61 17.89 14.40
N ILE B 138 7.62 17.22 15.54
CA ILE B 138 7.88 17.85 16.83
C ILE B 138 9.10 17.20 17.47
N VAL B 139 10.06 18.01 17.87
CA VAL B 139 11.19 17.57 18.70
C VAL B 139 11.21 18.44 19.94
N THR B 140 11.73 17.89 21.04
CA THR B 140 11.75 18.65 22.29
C THR B 140 12.76 18.03 23.24
N THR B 141 13.15 18.82 24.24
CA THR B 141 14.01 18.39 25.32
C THR B 141 13.27 18.53 26.65
N TYR B 142 13.80 17.88 27.67
CA TYR B 142 13.16 17.92 28.98
C TYR B 142 13.15 19.34 29.53
N PHE B 143 12.01 19.74 30.09
CA PHE B 143 11.79 21.08 30.58
C PHE B 143 10.52 21.09 31.43
N PRO B 144 10.36 22.07 32.32
CA PRO B 144 9.14 22.13 33.12
C PRO B 144 7.92 22.57 32.33
N GLY B 145 7.29 21.63 31.63
CA GLY B 145 6.10 21.95 30.84
C GLY B 145 6.00 21.18 29.55
N TYR B 146 7.02 20.38 29.23
CA TYR B 146 7.04 19.65 27.98
C TYR B 146 5.92 18.62 27.90
N GLN B 147 5.48 18.09 29.03
CA GLN B 147 4.42 17.09 29.03
C GLN B 147 3.05 17.66 28.67
N ASP B 148 2.93 18.99 28.63
CA ASP B 148 1.67 19.62 28.23
C ASP B 148 1.67 19.97 26.75
N PHE B 149 2.85 20.28 26.20
CA PHE B 149 2.97 20.68 24.80
C PHE B 149 2.43 19.61 23.86
N VAL B 150 2.95 18.38 24.00
CA VAL B 150 2.55 17.30 23.10
C VAL B 150 1.09 16.93 23.31
N ASN B 151 0.63 16.94 24.56
CA ASN B 151 -0.75 16.60 24.84
C ASN B 151 -1.70 17.58 24.17
N LYS B 152 -1.41 18.88 24.30
CA LYS B 152 -2.25 19.89 23.66
C LYS B 152 -2.19 19.79 22.14
N ILE B 153 -0.99 19.53 21.59
CA ILE B 153 -0.86 19.41 20.15
C ILE B 153 -1.72 18.26 19.63
N ARG B 154 -1.63 17.10 20.28
CA ARG B 154 -2.42 15.95 19.84
C ARG B 154 -3.92 16.21 20.00
N SER B 155 -4.31 16.82 21.13
CA SER B 155 -5.72 17.09 21.37
C SER B 155 -6.29 18.03 20.33
N THR B 156 -5.51 19.04 19.92
CA THR B 156 -6.01 19.98 18.92
C THR B 156 -6.04 19.35 17.53
N ILE B 157 -5.00 18.59 17.16
CA ILE B 157 -4.98 18.00 15.82
C ILE B 157 -5.99 16.89 15.66
N GLU B 158 -6.44 16.26 16.75
CA GLU B 158 -7.38 15.15 16.59
C GLU B 158 -8.82 15.64 16.40
N ASN B 159 -9.14 16.85 16.83
CA ASN B 159 -10.50 17.39 16.79
C ASN B 159 -10.72 18.35 15.62
N SER B 160 -10.12 18.10 14.46
CA SER B 160 -10.30 18.98 13.33
C SER B 160 -10.53 18.17 12.06
N PHE B 161 -11.21 18.80 11.09
CA PHE B 161 -11.47 18.16 9.80
C PHE B 161 -10.24 18.18 8.91
N VAL B 162 -9.44 19.24 8.97
CA VAL B 162 -8.28 19.36 8.10
C VAL B 162 -7.29 18.24 8.39
N GLY B 163 -6.43 17.96 7.42
CA GLY B 163 -5.56 16.81 7.51
C GLY B 163 -4.18 17.10 8.09
N TRP B 164 -4.00 16.81 9.38
CA TRP B 164 -2.70 16.84 10.00
C TRP B 164 -2.04 15.47 9.91
N GLU B 165 -0.72 15.46 9.77
CA GLU B 165 0.05 14.23 9.63
C GLU B 165 1.26 14.25 10.55
N LEU B 166 1.03 14.58 11.82
CA LEU B 166 2.11 14.63 12.80
C LEU B 166 2.80 13.28 12.91
N GLU B 167 4.13 13.30 12.87
CA GLU B 167 4.94 12.09 12.97
C GLU B 167 6.33 12.50 13.46
N GLU B 168 7.12 11.49 13.85
CA GLU B 168 8.49 11.70 14.32
C GLU B 168 8.50 12.65 15.52
N VAL B 169 7.90 12.16 16.61
CA VAL B 169 7.67 12.95 17.81
C VAL B 169 8.79 12.66 18.81
N LEU B 170 9.96 12.28 18.28
CA LEU B 170 11.11 11.94 19.11
C LEU B 170 11.42 13.05 20.11
N LEU B 171 12.05 12.65 21.21
CA LEU B 171 12.22 13.51 22.40
C LEU B 171 13.70 13.54 22.78
N LEU B 172 14.55 13.82 21.80
CA LEU B 172 15.99 13.81 22.02
C LEU B 172 16.40 14.90 23.01
N ASP B 173 17.26 14.53 23.96
CA ASP B 173 17.74 15.45 24.98
C ASP B 173 19.26 15.37 25.05
N MET B 174 19.89 16.52 25.33
CA MET B 174 21.35 16.63 25.39
C MET B 174 21.86 16.60 26.83
N SER B 175 21.05 16.13 27.78
CA SER B 175 21.48 16.10 29.17
C SER B 175 22.66 15.16 29.37
N LEU B 176 22.65 14.01 28.70
CA LEU B 176 23.69 13.01 28.85
C LEU B 176 24.68 13.10 27.68
N ASP B 177 25.95 13.32 28.01
CA ASP B 177 27.01 13.35 27.02
C ASP B 177 27.57 11.93 26.86
N ASP B 178 28.73 11.80 26.20
CA ASP B 178 29.40 10.52 25.99
C ASP B 178 28.47 9.54 25.27
N GLY B 179 28.17 9.88 24.02
CA GLY B 179 27.16 9.16 23.28
C GLY B 179 26.29 10.03 22.40
N ASP B 180 26.67 11.31 22.23
CA ASP B 180 25.95 12.21 21.35
C ASP B 180 25.85 11.68 19.92
N SER B 181 26.70 10.72 19.56
CA SER B 181 26.53 10.05 18.28
C SER B 181 25.16 9.38 18.19
N LYS B 182 24.67 8.83 19.31
CA LYS B 182 23.32 8.30 19.33
C LYS B 182 22.29 9.39 19.09
N ILE B 183 22.54 10.59 19.61
CA ILE B 183 21.66 11.72 19.33
C ILE B 183 21.64 12.03 17.84
N GLN B 184 22.83 12.01 17.21
CA GLN B 184 22.90 12.26 15.78
C GLN B 184 22.12 11.20 14.99
N ASN B 185 22.30 9.93 15.35
CA ASN B 185 21.59 8.86 14.65
C ASN B 185 20.09 8.98 14.83
N GLN B 186 19.63 9.32 16.05
CA GLN B 186 18.20 9.46 16.30
C GLN B 186 17.63 10.64 15.50
N LEU B 187 18.36 11.76 15.45
CA LEU B 187 17.89 12.89 14.67
C LEU B 187 17.90 12.60 13.17
N LYS B 188 18.79 11.70 12.73
CA LYS B 188 18.87 11.33 11.32
C LYS B 188 17.62 10.61 10.81
N LYS B 189 16.78 10.10 11.71
CA LYS B 189 15.60 9.32 11.32
C LYS B 189 14.37 10.20 11.10
N LEU B 190 14.57 11.48 10.76
CA LEU B 190 13.48 12.42 10.61
C LEU B 190 13.58 13.15 9.28
N GLN B 191 12.44 13.38 8.65
CA GLN B 191 12.36 14.22 7.46
C GLN B 191 10.95 14.77 7.33
N SER B 192 10.81 16.09 7.34
CA SER B 192 9.53 16.76 7.25
C SER B 192 9.71 18.23 6.91
N PRO B 193 8.80 18.82 6.14
CA PRO B 193 8.97 20.23 5.75
C PRO B 193 8.96 21.22 6.90
N ILE B 194 8.44 20.85 8.07
CA ILE B 194 8.43 21.74 9.23
C ILE B 194 8.82 20.94 10.47
N ILE B 195 9.64 21.55 11.32
CA ILE B 195 10.03 20.97 12.60
C ILE B 195 9.70 21.96 13.70
N LEU B 196 9.29 21.45 14.85
CA LEU B 196 9.06 22.24 16.05
C LEU B 196 10.02 21.78 17.14
N LEU B 197 10.58 22.73 17.88
CA LEU B 197 11.53 22.44 18.92
C LEU B 197 11.15 23.19 20.19
N TYR B 198 11.55 22.62 21.34
CA TYR B 198 11.24 23.18 22.66
C TYR B 198 12.46 22.98 23.54
N CYS B 199 13.35 23.98 23.54
CA CYS B 199 14.58 23.94 24.32
C CYS B 199 15.21 25.33 24.40
N THR B 200 15.56 25.76 25.62
CA THR B 200 15.86 27.16 25.87
C THR B 200 17.33 27.47 25.59
N LYS B 201 17.57 28.27 24.55
CA LYS B 201 18.84 28.95 24.33
C LYS B 201 20.02 28.01 24.11
N GLU B 202 20.58 27.48 25.19
CA GLU B 202 21.83 26.71 25.09
C GLU B 202 21.62 25.42 24.29
N GLU B 203 20.60 24.64 24.65
CA GLU B 203 20.31 23.44 23.88
C GLU B 203 19.91 23.77 22.45
N ALA B 204 19.21 24.90 22.25
CA ALA B 204 18.86 25.31 20.90
C ALA B 204 20.12 25.54 20.07
N THR B 205 21.10 26.23 20.65
CA THR B 205 22.37 26.45 19.94
C THR B 205 23.07 25.13 19.67
N TYR B 206 23.05 24.21 20.63
CA TYR B 206 23.70 22.91 20.44
C TYR B 206 23.09 22.15 19.27
N ILE B 207 21.76 22.02 19.24
CA ILE B 207 21.12 21.30 18.15
C ILE B 207 21.28 22.05 16.83
N PHE B 208 21.26 23.39 16.85
CA PHE B 208 21.50 24.12 15.61
C PHE B 208 22.90 23.86 15.08
N GLU B 209 23.91 23.81 15.96
CA GLU B 209 25.26 23.51 15.54
C GLU B 209 25.35 22.11 14.93
N VAL B 210 24.77 21.11 15.60
CA VAL B 210 24.87 19.75 15.07
C VAL B 210 24.08 19.62 13.78
N ALA B 211 22.94 20.30 13.65
CA ALA B 211 22.15 20.25 12.43
C ALA B 211 22.90 20.89 11.27
N ASN B 212 23.53 22.04 11.51
CA ASN B 212 24.34 22.67 10.47
C ASN B 212 25.54 21.81 10.11
N SER B 213 26.09 21.08 11.08
CA SER B 213 27.14 20.12 10.78
C SER B 213 26.63 19.03 9.84
N VAL B 214 25.42 18.52 10.11
CA VAL B 214 24.75 17.67 9.14
C VAL B 214 24.37 18.47 7.90
N GLY B 215 23.76 19.62 8.10
CA GLY B 215 23.47 20.58 7.05
C GLY B 215 22.04 20.54 6.56
N LEU B 216 21.20 21.41 7.10
CA LEU B 216 19.86 21.67 6.56
C LEU B 216 19.47 23.10 6.95
N THR B 217 19.79 24.04 6.06
CA THR B 217 19.42 25.42 6.34
C THR B 217 18.70 26.11 5.19
N GLY B 218 19.17 25.94 3.96
CA GLY B 218 18.60 26.63 2.83
C GLY B 218 17.66 25.78 2.00
N TYR B 219 18.11 24.57 1.65
CA TYR B 219 17.30 23.61 0.93
C TYR B 219 16.55 22.68 1.87
N GLY B 220 16.66 22.89 3.18
CA GLY B 220 16.03 22.03 4.15
C GLY B 220 14.63 22.45 4.52
N TYR B 221 14.39 22.62 5.82
CA TYR B 221 13.04 22.83 6.35
C TYR B 221 13.05 23.98 7.35
N THR B 222 11.99 24.78 7.33
CA THR B 222 11.89 25.92 8.22
C THR B 222 11.65 25.47 9.66
N TRP B 223 12.11 26.28 10.59
CA TRP B 223 11.98 26.03 12.02
C TRP B 223 11.04 27.06 12.65
N ILE B 224 10.27 26.61 13.62
CA ILE B 224 9.37 27.46 14.38
C ILE B 224 9.69 27.28 15.86
N VAL B 225 9.83 28.38 16.59
CA VAL B 225 10.37 28.33 17.94
C VAL B 225 9.45 29.05 18.90
N PRO B 226 9.33 28.62 20.16
CA PRO B 226 8.55 29.35 21.14
C PRO B 226 9.31 30.55 21.69
N SER B 227 8.57 31.39 22.43
CA SER B 227 9.13 32.64 22.94
C SER B 227 10.22 32.43 23.98
N LEU B 228 10.27 31.26 24.60
CA LEU B 228 11.27 31.01 25.65
C LEU B 228 12.68 30.87 25.11
N VAL B 229 12.85 30.81 23.79
CA VAL B 229 14.17 30.55 23.20
C VAL B 229 14.77 31.86 22.72
N ALA B 230 14.14 32.49 21.74
CA ALA B 230 14.62 33.76 21.23
C ALA B 230 14.39 34.87 22.25
N GLY B 231 13.13 35.13 22.59
CA GLY B 231 12.79 36.07 23.63
C GLY B 231 13.31 37.46 23.40
N ASP B 232 14.36 37.83 24.14
CA ASP B 232 14.96 39.15 24.01
C ASP B 232 15.54 39.34 22.61
N THR B 233 15.40 40.55 22.10
CA THR B 233 15.89 40.89 20.76
C THR B 233 17.40 41.20 20.83
N ASP B 234 17.91 41.79 19.76
CA ASP B 234 19.31 42.24 19.67
C ASP B 234 20.28 41.07 19.65
N THR B 235 20.48 40.43 20.82
CA THR B 235 21.46 39.37 20.92
C THR B 235 21.06 38.17 20.06
N VAL B 236 22.07 37.54 19.44
CA VAL B 236 21.87 36.38 18.58
C VAL B 236 23.18 35.61 18.50
N PRO B 237 23.15 34.30 18.70
CA PRO B 237 24.40 33.51 18.68
C PRO B 237 24.94 33.22 17.30
N SER B 238 24.33 33.75 16.25
CA SER B 238 24.73 33.62 14.85
C SER B 238 24.55 32.20 14.31
N GLU B 239 24.10 31.26 15.13
CA GLU B 239 23.81 29.91 14.66
C GLU B 239 22.36 29.73 14.24
N PHE B 240 21.55 30.77 14.33
CA PHE B 240 20.16 30.68 13.92
C PHE B 240 20.08 30.57 12.41
N PRO B 241 19.46 29.52 11.86
CA PRO B 241 19.62 29.23 10.43
C PRO B 241 18.91 30.19 9.48
N THR B 242 19.19 31.49 9.60
CA THR B 242 18.76 32.51 8.66
C THR B 242 17.28 32.36 8.29
N GLY B 243 16.44 32.55 9.30
CA GLY B 243 15.00 32.42 9.13
C GLY B 243 14.38 31.62 10.25
N LEU B 244 13.39 32.21 10.92
CA LEU B 244 12.83 31.62 12.13
C LEU B 244 11.51 32.29 12.43
N ILE B 245 10.54 31.51 12.89
CA ILE B 245 9.28 32.05 13.40
C ILE B 245 9.33 31.94 14.92
N SER B 246 9.19 33.09 15.58
CA SER B 246 9.56 33.24 17.00
C SER B 246 8.47 33.97 17.76
N VAL B 247 7.23 33.50 17.64
CA VAL B 247 6.07 34.10 18.30
C VAL B 247 6.41 34.44 19.76
N SER B 248 6.20 35.71 20.12
CA SER B 248 6.67 36.21 21.41
C SER B 248 5.95 37.51 21.73
N TYR B 249 6.02 37.90 23.00
CA TYR B 249 5.42 39.15 23.43
C TYR B 249 6.17 40.33 22.82
N ASP B 250 5.41 41.36 22.43
CA ASP B 250 6.02 42.54 21.83
C ASP B 250 6.79 43.35 22.86
N GLU B 251 7.87 43.97 22.41
CA GLU B 251 8.72 44.78 23.28
C GLU B 251 8.84 46.23 22.82
N TRP B 252 8.99 46.47 21.52
CA TRP B 252 9.17 47.81 20.98
C TRP B 252 7.86 48.53 20.74
N ASP B 253 6.71 47.88 20.95
CA ASP B 253 5.41 48.52 20.80
C ASP B 253 4.69 48.70 22.12
N TYR B 254 5.06 47.97 23.17
CA TYR B 254 4.47 48.10 24.49
C TYR B 254 5.52 48.67 25.44
N GLY B 255 5.17 49.77 26.10
CA GLY B 255 6.13 50.48 26.92
C GLY B 255 6.10 50.04 28.38
N LEU B 256 7.28 50.00 28.99
CA LEU B 256 7.37 49.70 30.42
C LEU B 256 6.56 50.66 31.29
N PRO B 257 6.56 51.98 31.05
CA PRO B 257 5.69 52.84 31.87
C PRO B 257 4.22 52.45 31.78
N ALA B 258 3.75 52.05 30.60
CA ALA B 258 2.38 51.58 30.47
C ALA B 258 2.15 50.32 31.30
N ARG B 259 3.10 49.38 31.26
CA ARG B 259 2.94 48.16 32.05
C ARG B 259 2.86 48.48 33.53
N VAL B 260 3.71 49.39 34.01
CA VAL B 260 3.65 49.82 35.40
C VAL B 260 2.30 50.47 35.70
N ARG B 261 1.81 51.30 34.78
CA ARG B 261 0.55 52.00 34.97
C ARG B 261 -0.60 51.01 35.16
N ASP B 262 -0.72 50.04 34.26
CA ASP B 262 -1.81 49.07 34.39
C ASP B 262 -1.60 48.12 35.56
N GLY B 263 -0.36 47.80 35.94
CA GLY B 263 -0.17 47.02 37.15
C GLY B 263 -0.64 47.75 38.40
N ILE B 264 -0.27 49.02 38.52
CA ILE B 264 -0.72 49.84 39.64
C ILE B 264 -2.24 49.96 39.62
N ALA B 265 -2.82 50.17 38.43
CA ALA B 265 -4.27 50.28 38.33
C ALA B 265 -4.95 48.99 38.76
N ILE B 266 -4.42 47.84 38.36
CA ILE B 266 -4.99 46.55 38.76
C ILE B 266 -4.97 46.41 40.27
N ILE B 267 -3.81 46.69 40.88
CA ILE B 267 -3.68 46.52 42.33
C ILE B 267 -4.65 47.46 43.07
N THR B 268 -4.67 48.74 42.66
CA THR B 268 -5.52 49.70 43.33
C THR B 268 -7.00 49.38 43.16
N THR B 269 -7.40 48.97 41.95
CA THR B 269 -8.79 48.62 41.72
C THR B 269 -9.21 47.39 42.52
N ALA B 270 -8.33 46.38 42.61
CA ALA B 270 -8.65 45.22 43.42
C ALA B 270 -8.80 45.60 44.89
N ALA B 271 -7.89 46.43 45.40
CA ALA B 271 -7.98 46.87 46.79
C ALA B 271 -9.26 47.64 47.05
N SER B 272 -9.61 48.55 46.13
CA SER B 272 -10.82 49.35 46.29
C SER B 272 -12.08 48.48 46.24
N ASP B 273 -12.11 47.52 45.33
CA ASP B 273 -13.27 46.62 45.25
C ASP B 273 -13.41 45.79 46.51
N MET B 274 -12.29 45.28 47.03
CA MET B 274 -12.34 44.51 48.27
C MET B 274 -12.82 45.37 49.42
N LEU B 275 -12.32 46.60 49.52
CA LEU B 275 -12.73 47.49 50.60
C LEU B 275 -14.22 47.84 50.49
N SER B 276 -14.70 48.08 49.27
CA SER B 276 -16.12 48.40 49.10
C SER B 276 -17.00 47.19 49.37
N GLU B 277 -16.50 45.99 49.13
CA GLU B 277 -17.30 44.78 49.31
C GLU B 277 -17.23 44.23 50.73
N HIS B 278 -16.12 44.44 51.44
CA HIS B 278 -15.96 43.81 52.75
C HIS B 278 -15.55 44.79 53.84
N SER B 279 -14.84 45.86 53.45
CA SER B 279 -14.34 46.86 54.40
C SER B 279 -13.48 46.20 55.48
N PHE B 280 -12.57 45.34 55.03
CA PHE B 280 -11.72 44.53 55.90
C PHE B 280 -10.27 44.61 55.46
N ILE B 281 -9.76 45.82 55.28
CA ILE B 281 -8.40 46.06 54.78
C ILE B 281 -7.39 45.34 55.67
N PRO B 282 -6.58 44.44 55.12
CA PRO B 282 -5.63 43.70 55.95
C PRO B 282 -4.50 44.57 56.46
N GLU B 283 -3.95 44.17 57.60
CA GLU B 283 -2.81 44.85 58.19
C GLU B 283 -1.53 44.47 57.45
N PRO B 284 -0.52 45.35 57.45
CA PRO B 284 0.74 45.02 56.80
C PRO B 284 1.51 43.94 57.55
N LYS B 285 2.55 43.44 56.89
CA LYS B 285 3.37 42.38 57.48
C LYS B 285 4.10 42.90 58.72
N SER B 286 4.41 41.98 59.63
CA SER B 286 5.01 42.37 60.90
C SER B 286 6.44 42.88 60.71
N SER B 287 7.33 42.04 60.21
CA SER B 287 8.74 42.40 60.10
C SER B 287 9.42 41.50 59.08
N CYS B 288 10.65 41.84 58.74
CA CYS B 288 11.44 41.06 57.79
C CYS B 288 11.86 39.73 58.40
N TYR B 289 12.65 39.77 59.46
CA TYR B 289 13.16 38.58 60.13
C TYR B 289 12.57 38.48 61.53
N ASN B 290 13.01 37.47 62.27
CA ASN B 290 12.53 37.20 63.62
C ASN B 290 11.02 37.02 63.66
N THR B 291 10.45 36.49 62.58
CA THR B 291 9.02 36.28 62.44
C THR B 291 8.77 34.78 62.51
N HIS B 292 8.61 34.27 63.73
CA HIS B 292 8.37 32.83 63.92
C HIS B 292 6.96 32.47 63.46
N GLU B 293 5.95 33.05 64.10
CA GLU B 293 4.55 32.82 63.70
C GLU B 293 3.77 34.10 64.01
N LYS B 294 3.63 34.95 63.00
CA LYS B 294 2.90 36.20 63.13
C LYS B 294 1.69 36.26 62.20
N ARG B 295 1.22 35.10 61.72
CA ARG B 295 0.08 35.05 60.82
C ARG B 295 -1.19 35.31 61.63
N ILE B 296 -1.69 36.55 61.57
CA ILE B 296 -2.90 36.89 62.31
C ILE B 296 -4.10 36.11 61.76
N TYR B 297 -4.23 36.04 60.44
CA TYR B 297 -5.33 35.31 59.83
C TYR B 297 -4.94 34.94 58.40
N GLN B 298 -5.65 33.96 57.85
CA GLN B 298 -5.43 33.51 56.47
C GLN B 298 -6.29 34.37 55.53
N SER B 299 -5.92 35.64 55.43
CA SER B 299 -6.64 36.60 54.60
C SER B 299 -6.17 36.48 53.16
N ASN B 300 -6.58 35.38 52.53
CA ASN B 300 -6.25 35.09 51.14
C ASN B 300 -7.39 35.39 50.19
N MET B 301 -8.43 36.10 50.66
CA MET B 301 -9.58 36.43 49.82
C MET B 301 -9.25 37.40 48.70
N LEU B 302 -8.06 38.03 48.74
CA LEU B 302 -7.68 38.96 47.68
C LEU B 302 -7.60 38.26 46.33
N ASN B 303 -7.26 36.97 46.32
CA ASN B 303 -7.15 36.24 45.05
C ASN B 303 -8.51 36.16 44.35
N ARG B 304 -9.59 36.04 45.12
CA ARG B 304 -10.92 36.00 44.53
C ARG B 304 -11.37 37.34 43.98
N TYR B 305 -10.65 38.43 44.29
CA TYR B 305 -10.99 39.75 43.80
C TYR B 305 -9.95 40.31 42.84
N LEU B 306 -8.77 39.73 42.76
CA LEU B 306 -7.70 40.25 41.92
C LEU B 306 -7.66 39.63 40.53
N ILE B 307 -8.29 38.46 40.34
CA ILE B 307 -8.25 37.76 39.06
C ILE B 307 -9.37 38.27 38.15
N ASN B 308 -10.05 39.33 38.57
CA ASN B 308 -11.12 39.93 37.77
C ASN B 308 -11.01 41.45 37.93
N VAL B 309 -10.34 42.10 36.97
CA VAL B 309 -10.14 43.54 36.99
C VAL B 309 -10.69 44.12 35.69
N THR B 310 -11.50 45.18 35.82
CA THR B 310 -12.04 45.91 34.68
C THR B 310 -11.66 47.38 34.85
N PHE B 311 -10.64 47.82 34.12
CA PHE B 311 -10.13 49.17 34.22
C PHE B 311 -10.08 49.80 32.83
N GLU B 312 -10.71 50.98 32.70
CA GLU B 312 -10.70 51.76 31.46
C GLU B 312 -11.18 50.94 30.27
N GLY B 313 -12.14 50.05 30.51
CA GLY B 313 -12.64 49.17 29.46
C GLY B 313 -11.58 48.25 28.90
N ARG B 314 -10.65 47.79 29.73
CA ARG B 314 -9.58 46.88 29.32
C ARG B 314 -9.71 45.59 30.11
N ASP B 315 -9.65 44.46 29.40
CA ASP B 315 -9.78 43.16 30.04
C ASP B 315 -8.42 42.71 30.55
N LEU B 316 -8.32 42.48 31.86
CA LEU B 316 -7.10 42.00 32.51
C LEU B 316 -7.54 41.00 33.58
N SER B 317 -7.60 39.72 33.20
CA SER B 317 -8.10 38.67 34.09
C SER B 317 -7.10 37.52 34.06
N PHE B 318 -6.33 37.38 35.15
CA PHE B 318 -5.39 36.29 35.27
C PHE B 318 -6.12 34.97 35.53
N SER B 319 -5.37 33.87 35.46
CA SER B 319 -5.91 32.54 35.63
C SER B 319 -5.47 31.96 36.97
N GLU B 320 -5.85 30.70 37.21
CA GLU B 320 -5.54 30.05 38.48
C GLU B 320 -4.04 29.84 38.66
N GLU B 321 -3.34 29.41 37.61
CA GLU B 321 -1.90 29.21 37.67
C GLU B 321 -1.12 30.48 37.40
N GLY B 322 -1.78 31.52 36.90
CA GLY B 322 -1.15 32.79 36.58
C GLY B 322 -0.89 32.92 35.10
N TYR B 323 -1.82 33.56 34.42
CA TYR B 323 -1.85 33.66 32.96
C TYR B 323 -2.24 35.10 32.63
N GLN B 324 -2.60 35.36 31.38
CA GLN B 324 -3.12 36.67 31.01
C GLN B 324 -4.50 36.54 30.38
N MET B 325 -4.74 35.44 29.66
CA MET B 325 -6.00 35.07 29.02
C MET B 325 -6.39 36.00 27.88
N HIS B 326 -5.67 37.10 27.66
CA HIS B 326 -5.92 37.99 26.54
C HIS B 326 -4.65 38.77 26.18
N PRO B 327 -3.57 38.10 25.79
CA PRO B 327 -2.32 38.80 25.49
C PRO B 327 -2.35 39.35 24.07
N LYS B 328 -1.23 39.96 23.67
CA LYS B 328 -1.08 40.61 22.38
C LYS B 328 0.19 40.11 21.69
N LEU B 329 0.34 38.78 21.63
CA LEU B 329 1.52 38.19 21.03
C LEU B 329 1.71 38.64 19.60
N VAL B 330 2.96 38.92 19.22
CA VAL B 330 3.32 39.26 17.86
C VAL B 330 4.27 38.19 17.34
N ILE B 331 4.32 38.06 16.02
CA ILE B 331 5.16 37.07 15.35
C ILE B 331 6.32 37.79 14.69
N ILE B 332 7.54 37.32 14.95
CA ILE B 332 8.74 37.96 14.45
C ILE B 332 9.54 36.96 13.64
N LEU B 333 10.21 37.46 12.61
CA LEU B 333 10.96 36.63 11.68
C LEU B 333 12.38 37.19 11.53
N LEU B 334 13.35 36.29 11.40
CA LEU B 334 14.75 36.65 11.22
C LEU B 334 15.08 36.62 9.74
N ASN B 335 15.53 37.75 9.20
CA ASN B 335 15.89 37.83 7.80
C ASN B 335 17.35 37.41 7.61
N LYS B 336 17.90 37.64 6.42
CA LYS B 336 19.29 37.27 6.15
C LYS B 336 20.28 38.08 6.97
N GLU B 337 19.90 39.26 7.45
CA GLU B 337 20.71 40.04 8.37
C GLU B 337 20.17 39.82 9.78
N ARG B 338 21.08 39.64 10.74
CA ARG B 338 20.66 39.19 12.07
C ARG B 338 19.95 40.29 12.85
N LYS B 339 18.62 40.33 12.72
CA LYS B 339 17.75 41.21 13.48
C LYS B 339 16.31 40.77 13.23
N TRP B 340 15.44 41.05 14.19
CA TRP B 340 14.07 40.55 14.13
C TRP B 340 13.14 41.60 13.51
N GLU B 341 12.19 41.13 12.71
CA GLU B 341 11.25 42.01 12.02
C GLU B 341 9.82 41.54 12.25
N ARG B 342 8.89 42.49 12.27
CA ARG B 342 7.49 42.20 12.47
C ARG B 342 6.85 41.70 11.18
N VAL B 343 6.04 40.65 11.29
CA VAL B 343 5.38 40.07 10.12
C VAL B 343 3.89 39.90 10.36
N GLY B 344 3.46 40.05 11.61
CA GLY B 344 2.05 39.82 11.91
C GLY B 344 1.69 40.26 13.31
N LYS B 345 0.50 39.84 13.73
CA LYS B 345 -0.06 40.20 15.03
C LYS B 345 -1.19 39.24 15.35
N TRP B 346 -1.24 38.80 16.60
CA TRP B 346 -2.23 37.83 17.06
C TRP B 346 -3.19 38.52 18.03
N LYS B 347 -4.48 38.32 17.83
CA LYS B 347 -5.49 38.96 18.67
C LYS B 347 -6.76 38.11 18.63
N ASP B 348 -7.05 37.43 19.74
CA ASP B 348 -8.25 36.61 19.93
C ASP B 348 -8.58 35.79 18.67
N LYS B 349 -7.64 34.92 18.31
CA LYS B 349 -7.75 33.98 17.21
C LYS B 349 -7.88 34.65 15.85
N SER B 350 -7.65 35.97 15.77
CA SER B 350 -7.66 36.69 14.50
C SER B 350 -6.20 36.95 14.11
N LEU B 351 -5.61 35.95 13.45
CA LEU B 351 -4.20 36.02 13.06
C LEU B 351 -4.07 36.92 11.84
N GLN B 352 -4.05 38.22 12.10
CA GLN B 352 -3.81 39.19 11.04
C GLN B 352 -2.33 39.18 10.68
N MET B 353 -2.04 39.06 9.38
CA MET B 353 -0.67 38.96 8.89
C MET B 353 -0.46 39.94 7.75
N LYS B 354 0.79 40.38 7.59
CA LYS B 354 1.17 41.30 6.53
C LYS B 354 1.68 40.59 5.28
N TYR B 355 2.47 39.52 5.44
CA TYR B 355 2.96 38.75 4.31
C TYR B 355 1.85 37.81 3.85
N TYR B 356 1.30 38.06 2.65
CA TYR B 356 0.20 37.24 2.17
C TYR B 356 0.68 35.85 1.78
N VAL B 357 1.77 35.78 1.02
CA VAL B 357 2.32 34.51 0.55
C VAL B 357 3.78 34.44 0.97
N TRP B 358 4.21 33.25 1.35
CA TRP B 358 5.56 33.08 1.91
C TRP B 358 6.61 33.38 0.86
N PRO B 359 7.51 34.35 1.10
CA PRO B 359 8.54 34.67 0.11
C PRO B 359 9.76 33.76 0.22
N ARG B 360 9.71 32.60 -0.44
CA ARG B 360 10.85 31.69 -0.48
C ARG B 360 12.12 32.42 -0.90
N MET B 361 13.10 32.44 -0.01
CA MET B 361 14.39 33.09 -0.28
C MET B 361 15.04 32.54 -1.55
N ASP B 370 15.04 25.17 -10.59
CA ASP B 370 13.99 25.41 -9.62
C ASP B 370 12.83 24.44 -9.82
N ASP B 371 12.32 23.91 -8.72
CA ASP B 371 11.21 22.96 -8.74
C ASP B 371 9.97 23.54 -8.07
N HIS B 372 9.77 24.85 -8.21
CA HIS B 372 8.60 25.55 -7.69
C HIS B 372 7.97 26.31 -8.85
N LEU B 373 6.98 25.71 -9.48
CA LEU B 373 6.36 26.26 -10.68
C LEU B 373 4.85 26.44 -10.46
N SER B 374 4.29 27.50 -11.05
CA SER B 374 2.86 27.74 -10.97
C SER B 374 2.10 26.77 -11.86
N ILE B 375 0.81 26.65 -11.61
CA ILE B 375 -0.06 25.79 -12.40
C ILE B 375 -1.43 26.46 -12.56
N VAL B 376 -1.73 26.95 -13.77
CA VAL B 376 -3.03 27.56 -14.01
C VAL B 376 -4.10 26.48 -14.16
N THR B 377 -5.36 26.88 -13.97
CA THR B 377 -6.49 25.95 -14.05
C THR B 377 -7.77 26.74 -14.28
N LEU B 378 -8.83 26.03 -14.65
CA LEU B 378 -10.17 26.60 -14.79
C LEU B 378 -11.17 25.64 -14.18
N GLU B 379 -12.31 26.18 -13.75
CA GLU B 379 -13.34 25.42 -13.04
C GLU B 379 -14.52 25.16 -13.98
N GLU B 380 -14.67 23.91 -14.39
CA GLU B 380 -15.78 23.48 -15.25
C GLU B 380 -15.78 21.96 -15.31
N ALA B 381 -16.99 21.37 -15.34
CA ALA B 381 -17.18 19.94 -15.54
C ALA B 381 -16.71 19.16 -14.32
N PRO B 382 -16.96 17.83 -14.23
CA PRO B 382 -16.44 17.04 -13.10
C PRO B 382 -14.95 16.74 -13.21
N PHE B 383 -14.17 17.77 -13.51
CA PHE B 383 -12.72 17.70 -13.53
C PHE B 383 -12.08 18.62 -12.51
N VAL B 384 -12.57 19.85 -12.39
CA VAL B 384 -12.08 20.81 -11.42
C VAL B 384 -13.31 21.48 -10.80
N ILE B 385 -13.59 21.15 -9.55
CA ILE B 385 -14.76 21.67 -8.83
C ILE B 385 -14.27 22.64 -7.78
N VAL B 386 -14.74 23.88 -7.84
CA VAL B 386 -14.37 24.91 -6.88
C VAL B 386 -15.38 24.93 -5.75
N GLU B 387 -14.89 24.91 -4.51
CA GLU B 387 -15.73 24.90 -3.33
C GLU B 387 -15.48 26.17 -2.50
N SER B 388 -16.08 26.21 -1.32
CA SER B 388 -15.93 27.32 -0.40
C SER B 388 -15.21 26.85 0.85
N VAL B 389 -14.28 27.68 1.33
CA VAL B 389 -13.49 27.30 2.50
C VAL B 389 -14.41 27.24 3.73
N ASP B 390 -14.07 26.34 4.65
CA ASP B 390 -14.86 26.16 5.87
C ASP B 390 -14.87 27.45 6.67
N PRO B 391 -16.04 28.00 6.99
CA PRO B 391 -16.08 29.28 7.72
C PRO B 391 -15.60 29.17 9.16
N LEU B 392 -15.54 27.97 9.74
CA LEU B 392 -15.19 27.84 11.15
C LEU B 392 -13.69 27.94 11.37
N SER B 393 -12.92 27.03 10.76
CA SER B 393 -11.48 26.98 11.01
C SER B 393 -10.77 28.13 10.32
N GLY B 394 -10.86 28.19 9.00
CA GLY B 394 -10.14 29.19 8.22
C GLY B 394 -9.54 28.59 6.97
N THR B 395 -9.24 27.29 7.03
CA THR B 395 -8.82 26.51 5.87
C THR B 395 -9.76 25.32 5.72
N CYS B 396 -9.83 24.80 4.50
CA CYS B 396 -10.84 23.80 4.16
C CYS B 396 -10.26 22.39 4.31
N MET B 397 -11.09 21.42 3.97
CA MET B 397 -10.92 20.04 4.41
C MET B 397 -9.76 19.37 3.69
N ARG B 398 -9.58 18.08 3.96
CA ARG B 398 -8.53 17.27 3.36
C ARG B 398 -8.98 16.74 2.00
N ASN B 399 -8.06 16.03 1.33
CA ASN B 399 -8.27 15.54 -0.03
C ASN B 399 -8.65 16.68 -0.97
N THR B 400 -7.97 17.81 -0.82
CA THR B 400 -8.26 19.01 -1.59
C THR B 400 -6.99 19.85 -1.64
N VAL B 401 -6.88 20.70 -2.66
CA VAL B 401 -5.72 21.57 -2.79
C VAL B 401 -6.19 23.02 -2.78
N PRO B 402 -5.43 23.94 -2.18
CA PRO B 402 -5.86 25.34 -2.02
C PRO B 402 -5.60 26.25 -3.24
N CYS B 403 -6.52 26.20 -4.20
CA CYS B 403 -6.45 27.10 -5.34
C CYS B 403 -6.83 28.51 -4.91
N GLU B 404 -6.01 29.49 -5.28
CA GLU B 404 -6.16 30.88 -4.85
C GLU B 404 -6.72 31.71 -6.00
N LYS B 405 -8.03 31.78 -6.09
CA LYS B 405 -8.69 32.54 -7.15
C LYS B 405 -8.47 34.03 -6.95
N ARG B 406 -8.09 34.72 -8.03
CA ARG B 406 -7.94 36.16 -8.02
C ARG B 406 -9.29 36.85 -8.14
N ILE B 407 -9.37 38.08 -7.62
CA ILE B 407 -10.54 38.93 -7.77
C ILE B 407 -10.10 40.29 -8.30
N ILE B 408 -10.89 40.84 -9.21
CA ILE B 408 -10.64 42.15 -9.78
C ILE B 408 -11.88 43.02 -9.63
N SER B 409 -12.65 42.76 -8.58
CA SER B 409 -13.94 43.44 -8.40
C SER B 409 -13.78 44.95 -8.30
N GLU B 410 -12.67 45.43 -7.75
CA GLU B 410 -12.44 46.86 -7.62
C GLU B 410 -12.24 47.47 -9.00
N ASN B 411 -13.27 48.18 -9.48
CA ASN B 411 -13.21 48.79 -10.82
C ASN B 411 -12.81 50.26 -10.77
N LYS B 412 -13.30 51.01 -9.78
CA LYS B 412 -12.96 52.42 -9.67
C LYS B 412 -11.47 52.62 -9.43
N THR B 413 -10.87 51.79 -8.59
CA THR B 413 -9.46 51.87 -8.27
C THR B 413 -8.82 50.49 -8.39
N ASP B 414 -7.55 50.49 -8.79
CA ASP B 414 -6.77 49.25 -8.90
C ASP B 414 -6.31 48.86 -7.49
N GLU B 415 -7.24 48.28 -6.74
CA GLU B 415 -6.96 47.92 -5.35
C GLU B 415 -6.01 46.73 -5.29
N GLU B 416 -5.51 46.46 -4.08
CA GLU B 416 -4.63 45.33 -3.88
C GLU B 416 -5.37 44.02 -4.18
N PRO B 417 -4.72 43.07 -4.84
CA PRO B 417 -5.42 41.82 -5.20
C PRO B 417 -5.85 41.02 -3.99
N GLY B 418 -7.15 40.94 -3.76
CA GLY B 418 -7.71 40.21 -2.64
C GLY B 418 -7.90 38.73 -2.91
N TYR B 419 -6.82 37.96 -2.87
CA TYR B 419 -6.87 36.55 -3.24
C TYR B 419 -7.75 35.80 -2.25
N ILE B 420 -8.96 35.47 -2.66
CA ILE B 420 -9.85 34.67 -1.82
C ILE B 420 -9.43 33.22 -1.93
N LYS B 421 -9.16 32.58 -0.80
CA LYS B 421 -8.62 31.22 -0.79
C LYS B 421 -9.77 30.23 -0.86
N LYS B 422 -10.07 29.75 -2.05
CA LYS B 422 -10.99 28.64 -2.23
C LYS B 422 -10.17 27.35 -2.23
N CYS B 423 -10.79 26.23 -2.59
CA CYS B 423 -10.03 25.00 -2.77
C CYS B 423 -10.74 24.09 -3.77
N CYS B 424 -9.96 23.59 -4.73
CA CYS B 424 -10.45 22.83 -5.86
C CYS B 424 -10.22 21.34 -5.66
N LYS B 425 -11.21 20.54 -6.09
CA LYS B 425 -11.08 19.09 -6.07
C LYS B 425 -11.73 18.54 -7.33
N GLY B 426 -11.32 17.35 -7.71
CA GLY B 426 -11.87 16.71 -8.90
C GLY B 426 -10.88 15.73 -9.49
N PHE B 427 -11.30 15.13 -10.61
CA PHE B 427 -10.48 14.12 -11.27
C PHE B 427 -9.21 14.72 -11.85
N CYS B 428 -9.26 15.98 -12.30
CA CYS B 428 -8.08 16.62 -12.88
C CYS B 428 -7.01 16.90 -11.85
N ILE B 429 -7.37 17.00 -10.57
CA ILE B 429 -6.43 17.45 -9.56
C ILE B 429 -5.64 16.29 -8.95
N ASP B 430 -6.29 15.17 -8.64
CA ASP B 430 -5.59 14.08 -7.99
C ASP B 430 -4.58 13.41 -8.92
N ILE B 431 -4.82 13.46 -10.24
CA ILE B 431 -3.80 12.98 -11.18
C ILE B 431 -2.54 13.85 -11.06
N LEU B 432 -2.74 15.16 -10.89
CA LEU B 432 -1.62 16.08 -10.66
C LEU B 432 -0.93 15.77 -9.34
N LYS B 433 -1.71 15.46 -8.31
CA LYS B 433 -1.13 15.11 -7.02
C LYS B 433 -0.26 13.86 -7.11
N LYS B 434 -0.75 12.84 -7.80
CA LYS B 434 0.03 11.61 -7.97
C LYS B 434 1.29 11.87 -8.78
N ILE B 435 1.18 12.66 -9.86
CA ILE B 435 2.37 12.97 -10.66
C ILE B 435 3.39 13.73 -9.83
N SER B 436 2.94 14.69 -9.03
CA SER B 436 3.86 15.48 -8.20
C SER B 436 4.54 14.61 -7.15
N LYS B 437 3.79 13.71 -6.53
CA LYS B 437 4.42 12.81 -5.56
C LYS B 437 5.32 11.78 -6.23
N SER B 438 5.14 11.55 -7.53
CA SER B 438 6.03 10.63 -8.24
C SER B 438 7.33 11.29 -8.68
N VAL B 439 7.28 12.54 -9.15
CA VAL B 439 8.46 13.21 -9.68
C VAL B 439 9.00 14.28 -8.75
N LYS B 440 8.41 14.46 -7.57
CA LYS B 440 8.98 15.26 -6.48
C LYS B 440 9.23 16.71 -6.91
N PHE B 441 8.13 17.40 -7.22
CA PHE B 441 8.17 18.83 -7.44
C PHE B 441 6.94 19.46 -6.82
N THR B 442 7.03 20.76 -6.53
CA THR B 442 5.99 21.48 -5.82
C THR B 442 5.17 22.32 -6.80
N TYR B 443 4.01 22.78 -6.33
CA TYR B 443 3.07 23.50 -7.18
C TYR B 443 2.18 24.37 -6.31
N ASP B 444 1.49 25.31 -6.96
CA ASP B 444 0.54 26.18 -6.27
C ASP B 444 -0.48 26.66 -7.31
N LEU B 445 -1.68 26.07 -7.28
CA LEU B 445 -2.69 26.37 -8.28
C LEU B 445 -3.04 27.85 -8.26
N TYR B 446 -3.54 28.33 -9.40
CA TYR B 446 -3.84 29.76 -9.58
C TYR B 446 -4.91 29.87 -10.66
N LEU B 447 -6.14 30.11 -10.23
CA LEU B 447 -7.27 30.14 -11.16
C LEU B 447 -7.14 31.32 -12.13
N VAL B 448 -7.67 31.12 -13.33
CA VAL B 448 -7.56 32.14 -14.37
C VAL B 448 -8.55 33.28 -14.09
N THR B 449 -8.27 34.45 -14.65
CA THR B 449 -9.04 35.66 -14.39
C THR B 449 -10.06 35.95 -15.48
N ASN B 450 -9.62 36.07 -16.73
CA ASN B 450 -10.46 36.49 -17.83
C ASN B 450 -10.49 35.43 -18.92
N GLY B 451 -11.64 35.29 -19.56
CA GLY B 451 -11.78 34.40 -20.70
C GLY B 451 -12.16 32.99 -20.33
N LYS B 452 -11.83 32.08 -21.24
CA LYS B 452 -12.19 30.67 -21.16
C LYS B 452 -11.00 29.88 -21.65
N HIS B 453 -11.23 28.61 -22.02
CA HIS B 453 -10.14 27.72 -22.43
C HIS B 453 -9.22 28.33 -23.49
N GLY B 454 -9.66 29.41 -24.15
CA GLY B 454 -8.75 30.18 -24.97
C GLY B 454 -8.92 30.06 -26.47
N LYS B 455 -9.22 31.18 -27.13
CA LYS B 455 -9.28 31.25 -28.58
C LYS B 455 -8.51 32.48 -29.06
N LYS B 456 -7.93 32.36 -30.24
CA LYS B 456 -7.16 33.47 -30.79
C LYS B 456 -8.08 34.62 -31.17
N ILE B 457 -7.71 35.84 -30.79
CA ILE B 457 -8.48 37.04 -31.07
C ILE B 457 -7.51 38.08 -31.59
N ASN B 458 -7.45 38.23 -32.93
CA ASN B 458 -6.57 39.21 -33.57
C ASN B 458 -5.12 39.03 -33.16
N GLY B 459 -4.64 37.80 -33.24
CA GLY B 459 -3.26 37.49 -32.89
C GLY B 459 -2.91 37.68 -31.43
N THR B 460 -3.79 37.26 -30.53
CA THR B 460 -3.55 37.37 -29.10
C THR B 460 -4.42 36.35 -28.39
N TRP B 461 -3.79 35.41 -27.68
CA TRP B 461 -4.54 34.34 -27.04
C TRP B 461 -5.18 34.81 -25.73
N ASN B 462 -5.85 33.89 -25.05
CA ASN B 462 -6.55 34.19 -23.81
C ASN B 462 -6.58 32.92 -22.96
N GLY B 463 -7.05 33.09 -21.72
CA GLY B 463 -7.25 31.94 -20.85
C GLY B 463 -5.96 31.20 -20.56
N MET B 464 -6.08 29.86 -20.46
CA MET B 464 -4.91 29.04 -20.16
C MET B 464 -3.81 29.23 -21.19
N ILE B 465 -4.17 29.17 -22.48
CA ILE B 465 -3.16 29.34 -23.52
C ILE B 465 -2.63 30.76 -23.54
N GLY B 466 -3.51 31.74 -23.32
CA GLY B 466 -3.06 33.12 -23.26
C GLY B 466 -2.08 33.38 -22.13
N GLU B 467 -2.16 32.58 -21.07
CA GLU B 467 -1.18 32.72 -19.99
C GLU B 467 0.10 31.95 -20.31
N VAL B 468 -0.02 30.68 -20.67
CA VAL B 468 1.16 29.85 -20.93
C VAL B 468 2.02 30.42 -22.04
N VAL B 469 1.40 31.14 -22.99
CA VAL B 469 2.16 31.75 -24.08
C VAL B 469 3.14 32.79 -23.53
N MET B 470 2.68 33.61 -22.60
CA MET B 470 3.46 34.71 -22.05
C MET B 470 4.08 34.35 -20.69
N LYS B 471 4.58 33.12 -20.56
CA LYS B 471 5.20 32.63 -19.33
C LYS B 471 4.23 32.74 -18.16
N ARG B 472 4.77 32.79 -16.94
CA ARG B 472 4.01 33.01 -15.72
C ARG B 472 3.18 31.78 -15.35
N ALA B 473 3.07 30.81 -16.26
CA ALA B 473 2.26 29.62 -16.00
C ALA B 473 3.08 28.35 -15.91
N TYR B 474 3.85 28.02 -16.94
CA TYR B 474 4.67 26.79 -17.01
C TYR B 474 3.85 25.51 -16.87
N MET B 475 2.53 25.60 -16.89
CA MET B 475 1.65 24.43 -16.98
C MET B 475 0.22 24.94 -17.15
N ALA B 476 -0.62 24.10 -17.75
CA ALA B 476 -2.00 24.44 -18.02
C ALA B 476 -2.92 23.26 -17.76
N VAL B 477 -2.71 22.56 -16.65
CA VAL B 477 -3.53 21.39 -16.33
C VAL B 477 -5.00 21.81 -16.30
N GLY B 478 -5.87 20.90 -16.67
CA GLY B 478 -7.28 21.22 -16.74
C GLY B 478 -7.95 20.35 -17.80
N SER B 479 -8.80 21.00 -18.61
CA SER B 479 -9.61 20.32 -19.60
C SER B 479 -9.30 20.81 -21.01
N LEU B 480 -8.02 20.97 -21.32
CA LEU B 480 -7.62 21.37 -22.66
C LEU B 480 -7.81 20.23 -23.64
N THR B 481 -8.00 20.57 -24.91
CA THR B 481 -8.19 19.61 -25.97
C THR B 481 -7.08 19.76 -27.00
N ILE B 482 -6.48 18.64 -27.41
CA ILE B 482 -5.44 18.67 -28.42
C ILE B 482 -6.02 19.12 -29.75
N ASN B 483 -5.31 20.00 -30.44
CA ASN B 483 -5.79 20.60 -31.66
C ASN B 483 -4.60 21.00 -32.51
N GLU B 484 -4.69 20.81 -33.83
CA GLU B 484 -3.58 21.19 -34.69
C GLU B 484 -3.65 22.64 -35.13
N GLU B 485 -3.96 23.51 -34.19
CA GLU B 485 -3.64 24.94 -34.26
C GLU B 485 -3.19 25.49 -32.92
N ARG B 486 -3.59 24.87 -31.81
CA ARG B 486 -3.15 25.21 -30.46
C ARG B 486 -1.82 24.57 -30.11
N SER B 487 -1.39 23.57 -30.87
CA SER B 487 -0.12 22.89 -30.64
C SER B 487 1.04 23.55 -31.36
N GLU B 488 0.86 24.81 -31.80
CA GLU B 488 1.94 25.57 -32.41
C GLU B 488 2.61 26.52 -31.42
N VAL B 489 1.92 26.91 -30.36
CA VAL B 489 2.48 27.81 -29.36
C VAL B 489 2.81 27.09 -28.06
N VAL B 490 2.26 25.90 -27.82
CA VAL B 490 2.60 25.08 -26.68
C VAL B 490 2.87 23.67 -27.18
N ASP B 491 3.18 22.76 -26.26
CA ASP B 491 3.30 21.35 -26.59
C ASP B 491 2.62 20.54 -25.50
N PHE B 492 2.03 19.42 -25.89
CA PHE B 492 1.18 18.64 -25.01
C PHE B 492 1.91 17.36 -24.58
N SER B 493 1.20 16.54 -23.83
CA SER B 493 1.71 15.27 -23.35
C SER B 493 0.84 14.14 -23.89
N VAL B 494 1.10 12.93 -23.41
CA VAL B 494 0.31 11.77 -23.85
C VAL B 494 -1.13 11.93 -23.37
N PRO B 495 -2.13 11.79 -24.24
CA PRO B 495 -3.52 11.92 -23.79
C PRO B 495 -3.87 10.86 -22.76
N PHE B 496 -4.66 11.28 -21.76
CA PHE B 496 -5.08 10.39 -20.67
C PHE B 496 -6.59 10.23 -20.62
N ILE B 497 -7.29 10.59 -21.69
CA ILE B 497 -8.73 10.35 -21.81
C ILE B 497 -9.09 10.49 -23.28
N GLU B 498 -10.22 9.92 -23.67
CA GLU B 498 -10.60 9.83 -25.08
C GLU B 498 -11.94 10.53 -25.30
N THR B 499 -11.89 11.85 -25.51
CA THR B 499 -13.08 12.63 -25.83
C THR B 499 -13.22 12.74 -27.34
N GLY B 500 -14.09 13.63 -27.80
CA GLY B 500 -14.40 13.80 -29.21
C GLY B 500 -15.46 14.86 -29.40
N ILE B 501 -16.49 14.56 -30.19
CA ILE B 501 -17.62 15.46 -30.35
C ILE B 501 -18.85 14.64 -30.72
N SER B 502 -19.96 14.91 -30.06
CA SER B 502 -21.17 14.12 -30.23
C SER B 502 -22.38 14.99 -29.93
N VAL B 503 -23.54 14.55 -30.42
CA VAL B 503 -24.79 15.26 -30.19
C VAL B 503 -25.59 14.50 -29.15
N MET B 504 -26.41 15.24 -28.41
CA MET B 504 -27.18 14.68 -27.30
C MET B 504 -28.59 15.24 -27.39
N VAL B 505 -29.57 14.34 -27.50
CA VAL B 505 -30.96 14.72 -27.75
C VAL B 505 -31.84 14.16 -26.63
N SER B 506 -32.99 14.78 -26.46
CA SER B 506 -33.95 14.35 -25.45
C SER B 506 -34.64 13.07 -25.90
N ARG B 507 -34.63 12.06 -25.04
CA ARG B 507 -35.23 10.78 -25.38
C ARG B 507 -36.75 10.92 -25.50
N SER B 508 -37.31 10.24 -26.49
CA SER B 508 -38.75 10.26 -26.75
C SER B 508 -39.30 8.85 -26.67
N ASN B 509 -40.54 8.75 -26.20
CA ASN B 509 -41.21 7.45 -26.10
C ASN B 509 -41.66 6.97 -27.47
N GLY B 510 -42.25 5.79 -27.51
CA GLY B 510 -42.74 5.23 -28.75
C GLY B 510 -42.14 3.88 -29.07
N THR B 511 -43.00 2.87 -29.22
CA THR B 511 -42.54 1.54 -29.59
C THR B 511 -42.25 1.49 -31.08
N VAL B 512 -41.04 1.05 -31.44
CA VAL B 512 -40.65 1.01 -32.84
C VAL B 512 -41.41 -0.10 -33.54
N SER B 513 -42.42 0.27 -34.32
CA SER B 513 -43.25 -0.70 -35.05
C SER B 513 -43.77 -0.05 -36.32
N PRO B 514 -42.90 0.18 -37.31
CA PRO B 514 -43.37 0.75 -38.58
C PRO B 514 -44.26 -0.23 -39.33
N SER B 515 -43.79 -1.47 -39.48
CA SER B 515 -44.55 -2.53 -40.13
C SER B 515 -44.40 -3.83 -39.35
N ALA B 516 -44.46 -3.74 -38.03
CA ALA B 516 -44.25 -4.90 -37.17
C ALA B 516 -45.40 -5.90 -37.25
N PHE B 517 -46.54 -5.54 -37.85
CA PHE B 517 -47.63 -6.49 -37.99
C PHE B 517 -47.37 -7.55 -39.03
N LEU B 518 -46.31 -7.42 -39.83
CA LEU B 518 -45.80 -8.49 -40.67
C LEU B 518 -44.48 -9.06 -40.14
N GLU B 519 -43.98 -8.56 -39.02
CA GLU B 519 -42.79 -9.14 -38.41
C GLU B 519 -42.97 -10.62 -38.06
N PRO B 520 -44.04 -11.06 -37.39
CA PRO B 520 -44.19 -12.48 -37.12
C PRO B 520 -44.71 -13.25 -38.33
N PHE B 521 -44.27 -14.51 -38.43
CA PHE B 521 -44.52 -15.37 -39.57
C PHE B 521 -43.80 -14.85 -40.80
N SER B 522 -42.99 -15.71 -41.42
CA SER B 522 -42.15 -15.31 -42.54
C SER B 522 -43.02 -15.12 -43.79
N ALA B 523 -42.38 -14.84 -44.92
CA ALA B 523 -43.09 -14.60 -46.17
C ALA B 523 -43.42 -15.87 -46.93
N ASP B 524 -42.92 -17.03 -46.49
CA ASP B 524 -43.16 -18.28 -47.18
C ASP B 524 -44.35 -19.07 -46.62
N VAL B 525 -44.78 -18.77 -45.40
CA VAL B 525 -45.90 -19.52 -44.81
C VAL B 525 -47.20 -19.18 -45.52
N TRP B 526 -47.38 -17.91 -45.91
CA TRP B 526 -48.65 -17.49 -46.51
C TRP B 526 -48.90 -18.18 -47.85
N VAL B 527 -47.87 -18.26 -48.69
CA VAL B 527 -48.06 -18.88 -50.01
C VAL B 527 -48.29 -20.38 -49.87
N MET B 528 -47.59 -21.02 -48.93
CA MET B 528 -47.82 -22.44 -48.67
C MET B 528 -49.24 -22.69 -48.17
N MET B 529 -49.73 -21.81 -47.29
CA MET B 529 -51.10 -21.91 -46.82
C MET B 529 -52.08 -21.72 -47.97
N PHE B 530 -51.78 -20.80 -48.88
CA PHE B 530 -52.64 -20.59 -50.05
C PHE B 530 -52.69 -21.85 -50.91
N VAL B 531 -51.53 -22.47 -51.15
CA VAL B 531 -51.49 -23.68 -51.95
C VAL B 531 -52.27 -24.81 -51.29
N MET B 532 -52.08 -24.97 -49.97
CA MET B 532 -52.82 -26.00 -49.25
C MET B 532 -54.32 -25.74 -49.29
N LEU B 533 -54.73 -24.47 -49.18
CA LEU B 533 -56.14 -24.12 -49.27
C LEU B 533 -56.71 -24.47 -50.64
N LEU B 534 -55.96 -24.16 -51.69
CA LEU B 534 -56.43 -24.49 -53.04
C LEU B 534 -56.54 -25.99 -53.23
N ILE B 535 -55.56 -26.75 -52.72
CA ILE B 535 -55.61 -28.21 -52.84
C ILE B 535 -56.80 -28.76 -52.08
N VAL B 536 -57.07 -28.24 -50.88
CA VAL B 536 -58.19 -28.70 -50.09
C VAL B 536 -59.51 -28.38 -50.79
N SER B 537 -59.61 -27.19 -51.38
CA SER B 537 -60.82 -26.83 -52.11
C SER B 537 -61.04 -27.74 -53.30
N ALA B 538 -59.97 -28.05 -54.05
CA ALA B 538 -60.09 -28.96 -55.18
C ALA B 538 -60.53 -30.35 -54.73
N VAL B 539 -59.94 -30.84 -53.64
CA VAL B 539 -60.32 -32.15 -53.11
C VAL B 539 -61.78 -32.17 -52.69
N ALA B 540 -62.23 -31.10 -52.03
CA ALA B 540 -63.62 -31.02 -51.60
C ALA B 540 -64.56 -30.99 -52.80
N VAL B 541 -64.20 -30.25 -53.84
CA VAL B 541 -65.02 -30.21 -55.05
C VAL B 541 -65.10 -31.59 -55.69
N PHE B 542 -63.95 -32.28 -55.78
CA PHE B 542 -63.94 -33.62 -56.37
C PHE B 542 -64.79 -34.59 -55.55
N VAL B 543 -64.73 -34.47 -54.22
CA VAL B 543 -65.55 -35.32 -53.37
C VAL B 543 -67.03 -35.03 -53.58
N PHE B 544 -67.40 -33.74 -53.63
CA PHE B 544 -68.79 -33.37 -53.83
C PHE B 544 -69.29 -33.81 -55.20
N GLU B 545 -68.39 -33.96 -56.17
CA GLU B 545 -68.78 -34.47 -57.48
C GLU B 545 -69.32 -35.89 -57.38
N TYR B 546 -68.69 -36.73 -56.56
CA TYR B 546 -69.13 -38.10 -56.38
C TYR B 546 -69.86 -38.27 -55.06
N SER B 566 -75.58 -28.99 -53.04
CA SER B 566 -74.91 -28.26 -54.11
C SER B 566 -73.77 -27.40 -53.56
N PHE B 567 -72.64 -27.41 -54.27
CA PHE B 567 -71.47 -26.66 -53.87
C PHE B 567 -70.66 -26.31 -55.11
N THR B 568 -70.02 -25.15 -55.07
CA THR B 568 -69.30 -24.62 -56.22
C THR B 568 -67.81 -24.52 -55.90
N ILE B 569 -67.05 -23.92 -56.82
CA ILE B 569 -65.62 -23.74 -56.63
C ILE B 569 -65.28 -22.40 -55.99
N GLY B 570 -66.27 -21.57 -55.68
CA GLY B 570 -66.02 -20.28 -55.07
C GLY B 570 -66.37 -20.25 -53.60
N LYS B 571 -67.42 -20.98 -53.21
CA LYS B 571 -67.84 -21.00 -51.81
C LYS B 571 -66.80 -21.68 -50.93
N ALA B 572 -66.00 -22.59 -51.51
CA ALA B 572 -64.96 -23.25 -50.72
C ALA B 572 -63.93 -22.24 -50.22
N ILE B 573 -63.54 -21.29 -51.07
CA ILE B 573 -62.61 -20.25 -50.64
C ILE B 573 -63.23 -19.43 -49.52
N TRP B 574 -64.52 -19.11 -49.64
CA TRP B 574 -65.20 -18.35 -48.59
C TRP B 574 -65.18 -19.09 -47.26
N LEU B 575 -65.54 -20.38 -47.29
CA LEU B 575 -65.57 -21.17 -46.06
C LEU B 575 -64.18 -21.29 -45.44
N LEU B 576 -63.17 -21.56 -46.27
CA LEU B 576 -61.82 -21.70 -45.74
C LEU B 576 -61.31 -20.39 -45.17
N TRP B 577 -61.59 -19.27 -45.85
CA TRP B 577 -61.16 -17.97 -45.35
C TRP B 577 -61.83 -17.64 -44.02
N GLY B 578 -63.13 -17.87 -43.93
CA GLY B 578 -63.81 -17.68 -42.65
C GLY B 578 -63.20 -18.54 -41.56
N LEU B 579 -62.93 -19.81 -41.87
CA LEU B 579 -62.41 -20.72 -40.87
C LEU B 579 -61.04 -20.28 -40.37
N VAL B 580 -60.17 -19.82 -41.27
CA VAL B 580 -58.84 -19.41 -40.85
C VAL B 580 -58.86 -18.04 -40.16
N PHE B 581 -59.83 -17.19 -40.48
CA PHE B 581 -59.87 -15.82 -39.97
C PHE B 581 -60.99 -15.60 -38.96
N ASN B 582 -61.18 -16.56 -38.05
CA ASN B 582 -62.13 -16.43 -36.94
C ASN B 582 -63.55 -16.17 -37.45
N ASN B 583 -64.08 -17.21 -38.12
CA ASN B 583 -65.35 -17.19 -38.83
C ASN B 583 -66.43 -16.41 -38.11
N SER B 584 -66.94 -15.38 -38.78
CA SER B 584 -68.11 -14.64 -38.33
C SER B 584 -69.15 -14.42 -39.42
N VAL B 585 -68.77 -14.49 -40.69
CA VAL B 585 -69.73 -14.37 -41.79
C VAL B 585 -70.54 -15.65 -41.89
N PRO B 586 -71.86 -15.58 -42.07
CA PRO B 586 -72.64 -16.80 -42.29
C PRO B 586 -72.19 -17.51 -43.56
N VAL B 587 -72.24 -18.85 -43.51
CA VAL B 587 -71.84 -19.70 -44.61
C VAL B 587 -72.76 -20.93 -44.64
N GLN B 588 -72.57 -21.76 -45.66
CA GLN B 588 -73.33 -22.99 -45.83
C GLN B 588 -72.37 -24.16 -45.80
N ASN B 589 -72.72 -25.20 -45.05
CA ASN B 589 -71.82 -26.33 -44.91
C ASN B 589 -72.26 -27.49 -45.81
N PRO B 590 -71.31 -28.25 -46.35
CA PRO B 590 -71.67 -29.41 -47.16
C PRO B 590 -72.02 -30.62 -46.31
N LYS B 591 -72.67 -31.60 -46.96
CA LYS B 591 -73.12 -32.81 -46.28
C LYS B 591 -72.16 -33.99 -46.42
N GLY B 592 -71.15 -33.90 -47.29
CA GLY B 592 -70.24 -35.01 -47.49
C GLY B 592 -69.44 -35.28 -46.25
N THR B 593 -69.38 -36.55 -45.82
CA THR B 593 -68.71 -36.89 -44.58
C THR B 593 -67.22 -36.55 -44.63
N THR B 594 -66.56 -36.90 -45.73
CA THR B 594 -65.16 -36.52 -45.91
C THR B 594 -65.01 -35.01 -45.96
N SER B 595 -66.02 -34.30 -46.48
CA SER B 595 -65.99 -32.85 -46.48
C SER B 595 -65.97 -32.32 -45.05
N LYS B 596 -66.80 -32.88 -44.17
CA LYS B 596 -66.83 -32.43 -42.78
C LYS B 596 -65.53 -32.80 -42.04
N ILE B 597 -64.96 -33.97 -42.32
CA ILE B 597 -63.68 -34.30 -41.68
C ILE B 597 -62.58 -33.34 -42.16
N MET B 598 -62.62 -32.97 -43.45
CA MET B 598 -61.64 -32.03 -43.98
C MET B 598 -61.81 -30.66 -43.36
N VAL B 599 -63.04 -30.18 -43.20
CA VAL B 599 -63.24 -28.87 -42.59
C VAL B 599 -62.89 -28.92 -41.11
N SER B 600 -63.05 -30.09 -40.47
CA SER B 600 -62.64 -30.21 -39.06
C SER B 600 -61.14 -30.08 -38.91
N VAL B 601 -60.37 -30.80 -39.73
CA VAL B 601 -58.92 -30.67 -39.62
C VAL B 601 -58.48 -29.28 -40.06
N TRP B 602 -59.21 -28.65 -41.00
CA TRP B 602 -58.94 -27.27 -41.36
C TRP B 602 -59.15 -26.33 -40.18
N ALA B 603 -60.22 -26.56 -39.42
CA ALA B 603 -60.47 -25.75 -38.22
C ALA B 603 -59.35 -25.93 -37.21
N PHE B 604 -58.89 -27.16 -37.04
CA PHE B 604 -57.78 -27.42 -36.12
C PHE B 604 -56.54 -26.63 -36.56
N PHE B 605 -56.23 -26.69 -37.86
CA PHE B 605 -55.07 -25.97 -38.37
C PHE B 605 -55.23 -24.46 -38.17
N ALA B 606 -56.43 -23.93 -38.41
CA ALA B 606 -56.67 -22.52 -38.21
C ALA B 606 -56.49 -22.11 -36.77
N VAL B 607 -56.96 -22.95 -35.83
CA VAL B 607 -56.81 -22.65 -34.41
C VAL B 607 -55.34 -22.58 -34.03
N ILE B 608 -54.55 -23.57 -34.47
CA ILE B 608 -53.12 -23.55 -34.16
C ILE B 608 -52.46 -22.33 -34.79
N PHE B 609 -52.82 -22.01 -36.04
CA PHE B 609 -52.22 -20.87 -36.72
C PHE B 609 -52.49 -19.57 -35.96
N LEU B 610 -53.75 -19.35 -35.57
CA LEU B 610 -54.09 -18.12 -34.87
C LEU B 610 -53.40 -18.05 -33.51
N ALA B 611 -53.37 -19.16 -32.77
CA ALA B 611 -52.71 -19.15 -31.47
C ALA B 611 -51.23 -18.83 -31.61
N SER B 612 -50.56 -19.47 -32.58
CA SER B 612 -49.14 -19.22 -32.77
C SER B 612 -48.88 -17.78 -33.19
N TYR B 613 -49.73 -17.22 -34.06
CA TYR B 613 -49.53 -15.85 -34.51
C TYR B 613 -49.68 -14.88 -33.34
N THR B 614 -50.72 -15.04 -32.52
CA THR B 614 -50.92 -14.16 -31.38
C THR B 614 -49.76 -14.27 -30.40
N ALA B 615 -49.31 -15.50 -30.13
CA ALA B 615 -48.19 -15.68 -29.21
C ALA B 615 -46.92 -15.03 -29.74
N ASN B 616 -46.65 -15.19 -31.03
CA ASN B 616 -45.44 -14.59 -31.61
C ASN B 616 -45.50 -13.07 -31.58
N LEU B 617 -46.67 -12.49 -31.88
CA LEU B 617 -46.79 -11.03 -31.81
C LEU B 617 -46.59 -10.53 -30.38
N ALA B 618 -47.19 -11.22 -29.40
CA ALA B 618 -47.02 -10.81 -28.01
C ALA B 618 -45.56 -10.93 -27.58
N ALA B 619 -44.88 -12.00 -27.98
CA ALA B 619 -43.47 -12.16 -27.65
C ALA B 619 -42.63 -11.07 -28.30
N PHE B 620 -42.92 -10.73 -29.56
CA PHE B 620 -42.12 -9.75 -30.27
C PHE B 620 -42.29 -8.36 -29.65
N MET B 621 -43.51 -8.02 -29.24
CA MET B 621 -43.74 -6.68 -28.69
C MET B 621 -42.96 -6.43 -27.41
N ILE B 622 -42.66 -7.48 -26.64
CA ILE B 622 -41.81 -7.32 -25.47
C ILE B 622 -40.39 -6.93 -25.88
N GLN B 623 -39.87 -7.58 -26.92
CA GLN B 623 -38.48 -7.38 -27.32
C GLN B 623 -38.23 -6.04 -27.99
N GLU B 624 -39.28 -5.38 -28.48
CA GLU B 624 -39.15 -4.20 -29.32
C GLU B 624 -38.25 -3.14 -28.68
N GLU B 625 -37.17 -2.81 -29.37
CA GLU B 625 -36.22 -1.79 -28.97
C GLU B 625 -36.55 -0.48 -29.69
N TYR B 626 -35.65 0.50 -29.58
CA TYR B 626 -35.84 1.80 -30.20
C TYR B 626 -34.62 2.16 -31.04
N VAL B 627 -34.85 3.01 -32.04
CA VAL B 627 -33.81 3.47 -32.95
C VAL B 627 -33.66 4.98 -32.77
N ASP B 628 -32.42 5.44 -32.70
CA ASP B 628 -32.14 6.84 -32.47
C ASP B 628 -32.72 7.72 -33.58
N GLN B 629 -33.16 8.92 -33.20
CA GLN B 629 -33.84 9.80 -34.14
C GLN B 629 -32.93 10.24 -35.27
N VAL B 630 -31.67 10.55 -34.97
CA VAL B 630 -30.73 11.10 -35.93
C VAL B 630 -29.63 10.08 -36.17
N SER B 631 -29.32 9.86 -37.46
CA SER B 631 -28.26 8.90 -37.80
C SER B 631 -26.91 9.39 -37.32
N GLY B 632 -26.54 10.61 -37.66
CA GLY B 632 -25.26 11.17 -37.26
C GLY B 632 -25.16 12.63 -37.63
N LEU B 633 -23.92 13.09 -37.82
CA LEU B 633 -23.69 14.48 -38.22
C LEU B 633 -23.76 14.68 -39.73
N SER B 634 -23.82 13.61 -40.51
CA SER B 634 -23.94 13.70 -41.96
C SER B 634 -25.40 13.60 -42.42
N ASP B 635 -26.35 13.56 -41.48
CA ASP B 635 -27.75 13.46 -41.84
C ASP B 635 -28.23 14.71 -42.57
N LYS B 636 -29.19 14.52 -43.48
CA LYS B 636 -29.72 15.63 -44.26
C LYS B 636 -30.43 16.66 -43.40
N LYS B 637 -30.88 16.28 -42.20
CA LYS B 637 -31.55 17.23 -41.32
C LYS B 637 -30.60 18.36 -40.92
N PHE B 638 -29.35 18.02 -40.60
CA PHE B 638 -28.38 19.07 -40.27
C PHE B 638 -27.93 19.81 -41.53
N GLN B 639 -27.78 19.08 -42.64
CA GLN B 639 -27.30 19.70 -43.87
C GLN B 639 -28.29 20.74 -44.40
N ARG B 640 -29.58 20.43 -44.35
CA ARG B 640 -30.63 21.30 -44.88
C ARG B 640 -31.67 21.52 -43.80
N PRO B 641 -31.42 22.43 -42.86
CA PRO B 641 -32.35 22.64 -41.75
C PRO B 641 -33.57 23.45 -42.14
N ASN B 642 -33.40 24.41 -43.04
CA ASN B 642 -34.49 25.33 -43.37
C ASN B 642 -35.65 24.62 -44.04
N ASP B 643 -35.36 23.71 -44.99
CA ASP B 643 -36.43 23.08 -45.77
C ASP B 643 -37.06 21.91 -45.03
N PHE B 644 -37.45 22.11 -43.78
CA PHE B 644 -38.18 21.12 -43.00
C PHE B 644 -39.37 21.81 -42.35
N SER B 645 -40.52 21.13 -42.37
CA SER B 645 -41.72 21.72 -41.79
C SER B 645 -41.56 22.05 -40.31
N PRO B 646 -41.06 21.15 -39.44
CA PRO B 646 -40.79 21.54 -38.06
C PRO B 646 -39.48 22.29 -37.97
N PRO B 647 -39.45 23.43 -37.27
CA PRO B 647 -38.20 24.21 -37.19
C PRO B 647 -37.15 23.52 -36.32
N PHE B 648 -36.12 22.96 -36.96
CA PHE B 648 -35.03 22.34 -36.24
C PHE B 648 -34.07 23.40 -35.72
N ARG B 649 -33.62 23.23 -34.48
CA ARG B 649 -32.70 24.19 -33.88
C ARG B 649 -31.75 23.46 -32.94
N PHE B 650 -30.46 23.75 -33.07
CA PHE B 650 -29.44 23.20 -32.20
C PHE B 650 -28.46 24.30 -31.84
N GLY B 651 -27.90 24.22 -30.64
CA GLY B 651 -27.03 25.28 -30.15
C GLY B 651 -25.74 24.71 -29.58
N THR B 652 -24.74 25.58 -29.54
CA THR B 652 -23.43 25.24 -29.00
C THR B 652 -22.91 26.41 -28.17
N VAL B 653 -22.05 26.10 -27.22
CA VAL B 653 -21.40 27.14 -26.42
C VAL B 653 -20.33 27.82 -27.26
N PRO B 654 -20.39 29.13 -27.46
CA PRO B 654 -19.40 29.81 -28.28
C PRO B 654 -18.08 29.96 -27.53
N ASN B 655 -17.07 30.39 -28.29
CA ASN B 655 -15.72 30.62 -27.77
C ASN B 655 -15.13 29.36 -27.15
N GLY B 656 -15.02 28.32 -27.97
CA GLY B 656 -14.48 27.04 -27.54
C GLY B 656 -13.64 26.42 -28.63
N SER B 657 -13.72 25.10 -28.74
CA SER B 657 -12.96 24.35 -29.75
C SER B 657 -13.85 23.65 -30.76
N THR B 658 -14.98 23.08 -30.33
CA THR B 658 -15.88 22.43 -31.27
C THR B 658 -16.47 23.43 -32.27
N GLU B 659 -16.78 24.64 -31.80
CA GLU B 659 -17.31 25.66 -32.70
C GLU B 659 -16.32 25.99 -33.81
N ARG B 660 -15.04 26.14 -33.46
CA ARG B 660 -14.02 26.41 -34.47
C ARG B 660 -13.91 25.25 -35.46
N ASN B 661 -13.94 24.02 -34.95
CA ASN B 661 -13.84 22.86 -35.84
C ASN B 661 -15.00 22.82 -36.83
N ILE B 662 -16.22 23.04 -36.34
CA ILE B 662 -17.38 23.01 -37.23
C ILE B 662 -17.29 24.14 -38.25
N ARG B 663 -16.96 25.36 -37.78
CA ARG B 663 -16.86 26.49 -38.69
C ARG B 663 -15.82 26.25 -39.77
N ASN B 664 -14.71 25.59 -39.40
CA ASN B 664 -13.73 25.19 -40.41
C ASN B 664 -14.31 24.18 -41.38
N ASN B 665 -15.10 23.23 -40.88
CA ASN B 665 -15.64 22.19 -41.76
C ASN B 665 -16.88 22.66 -42.51
N TYR B 666 -17.94 23.01 -41.79
CA TYR B 666 -19.21 23.43 -42.39
C TYR B 666 -19.49 24.88 -42.03
N ALA B 667 -19.99 25.64 -43.00
CA ALA B 667 -20.20 27.07 -42.83
C ALA B 667 -21.66 27.43 -42.56
N GLU B 668 -22.58 26.99 -43.44
CA GLU B 668 -23.98 27.38 -43.28
C GLU B 668 -24.57 26.82 -41.99
N MET B 669 -24.23 25.58 -41.63
CA MET B 669 -24.66 25.04 -40.36
C MET B 669 -24.08 25.84 -39.19
N HIS B 670 -22.83 26.29 -39.33
CA HIS B 670 -22.21 27.06 -38.27
C HIS B 670 -22.95 28.37 -38.06
N ALA B 671 -23.30 29.06 -39.14
CA ALA B 671 -24.06 30.31 -39.02
C ALA B 671 -25.44 30.05 -38.42
N TYR B 672 -26.11 29.00 -38.89
CA TYR B 672 -27.46 28.73 -38.41
C TYR B 672 -27.48 28.42 -36.92
N MET B 673 -26.50 27.64 -36.45
CA MET B 673 -26.48 27.34 -35.01
C MET B 673 -25.97 28.51 -34.20
N GLY B 674 -25.11 29.37 -34.78
CA GLY B 674 -24.72 30.58 -34.11
C GLY B 674 -25.86 31.56 -33.95
N LYS B 675 -26.89 31.44 -34.78
CA LYS B 675 -28.12 32.18 -34.52
C LYS B 675 -28.70 31.86 -33.15
N PHE B 676 -28.49 30.63 -32.66
CA PHE B 676 -29.10 30.19 -31.40
C PHE B 676 -28.07 29.68 -30.40
N ASN B 677 -27.01 30.44 -30.15
CA ASN B 677 -25.99 30.00 -29.21
C ASN B 677 -26.49 30.12 -27.78
N GLN B 678 -25.98 29.23 -26.92
CA GLN B 678 -26.33 29.21 -25.51
C GLN B 678 -25.36 30.06 -24.70
N ARG B 679 -25.44 29.95 -23.38
CA ARG B 679 -24.58 30.70 -22.46
C ARG B 679 -23.67 29.79 -21.65
N GLY B 680 -24.21 28.75 -21.04
CA GLY B 680 -23.43 27.81 -20.25
C GLY B 680 -23.77 26.38 -20.61
N VAL B 681 -23.75 25.52 -19.60
CA VAL B 681 -24.02 24.10 -19.76
C VAL B 681 -25.31 23.69 -19.05
N ASP B 682 -25.41 24.00 -17.76
CA ASP B 682 -26.60 23.62 -17.00
C ASP B 682 -27.84 24.31 -17.51
N ASP B 683 -27.72 25.59 -17.90
CA ASP B 683 -28.87 26.28 -18.46
C ASP B 683 -29.30 25.66 -19.79
N ALA B 684 -28.34 25.25 -20.61
CA ALA B 684 -28.68 24.56 -21.85
C ALA B 684 -29.35 23.22 -21.58
N LEU B 685 -28.87 22.50 -20.56
CA LEU B 685 -29.49 21.23 -20.21
C LEU B 685 -30.93 21.41 -19.76
N LEU B 686 -31.19 22.42 -18.92
CA LEU B 686 -32.57 22.62 -18.47
C LEU B 686 -33.46 23.11 -19.61
N SER B 687 -32.92 23.96 -20.49
CA SER B 687 -33.70 24.38 -21.66
C SER B 687 -34.05 23.21 -22.54
N LEU B 688 -33.10 22.29 -22.76
CA LEU B 688 -33.38 21.10 -23.54
C LEU B 688 -34.38 20.20 -22.82
N LYS B 689 -34.36 20.19 -21.49
CA LYS B 689 -35.36 19.46 -20.72
C LYS B 689 -36.75 20.03 -20.97
N THR B 690 -36.86 21.37 -21.01
CA THR B 690 -38.15 21.99 -21.25
C THR B 690 -38.67 21.68 -22.65
N GLY B 691 -37.84 21.90 -23.67
CA GLY B 691 -38.23 21.60 -25.03
C GLY B 691 -37.93 22.68 -26.03
N LYS B 692 -37.28 23.76 -25.58
CA LYS B 692 -36.96 24.86 -26.49
C LYS B 692 -35.99 24.39 -27.58
N LEU B 693 -35.00 23.60 -27.22
CA LEU B 693 -34.03 23.05 -28.17
C LEU B 693 -34.33 21.59 -28.42
N ASP B 694 -33.58 20.98 -29.33
CA ASP B 694 -33.69 19.56 -29.62
C ASP B 694 -32.36 18.82 -29.67
N ALA B 695 -31.25 19.51 -29.93
CA ALA B 695 -29.95 18.86 -30.00
C ALA B 695 -28.90 19.73 -29.34
N PHE B 696 -27.89 19.08 -28.78
CA PHE B 696 -26.76 19.74 -28.14
C PHE B 696 -25.47 19.13 -28.65
N ILE B 697 -24.53 19.98 -29.06
CA ILE B 697 -23.26 19.54 -29.62
C ILE B 697 -22.15 20.05 -28.71
N TYR B 698 -21.41 19.13 -28.09
CA TYR B 698 -20.39 19.48 -27.13
C TYR B 698 -19.38 18.35 -27.06
N ASP B 699 -18.40 18.50 -26.17
CA ASP B 699 -17.39 17.47 -25.98
C ASP B 699 -18.02 16.19 -25.45
N ALA B 700 -17.41 15.06 -25.80
CA ALA B 700 -18.03 13.77 -25.52
C ALA B 700 -17.98 13.40 -24.04
N ALA B 701 -16.90 13.74 -23.34
CA ALA B 701 -16.76 13.33 -21.96
C ALA B 701 -17.78 14.02 -21.06
N VAL B 702 -17.91 15.33 -21.21
CA VAL B 702 -18.86 16.09 -20.38
C VAL B 702 -20.28 15.63 -20.65
N LEU B 703 -20.64 15.46 -21.92
CA LEU B 703 -22.00 15.03 -22.26
C LEU B 703 -22.27 13.62 -21.75
N ASN B 704 -21.30 12.73 -21.86
CA ASN B 704 -21.47 11.37 -21.35
C ASN B 704 -21.67 11.39 -19.84
N TYR B 705 -20.88 12.20 -19.12
CA TYR B 705 -21.04 12.29 -17.67
C TYR B 705 -22.42 12.82 -17.31
N MET B 706 -22.86 13.89 -17.98
CA MET B 706 -24.14 14.50 -17.64
C MET B 706 -25.33 13.71 -18.16
N ALA B 707 -25.12 12.73 -19.04
CA ALA B 707 -26.17 11.81 -19.42
C ALA B 707 -26.19 10.56 -18.56
N GLY B 708 -25.07 10.21 -17.93
CA GLY B 708 -25.02 9.11 -16.99
C GLY B 708 -25.39 9.46 -15.57
N ARG B 709 -25.64 10.75 -15.28
CA ARG B 709 -26.01 11.20 -13.94
C ARG B 709 -27.06 12.29 -14.13
N ASP B 710 -28.33 11.90 -14.06
CA ASP B 710 -29.43 12.84 -14.26
C ASP B 710 -30.68 12.32 -13.56
N GLU B 711 -31.52 13.24 -13.11
CA GLU B 711 -32.80 12.87 -12.52
C GLU B 711 -33.70 12.28 -13.60
N GLY B 712 -33.95 10.99 -13.52
CA GLY B 712 -34.68 10.30 -14.57
C GLY B 712 -33.76 9.80 -15.65
N CYS B 713 -34.38 9.38 -16.75
CA CYS B 713 -33.66 8.86 -17.92
C CYS B 713 -34.20 9.51 -19.19
N LYS B 714 -34.35 10.83 -19.17
CA LYS B 714 -34.95 11.56 -20.28
C LYS B 714 -33.93 12.08 -21.28
N LEU B 715 -32.65 11.75 -21.12
CA LEU B 715 -31.61 12.23 -22.02
C LEU B 715 -30.74 11.06 -22.46
N VAL B 716 -30.27 11.13 -23.71
CA VAL B 716 -29.48 10.06 -24.31
C VAL B 716 -28.39 10.68 -25.19
N THR B 717 -27.36 9.87 -25.45
CA THR B 717 -26.29 10.22 -26.38
C THR B 717 -26.51 9.47 -27.69
N ILE B 718 -26.19 10.13 -28.80
CA ILE B 718 -26.55 9.60 -30.11
C ILE B 718 -25.77 8.32 -30.39
N GLY B 719 -26.40 7.41 -31.12
CA GLY B 719 -25.75 6.17 -31.51
C GLY B 719 -25.29 5.29 -30.37
N SER B 720 -25.89 5.44 -29.19
CA SER B 720 -25.48 4.71 -27.98
C SER B 720 -24.00 4.97 -27.68
N GLY B 721 -23.55 6.20 -27.94
CA GLY B 721 -22.17 6.57 -27.70
C GLY B 721 -21.32 6.54 -28.95
N LYS B 722 -20.98 7.71 -29.48
CA LYS B 722 -20.13 7.80 -30.66
C LYS B 722 -19.34 9.10 -30.61
N VAL B 723 -18.23 9.12 -31.34
CA VAL B 723 -17.37 10.29 -31.42
C VAL B 723 -16.96 10.48 -32.88
N PHE B 724 -16.81 11.75 -33.28
CA PHE B 724 -16.57 12.09 -34.67
C PHE B 724 -15.18 12.64 -34.94
N ALA B 725 -14.55 13.28 -33.96
CA ALA B 725 -13.25 13.94 -34.12
C ALA B 725 -12.34 13.58 -32.96
N SER B 726 -12.23 12.28 -32.69
CA SER B 726 -11.56 11.77 -31.49
C SER B 726 -10.20 12.41 -31.24
N THR B 727 -10.11 13.16 -30.15
CA THR B 727 -8.87 13.78 -29.69
C THR B 727 -8.91 13.85 -28.18
N GLY B 728 -7.82 13.47 -27.53
CA GLY B 728 -7.79 13.38 -26.09
C GLY B 728 -7.56 14.72 -25.42
N TYR B 729 -7.32 14.64 -24.11
CA TYR B 729 -6.96 15.78 -23.29
C TYR B 729 -5.45 15.82 -23.12
N GLY B 730 -4.96 16.76 -22.33
CA GLY B 730 -3.52 16.87 -22.16
C GLY B 730 -3.16 17.88 -21.09
N ILE B 731 -1.86 17.97 -20.85
CA ILE B 731 -1.28 18.89 -19.87
C ILE B 731 -0.34 19.81 -20.65
N ALA B 732 -0.81 21.01 -20.96
CA ALA B 732 -0.09 21.89 -21.87
C ALA B 732 1.12 22.50 -21.18
N ILE B 733 2.25 21.81 -21.25
CA ILE B 733 3.51 22.29 -20.72
C ILE B 733 4.01 23.42 -21.61
N GLN B 734 4.90 24.24 -21.07
CA GLN B 734 5.47 25.34 -21.84
C GLN B 734 6.36 24.80 -22.96
N LYS B 735 6.55 25.63 -23.98
CA LYS B 735 7.32 25.21 -25.15
C LYS B 735 8.78 24.95 -24.78
N ASP B 736 9.36 23.94 -25.45
CA ASP B 736 10.77 23.58 -25.34
C ASP B 736 11.24 23.55 -23.88
N SER B 737 10.45 22.93 -23.02
CA SER B 737 10.81 22.75 -21.63
C SER B 737 11.68 21.50 -21.47
N GLY B 738 12.02 21.19 -20.22
CA GLY B 738 12.83 20.02 -19.93
C GLY B 738 12.08 18.95 -19.16
N TRP B 739 10.82 19.20 -18.86
CA TRP B 739 10.00 18.30 -18.05
C TRP B 739 9.14 17.36 -18.90
N LYS B 740 9.25 17.42 -20.22
CA LYS B 740 8.35 16.65 -21.08
C LYS B 740 8.49 15.14 -20.85
N ARG B 741 9.73 14.64 -20.92
CA ARG B 741 9.93 13.19 -20.88
C ARG B 741 9.51 12.61 -19.54
N GLN B 742 9.85 13.28 -18.45
CA GLN B 742 9.51 12.77 -17.12
C GLN B 742 8.00 12.74 -16.90
N VAL B 743 7.29 13.79 -17.32
CA VAL B 743 5.84 13.82 -17.17
C VAL B 743 5.20 12.74 -18.02
N ASP B 744 5.67 12.58 -19.27
CA ASP B 744 5.12 11.54 -20.13
C ASP B 744 5.34 10.15 -19.51
N LEU B 745 6.54 9.89 -19.00
CA LEU B 745 6.83 8.60 -18.39
C LEU B 745 5.97 8.37 -17.16
N ALA B 746 5.76 9.41 -16.36
CA ALA B 746 4.92 9.28 -15.17
C ALA B 746 3.47 8.93 -15.55
N ILE B 747 2.95 9.62 -16.57
CA ILE B 747 1.57 9.34 -16.99
C ILE B 747 1.45 7.92 -17.54
N LEU B 748 2.44 7.49 -18.34
CA LEU B 748 2.39 6.13 -18.86
C LEU B 748 2.54 5.09 -17.75
N GLN B 749 3.35 5.37 -16.74
CA GLN B 749 3.46 4.49 -15.59
C GLN B 749 2.13 4.38 -14.85
N LEU B 750 1.44 5.51 -14.69
CA LEU B 750 0.13 5.49 -14.05
C LEU B 750 -0.87 4.69 -14.86
N PHE B 751 -0.81 4.80 -16.18
CA PHE B 751 -1.64 3.96 -17.04
C PHE B 751 -1.32 2.48 -16.83
N GLY B 752 -0.04 2.13 -16.77
CA GLY B 752 0.35 0.74 -16.65
C GLY B 752 0.12 0.13 -15.29
N ASP B 753 0.04 0.94 -14.24
CA ASP B 753 -0.11 0.44 -12.88
C ASP B 753 -1.56 0.19 -12.49
N GLY B 754 -2.51 0.58 -13.33
CA GLY B 754 -3.91 0.32 -13.05
C GLY B 754 -4.61 1.33 -12.17
N GLU B 755 -3.96 2.45 -11.83
CA GLU B 755 -4.60 3.45 -10.99
C GLU B 755 -5.64 4.26 -11.75
N MET B 756 -5.47 4.42 -13.07
CA MET B 756 -6.43 5.19 -13.85
C MET B 756 -7.80 4.52 -13.87
N GLU B 757 -7.84 3.18 -13.86
CA GLU B 757 -9.12 2.49 -13.78
C GLU B 757 -9.84 2.81 -12.47
N GLU B 758 -9.11 2.78 -11.36
CA GLU B 758 -9.71 3.10 -10.06
C GLU B 758 -10.20 4.54 -10.04
N LEU B 759 -9.39 5.47 -10.57
CA LEU B 759 -9.81 6.87 -10.59
C LEU B 759 -11.05 7.07 -11.42
N GLU B 760 -11.12 6.43 -12.60
CA GLU B 760 -12.29 6.54 -13.45
C GLU B 760 -13.52 5.96 -12.76
N ALA B 761 -13.38 4.80 -12.12
CA ALA B 761 -14.51 4.21 -11.41
C ALA B 761 -14.98 5.10 -10.29
N LEU B 762 -14.05 5.76 -9.59
CA LEU B 762 -14.43 6.59 -8.45
C LEU B 762 -15.09 7.89 -8.90
N TRP B 763 -14.61 8.49 -9.99
CA TRP B 763 -14.94 9.87 -10.31
C TRP B 763 -15.82 10.04 -11.55
N LEU B 764 -16.12 8.97 -12.28
CA LEU B 764 -16.85 9.12 -13.54
C LEU B 764 -17.94 8.09 -13.77
N THR B 765 -18.22 7.23 -12.80
CA THR B 765 -19.25 6.21 -12.99
C THR B 765 -20.63 6.84 -12.97
N GLY B 766 -21.54 6.28 -13.78
CA GLY B 766 -22.92 6.71 -13.83
C GLY B 766 -23.85 5.73 -13.14
N ILE B 767 -25.15 6.00 -13.26
CA ILE B 767 -26.19 5.18 -12.66
C ILE B 767 -27.16 4.66 -13.71
N CYS B 768 -27.66 5.54 -14.58
CA CYS B 768 -28.61 5.17 -15.61
C CYS B 768 -27.87 4.79 -16.89
N HIS B 769 -28.62 4.67 -17.98
CA HIS B 769 -28.08 4.35 -19.31
C HIS B 769 -27.35 3.01 -19.32
N ASN B 770 -28.11 1.95 -19.04
CA ASN B 770 -27.62 0.58 -19.05
C ASN B 770 -28.24 -0.14 -20.23
N GLU B 771 -27.42 -0.43 -21.25
CA GLU B 771 -27.84 -1.13 -22.47
C GLU B 771 -28.97 -0.33 -23.11
N LYS B 772 -29.99 -0.98 -23.68
CA LYS B 772 -31.10 -0.27 -24.30
C LYS B 772 -32.33 -1.17 -24.21
N ASN B 773 -33.18 -0.89 -23.21
CA ASN B 773 -34.40 -1.66 -23.00
C ASN B 773 -35.55 -0.99 -23.74
N GLU B 774 -36.78 -1.45 -23.48
CA GLU B 774 -37.96 -0.89 -24.11
C GLU B 774 -38.36 0.40 -23.40
N VAL B 775 -39.46 1.00 -23.85
CA VAL B 775 -39.97 2.24 -23.31
C VAL B 775 -41.38 2.11 -22.75
N MET B 776 -41.98 0.92 -22.83
CA MET B 776 -43.34 0.67 -22.33
C MET B 776 -44.35 1.62 -22.98
N SER B 777 -44.16 1.88 -24.27
CA SER B 777 -45.07 2.76 -25.00
C SER B 777 -46.39 2.04 -25.28
N SER B 778 -47.40 2.82 -25.63
CA SER B 778 -48.74 2.29 -25.87
C SER B 778 -49.50 3.28 -26.75
N GLN B 779 -50.82 3.11 -26.80
CA GLN B 779 -51.77 3.99 -27.48
C GLN B 779 -51.75 3.84 -28.99
N LEU B 780 -50.78 3.10 -29.52
CA LEU B 780 -50.74 2.70 -30.94
C LEU B 780 -51.03 3.88 -31.87
N ASP B 781 -50.08 4.81 -31.90
CA ASP B 781 -50.14 5.97 -32.77
C ASP B 781 -50.43 5.55 -34.22
N ILE B 782 -51.01 6.46 -35.01
CA ILE B 782 -51.49 6.11 -36.33
C ILE B 782 -50.35 5.61 -37.21
N ASP B 783 -49.17 6.20 -37.08
CA ASP B 783 -48.03 5.79 -37.90
C ASP B 783 -47.57 4.37 -37.60
N ASN B 784 -47.94 3.82 -36.44
CA ASN B 784 -47.54 2.45 -36.12
C ASN B 784 -48.28 1.43 -36.99
N MET B 785 -49.58 1.66 -37.23
CA MET B 785 -50.41 0.74 -37.98
C MET B 785 -50.70 1.21 -39.39
N ALA B 786 -49.83 2.07 -39.95
CA ALA B 786 -50.07 2.59 -41.29
C ALA B 786 -49.98 1.51 -42.35
N GLY B 787 -49.17 0.48 -42.13
CA GLY B 787 -49.06 -0.59 -43.10
C GLY B 787 -50.36 -1.33 -43.34
N VAL B 788 -51.16 -1.49 -42.28
CA VAL B 788 -52.45 -2.15 -42.41
C VAL B 788 -53.36 -1.35 -43.34
N PHE B 789 -53.40 -0.03 -43.14
CA PHE B 789 -54.24 0.82 -43.98
C PHE B 789 -53.71 0.86 -45.42
N TYR B 790 -52.39 0.83 -45.59
CA TYR B 790 -51.84 0.77 -46.95
C TYR B 790 -52.24 -0.52 -47.65
N MET B 791 -52.19 -1.65 -46.93
CA MET B 791 -52.63 -2.91 -47.51
C MET B 791 -54.11 -2.88 -47.86
N LEU B 792 -54.92 -2.28 -46.99
CA LEU B 792 -56.35 -2.15 -47.27
C LEU B 792 -56.59 -1.30 -48.51
N GLY B 793 -55.84 -0.20 -48.65
CA GLY B 793 -55.96 0.62 -49.83
C GLY B 793 -55.58 -0.10 -51.11
N ALA B 794 -54.49 -0.86 -51.06
CA ALA B 794 -54.11 -1.66 -52.21
C ALA B 794 -55.18 -2.70 -52.53
N ALA B 795 -55.78 -3.30 -51.51
CA ALA B 795 -56.84 -4.28 -51.72
C ALA B 795 -58.05 -3.66 -52.39
N MET B 796 -58.48 -2.48 -51.94
CA MET B 796 -59.65 -1.88 -52.57
C MET B 796 -59.33 -1.35 -53.98
N ALA B 797 -58.09 -0.92 -54.23
CA ALA B 797 -57.69 -0.57 -55.59
C ALA B 797 -57.76 -1.78 -56.50
N LEU B 798 -57.27 -2.93 -56.02
CA LEU B 798 -57.38 -4.17 -56.80
C LEU B 798 -58.84 -4.56 -57.02
N SER B 799 -59.69 -4.32 -56.01
CA SER B 799 -61.11 -4.59 -56.15
C SER B 799 -61.74 -3.73 -57.24
N LEU B 800 -61.38 -2.45 -57.27
CA LEU B 800 -61.89 -1.56 -58.33
C LEU B 800 -61.39 -2.00 -59.70
N ILE B 801 -60.13 -2.42 -59.79
CA ILE B 801 -59.59 -2.91 -61.05
C ILE B 801 -60.35 -4.14 -61.51
N THR B 802 -60.63 -5.07 -60.60
CA THR B 802 -61.40 -6.25 -60.94
C THR B 802 -62.83 -5.88 -61.35
N PHE B 803 -63.41 -4.85 -60.71
CA PHE B 803 -64.75 -4.41 -61.09
C PHE B 803 -64.77 -3.88 -62.52
N ILE B 804 -63.78 -3.06 -62.88
CA ILE B 804 -63.75 -2.56 -64.25
C ILE B 804 -63.46 -3.68 -65.25
N SER B 805 -62.64 -4.66 -64.84
CA SER B 805 -62.41 -5.82 -65.71
C SER B 805 -63.70 -6.61 -65.93
N GLU B 806 -64.49 -6.79 -64.88
CA GLU B 806 -65.76 -7.49 -65.01
C GLU B 806 -66.73 -6.70 -65.88
N HIS B 807 -66.73 -5.36 -65.75
CA HIS B 807 -67.56 -4.55 -66.62
C HIS B 807 -67.15 -4.71 -68.08
N LEU B 808 -65.84 -4.70 -68.35
CA LEU B 808 -65.37 -4.90 -69.72
C LEU B 808 -65.76 -6.27 -70.25
N PHE B 809 -65.65 -7.30 -69.41
CA PHE B 809 -66.04 -8.65 -69.83
C PHE B 809 -67.53 -8.71 -70.13
N TYR B 810 -68.35 -8.06 -69.31
CA TYR B 810 -69.79 -8.04 -69.56
C TYR B 810 -70.13 -7.27 -70.82
N TRP B 811 -69.35 -6.23 -71.14
CA TRP B 811 -69.60 -5.48 -72.37
C TRP B 811 -69.41 -6.36 -73.60
N GLN B 812 -68.37 -7.18 -73.61
CA GLN B 812 -68.10 -8.08 -74.74
C GLN B 812 -69.08 -9.26 -74.75
N LYS C 1 68.01 9.18 7.57
CA LYS C 1 67.03 8.64 6.62
C LYS C 1 67.64 8.50 5.23
N ILE C 2 67.97 7.26 4.86
CA ILE C 2 68.58 6.95 3.58
C ILE C 2 67.61 6.09 2.79
N VAL C 3 67.23 6.57 1.60
CA VAL C 3 66.35 5.83 0.70
C VAL C 3 66.99 5.80 -0.68
N ASN C 4 67.16 4.60 -1.23
CA ASN C 4 67.78 4.43 -2.53
C ASN C 4 66.73 4.55 -3.63
N ILE C 5 67.21 4.73 -4.87
CA ILE C 5 66.36 4.83 -6.04
C ILE C 5 66.87 3.86 -7.10
N GLY C 6 65.97 3.42 -7.96
CA GLY C 6 66.31 2.48 -9.00
C GLY C 6 65.64 2.84 -10.31
N ALA C 7 66.34 2.52 -11.41
CA ALA C 7 65.83 2.78 -12.75
C ALA C 7 66.11 1.58 -13.64
N VAL C 8 65.27 1.42 -14.66
CA VAL C 8 65.42 0.32 -15.61
C VAL C 8 65.43 0.88 -17.02
N LEU C 9 65.84 2.13 -17.17
CA LEU C 9 65.86 2.77 -18.48
C LEU C 9 66.92 2.12 -19.37
N SER C 10 66.58 1.94 -20.65
CA SER C 10 67.47 1.30 -21.61
C SER C 10 68.16 2.38 -22.45
N THR C 11 69.16 3.02 -21.84
CA THR C 11 69.95 4.03 -22.53
C THR C 11 71.23 4.28 -21.74
N ARG C 12 72.35 4.42 -22.46
CA ARG C 12 73.62 4.69 -21.80
C ARG C 12 73.61 6.05 -21.11
N LYS C 13 73.07 7.07 -21.77
CA LYS C 13 72.96 8.40 -21.18
C LYS C 13 71.87 8.48 -20.11
N HIS C 14 70.99 7.49 -20.04
CA HIS C 14 69.93 7.51 -19.03
C HIS C 14 70.52 7.41 -17.62
N GLU C 15 71.56 6.61 -17.45
CA GLU C 15 72.20 6.50 -16.14
C GLU C 15 72.81 7.84 -15.72
N GLN C 16 73.49 8.52 -16.64
CA GLN C 16 74.07 9.82 -16.33
C GLN C 16 72.98 10.85 -16.02
N MET C 17 71.89 10.83 -16.79
CA MET C 17 70.79 11.75 -16.52
C MET C 17 70.16 11.49 -15.15
N PHE C 18 70.00 10.21 -14.79
CA PHE C 18 69.44 9.87 -13.49
C PHE C 18 70.38 10.30 -12.36
N ARG C 19 71.68 10.11 -12.55
CA ARG C 19 72.64 10.55 -11.54
C ARG C 19 72.61 12.06 -11.37
N GLU C 20 72.54 12.80 -12.49
CA GLU C 20 72.44 14.25 -12.40
C GLU C 20 71.16 14.69 -11.71
N ALA C 21 70.05 14.03 -12.02
CA ALA C 21 68.78 14.36 -11.39
C ALA C 21 68.83 14.09 -9.89
N VAL C 22 69.44 12.97 -9.49
CA VAL C 22 69.57 12.67 -8.07
C VAL C 22 70.45 13.71 -7.38
N ASN C 23 71.55 14.11 -8.03
CA ASN C 23 72.43 15.11 -7.44
C ASN C 23 71.73 16.46 -7.30
N GLN C 24 70.93 16.85 -8.29
CA GLN C 24 70.26 18.15 -8.27
C GLN C 24 68.94 18.13 -7.52
N ALA C 25 68.45 16.96 -7.11
CA ALA C 25 67.17 16.85 -6.43
C ALA C 25 67.27 17.02 -4.92
N ASN C 26 68.47 17.16 -4.38
CA ASN C 26 68.67 17.35 -2.95
C ASN C 26 68.72 18.81 -2.55
N LYS C 27 68.13 19.70 -3.35
CA LYS C 27 68.12 21.12 -3.00
C LYS C 27 67.32 21.36 -1.72
N ARG C 28 66.20 20.68 -1.57
CA ARG C 28 65.38 20.80 -0.37
C ARG C 28 65.75 19.77 0.67
N ILE C 34 67.96 13.90 4.64
CA ILE C 34 67.63 12.72 3.88
C ILE C 34 68.76 12.35 2.94
N GLN C 35 69.00 11.05 2.78
CA GLN C 35 70.04 10.54 1.90
C GLN C 35 69.41 9.77 0.76
N LEU C 36 69.93 9.99 -0.45
CA LEU C 36 69.41 9.35 -1.66
C LEU C 36 70.52 8.60 -2.36
N GLN C 37 70.20 7.41 -2.86
CA GLN C 37 71.12 6.58 -3.61
C GLN C 37 70.49 6.19 -4.94
N ALA C 38 71.35 6.00 -5.95
CA ALA C 38 70.89 5.70 -7.30
C ALA C 38 71.38 4.32 -7.73
N THR C 39 70.47 3.55 -8.32
CA THR C 39 70.78 2.24 -8.88
C THR C 39 70.19 2.13 -10.27
N SER C 40 70.88 1.40 -11.14
CA SER C 40 70.43 1.26 -12.52
C SER C 40 70.91 -0.09 -13.06
N VAL C 41 70.23 -0.54 -14.12
CA VAL C 41 70.58 -1.80 -14.76
C VAL C 41 70.04 -1.75 -16.19
N THR C 42 70.75 -2.42 -17.11
CA THR C 42 70.32 -2.45 -18.50
C THR C 42 69.06 -3.30 -18.66
N HIS C 43 68.33 -3.03 -19.74
CA HIS C 43 67.09 -3.74 -20.02
C HIS C 43 67.40 -5.06 -20.70
N LYS C 44 67.04 -6.17 -20.06
CA LYS C 44 67.28 -7.48 -20.64
C LYS C 44 66.35 -7.72 -21.83
N PRO C 45 66.80 -8.49 -22.83
CA PRO C 45 65.95 -8.76 -24.00
C PRO C 45 64.71 -9.58 -23.65
N ASN C 46 64.92 -10.70 -22.95
CA ASN C 46 63.80 -11.57 -22.59
C ASN C 46 63.15 -11.06 -21.31
N ALA C 47 62.28 -11.88 -20.71
CA ALA C 47 61.52 -11.50 -19.54
C ALA C 47 61.92 -12.24 -18.27
N ILE C 48 62.25 -13.54 -18.38
CA ILE C 48 62.56 -14.33 -17.19
C ILE C 48 63.82 -13.79 -16.51
N GLN C 49 64.89 -13.61 -17.27
CA GLN C 49 66.10 -13.04 -16.69
C GLN C 49 65.90 -11.59 -16.30
N MET C 50 64.98 -10.89 -16.96
CA MET C 50 64.61 -9.54 -16.52
C MET C 50 63.95 -9.58 -15.15
N ALA C 51 63.07 -10.54 -14.92
CA ALA C 51 62.47 -10.70 -13.60
C ALA C 51 63.52 -11.08 -12.56
N LEU C 52 64.48 -11.92 -12.94
CA LEU C 52 65.55 -12.28 -12.02
C LEU C 52 66.39 -11.06 -11.66
N SER C 53 66.69 -10.22 -12.66
CA SER C 53 67.43 -8.99 -12.39
C SER C 53 66.65 -8.05 -11.49
N VAL C 54 65.34 -7.96 -11.70
CA VAL C 54 64.50 -7.13 -10.84
C VAL C 54 64.51 -7.65 -9.41
N CYS C 55 64.44 -8.98 -9.26
CA CYS C 55 64.54 -9.59 -7.93
C CYS C 55 65.87 -9.26 -7.26
N GLU C 56 66.96 -9.37 -8.01
CA GLU C 56 68.28 -9.04 -7.44
C GLU C 56 68.35 -7.57 -7.05
N ASP C 57 67.83 -6.68 -7.89
CA ASP C 57 67.87 -5.26 -7.60
C ASP C 57 67.06 -4.93 -6.35
N LEU C 58 65.87 -5.52 -6.21
CA LEU C 58 65.06 -5.24 -5.04
C LEU C 58 65.65 -5.85 -3.78
N ILE C 59 66.33 -7.00 -3.90
CA ILE C 59 67.01 -7.57 -2.75
C ILE C 59 68.25 -6.78 -2.37
N SER C 60 68.86 -6.07 -3.32
CA SER C 60 70.10 -5.35 -3.05
C SER C 60 69.88 -4.22 -2.05
N SER C 61 68.86 -3.39 -2.26
CA SER C 61 68.69 -2.20 -1.43
C SER C 61 67.26 -1.98 -0.94
N GLN C 62 66.29 -2.79 -1.36
CA GLN C 62 64.89 -2.61 -0.99
C GLN C 62 64.41 -1.20 -1.33
N VAL C 63 64.42 -0.90 -2.63
CA VAL C 63 64.10 0.44 -3.10
C VAL C 63 62.65 0.75 -2.81
N TYR C 64 62.39 1.96 -2.31
CA TYR C 64 61.04 2.34 -1.94
C TYR C 64 60.11 2.45 -3.15
N ALA C 65 60.57 3.10 -4.21
CA ALA C 65 59.79 3.26 -5.43
C ALA C 65 60.65 2.92 -6.64
N ILE C 66 60.03 2.32 -7.65
CA ILE C 66 60.74 1.80 -8.82
C ILE C 66 60.35 2.64 -10.03
N LEU C 67 61.36 2.95 -10.86
CA LEU C 67 61.17 3.70 -12.09
C LEU C 67 61.59 2.82 -13.27
N VAL C 68 60.74 2.75 -14.28
CA VAL C 68 61.00 1.94 -15.47
C VAL C 68 60.62 2.74 -16.70
N SER C 69 61.49 2.74 -17.71
CA SER C 69 61.21 3.36 -18.99
C SER C 69 61.10 2.27 -20.06
N HIS C 70 60.08 2.36 -20.88
CA HIS C 70 59.82 1.34 -21.89
C HIS C 70 60.90 1.40 -22.97
N PRO C 71 61.60 0.30 -23.24
CA PRO C 71 62.61 0.30 -24.30
C PRO C 71 61.97 0.37 -25.67
N PRO C 72 62.71 0.77 -26.70
CA PRO C 72 62.12 0.82 -28.05
C PRO C 72 61.86 -0.57 -28.61
N THR C 73 60.85 -1.25 -28.05
CA THR C 73 60.42 -2.60 -28.37
C THR C 73 59.21 -2.57 -29.30
N PRO C 74 59.04 -3.60 -30.14
CA PRO C 74 57.86 -3.62 -31.02
C PRO C 74 56.54 -3.62 -30.27
N ASN C 75 56.48 -4.25 -29.10
CA ASN C 75 55.26 -4.31 -28.30
C ASN C 75 55.24 -3.32 -27.15
N ASP C 76 56.38 -3.15 -26.48
CA ASP C 76 56.52 -2.22 -25.35
C ASP C 76 55.61 -2.57 -24.18
N HIS C 77 55.06 -3.77 -24.16
CA HIS C 77 54.22 -4.25 -23.07
C HIS C 77 54.72 -5.55 -22.46
N PHE C 78 55.20 -6.48 -23.30
CA PHE C 78 55.72 -7.75 -22.80
C PHE C 78 57.00 -7.57 -21.99
N THR C 79 57.74 -6.48 -22.21
CA THR C 79 58.92 -6.19 -21.41
C THR C 79 58.57 -5.54 -20.08
N PRO C 80 57.69 -4.52 -20.04
CA PRO C 80 57.27 -3.99 -18.73
C PRO C 80 56.41 -4.95 -17.92
N THR C 81 55.79 -5.96 -18.54
CA THR C 81 54.90 -6.84 -17.81
C THR C 81 55.58 -7.61 -16.68
N PRO C 82 56.73 -8.27 -16.87
CA PRO C 82 57.34 -9.00 -15.74
C PRO C 82 57.70 -8.10 -14.58
N VAL C 83 58.15 -6.87 -14.83
CA VAL C 83 58.50 -5.97 -13.73
C VAL C 83 57.27 -5.63 -12.90
N SER C 84 56.16 -5.32 -13.58
CA SER C 84 54.92 -5.02 -12.88
C SER C 84 54.42 -6.23 -12.10
N TYR C 85 54.50 -7.42 -12.70
CA TYR C 85 54.06 -8.63 -12.01
C TYR C 85 54.91 -8.91 -10.77
N THR C 86 56.22 -8.75 -10.89
CA THR C 86 57.09 -8.96 -9.74
C THR C 86 56.83 -7.94 -8.64
N ALA C 87 56.64 -6.67 -9.01
CA ALA C 87 56.35 -5.65 -8.01
C ALA C 87 54.95 -5.77 -7.45
N GLY C 88 54.06 -6.52 -8.11
CA GLY C 88 52.75 -6.76 -7.53
C GLY C 88 52.83 -7.54 -6.24
N PHE C 89 53.64 -8.60 -6.21
CA PHE C 89 53.80 -9.39 -5.00
C PHE C 89 54.48 -8.58 -3.90
N TYR C 90 55.63 -7.98 -4.23
CA TYR C 90 56.33 -7.09 -3.30
C TYR C 90 55.86 -5.67 -3.61
N ARG C 91 54.81 -5.25 -2.91
CA ARG C 91 54.05 -4.08 -3.35
C ARG C 91 54.83 -2.80 -3.12
N ILE C 92 55.54 -2.34 -4.15
CA ILE C 92 56.18 -1.03 -4.14
C ILE C 92 55.81 -0.32 -5.44
N PRO C 93 55.55 0.99 -5.41
CA PRO C 93 55.00 1.64 -6.61
C PRO C 93 55.98 1.63 -7.76
N VAL C 94 55.44 1.51 -8.97
CA VAL C 94 56.21 1.55 -10.21
C VAL C 94 55.63 2.66 -11.06
N LEU C 95 56.45 3.66 -11.37
CA LEU C 95 56.02 4.83 -12.13
C LEU C 95 56.35 4.63 -13.60
N GLY C 96 55.32 4.38 -14.41
CA GLY C 96 55.52 4.27 -15.84
C GLY C 96 55.94 5.60 -16.44
N LEU C 97 56.80 5.52 -17.46
CA LEU C 97 57.35 6.70 -18.11
C LEU C 97 56.80 6.88 -19.52
N THR C 98 56.92 5.86 -20.37
CA THR C 98 56.44 5.92 -21.74
C THR C 98 55.47 4.79 -22.07
N THR C 99 54.93 4.11 -21.06
CA THR C 99 54.00 3.00 -21.27
C THR C 99 52.65 3.58 -21.67
N ARG C 100 52.37 3.60 -22.97
CA ARG C 100 51.13 4.14 -23.49
C ARG C 100 50.03 3.08 -23.61
N MET C 101 50.32 1.82 -23.29
CA MET C 101 49.33 0.76 -23.41
C MET C 101 48.16 1.02 -22.45
N SER C 102 46.94 0.88 -22.97
CA SER C 102 45.74 1.13 -22.18
C SER C 102 45.21 -0.18 -21.59
N ILE C 103 46.08 -0.86 -20.83
CA ILE C 103 45.70 -2.09 -20.16
C ILE C 103 46.16 -2.03 -18.71
N TYR C 104 46.97 -1.04 -18.39
CA TYR C 104 47.42 -0.81 -17.01
C TYR C 104 46.49 0.15 -16.27
N SER C 105 45.20 -0.19 -16.23
CA SER C 105 44.21 0.60 -15.53
C SER C 105 43.43 -0.16 -14.48
N ASP C 106 43.30 -1.48 -14.60
CA ASP C 106 42.58 -2.28 -13.63
C ASP C 106 43.49 -2.58 -12.44
N LYS C 107 43.13 -2.07 -11.26
CA LYS C 107 43.93 -2.28 -10.08
C LYS C 107 43.85 -3.70 -9.53
N SER C 108 42.89 -4.50 -10.01
CA SER C 108 42.74 -5.87 -9.51
C SER C 108 43.96 -6.72 -9.86
N ILE C 109 44.45 -6.59 -11.10
CA ILE C 109 45.60 -7.38 -11.53
C ILE C 109 46.91 -6.71 -11.17
N HIS C 110 47.02 -5.41 -11.42
CA HIS C 110 48.19 -4.62 -11.04
C HIS C 110 47.81 -3.83 -9.78
N LEU C 111 48.31 -4.29 -8.63
CA LEU C 111 47.90 -3.69 -7.36
C LEU C 111 48.31 -2.22 -7.28
N SER C 112 49.54 -1.91 -7.70
CA SER C 112 50.05 -0.54 -7.65
C SER C 112 50.76 -0.23 -8.96
N PHE C 113 50.28 0.79 -9.67
CA PHE C 113 50.90 1.20 -10.92
C PHE C 113 50.46 2.62 -11.22
N LEU C 114 51.41 3.53 -11.40
CA LEU C 114 51.14 4.91 -11.76
C LEU C 114 51.83 5.23 -13.08
N ARG C 115 51.11 5.86 -14.00
CA ARG C 115 51.64 6.20 -15.31
C ARG C 115 51.67 7.70 -15.48
N THR C 116 52.82 8.23 -15.90
CA THR C 116 52.99 9.66 -16.07
C THR C 116 52.57 10.16 -17.46
N VAL C 117 52.21 9.26 -18.37
CA VAL C 117 51.80 9.61 -19.72
C VAL C 117 50.35 9.16 -19.90
N PRO C 118 49.46 10.01 -20.37
CA PRO C 118 48.06 9.61 -20.58
C PRO C 118 47.96 8.47 -21.58
N PRO C 119 47.04 7.54 -21.38
CA PRO C 119 46.92 6.40 -22.27
C PRO C 119 46.15 6.78 -23.54
N TYR C 120 45.93 5.77 -24.39
CA TYR C 120 45.17 5.95 -25.61
C TYR C 120 43.69 6.25 -25.35
N SER C 121 43.21 6.03 -24.12
CA SER C 121 41.80 6.22 -23.82
C SER C 121 41.39 7.68 -23.92
N HIS C 122 42.26 8.60 -23.49
CA HIS C 122 41.92 10.01 -23.47
C HIS C 122 41.75 10.62 -24.86
N GLN C 123 42.14 9.88 -25.91
CA GLN C 123 41.86 10.33 -27.27
C GLN C 123 40.36 10.51 -27.48
N SER C 124 39.55 9.63 -26.91
CA SER C 124 38.09 9.79 -26.99
C SER C 124 37.65 11.07 -26.29
N SER C 125 38.24 11.37 -25.13
CA SER C 125 37.89 12.59 -24.41
C SER C 125 38.22 13.84 -25.23
N VAL C 126 39.42 13.87 -25.82
CA VAL C 126 39.78 15.04 -26.62
C VAL C 126 38.93 15.10 -27.89
N TRP C 127 38.55 13.95 -28.44
CA TRP C 127 37.67 13.96 -29.61
C TRP C 127 36.30 14.52 -29.26
N PHE C 128 35.76 14.15 -28.10
CA PHE C 128 34.48 14.70 -27.65
C PHE C 128 34.61 16.20 -27.39
N GLU C 129 35.73 16.63 -26.82
CA GLU C 129 35.95 18.06 -26.65
C GLU C 129 35.98 18.79 -27.99
N MET C 130 36.64 18.20 -28.99
CA MET C 130 36.67 18.76 -30.33
C MET C 130 35.30 18.73 -30.99
N MET C 131 34.42 17.82 -30.56
CA MET C 131 33.10 17.70 -31.19
C MET C 131 32.26 18.95 -30.98
N ARG C 132 32.31 19.54 -29.79
CA ARG C 132 31.42 20.65 -29.44
C ARG C 132 32.03 22.02 -29.76
N VAL C 133 32.51 22.19 -30.99
CA VAL C 133 32.92 23.50 -31.49
C VAL C 133 32.19 23.88 -32.77
N TYR C 134 32.04 22.94 -33.70
CA TYR C 134 31.25 23.14 -34.92
C TYR C 134 29.95 22.34 -34.89
N ASN C 135 29.37 22.20 -33.69
CA ASN C 135 28.07 21.58 -33.41
C ASN C 135 27.80 20.36 -34.30
N TRP C 136 28.82 19.51 -34.48
CA TRP C 136 28.73 18.43 -35.44
C TRP C 136 27.65 17.42 -35.06
N ASN C 137 27.08 16.78 -36.08
CA ASN C 137 25.94 15.88 -35.94
C ASN C 137 26.36 14.50 -35.47
N HIS C 138 25.46 13.53 -35.60
CA HIS C 138 25.69 12.17 -35.14
C HIS C 138 27.02 11.63 -35.64
N ILE C 139 27.58 10.70 -34.88
CA ILE C 139 28.93 10.21 -35.06
C ILE C 139 28.90 8.71 -35.35
N ILE C 140 29.78 8.26 -36.25
CA ILE C 140 29.78 6.90 -36.75
C ILE C 140 31.10 6.27 -36.28
N LEU C 141 31.51 6.63 -35.06
CA LEU C 141 32.75 6.15 -34.48
C LEU C 141 32.82 4.62 -34.51
N LEU C 142 33.96 4.10 -34.97
CA LEU C 142 34.21 2.67 -35.04
C LEU C 142 35.59 2.37 -34.49
N VAL C 143 35.74 1.18 -33.90
CA VAL C 143 36.99 0.73 -33.30
C VAL C 143 37.13 -0.76 -33.58
N SER C 144 38.26 -1.31 -33.13
CA SER C 144 38.54 -2.73 -33.29
C SER C 144 38.21 -3.48 -32.01
N ASP C 145 37.90 -4.77 -32.15
CA ASP C 145 37.53 -5.60 -31.01
C ASP C 145 38.79 -5.91 -30.20
N ASP C 146 39.04 -5.10 -29.17
CA ASP C 146 40.19 -5.28 -28.31
C ASP C 146 39.90 -4.63 -26.96
N HIS C 147 40.76 -4.91 -25.99
CA HIS C 147 40.60 -4.33 -24.66
C HIS C 147 40.67 -2.82 -24.70
N GLU C 148 41.65 -2.28 -25.44
CA GLU C 148 41.76 -0.83 -25.58
C GLU C 148 40.54 -0.25 -26.28
N GLY C 149 40.09 -0.89 -27.35
CA GLY C 149 38.91 -0.42 -28.06
C GLY C 149 37.65 -0.49 -27.20
N ARG C 150 37.50 -1.59 -26.46
CA ARG C 150 36.35 -1.72 -25.57
C ARG C 150 36.36 -0.65 -24.49
N ALA C 151 37.54 -0.40 -23.90
CA ALA C 151 37.64 0.65 -22.88
C ALA C 151 37.32 2.02 -23.46
N ALA C 152 37.83 2.31 -24.66
CA ALA C 152 37.55 3.59 -25.30
C ALA C 152 36.06 3.74 -25.58
N GLN C 153 35.42 2.69 -26.08
CA GLN C 153 33.99 2.76 -26.36
C GLN C 153 33.20 2.96 -25.07
N LYS C 154 33.58 2.25 -24.00
CA LYS C 154 32.86 2.38 -22.73
C LYS C 154 33.00 3.78 -22.17
N ARG C 155 34.21 4.34 -22.19
CA ARG C 155 34.40 5.69 -21.63
C ARG C 155 33.73 6.73 -22.51
N LEU C 156 33.72 6.54 -23.83
CA LEU C 156 32.99 7.47 -24.69
C LEU C 156 31.49 7.41 -24.42
N GLU C 157 30.94 6.21 -24.22
CA GLU C 157 29.53 6.08 -23.91
C GLU C 157 29.19 6.73 -22.57
N THR C 158 30.05 6.54 -21.57
CA THR C 158 29.80 7.18 -20.27
C THR C 158 29.89 8.70 -20.38
N LEU C 159 30.86 9.21 -21.14
CA LEU C 159 31.02 10.65 -21.28
C LEU C 159 29.91 11.27 -22.12
N LEU C 160 29.30 10.49 -23.00
CA LEU C 160 28.23 10.99 -23.86
C LEU C 160 26.84 10.85 -23.25
N GLU C 161 26.75 10.29 -22.04
CA GLU C 161 25.45 10.19 -21.36
C GLU C 161 25.17 11.42 -20.51
N GLU C 162 25.32 12.59 -21.13
CA GLU C 162 25.04 13.86 -20.45
C GLU C 162 24.22 14.83 -21.28
N ARG C 163 24.19 14.72 -22.61
CA ARG C 163 23.43 15.62 -23.47
C ARG C 163 22.39 14.89 -24.29
N GLU C 164 22.16 13.60 -24.02
CA GLU C 164 21.15 12.79 -24.72
C GLU C 164 21.41 12.78 -26.23
N SER C 165 22.68 12.66 -26.61
CA SER C 165 23.10 12.58 -28.01
C SER C 165 23.96 11.32 -28.16
N LYS C 166 23.29 10.20 -28.41
CA LYS C 166 23.99 8.93 -28.58
C LYS C 166 24.69 8.88 -29.94
N ALA C 167 25.73 8.07 -30.01
CA ALA C 167 26.40 7.84 -31.28
C ALA C 167 25.47 7.12 -32.25
N GLU C 168 25.60 7.46 -33.54
CA GLU C 168 24.70 6.90 -34.55
C GLU C 168 24.84 5.39 -34.63
N LYS C 169 26.08 4.89 -34.66
CA LYS C 169 26.31 3.45 -34.75
C LYS C 169 27.76 3.18 -34.35
N VAL C 170 27.96 2.30 -33.38
CA VAL C 170 29.29 1.87 -32.97
C VAL C 170 29.57 0.54 -33.66
N LEU C 171 30.64 0.50 -34.44
CA LEU C 171 30.97 -0.66 -35.26
C LEU C 171 32.31 -1.24 -34.82
N GLN C 172 32.35 -2.55 -34.61
CA GLN C 172 33.56 -3.25 -34.19
C GLN C 172 33.86 -4.38 -35.16
N PHE C 173 35.14 -4.67 -35.32
CA PHE C 173 35.60 -5.72 -36.22
C PHE C 173 36.68 -6.54 -35.53
N ASP C 174 36.83 -7.77 -35.98
CA ASP C 174 37.84 -8.66 -35.42
C ASP C 174 39.24 -8.12 -35.72
N PRO C 175 40.14 -8.13 -34.74
CA PRO C 175 41.50 -7.60 -34.98
C PRO C 175 42.31 -8.51 -35.90
N GLY C 176 42.56 -8.05 -37.12
CA GLY C 176 43.31 -8.82 -38.09
C GLY C 176 42.43 -9.50 -39.11
N THR C 177 42.30 -8.91 -40.29
CA THR C 177 41.47 -9.45 -41.35
C THR C 177 42.02 -9.00 -42.70
N LYS C 178 41.85 -9.84 -43.71
CA LYS C 178 42.25 -9.51 -45.07
C LYS C 178 41.10 -8.97 -45.91
N ASN C 179 39.88 -8.93 -45.38
CA ASN C 179 38.73 -8.43 -46.12
C ASN C 179 37.71 -7.92 -45.13
N VAL C 180 37.48 -6.61 -45.12
CA VAL C 180 36.53 -5.98 -44.21
C VAL C 180 35.57 -5.12 -45.04
N THR C 181 35.55 -5.36 -46.36
CA THR C 181 34.76 -4.54 -47.25
C THR C 181 33.27 -4.62 -46.96
N ALA C 182 32.79 -5.74 -46.41
CA ALA C 182 31.38 -5.86 -46.07
C ALA C 182 30.98 -4.88 -44.98
N LEU C 183 31.83 -4.74 -43.96
CA LEU C 183 31.53 -3.80 -42.88
C LEU C 183 31.54 -2.36 -43.38
N LEU C 184 32.47 -2.03 -44.28
CA LEU C 184 32.48 -0.69 -44.86
C LEU C 184 31.26 -0.46 -45.75
N MET C 185 30.81 -1.50 -46.47
CA MET C 185 29.57 -1.39 -47.21
C MET C 185 28.39 -1.10 -46.30
N GLU C 186 28.33 -1.81 -45.16
CA GLU C 186 27.25 -1.58 -44.21
C GLU C 186 27.31 -0.17 -43.62
N ALA C 187 28.51 0.30 -43.30
CA ALA C 187 28.67 1.61 -42.68
C ALA C 187 28.49 2.76 -43.67
N ARG C 188 28.68 2.51 -44.96
CA ARG C 188 28.54 3.57 -45.95
C ARG C 188 27.10 4.05 -46.05
N GLU C 189 26.13 3.15 -45.92
CA GLU C 189 24.72 3.51 -46.01
C GLU C 189 24.26 4.06 -44.66
N LEU C 190 24.62 5.33 -44.42
CA LEU C 190 24.25 6.01 -43.19
C LEU C 190 24.23 7.51 -43.44
N GLU C 191 23.62 8.24 -42.50
CA GLU C 191 23.48 9.69 -42.62
C GLU C 191 24.64 10.46 -42.02
N ALA C 192 25.60 9.79 -41.38
CA ALA C 192 26.74 10.46 -40.80
C ALA C 192 27.92 10.46 -41.76
N ARG C 193 28.83 11.43 -41.55
CA ARG C 193 30.01 11.55 -42.41
C ARG C 193 31.29 11.82 -41.62
N VAL C 194 31.27 11.69 -40.30
CA VAL C 194 32.42 11.99 -39.46
C VAL C 194 32.98 10.68 -38.93
N ILE C 195 34.04 10.19 -39.55
CA ILE C 195 34.67 8.93 -39.14
C ILE C 195 35.63 9.19 -37.99
N ILE C 196 35.53 8.37 -36.95
CA ILE C 196 36.35 8.51 -35.75
C ILE C 196 37.22 7.28 -35.61
N LEU C 197 37.64 6.72 -36.75
CA LEU C 197 38.44 5.50 -36.77
C LEU C 197 39.65 5.60 -35.85
N SER C 198 39.86 4.55 -35.06
CA SER C 198 41.01 4.47 -34.16
C SER C 198 41.32 3.00 -33.94
N ALA C 199 42.45 2.54 -34.46
CA ALA C 199 42.83 1.14 -34.37
C ALA C 199 44.35 1.04 -34.31
N SER C 200 44.88 -0.16 -34.54
CA SER C 200 46.31 -0.38 -34.49
C SER C 200 46.97 0.20 -35.75
N GLU C 201 48.29 -0.01 -35.85
CA GLU C 201 49.04 0.49 -36.99
C GLU C 201 48.82 -0.36 -38.23
N ASP C 202 48.70 -1.67 -38.07
CA ASP C 202 48.62 -2.56 -39.22
C ASP C 202 47.23 -2.52 -39.87
N ASP C 203 46.17 -2.60 -39.07
CA ASP C 203 44.82 -2.58 -39.64
C ASP C 203 44.45 -1.23 -40.24
N ALA C 204 45.15 -0.16 -39.83
CA ALA C 204 44.88 1.16 -40.40
C ALA C 204 45.16 1.17 -41.89
N ALA C 205 46.27 0.54 -42.31
CA ALA C 205 46.58 0.47 -43.74
C ALA C 205 45.51 -0.32 -44.50
N THR C 206 45.05 -1.43 -43.92
CA THR C 206 44.03 -2.23 -44.59
C THR C 206 42.73 -1.46 -44.73
N VAL C 207 42.30 -0.77 -43.67
CA VAL C 207 41.04 -0.02 -43.76
C VAL C 207 41.20 1.19 -44.68
N TYR C 208 42.39 1.79 -44.74
CA TYR C 208 42.62 2.87 -45.69
C TYR C 208 42.54 2.36 -47.12
N ARG C 209 43.11 1.19 -47.39
CA ARG C 209 43.01 0.60 -48.72
C ARG C 209 41.55 0.27 -49.07
N ALA C 210 40.80 -0.23 -48.09
CA ALA C 210 39.38 -0.50 -48.32
C ALA C 210 38.63 0.79 -48.65
N ALA C 211 38.90 1.86 -47.90
CA ALA C 211 38.26 3.13 -48.18
C ALA C 211 38.64 3.65 -49.56
N ALA C 212 39.90 3.48 -49.95
CA ALA C 212 40.34 3.93 -51.27
C ALA C 212 39.64 3.15 -52.37
N MET C 213 39.49 1.84 -52.20
CA MET C 213 38.77 1.06 -53.20
C MET C 213 37.30 1.46 -53.26
N LEU C 214 36.71 1.74 -52.09
CA LEU C 214 35.33 2.20 -52.04
C LEU C 214 35.18 3.65 -52.45
N ASP C 215 36.26 4.42 -52.44
CA ASP C 215 36.22 5.86 -52.70
C ASP C 215 35.22 6.54 -51.75
N MET C 216 35.28 6.14 -50.48
CA MET C 216 34.37 6.65 -49.46
C MET C 216 34.86 7.94 -48.84
N THR C 217 35.72 8.70 -49.53
CA THR C 217 36.14 10.01 -49.09
C THR C 217 35.34 11.11 -49.76
N GLY C 218 35.33 11.13 -51.10
CA GLY C 218 34.51 12.09 -51.83
C GLY C 218 34.90 13.52 -51.50
N SER C 219 33.90 14.32 -51.16
CA SER C 219 34.11 15.71 -50.80
C SER C 219 33.38 16.15 -49.53
N GLY C 220 32.48 15.34 -49.00
CA GLY C 220 31.74 15.70 -47.81
C GLY C 220 31.97 14.77 -46.63
N TYR C 221 33.22 14.36 -46.43
CA TYR C 221 33.57 13.40 -45.39
C TYR C 221 34.65 13.98 -44.49
N VAL C 222 34.65 13.55 -43.23
CA VAL C 222 35.59 14.01 -42.23
C VAL C 222 36.25 12.79 -41.59
N TRP C 223 37.58 12.79 -41.58
CA TRP C 223 38.36 11.70 -41.00
C TRP C 223 39.07 12.18 -39.73
N LEU C 224 39.09 11.32 -38.71
CA LEU C 224 39.73 11.61 -37.44
C LEU C 224 40.59 10.41 -37.06
N VAL C 225 41.87 10.45 -37.41
CA VAL C 225 42.79 9.36 -37.12
C VAL C 225 43.22 9.43 -35.66
N GLY C 226 43.83 8.35 -35.17
CA GLY C 226 44.28 8.27 -33.81
C GLY C 226 45.79 8.40 -33.68
N GLU C 227 46.26 8.23 -32.44
CA GLU C 227 47.70 8.36 -32.17
C GLU C 227 48.49 7.28 -32.89
N ARG C 228 48.12 6.02 -32.71
CA ARG C 228 48.77 4.91 -33.41
C ARG C 228 48.06 4.57 -34.71
N GLU C 229 47.81 5.59 -35.52
CA GLU C 229 47.21 5.40 -36.84
C GLU C 229 47.78 6.35 -37.88
N ILE C 230 48.76 7.18 -37.53
CA ILE C 230 49.25 8.21 -38.44
C ILE C 230 50.76 8.01 -38.63
N SER C 231 51.40 7.39 -37.64
CA SER C 231 52.82 7.10 -37.70
C SER C 231 53.05 5.75 -38.37
N GLY C 232 54.31 5.33 -38.42
CA GLY C 232 54.64 4.05 -39.02
C GLY C 232 54.41 4.05 -40.52
N ASN C 233 54.04 2.88 -41.04
CA ASN C 233 53.78 2.70 -42.46
C ASN C 233 52.38 3.11 -42.88
N ALA C 234 51.66 3.86 -42.03
CA ALA C 234 50.32 4.31 -42.38
C ALA C 234 50.33 5.32 -43.53
N LEU C 235 51.48 5.98 -43.76
CA LEU C 235 51.56 6.97 -44.84
C LEU C 235 51.59 6.34 -46.22
N ARG C 236 51.71 5.02 -46.33
CA ARG C 236 51.71 4.37 -47.64
C ARG C 236 50.39 4.60 -48.35
N TYR C 237 49.27 4.42 -47.65
CA TYR C 237 47.94 4.65 -48.18
C TYR C 237 47.19 5.52 -47.18
N ALA C 238 47.08 6.81 -47.47
CA ALA C 238 46.40 7.72 -46.56
C ALA C 238 45.75 8.87 -47.34
N PRO C 239 44.43 8.95 -47.35
CA PRO C 239 43.77 10.10 -48.00
C PRO C 239 44.15 11.39 -47.32
N ASP C 240 44.23 12.45 -48.12
CA ASP C 240 44.71 13.73 -47.62
C ASP C 240 43.64 14.41 -46.74
N GLY C 241 44.10 15.38 -45.96
CA GLY C 241 43.22 16.22 -45.18
C GLY C 241 42.75 15.65 -43.85
N ILE C 242 43.26 14.50 -43.43
CA ILE C 242 42.83 13.94 -42.16
C ILE C 242 43.33 14.82 -41.00
N ILE C 243 42.65 14.72 -39.87
CA ILE C 243 42.98 15.48 -38.68
C ILE C 243 43.68 14.55 -37.71
N GLY C 244 44.97 14.80 -37.47
CA GLY C 244 45.75 13.96 -36.59
C GLY C 244 45.69 14.41 -35.14
N LEU C 245 46.49 13.72 -34.31
CA LEU C 245 46.58 14.02 -32.89
C LEU C 245 47.78 13.29 -32.32
N GLN C 246 48.56 14.00 -31.51
CA GLN C 246 49.77 13.43 -30.93
C GLN C 246 50.16 14.21 -29.69
N LEU C 247 50.99 13.57 -28.87
CA LEU C 247 51.49 14.23 -27.67
C LEU C 247 52.49 15.32 -28.04
N ILE C 248 52.49 16.40 -27.25
CA ILE C 248 53.35 17.54 -27.55
C ILE C 248 54.82 17.15 -27.42
N ASN C 249 55.18 16.40 -26.39
CA ASN C 249 56.57 16.02 -26.14
C ASN C 249 56.67 14.54 -25.79
N GLY C 250 55.93 13.70 -26.51
CA GLY C 250 55.99 12.27 -26.26
C GLY C 250 57.33 11.66 -26.57
N LYS C 251 58.01 12.15 -27.60
CA LYS C 251 59.31 11.60 -27.98
C LYS C 251 60.36 11.84 -26.90
N ASN C 252 60.31 12.99 -26.24
CA ASN C 252 61.31 13.32 -25.23
C ASN C 252 61.21 12.37 -24.04
N GLU C 253 62.38 11.93 -23.56
CA GLU C 253 62.46 11.04 -22.40
C GLU C 253 63.41 11.60 -21.35
N SER C 254 63.57 12.92 -21.33
CA SER C 254 64.45 13.59 -20.37
C SER C 254 63.69 14.43 -19.37
N ALA C 255 62.77 15.28 -19.82
CA ALA C 255 61.95 16.06 -18.90
C ALA C 255 61.07 15.16 -18.04
N HIS C 256 60.62 14.04 -18.60
CA HIS C 256 59.83 13.09 -17.82
C HIS C 256 60.63 12.54 -16.65
N ILE C 257 61.91 12.26 -16.87
CA ILE C 257 62.76 11.75 -15.79
C ILE C 257 62.87 12.78 -14.67
N SER C 258 63.09 14.05 -15.02
CA SER C 258 63.19 15.10 -14.00
C SER C 258 61.87 15.27 -13.26
N ASP C 259 60.75 15.23 -13.98
CA ASP C 259 59.45 15.36 -13.32
C ASP C 259 59.20 14.19 -12.37
N ALA C 260 59.54 12.97 -12.79
CA ALA C 260 59.39 11.81 -11.92
C ALA C 260 60.29 11.91 -10.69
N VAL C 261 61.52 12.38 -10.87
CA VAL C 261 62.43 12.53 -9.74
C VAL C 261 61.88 13.55 -8.76
N GLY C 262 61.36 14.68 -9.26
CA GLY C 262 60.77 15.68 -8.39
C GLY C 262 59.56 15.15 -7.64
N VAL C 263 58.70 14.41 -8.33
CA VAL C 263 57.51 13.83 -7.69
C VAL C 263 57.93 12.85 -6.61
N VAL C 264 58.93 12.01 -6.90
CA VAL C 264 59.41 11.03 -5.92
C VAL C 264 59.99 11.75 -4.71
N ALA C 265 60.77 12.81 -4.94
CA ALA C 265 61.34 13.56 -3.82
C ALA C 265 60.25 14.19 -2.96
N GLN C 266 59.23 14.77 -3.60
CA GLN C 266 58.13 15.37 -2.85
C GLN C 266 57.38 14.31 -2.04
N ALA C 267 57.12 13.14 -2.64
CA ALA C 267 56.45 12.07 -1.92
C ALA C 267 57.27 11.57 -0.74
N VAL C 268 58.58 11.44 -0.93
CA VAL C 268 59.46 11.00 0.14
C VAL C 268 59.47 12.01 1.28
N HIS C 269 59.54 13.30 0.93
CA HIS C 269 59.51 14.34 1.96
C HIS C 269 58.19 14.32 2.72
N GLU C 270 57.08 14.13 2.01
CA GLU C 270 55.76 14.08 2.66
C GLU C 270 55.64 12.88 3.58
N LEU C 271 56.10 11.71 3.13
CA LEU C 271 55.93 10.48 3.89
C LEU C 271 57.01 10.24 4.95
N LEU C 272 58.08 11.03 4.94
CA LEU C 272 59.14 10.84 5.94
C LEU C 272 58.65 11.17 7.34
N GLU C 273 57.84 12.22 7.48
CA GLU C 273 57.35 12.65 8.78
C GLU C 273 56.05 11.91 9.14
N LYS C 274 56.17 10.58 9.23
CA LYS C 274 55.05 9.73 9.59
C LYS C 274 55.57 8.58 10.46
N GLU C 275 54.96 8.40 11.62
CA GLU C 275 55.35 7.34 12.53
C GLU C 275 54.56 6.07 12.19
N ASN C 276 54.72 5.04 13.05
CA ASN C 276 54.05 3.75 12.85
C ASN C 276 54.36 3.16 11.48
N ILE C 277 55.61 3.28 11.07
CA ILE C 277 56.06 2.77 9.78
C ILE C 277 56.99 1.58 10.01
N THR C 278 57.33 0.90 8.92
CA THR C 278 58.21 -0.26 9.00
C THR C 278 59.31 -0.18 7.94
N ASP C 279 60.08 -1.26 7.78
CA ASP C 279 61.16 -1.30 6.82
C ASP C 279 60.77 -2.18 5.63
N PRO C 280 61.28 -1.86 4.44
CA PRO C 280 60.99 -2.69 3.26
C PRO C 280 61.63 -4.05 3.39
N PRO C 281 61.08 -5.07 2.70
CA PRO C 281 61.66 -6.41 2.78
C PRO C 281 62.97 -6.51 2.02
N ARG C 282 64.07 -6.16 2.67
CA ARG C 282 65.38 -6.13 2.01
C ARG C 282 65.91 -7.54 1.79
N GLY C 283 65.18 -8.36 1.05
CA GLY C 283 65.62 -9.69 0.68
C GLY C 283 64.62 -10.37 -0.23
N CYS C 284 65.11 -10.92 -1.35
CA CYS C 284 64.22 -11.57 -2.29
C CYS C 284 63.80 -12.95 -1.81
N VAL C 285 64.71 -13.68 -1.17
CA VAL C 285 64.42 -15.03 -0.67
C VAL C 285 64.13 -15.05 0.82
N GLY C 286 64.09 -13.89 1.47
CA GLY C 286 63.88 -13.83 2.90
C GLY C 286 62.42 -13.77 3.30
N ASN C 287 62.03 -12.66 3.94
CA ASN C 287 60.65 -12.51 4.41
C ASN C 287 59.71 -12.41 3.21
N THR C 288 58.97 -13.48 2.95
CA THR C 288 57.98 -13.51 1.87
C THR C 288 56.61 -13.24 2.49
N ASN C 289 56.38 -11.98 2.82
CA ASN C 289 55.16 -11.57 3.50
C ASN C 289 54.80 -10.15 3.11
N ILE C 290 53.56 -9.79 3.38
CA ILE C 290 53.04 -8.46 3.05
C ILE C 290 53.65 -7.45 4.03
N TRP C 291 54.52 -6.59 3.53
CA TRP C 291 55.17 -5.61 4.38
C TRP C 291 54.20 -4.49 4.76
N LYS C 292 54.48 -3.85 5.90
CA LYS C 292 53.64 -2.75 6.35
C LYS C 292 53.72 -1.56 5.39
N THR C 293 54.91 -1.27 4.87
CA THR C 293 55.06 -0.25 3.84
C THR C 293 54.26 -0.64 2.61
N GLY C 294 53.20 0.08 2.30
CA GLY C 294 52.28 -0.34 1.28
C GLY C 294 51.26 0.71 0.90
N PRO C 295 49.99 0.29 0.79
CA PRO C 295 48.98 1.12 0.12
C PRO C 295 48.84 2.52 0.70
N LEU C 296 49.11 2.72 1.99
CA LEU C 296 49.06 4.07 2.54
C LEU C 296 50.09 4.98 1.89
N PHE C 297 51.31 4.47 1.70
CA PHE C 297 52.36 5.29 1.10
C PHE C 297 52.11 5.51 -0.39
N LYS C 298 51.53 4.51 -1.07
CA LYS C 298 51.11 4.72 -2.45
C LYS C 298 50.05 5.81 -2.55
N ARG C 299 49.07 5.79 -1.62
CA ARG C 299 48.05 6.83 -1.60
C ARG C 299 48.65 8.21 -1.34
N VAL C 300 49.62 8.27 -0.42
CA VAL C 300 50.30 9.54 -0.14
C VAL C 300 51.04 10.03 -1.38
N LEU C 301 51.71 9.12 -2.09
CA LEU C 301 52.42 9.50 -3.31
C LEU C 301 51.46 10.00 -4.38
N MET C 302 50.32 9.33 -4.53
CA MET C 302 49.32 9.76 -5.50
C MET C 302 48.77 11.14 -5.14
N SER C 303 48.51 11.38 -3.86
CA SER C 303 48.00 12.66 -3.39
C SER C 303 49.18 13.60 -3.10
N SER C 304 49.83 14.02 -4.19
CA SER C 304 50.99 14.92 -4.12
C SER C 304 50.82 15.98 -5.21
N LYS C 305 50.24 17.11 -4.83
CA LYS C 305 50.01 18.22 -5.76
C LYS C 305 51.33 18.96 -5.96
N TYR C 306 52.06 18.57 -7.00
CA TYR C 306 53.32 19.22 -7.32
C TYR C 306 53.09 20.65 -7.77
N ALA C 307 54.04 21.52 -7.44
CA ALA C 307 53.91 22.95 -7.76
C ALA C 307 54.03 23.17 -9.27
N ASP C 308 55.18 22.83 -9.85
CA ASP C 308 55.43 23.06 -11.27
C ASP C 308 56.58 22.15 -11.70
N GLY C 309 56.89 22.19 -12.98
CA GLY C 309 57.97 21.39 -13.51
C GLY C 309 58.16 21.66 -15.00
N VAL C 310 59.14 20.95 -15.57
CA VAL C 310 59.42 21.11 -17.00
C VAL C 310 58.23 20.67 -17.83
N THR C 311 57.61 19.55 -17.46
CA THR C 311 56.44 19.08 -18.19
C THR C 311 55.21 19.96 -17.95
N GLY C 312 55.25 20.81 -16.93
CA GLY C 312 54.13 21.69 -16.64
C GLY C 312 53.42 21.33 -15.36
N ARG C 313 52.11 21.57 -15.31
CA ARG C 313 51.33 21.21 -14.13
C ARG C 313 51.29 19.70 -13.95
N VAL C 314 51.30 19.28 -12.70
CA VAL C 314 51.27 17.87 -12.33
C VAL C 314 50.01 17.62 -11.53
N GLU C 315 49.19 16.67 -11.98
CA GLU C 315 47.95 16.33 -11.29
C GLU C 315 47.60 14.88 -11.59
N PHE C 316 47.23 14.13 -10.55
CA PHE C 316 46.84 12.73 -10.68
C PHE C 316 45.37 12.60 -10.34
N ASN C 317 44.60 12.04 -11.28
CA ASN C 317 43.20 11.73 -11.02
C ASN C 317 43.10 10.46 -10.18
N GLU C 318 41.88 10.17 -9.71
CA GLU C 318 41.66 8.99 -8.91
C GLU C 318 41.48 7.77 -9.79
N ASP C 319 42.40 7.57 -10.74
CA ASP C 319 42.40 6.39 -11.60
C ASP C 319 43.78 5.82 -11.86
N GLY C 320 44.85 6.53 -11.50
CA GLY C 320 46.20 6.10 -11.80
C GLY C 320 46.84 6.78 -12.99
N ASP C 321 46.16 7.75 -13.59
CA ASP C 321 46.66 8.49 -14.75
C ASP C 321 46.82 9.96 -14.40
N ARG C 322 47.35 10.72 -15.35
CA ARG C 322 47.60 12.14 -15.17
C ARG C 322 46.64 12.96 -16.04
N LYS C 323 46.08 14.00 -15.46
CA LYS C 323 45.19 14.92 -16.16
C LYS C 323 45.99 16.14 -16.62
N PHE C 324 45.28 17.16 -17.11
CA PHE C 324 45.89 18.40 -17.59
C PHE C 324 46.93 18.14 -18.68
N ALA C 325 46.61 17.22 -19.58
CA ALA C 325 47.52 16.87 -20.66
C ALA C 325 47.56 17.98 -21.71
N GLN C 326 48.66 18.00 -22.46
CA GLN C 326 48.88 18.97 -23.53
C GLN C 326 48.88 18.23 -24.86
N TYR C 327 48.09 18.73 -25.82
CA TYR C 327 47.94 18.10 -27.11
C TYR C 327 48.03 19.15 -28.22
N SER C 328 48.41 18.69 -29.41
CA SER C 328 48.51 19.56 -30.57
C SER C 328 48.09 18.75 -31.80
N ILE C 329 46.99 19.15 -32.42
CA ILE C 329 46.49 18.42 -33.59
C ILE C 329 47.36 18.72 -34.81
N MET C 330 47.33 17.80 -35.76
CA MET C 330 48.13 17.90 -36.98
C MET C 330 47.28 17.57 -38.19
N ASN C 331 47.66 18.16 -39.33
CA ASN C 331 47.00 17.92 -40.60
C ASN C 331 47.93 17.12 -41.52
N LEU C 332 47.37 16.62 -42.61
CA LEU C 332 48.10 15.78 -43.56
C LEU C 332 47.84 16.25 -44.99
N GLN C 333 47.98 17.56 -45.21
CA GLN C 333 47.81 18.11 -46.55
C GLN C 333 49.02 17.80 -47.41
N ASN C 334 48.75 17.46 -48.68
CA ASN C 334 49.76 17.13 -49.68
C ASN C 334 50.90 16.29 -49.10
N ARG C 335 50.51 15.25 -48.36
CA ARG C 335 51.44 14.28 -47.76
C ARG C 335 52.37 14.92 -46.74
N LYS C 336 52.06 16.12 -46.25
CA LYS C 336 52.90 16.83 -45.32
C LYS C 336 52.16 17.03 -43.99
N LEU C 337 52.93 17.05 -42.91
CA LEU C 337 52.39 17.19 -41.55
C LEU C 337 52.77 18.55 -40.99
N VAL C 338 51.76 19.31 -40.56
CA VAL C 338 51.96 20.60 -39.92
C VAL C 338 51.08 20.67 -38.68
N GLN C 339 51.42 21.61 -37.80
CA GLN C 339 50.61 21.89 -36.61
C GLN C 339 49.54 22.91 -36.95
N VAL C 340 48.31 22.64 -36.53
CA VAL C 340 47.18 23.52 -36.81
C VAL C 340 46.34 23.83 -35.59
N GLY C 341 46.75 23.40 -34.40
CA GLY C 341 45.97 23.67 -33.20
C GLY C 341 46.74 23.31 -31.95
N ILE C 342 46.27 23.86 -30.84
CA ILE C 342 46.88 23.63 -29.53
C ILE C 342 45.78 23.26 -28.55
N TYR C 343 46.05 22.25 -27.72
CA TYR C 343 45.15 21.83 -26.66
C TYR C 343 45.86 21.99 -25.32
N ASN C 344 45.18 22.65 -24.37
CA ASN C 344 45.78 22.93 -23.06
C ASN C 344 44.88 22.45 -21.93
N GLY C 345 44.11 21.39 -22.15
CA GLY C 345 43.20 20.89 -21.14
C GLY C 345 41.88 21.63 -21.11
N THR C 346 41.93 22.95 -21.27
CA THR C 346 40.73 23.78 -21.33
C THR C 346 40.14 23.70 -22.73
N HIS C 347 39.21 24.60 -23.04
CA HIS C 347 38.63 24.64 -24.38
C HIS C 347 39.70 24.89 -25.43
N VAL C 348 39.56 24.24 -26.57
CA VAL C 348 40.59 24.31 -27.61
C VAL C 348 40.71 25.75 -28.12
N ILE C 349 41.93 26.13 -28.45
CA ILE C 349 42.26 27.46 -28.96
C ILE C 349 42.57 27.31 -30.45
N PRO C 350 41.71 27.79 -31.35
CA PRO C 350 42.00 27.68 -32.78
C PRO C 350 43.25 28.47 -33.15
N ASN C 351 44.00 27.93 -34.10
CA ASN C 351 45.22 28.56 -34.59
C ASN C 351 44.91 29.48 -35.77
N ASP C 352 45.86 30.37 -36.06
CA ASP C 352 45.71 31.28 -37.20
C ASP C 352 45.87 30.58 -38.54
N ARG C 353 46.33 29.33 -38.55
CA ARG C 353 46.52 28.57 -39.78
C ARG C 353 45.22 27.87 -40.15
N LYS C 354 44.76 28.09 -41.38
CA LYS C 354 43.54 27.47 -41.86
C LYS C 354 43.79 26.03 -42.27
N ILE C 355 42.84 25.15 -41.94
CA ILE C 355 42.92 23.73 -42.27
C ILE C 355 42.23 23.50 -43.61
N ILE C 356 42.59 22.39 -44.26
CA ILE C 356 42.04 22.03 -45.56
C ILE C 356 41.29 20.71 -45.40
N TRP C 357 40.03 20.70 -45.82
CA TRP C 357 39.18 19.53 -45.72
C TRP C 357 39.46 18.57 -46.88
N PRO C 358 39.07 17.29 -46.73
CA PRO C 358 39.36 16.31 -47.78
C PRO C 358 38.76 16.70 -49.11
N GLY C 359 39.48 16.39 -50.18
CA GLY C 359 39.05 16.71 -51.53
C GLY C 359 38.94 18.19 -51.82
N GLY C 360 39.91 18.98 -51.38
CA GLY C 360 39.83 20.42 -51.54
C GLY C 360 38.63 20.97 -50.80
N GLU C 361 37.92 21.90 -51.44
CA GLU C 361 36.67 22.45 -50.93
C GLU C 361 36.86 23.05 -49.54
N THR C 362 37.63 24.14 -49.50
CA THR C 362 38.00 24.76 -48.23
C THR C 362 36.80 25.46 -47.61
N GLU C 363 35.81 24.65 -47.21
CA GLU C 363 34.63 25.13 -46.50
C GLU C 363 34.15 24.00 -45.59
N LYS C 364 33.69 24.36 -44.41
CA LYS C 364 33.34 23.36 -43.40
C LYS C 364 32.17 22.50 -43.88
N PRO C 365 32.33 21.19 -44.00
CA PRO C 365 31.20 20.33 -44.35
C PRO C 365 30.39 19.93 -43.14
N ARG C 366 29.07 19.84 -43.34
CA ARG C 366 28.18 19.49 -42.25
C ARG C 366 28.16 17.98 -42.00
N GLY C 367 27.78 17.21 -43.01
CA GLY C 367 27.71 15.77 -42.92
C GLY C 367 26.34 15.21 -42.59
N TYR C 368 25.42 16.05 -42.10
CA TYR C 368 24.07 15.62 -41.80
C TYR C 368 23.17 15.71 -43.04
N GLN C 369 23.61 15.06 -44.12
CA GLN C 369 22.87 15.06 -45.38
C GLN C 369 21.63 14.19 -45.21
N MET C 370 20.47 14.82 -45.02
CA MET C 370 19.23 14.09 -44.84
C MET C 370 18.88 13.33 -46.11
N SER C 371 18.42 12.10 -45.94
CA SER C 371 18.04 11.24 -47.05
C SER C 371 16.53 11.08 -47.07
N THR C 372 15.94 11.26 -48.24
CA THR C 372 14.49 11.11 -48.40
C THR C 372 14.06 9.65 -48.51
N ARG C 373 15.00 8.73 -48.67
CA ARG C 373 14.69 7.31 -48.81
C ARG C 373 14.76 6.65 -47.43
N LEU C 374 13.61 6.18 -46.94
CA LEU C 374 13.51 5.53 -45.64
C LEU C 374 12.69 4.26 -45.77
N LYS C 375 13.04 3.25 -44.97
CA LYS C 375 12.46 1.92 -45.08
C LYS C 375 11.51 1.67 -43.92
N ILE C 376 10.27 1.31 -44.25
CA ILE C 376 9.26 0.99 -43.26
C ILE C 376 9.40 -0.48 -42.87
N VAL C 377 8.76 -0.85 -41.75
CA VAL C 377 8.58 -2.24 -41.37
C VAL C 377 7.11 -2.42 -41.00
N THR C 378 6.64 -3.66 -41.12
CA THR C 378 5.22 -3.93 -40.94
C THR C 378 5.04 -5.40 -40.58
N ILE C 379 4.02 -5.69 -39.77
CA ILE C 379 3.69 -7.05 -39.38
C ILE C 379 2.31 -7.38 -39.93
N HIS C 380 2.04 -8.67 -40.06
CA HIS C 380 0.80 -9.16 -40.65
C HIS C 380 -0.30 -9.15 -39.60
N GLN C 381 -1.21 -8.19 -39.70
CA GLN C 381 -2.39 -8.11 -38.85
C GLN C 381 -3.61 -7.97 -39.74
N GLU C 382 -4.63 -8.80 -39.47
CA GLU C 382 -5.71 -8.99 -40.43
C GLU C 382 -6.48 -7.72 -40.78
N PRO C 383 -6.99 -6.93 -39.83
CA PRO C 383 -7.81 -5.78 -40.23
C PRO C 383 -7.02 -4.57 -40.68
N PHE C 384 -5.70 -4.58 -40.52
CA PHE C 384 -4.87 -3.43 -40.89
C PHE C 384 -4.01 -3.67 -42.12
N VAL C 385 -3.27 -4.78 -42.16
CA VAL C 385 -2.33 -5.05 -43.25
C VAL C 385 -2.58 -6.46 -43.77
N TYR C 386 -2.94 -6.57 -45.05
CA TYR C 386 -3.07 -7.86 -45.71
C TYR C 386 -1.78 -8.19 -46.47
N VAL C 387 -1.48 -9.48 -46.54
CA VAL C 387 -0.21 -9.95 -47.08
C VAL C 387 -0.54 -10.90 -48.23
N LYS C 388 -1.65 -10.62 -48.91
CA LYS C 388 -2.09 -11.46 -50.02
C LYS C 388 -0.97 -11.63 -51.05
N PRO C 389 -0.68 -12.85 -51.49
CA PRO C 389 0.47 -13.07 -52.38
C PRO C 389 0.23 -12.48 -53.76
N THR C 390 1.34 -12.25 -54.47
CA THR C 390 1.32 -11.62 -55.77
C THR C 390 0.91 -12.62 -56.84
N MET C 391 0.98 -12.21 -58.11
CA MET C 391 0.63 -13.04 -59.25
C MET C 391 1.90 -13.48 -59.98
N SER C 392 1.69 -14.31 -61.01
CA SER C 392 2.83 -14.83 -61.77
C SER C 392 3.51 -13.75 -62.59
N ASP C 393 2.74 -12.74 -63.05
CA ASP C 393 3.33 -11.68 -63.87
C ASP C 393 4.35 -10.87 -63.08
N GLY C 394 4.09 -10.63 -61.80
CA GLY C 394 4.96 -9.83 -60.97
C GLY C 394 4.19 -8.81 -60.16
N THR C 395 3.12 -8.28 -60.74
CA THR C 395 2.19 -7.40 -60.05
C THR C 395 0.85 -8.11 -59.90
N CYS C 396 0.34 -8.14 -58.68
CA CYS C 396 -0.88 -8.89 -58.41
C CYS C 396 -2.08 -8.23 -59.09
N LYS C 397 -3.23 -8.89 -58.99
CA LYS C 397 -4.40 -8.49 -59.74
C LYS C 397 -4.94 -7.14 -59.25
N GLU C 398 -5.92 -6.63 -59.99
CA GLU C 398 -6.57 -5.36 -59.68
C GLU C 398 -7.90 -5.62 -59.02
N GLU C 399 -8.16 -4.93 -57.90
CA GLU C 399 -9.36 -5.14 -57.11
C GLU C 399 -10.26 -3.92 -57.19
N PHE C 400 -11.51 -4.12 -56.79
CA PHE C 400 -12.50 -3.05 -56.71
C PHE C 400 -13.18 -3.10 -55.35
N THR C 401 -13.90 -2.03 -55.03
CA THR C 401 -14.60 -1.89 -53.76
C THR C 401 -16.10 -2.03 -53.98
N VAL C 402 -16.85 -1.94 -52.87
CA VAL C 402 -18.31 -2.00 -52.96
C VAL C 402 -18.84 -0.78 -53.70
N ASN C 403 -18.22 0.38 -53.49
CA ASN C 403 -18.62 1.61 -54.15
C ASN C 403 -17.90 1.84 -55.47
N GLY C 404 -17.07 0.89 -55.91
CA GLY C 404 -16.36 1.02 -57.16
C GLY C 404 -15.19 1.99 -57.09
N ASP C 405 -14.19 1.65 -56.28
CA ASP C 405 -12.98 2.45 -56.14
C ASP C 405 -11.75 1.59 -56.36
N PRO C 406 -10.67 2.16 -56.89
CA PRO C 406 -9.45 1.38 -57.11
C PRO C 406 -8.63 1.26 -55.84
N VAL C 407 -8.44 0.02 -55.37
CA VAL C 407 -7.65 -0.21 -54.17
C VAL C 407 -6.18 0.01 -54.48
N LYS C 408 -5.51 0.80 -53.63
CA LYS C 408 -4.09 1.09 -53.80
C LYS C 408 -3.27 0.10 -52.99
N LYS C 409 -2.27 -0.50 -53.64
CA LYS C 409 -1.42 -1.50 -53.01
C LYS C 409 0.04 -1.18 -53.30
N VAL C 410 0.92 -1.69 -52.45
CA VAL C 410 2.35 -1.49 -52.55
C VAL C 410 3.05 -2.84 -52.50
N ILE C 411 4.03 -3.03 -53.38
CA ILE C 411 4.77 -4.28 -53.44
C ILE C 411 5.77 -4.31 -52.29
N CYS C 412 5.67 -5.33 -51.45
CA CYS C 412 6.55 -5.48 -50.29
C CYS C 412 7.22 -6.86 -50.31
N THR C 413 8.32 -6.95 -49.55
CA THR C 413 9.27 -8.04 -49.71
C THR C 413 9.33 -8.95 -48.50
N GLY C 414 8.18 -9.34 -47.96
CA GLY C 414 8.14 -10.22 -46.82
C GLY C 414 8.56 -11.63 -47.15
N PRO C 415 8.85 -12.42 -46.13
CA PRO C 415 9.28 -13.80 -46.35
C PRO C 415 8.12 -14.78 -46.45
N ASN C 416 8.41 -15.93 -47.06
CA ASN C 416 7.47 -17.03 -47.15
C ASN C 416 7.71 -18.03 -46.02
N ASP C 417 6.76 -18.95 -45.85
CA ASP C 417 6.83 -19.99 -44.82
C ASP C 417 6.99 -19.34 -43.44
N THR C 418 5.92 -18.65 -43.03
CA THR C 418 5.94 -17.86 -41.81
C THR C 418 6.23 -18.70 -40.57
N SER C 419 6.02 -20.00 -40.63
CA SER C 419 6.36 -20.86 -39.50
C SER C 419 7.85 -20.78 -39.22
N PRO C 420 8.25 -20.70 -37.95
CA PRO C 420 9.67 -20.51 -37.62
C PRO C 420 10.53 -21.76 -37.76
N GLY C 421 9.95 -22.88 -38.19
CA GLY C 421 10.71 -24.11 -38.31
C GLY C 421 11.21 -24.38 -39.72
N SER C 422 11.18 -23.35 -40.57
CA SER C 422 11.59 -23.50 -41.95
C SER C 422 12.59 -22.40 -42.33
N PRO C 423 13.50 -22.69 -43.26
CA PRO C 423 14.47 -21.68 -43.73
C PRO C 423 13.83 -20.66 -44.68
N ARG C 424 13.18 -19.66 -44.09
CA ARG C 424 12.46 -18.66 -44.87
C ARG C 424 13.42 -17.84 -45.71
N HIS C 425 12.98 -17.51 -46.92
CA HIS C 425 13.75 -16.68 -47.84
C HIS C 425 12.84 -15.61 -48.44
N THR C 426 13.46 -14.51 -48.86
CA THR C 426 12.70 -13.37 -49.35
C THR C 426 11.97 -13.69 -50.65
N VAL C 427 10.75 -13.20 -50.75
CA VAL C 427 9.93 -13.33 -51.96
C VAL C 427 8.96 -12.16 -52.02
N PRO C 428 9.00 -11.34 -53.08
CA PRO C 428 8.14 -10.15 -53.12
C PRO C 428 6.66 -10.51 -53.13
N GLN C 429 5.87 -9.70 -52.44
CA GLN C 429 4.42 -9.81 -52.42
C GLN C 429 3.84 -8.41 -52.54
N CYS C 430 2.51 -8.32 -52.57
CA CYS C 430 1.82 -7.03 -52.58
C CYS C 430 0.92 -6.95 -51.36
N CYS C 431 1.04 -5.87 -50.60
CA CYS C 431 0.32 -5.67 -49.36
C CYS C 431 -0.56 -4.43 -49.46
N TYR C 432 -1.73 -4.48 -48.84
CA TYR C 432 -2.69 -3.39 -48.93
C TYR C 432 -3.59 -3.40 -47.70
N GLY C 433 -3.96 -2.22 -47.23
CA GLY C 433 -4.87 -2.13 -46.10
C GLY C 433 -4.89 -0.73 -45.50
N PHE C 434 -5.32 -0.68 -44.24
CA PHE C 434 -5.49 0.59 -43.53
C PHE C 434 -4.17 1.32 -43.35
N CYS C 435 -3.22 0.67 -42.69
CA CYS C 435 -1.95 1.32 -42.37
C CYS C 435 -1.20 1.73 -43.62
N ILE C 436 -1.30 0.94 -44.68
CA ILE C 436 -0.63 1.29 -45.93
C ILE C 436 -1.26 2.52 -46.57
N ASP C 437 -2.59 2.64 -46.49
CA ASP C 437 -3.25 3.85 -46.97
C ASP C 437 -2.81 5.08 -46.17
N LEU C 438 -2.73 4.93 -44.84
CA LEU C 438 -2.25 6.03 -44.01
C LEU C 438 -0.83 6.42 -44.38
N LEU C 439 0.03 5.42 -44.60
CA LEU C 439 1.40 5.69 -44.99
C LEU C 439 1.46 6.39 -46.34
N ILE C 440 0.61 5.99 -47.28
CA ILE C 440 0.59 6.62 -48.60
C ILE C 440 0.20 8.09 -48.48
N LYS C 441 -0.83 8.38 -47.69
CA LYS C 441 -1.21 9.78 -47.50
C LYS C 441 -0.10 10.57 -46.83
N LEU C 442 0.51 9.99 -45.78
CA LEU C 442 1.59 10.69 -45.09
C LEU C 442 2.76 10.98 -46.02
N ALA C 443 3.12 10.01 -46.85
CA ALA C 443 4.20 10.21 -47.82
C ALA C 443 3.84 11.29 -48.83
N ARG C 444 2.65 11.20 -49.41
CA ARG C 444 2.23 12.19 -50.41
C ARG C 444 2.22 13.60 -49.83
N THR C 445 1.92 13.73 -48.53
CA THR C 445 2.02 15.04 -47.89
C THR C 445 3.44 15.58 -47.99
N MET C 446 4.44 14.74 -47.78
CA MET C 446 5.83 15.15 -47.79
C MET C 446 6.60 14.67 -49.02
N GLN C 447 5.95 13.87 -49.88
CA GLN C 447 6.47 13.34 -51.15
C GLN C 447 7.94 12.93 -51.13
N PHE C 448 8.39 12.23 -50.09
CA PHE C 448 9.79 11.80 -50.10
C PHE C 448 9.97 10.48 -50.85
N THR C 449 9.50 9.37 -50.26
CA THR C 449 9.60 8.01 -50.77
C THR C 449 8.93 7.03 -49.81
N TYR C 450 8.95 5.74 -50.16
CA TYR C 450 8.70 4.67 -49.19
C TYR C 450 9.07 3.34 -49.84
N GLU C 451 9.52 2.40 -49.02
CA GLU C 451 9.87 1.05 -49.48
C GLU C 451 9.55 0.07 -48.35
N VAL C 452 8.36 -0.51 -48.42
CA VAL C 452 7.85 -1.34 -47.34
C VAL C 452 8.46 -2.73 -47.42
N HIS C 453 8.94 -3.23 -46.27
CA HIS C 453 9.43 -4.60 -46.18
C HIS C 453 9.03 -5.16 -44.83
N LEU C 454 8.56 -6.40 -44.82
CA LEU C 454 8.07 -7.02 -43.60
C LEU C 454 9.24 -7.40 -42.69
N VAL C 455 8.90 -7.98 -41.54
CA VAL C 455 9.88 -8.41 -40.54
C VAL C 455 9.88 -9.93 -40.51
N ALA C 456 11.07 -10.53 -40.57
CA ALA C 456 11.19 -11.99 -40.57
C ALA C 456 11.36 -12.53 -39.15
N ASP C 457 10.48 -12.12 -38.25
CA ASP C 457 10.38 -12.74 -36.93
C ASP C 457 8.95 -13.00 -36.47
N GLY C 458 7.96 -12.28 -36.98
CA GLY C 458 6.58 -12.51 -36.59
C GLY C 458 6.30 -12.24 -35.12
N LYS C 459 6.91 -11.19 -34.56
CA LYS C 459 6.69 -10.87 -33.15
C LYS C 459 6.75 -9.35 -32.96
N PHE C 460 6.02 -8.87 -31.97
CA PHE C 460 5.91 -7.44 -31.72
C PHE C 460 7.03 -6.88 -30.85
N GLY C 461 7.89 -7.74 -30.31
CA GLY C 461 9.06 -7.26 -29.58
C GLY C 461 8.87 -7.17 -28.08
N THR C 462 9.83 -7.70 -27.33
CA THR C 462 9.82 -7.65 -25.87
C THR C 462 11.22 -7.96 -25.37
N GLN C 463 11.76 -7.09 -24.52
CA GLN C 463 13.12 -7.27 -24.02
C GLN C 463 13.27 -8.62 -23.33
N GLU C 464 14.14 -9.45 -23.90
CA GLU C 464 14.39 -10.78 -23.36
C GLU C 464 15.87 -10.95 -23.04
N ARG C 465 16.15 -11.69 -21.99
CA ARG C 465 17.52 -11.92 -21.56
C ARG C 465 18.29 -12.73 -22.59
N VAL C 466 19.57 -12.42 -22.75
CA VAL C 466 20.42 -13.12 -23.70
C VAL C 466 20.69 -14.56 -23.29
N GLN C 467 20.47 -14.90 -22.02
CA GLN C 467 20.66 -16.24 -21.46
C GLN C 467 22.12 -16.70 -21.50
N ASN C 468 23.04 -15.82 -21.87
CA ASN C 468 24.46 -16.16 -21.90
C ASN C 468 25.28 -15.15 -21.11
N SER C 469 24.85 -13.88 -21.13
CA SER C 469 25.56 -12.81 -20.45
C SER C 469 24.53 -11.94 -19.74
N ASN C 470 24.99 -10.79 -19.25
CA ASN C 470 24.14 -9.89 -18.47
C ASN C 470 23.43 -8.85 -19.31
N LYS C 471 23.54 -8.92 -20.63
CA LYS C 471 22.91 -7.94 -21.51
C LYS C 471 21.53 -8.42 -21.97
N LYS C 472 20.65 -7.46 -22.21
CA LYS C 472 19.31 -7.73 -22.71
C LYS C 472 19.19 -7.15 -24.11
N GLU C 473 18.79 -7.98 -25.07
CA GLU C 473 18.69 -7.58 -26.47
C GLU C 473 17.24 -7.70 -26.93
N TRP C 474 16.76 -6.66 -27.60
CA TRP C 474 15.40 -6.66 -28.12
C TRP C 474 15.24 -7.68 -29.23
N ASN C 475 14.01 -8.16 -29.40
CA ASN C 475 13.67 -9.05 -30.50
C ASN C 475 12.44 -8.53 -31.23
N GLY C 476 11.91 -9.29 -32.19
CA GLY C 476 10.79 -8.81 -32.96
C GLY C 476 11.21 -7.65 -33.87
N MET C 477 10.23 -6.83 -34.24
CA MET C 477 10.50 -5.68 -35.08
C MET C 477 11.03 -4.48 -34.31
N MET C 478 10.91 -4.46 -32.98
CA MET C 478 11.55 -3.42 -32.19
C MET C 478 13.06 -3.49 -32.35
N GLY C 479 13.62 -4.71 -32.34
CA GLY C 479 15.04 -4.86 -32.59
C GLY C 479 15.43 -4.49 -34.00
N GLU C 480 14.56 -4.79 -34.97
CA GLU C 480 14.81 -4.39 -36.35
C GLU C 480 14.90 -2.87 -36.47
N LEU C 481 14.00 -2.15 -35.80
CA LEU C 481 14.06 -0.69 -35.81
C LEU C 481 15.31 -0.19 -35.09
N LEU C 482 15.64 -0.81 -33.96
CA LEU C 482 16.61 -0.20 -33.06
C LEU C 482 18.00 -0.14 -33.66
N SER C 483 18.42 -1.14 -34.43
CA SER C 483 19.83 -1.21 -34.81
C SER C 483 20.15 -0.31 -36.01
N GLY C 484 19.73 -0.70 -37.21
CA GLY C 484 19.94 0.17 -38.35
C GLY C 484 19.03 0.02 -39.55
N GLN C 485 18.03 -0.85 -39.49
CA GLN C 485 17.35 -1.30 -40.70
C GLN C 485 15.86 -0.95 -40.68
N ALA C 486 15.51 0.20 -40.11
CA ALA C 486 14.13 0.67 -40.13
C ALA C 486 14.12 2.13 -39.69
N ASP C 487 13.12 2.86 -40.18
CA ASP C 487 12.91 4.24 -39.78
C ASP C 487 11.52 4.54 -39.25
N MET C 488 10.52 3.73 -39.58
CA MET C 488 9.20 3.89 -39.01
C MET C 488 8.58 2.52 -38.79
N ILE C 489 7.60 2.47 -37.89
CA ILE C 489 7.00 1.23 -37.43
C ILE C 489 5.50 1.28 -37.72
N VAL C 490 5.12 1.79 -38.89
CA VAL C 490 3.70 1.82 -39.23
C VAL C 490 3.17 0.41 -39.05
N ALA C 491 2.32 0.23 -38.04
CA ALA C 491 1.97 -1.07 -37.49
C ALA C 491 0.98 -0.88 -36.36
N PRO C 492 0.39 -1.95 -35.82
CA PRO C 492 -0.45 -1.80 -34.63
C PRO C 492 0.33 -1.66 -33.33
N LEU C 493 1.61 -1.29 -33.42
CA LEU C 493 2.42 -1.02 -32.24
C LEU C 493 1.67 -0.14 -31.23
N THR C 494 1.56 -0.63 -30.00
CA THR C 494 0.86 0.06 -28.94
C THR C 494 1.82 1.00 -28.19
N ILE C 495 1.35 1.52 -27.06
CA ILE C 495 2.09 2.49 -26.27
C ILE C 495 2.13 2.01 -24.82
N ASN C 496 3.34 1.97 -24.25
CA ASN C 496 3.51 1.67 -22.84
C ASN C 496 4.90 2.13 -22.42
N ASN C 497 5.19 2.03 -21.12
CA ASN C 497 6.41 2.61 -20.57
C ASN C 497 7.66 1.96 -21.13
N GLU C 498 7.67 0.63 -21.24
CA GLU C 498 8.89 -0.08 -21.61
C GLU C 498 9.38 0.35 -22.99
N ARG C 499 8.48 0.45 -23.97
CA ARG C 499 8.88 0.93 -25.29
C ARG C 499 9.07 2.43 -25.32
N ALA C 500 8.28 3.19 -24.56
CA ALA C 500 8.42 4.64 -24.57
C ALA C 500 9.73 5.10 -23.95
N GLN C 501 10.41 4.25 -23.18
CA GLN C 501 11.70 4.64 -22.62
C GLN C 501 12.78 4.76 -23.68
N TYR C 502 12.61 4.14 -24.84
CA TYR C 502 13.64 4.12 -25.88
C TYR C 502 13.26 4.82 -27.17
N ILE C 503 12.07 4.55 -27.70
CA ILE C 503 11.65 5.13 -28.97
C ILE C 503 10.62 6.21 -28.69
N GLU C 504 10.54 7.17 -29.60
CA GLU C 504 9.63 8.30 -29.48
C GLU C 504 8.39 8.02 -30.32
N PHE C 505 7.23 7.97 -29.67
CA PHE C 505 5.97 7.70 -30.33
C PHE C 505 5.37 8.99 -30.90
N SER C 506 4.32 8.83 -31.69
CA SER C 506 3.56 9.93 -32.24
C SER C 506 2.18 9.96 -31.59
N LYS C 507 1.40 10.98 -31.92
CA LYS C 507 0.05 11.07 -31.41
C LYS C 507 -0.79 9.90 -31.95
N PRO C 508 -1.56 9.24 -31.09
CA PRO C 508 -2.29 8.05 -31.53
C PRO C 508 -3.35 8.37 -32.58
N PHE C 509 -3.59 7.41 -33.46
CA PHE C 509 -4.64 7.51 -34.46
C PHE C 509 -5.77 6.51 -34.22
N LYS C 510 -5.73 5.78 -33.11
CA LYS C 510 -6.83 4.94 -32.66
C LYS C 510 -6.83 4.94 -31.14
N TYR C 511 -7.85 4.32 -30.55
CA TYR C 511 -7.97 4.27 -29.10
C TYR C 511 -8.42 2.88 -28.65
N GLN C 512 -7.82 1.85 -29.23
CA GLN C 512 -8.23 0.49 -28.97
C GLN C 512 -7.63 -0.02 -27.66
N GLY C 513 -8.48 -0.65 -26.83
CA GLY C 513 -8.05 -1.31 -25.62
C GLY C 513 -8.02 -2.82 -25.77
N LEU C 514 -8.09 -3.51 -24.63
CA LEU C 514 -8.15 -4.96 -24.61
C LEU C 514 -9.57 -5.43 -24.38
N THR C 515 -9.80 -6.71 -24.68
CA THR C 515 -11.13 -7.32 -24.56
C THR C 515 -10.97 -8.82 -24.67
N ILE C 516 -12.07 -9.54 -24.37
CA ILE C 516 -12.09 -10.98 -24.35
C ILE C 516 -13.05 -11.47 -25.44
N LEU C 517 -12.73 -12.61 -26.04
CA LEU C 517 -13.60 -13.26 -27.02
C LEU C 517 -13.95 -14.65 -26.55
N VAL C 518 -15.23 -15.02 -26.68
CA VAL C 518 -15.72 -16.34 -26.29
C VAL C 518 -16.63 -16.86 -27.39
N LYS C 519 -16.87 -18.16 -27.36
CA LYS C 519 -17.73 -18.79 -28.34
C LYS C 519 -19.20 -18.44 -28.09
N LYS C 520 -20.04 -18.76 -29.06
CA LYS C 520 -21.46 -18.45 -29.01
C LYS C 520 -22.27 -19.74 -28.97
N GLU C 521 -23.34 -19.73 -28.18
CA GLU C 521 -24.20 -20.90 -28.01
C GLU C 521 -25.33 -20.89 -29.04
N ILE C 522 -25.60 -22.05 -29.61
CA ILE C 522 -26.61 -22.21 -30.67
C ILE C 522 -28.00 -22.05 -30.08
N PRO C 523 -28.97 -21.54 -30.85
CA PRO C 523 -30.34 -21.39 -30.34
C PRO C 523 -31.18 -22.64 -30.48
N ARG C 524 -32.47 -22.54 -30.12
CA ARG C 524 -33.40 -23.65 -30.20
C ARG C 524 -34.08 -23.69 -31.58
N SER C 525 -34.86 -24.74 -31.81
CA SER C 525 -35.54 -24.97 -33.07
C SER C 525 -37.06 -25.03 -32.93
N THR C 526 -37.59 -24.34 -31.91
CA THR C 526 -39.03 -24.20 -31.69
C THR C 526 -39.75 -25.52 -31.43
N LEU C 527 -39.00 -26.62 -31.38
CA LEU C 527 -39.53 -27.96 -31.11
C LEU C 527 -40.63 -28.28 -32.12
N ASP C 528 -41.58 -29.13 -31.75
CA ASP C 528 -42.71 -29.48 -32.59
C ASP C 528 -43.95 -28.80 -32.06
N SER C 529 -44.61 -28.00 -32.92
CA SER C 529 -45.73 -27.18 -32.48
C SER C 529 -46.89 -28.02 -31.96
N PHE C 530 -46.99 -29.28 -32.39
CA PHE C 530 -48.09 -30.13 -31.96
C PHE C 530 -48.08 -30.37 -30.46
N MET C 531 -46.91 -30.61 -29.87
CA MET C 531 -46.87 -30.96 -28.45
C MET C 531 -45.73 -30.29 -27.70
N ASN C 532 -45.13 -29.22 -28.23
CA ASN C 532 -44.07 -28.54 -27.49
C ASN C 532 -44.59 -27.94 -26.19
N PRO C 533 -45.66 -27.10 -26.18
CA PRO C 533 -46.22 -26.60 -24.92
C PRO C 533 -47.34 -27.49 -24.37
N PHE C 534 -47.09 -28.79 -24.32
CA PHE C 534 -48.07 -29.76 -23.84
C PHE C 534 -47.38 -31.11 -23.68
N GLN C 535 -48.17 -32.12 -23.32
CA GLN C 535 -47.69 -33.49 -23.17
C GLN C 535 -48.67 -34.44 -23.83
N SER C 536 -48.15 -35.58 -24.29
CA SER C 536 -48.99 -36.56 -24.99
C SER C 536 -50.08 -37.11 -24.08
N THR C 537 -49.74 -37.37 -22.82
CA THR C 537 -50.74 -37.87 -21.87
C THR C 537 -51.94 -36.95 -21.80
N LEU C 538 -51.71 -35.63 -21.83
CA LEU C 538 -52.82 -34.70 -21.82
C LEU C 538 -53.66 -34.81 -23.08
N TRP C 539 -53.03 -35.05 -24.23
CA TRP C 539 -53.79 -35.21 -25.47
C TRP C 539 -54.68 -36.44 -25.41
N LEU C 540 -54.13 -37.57 -24.95
CA LEU C 540 -54.93 -38.78 -24.83
C LEU C 540 -56.06 -38.59 -23.81
N LEU C 541 -55.76 -37.91 -22.70
CA LEU C 541 -56.77 -37.67 -21.68
C LEU C 541 -57.90 -36.79 -22.22
N VAL C 542 -57.56 -35.75 -22.98
CA VAL C 542 -58.59 -34.85 -23.49
C VAL C 542 -59.42 -35.56 -24.56
N GLY C 543 -58.80 -36.42 -25.37
CA GLY C 543 -59.59 -37.20 -26.31
C GLY C 543 -60.56 -38.15 -25.62
N LEU C 544 -60.08 -38.84 -24.59
CA LEU C 544 -60.95 -39.73 -23.83
C LEU C 544 -62.08 -38.95 -23.15
N SER C 545 -61.77 -37.77 -22.60
CA SER C 545 -62.79 -36.95 -21.98
C SER C 545 -63.82 -36.47 -22.99
N VAL C 546 -63.37 -36.11 -24.19
CA VAL C 546 -64.30 -35.69 -25.25
C VAL C 546 -65.26 -36.81 -25.58
N HIS C 547 -64.73 -38.03 -25.76
CA HIS C 547 -65.58 -39.16 -26.09
C HIS C 547 -66.53 -39.50 -24.94
N VAL C 548 -66.04 -39.39 -23.70
CA VAL C 548 -66.88 -39.68 -22.54
C VAL C 548 -68.01 -38.67 -22.43
N VAL C 549 -67.72 -37.39 -22.69
CA VAL C 549 -68.75 -36.36 -22.66
C VAL C 549 -69.77 -36.62 -23.76
N ALA C 550 -69.31 -36.99 -24.96
CA ALA C 550 -70.25 -37.30 -26.03
C ALA C 550 -71.16 -38.46 -25.63
N VAL C 551 -70.59 -39.51 -25.03
CA VAL C 551 -71.39 -40.65 -24.59
C VAL C 551 -72.40 -40.22 -23.53
N MET C 552 -71.97 -39.38 -22.58
CA MET C 552 -72.86 -38.96 -21.50
C MET C 552 -74.04 -38.16 -22.04
N LEU C 553 -73.77 -37.20 -22.93
CA LEU C 553 -74.85 -36.42 -23.53
C LEU C 553 -75.77 -37.30 -24.36
N TYR C 554 -75.21 -38.26 -25.11
CA TYR C 554 -76.05 -39.16 -25.90
C TYR C 554 -76.97 -39.98 -25.01
N LEU C 555 -76.42 -40.52 -23.91
CA LEU C 555 -77.23 -41.31 -22.99
C LEU C 555 -78.32 -40.45 -22.34
N LEU C 556 -77.97 -39.23 -21.93
CA LEU C 556 -78.96 -38.36 -21.31
C LEU C 556 -80.08 -38.02 -22.29
N ASP C 557 -79.73 -37.73 -23.54
CA ASP C 557 -80.74 -37.43 -24.55
C ASP C 557 -81.62 -38.64 -24.83
N ARG C 558 -81.02 -39.84 -24.91
CA ARG C 558 -81.79 -41.03 -25.23
C ARG C 558 -82.72 -41.42 -24.07
N PHE C 559 -82.27 -41.24 -22.83
CA PHE C 559 -83.07 -41.64 -21.68
C PHE C 559 -84.37 -40.84 -21.61
N SER C 560 -84.31 -39.54 -21.86
CA SER C 560 -85.50 -38.70 -21.81
C SER C 560 -85.42 -37.57 -22.82
N THR C 578 -79.46 -40.04 -30.77
CA THR C 578 -78.84 -38.78 -31.15
C THR C 578 -77.34 -38.79 -30.87
N LEU C 579 -76.73 -39.97 -31.01
CA LEU C 579 -75.29 -40.10 -30.77
C LEU C 579 -74.48 -39.25 -31.74
N SER C 580 -74.86 -39.28 -33.03
CA SER C 580 -74.15 -38.48 -34.03
C SER C 580 -74.27 -36.99 -33.73
N SER C 581 -75.48 -36.54 -33.38
CA SER C 581 -75.67 -35.13 -33.06
C SER C 581 -74.81 -34.72 -31.86
N ALA C 582 -74.79 -35.55 -30.82
CA ALA C 582 -74.03 -35.22 -29.63
C ALA C 582 -72.53 -35.15 -29.92
N MET C 583 -72.00 -36.16 -30.62
CA MET C 583 -70.57 -36.17 -30.89
C MET C 583 -70.17 -35.02 -31.82
N TRP C 584 -70.99 -34.73 -32.84
CA TRP C 584 -70.67 -33.62 -33.73
C TRP C 584 -70.75 -32.28 -33.00
N PHE C 585 -71.75 -32.12 -32.13
CA PHE C 585 -71.84 -30.89 -31.35
C PHE C 585 -70.63 -30.71 -30.46
N SER C 586 -70.21 -31.77 -29.76
CA SER C 586 -69.06 -31.68 -28.88
C SER C 586 -67.80 -31.35 -29.67
N TRP C 587 -67.58 -32.03 -30.79
CA TRP C 587 -66.39 -31.77 -31.59
C TRP C 587 -66.39 -30.36 -32.14
N GLY C 588 -67.53 -29.92 -32.69
CA GLY C 588 -67.61 -28.56 -33.22
C GLY C 588 -67.39 -27.50 -32.16
N VAL C 589 -67.83 -27.77 -30.92
CA VAL C 589 -67.55 -26.85 -29.83
C VAL C 589 -66.05 -26.85 -29.52
N LEU C 590 -65.41 -28.02 -29.56
CA LEU C 590 -64.02 -28.11 -29.12
C LEU C 590 -63.08 -27.29 -30.01
N LEU C 591 -63.14 -27.51 -31.33
CA LEU C 591 -62.23 -26.83 -32.25
C LEU C 591 -62.83 -25.56 -32.84
N ASN C 592 -63.98 -25.11 -32.36
CA ASN C 592 -64.61 -23.87 -32.79
C ASN C 592 -64.86 -23.89 -34.30
N SER C 593 -65.70 -24.83 -34.72
CA SER C 593 -66.08 -24.98 -36.12
C SER C 593 -67.56 -24.76 -36.28
N GLY C 594 -67.96 -24.20 -37.42
CA GLY C 594 -69.34 -23.91 -37.70
C GLY C 594 -70.19 -25.09 -38.13
N ILE C 595 -69.56 -26.24 -38.35
CA ILE C 595 -70.32 -27.42 -38.77
C ILE C 595 -71.15 -27.95 -37.61
N GLY C 596 -72.21 -28.68 -37.95
CA GLY C 596 -73.10 -29.24 -36.95
C GLY C 596 -74.25 -28.33 -36.60
N GLU C 597 -75.48 -28.83 -36.79
CA GLU C 597 -76.69 -28.08 -36.47
C GLU C 597 -77.46 -28.68 -35.31
N GLY C 598 -76.92 -29.69 -34.65
CA GLY C 598 -77.62 -30.30 -33.54
C GLY C 598 -77.73 -29.39 -32.34
N ALA C 599 -78.78 -29.60 -31.55
CA ALA C 599 -79.03 -28.82 -30.35
C ALA C 599 -79.55 -29.75 -29.26
N PRO C 600 -79.31 -29.42 -28.00
CA PRO C 600 -79.84 -30.23 -26.90
C PRO C 600 -81.26 -29.82 -26.54
N ARG C 601 -81.90 -30.68 -25.75
CA ARG C 601 -83.30 -30.47 -25.34
C ARG C 601 -83.44 -30.28 -23.84
N SER C 602 -82.92 -31.21 -23.04
CA SER C 602 -83.08 -31.12 -21.60
C SER C 602 -82.22 -29.99 -21.03
N PHE C 603 -82.67 -29.47 -19.88
CA PHE C 603 -81.94 -28.39 -19.21
C PHE C 603 -80.57 -28.87 -18.73
N SER C 604 -80.49 -30.11 -18.25
CA SER C 604 -79.21 -30.65 -17.83
C SER C 604 -78.21 -30.63 -18.98
N ALA C 605 -78.65 -31.03 -20.17
CA ALA C 605 -77.80 -30.95 -21.35
C ALA C 605 -77.37 -29.52 -21.63
N ARG C 606 -78.21 -28.54 -21.32
CA ARG C 606 -77.80 -27.15 -21.42
C ARG C 606 -76.65 -26.86 -20.46
N ILE C 607 -76.72 -27.38 -19.24
CA ILE C 607 -75.62 -27.18 -18.30
C ILE C 607 -74.34 -27.81 -18.81
N LEU C 608 -74.41 -29.05 -19.33
CA LEU C 608 -73.20 -29.67 -19.86
C LEU C 608 -72.65 -28.89 -21.05
N GLY C 609 -73.52 -28.37 -21.92
CA GLY C 609 -73.05 -27.56 -23.03
C GLY C 609 -72.32 -26.31 -22.57
N MET C 610 -72.89 -25.63 -21.57
CA MET C 610 -72.25 -24.42 -21.04
C MET C 610 -70.87 -24.74 -20.46
N VAL C 611 -70.80 -25.79 -19.64
CA VAL C 611 -69.52 -26.13 -19.03
C VAL C 611 -68.52 -26.60 -20.09
N TRP C 612 -69.01 -27.26 -21.14
CA TRP C 612 -68.12 -27.67 -22.23
C TRP C 612 -67.53 -26.48 -22.94
N ALA C 613 -68.36 -25.46 -23.21
CA ALA C 613 -67.86 -24.24 -23.85
C ALA C 613 -66.82 -23.56 -22.97
N GLY C 614 -67.09 -23.47 -21.66
CA GLY C 614 -66.11 -22.89 -20.75
C GLY C 614 -64.80 -23.66 -20.75
N PHE C 615 -64.88 -24.99 -20.77
CA PHE C 615 -63.69 -25.82 -20.75
C PHE C 615 -62.87 -25.62 -22.01
N ALA C 616 -63.53 -25.58 -23.18
CA ALA C 616 -62.80 -25.35 -24.42
C ALA C 616 -62.15 -23.97 -24.44
N MET C 617 -62.87 -22.95 -23.97
CA MET C 617 -62.29 -21.60 -23.94
C MET C 617 -61.06 -21.55 -23.05
N ILE C 618 -61.15 -22.16 -21.87
CA ILE C 618 -60.01 -22.11 -20.94
C ILE C 618 -58.83 -22.89 -21.51
N ILE C 619 -59.09 -24.00 -22.19
CA ILE C 619 -58.00 -24.78 -22.78
C ILE C 619 -57.29 -23.96 -23.84
N VAL C 620 -58.05 -23.33 -24.74
CA VAL C 620 -57.42 -22.57 -25.82
C VAL C 620 -56.64 -21.38 -25.25
N ALA C 621 -57.22 -20.68 -24.28
CA ALA C 621 -56.54 -19.53 -23.71
C ALA C 621 -55.26 -19.94 -23.00
N SER C 622 -55.30 -21.03 -22.22
CA SER C 622 -54.10 -21.48 -21.53
C SER C 622 -53.03 -21.91 -22.52
N TYR C 623 -53.41 -22.61 -23.59
CA TYR C 623 -52.44 -23.02 -24.59
C TYR C 623 -51.75 -21.82 -25.22
N THR C 624 -52.55 -20.81 -25.62
CA THR C 624 -51.96 -19.63 -26.23
C THR C 624 -51.03 -18.90 -25.26
N ALA C 625 -51.47 -18.73 -24.01
CA ALA C 625 -50.65 -18.02 -23.04
C ALA C 625 -49.34 -18.74 -22.77
N ASN C 626 -49.40 -20.08 -22.63
CA ASN C 626 -48.17 -20.82 -22.35
C ASN C 626 -47.24 -20.82 -23.55
N LEU C 627 -47.78 -20.91 -24.76
CA LEU C 627 -46.93 -20.82 -25.94
C LEU C 627 -46.26 -19.46 -26.02
N ALA C 628 -46.98 -18.39 -25.67
CA ALA C 628 -46.38 -17.06 -25.64
C ALA C 628 -45.29 -16.98 -24.58
N ALA C 629 -45.51 -17.57 -23.41
CA ALA C 629 -44.52 -17.51 -22.34
C ALA C 629 -43.24 -18.24 -22.68
N PHE C 630 -43.29 -19.27 -23.53
CA PHE C 630 -42.11 -20.04 -23.88
C PHE C 630 -41.24 -19.33 -24.90
N LEU C 631 -41.80 -18.42 -25.69
CA LEU C 631 -41.07 -17.77 -26.76
C LEU C 631 -40.26 -16.56 -26.30
N VAL C 632 -40.34 -16.19 -25.02
CA VAL C 632 -39.61 -15.06 -24.47
C VAL C 632 -38.56 -15.52 -23.46
N LEU C 633 -38.95 -16.37 -22.52
CA LEU C 633 -38.04 -16.85 -21.49
C LEU C 633 -37.09 -17.88 -22.09
N ASP C 634 -35.91 -17.42 -22.49
CA ASP C 634 -34.89 -18.28 -23.08
C ASP C 634 -33.91 -18.72 -22.01
N ARG C 635 -32.82 -19.37 -22.43
CA ARG C 635 -31.79 -19.78 -21.49
C ARG C 635 -31.09 -18.54 -20.92
N PRO C 636 -30.67 -18.60 -19.65
CA PRO C 636 -29.99 -17.44 -19.06
C PRO C 636 -28.72 -17.05 -19.80
N GLU C 637 -27.96 -18.04 -20.28
CA GLU C 637 -26.77 -17.80 -21.10
C GLU C 637 -25.78 -16.87 -20.41
N GLU C 638 -25.26 -17.33 -19.27
CA GLU C 638 -24.28 -16.55 -18.54
C GLU C 638 -22.97 -16.46 -19.34
N ARG C 639 -22.31 -15.31 -19.21
CA ARG C 639 -21.08 -15.04 -19.95
C ARG C 639 -20.09 -14.31 -19.05
N ILE C 640 -18.83 -14.31 -19.49
CA ILE C 640 -17.77 -13.68 -18.70
C ILE C 640 -17.99 -12.18 -18.66
N THR C 641 -17.94 -11.61 -17.45
CA THR C 641 -18.10 -10.16 -17.30
C THR C 641 -16.85 -9.39 -17.70
N GLY C 642 -15.68 -9.96 -17.47
CA GLY C 642 -14.43 -9.28 -17.74
C GLY C 642 -13.25 -9.92 -17.03
N ILE C 643 -12.44 -9.11 -16.33
CA ILE C 643 -11.33 -9.65 -15.56
C ILE C 643 -11.70 -9.94 -14.12
N ASN C 644 -12.83 -9.42 -13.65
CA ASN C 644 -13.25 -9.63 -12.27
C ASN C 644 -14.15 -10.86 -12.11
N ASP C 645 -14.41 -11.58 -13.19
CA ASP C 645 -15.19 -12.81 -13.08
C ASP C 645 -14.37 -13.87 -12.35
N PRO C 646 -14.93 -14.53 -11.33
CA PRO C 646 -14.13 -15.51 -10.57
C PRO C 646 -13.66 -16.69 -11.39
N ARG C 647 -14.26 -16.94 -12.55
CA ARG C 647 -13.81 -18.05 -13.38
C ARG C 647 -12.40 -17.84 -13.93
N LEU C 648 -11.92 -16.60 -13.95
CA LEU C 648 -10.61 -16.30 -14.51
C LEU C 648 -9.50 -16.37 -13.48
N ARG C 649 -9.80 -16.07 -12.21
CA ARG C 649 -8.75 -16.01 -11.20
C ARG C 649 -8.12 -17.38 -10.95
N ASN C 650 -8.95 -18.39 -10.70
CA ASN C 650 -8.48 -19.73 -10.34
C ASN C 650 -9.20 -20.78 -11.17
N PRO C 651 -8.78 -20.97 -12.43
CA PRO C 651 -9.36 -22.05 -13.24
C PRO C 651 -8.61 -23.36 -13.06
N SER C 652 -9.32 -24.44 -12.72
CA SER C 652 -8.64 -25.69 -12.38
C SER C 652 -8.26 -26.49 -13.62
N ASP C 653 -9.25 -26.99 -14.35
CA ASP C 653 -8.97 -27.81 -15.54
C ASP C 653 -9.89 -27.57 -16.72
N LYS C 654 -11.03 -26.91 -16.56
CA LYS C 654 -12.04 -26.83 -17.61
C LYS C 654 -12.16 -25.43 -18.19
N PHE C 655 -11.09 -24.63 -18.07
CA PHE C 655 -11.08 -23.28 -18.64
C PHE C 655 -9.63 -22.92 -18.93
N ILE C 656 -9.26 -22.95 -20.21
CA ILE C 656 -7.91 -22.58 -20.64
C ILE C 656 -8.04 -21.36 -21.54
N TYR C 657 -7.36 -20.28 -21.15
CA TYR C 657 -7.36 -19.04 -21.91
C TYR C 657 -5.92 -18.63 -22.19
N ALA C 658 -5.64 -18.26 -23.44
CA ALA C 658 -4.28 -17.97 -23.85
C ALA C 658 -4.17 -16.60 -24.53
N THR C 659 -3.00 -16.30 -25.07
CA THR C 659 -2.77 -15.05 -25.77
C THR C 659 -1.57 -15.23 -26.69
N VAL C 660 -1.27 -14.20 -27.48
CA VAL C 660 -0.19 -14.26 -28.45
C VAL C 660 1.14 -14.07 -27.73
N LYS C 661 2.08 -14.97 -28.00
CA LYS C 661 3.37 -14.94 -27.31
C LYS C 661 4.16 -13.68 -27.69
N GLN C 662 4.88 -13.13 -26.71
CA GLN C 662 5.79 -12.01 -26.90
C GLN C 662 5.08 -10.82 -27.53
N SER C 663 4.09 -10.31 -26.81
CA SER C 663 3.30 -9.17 -27.29
C SER C 663 3.17 -8.10 -26.22
N SER C 664 2.32 -7.10 -26.46
CA SER C 664 2.15 -6.00 -25.53
C SER C 664 1.24 -6.34 -24.35
N VAL C 665 0.49 -7.45 -24.42
CA VAL C 665 -0.37 -7.83 -23.31
C VAL C 665 0.38 -8.68 -22.28
N ASP C 666 1.40 -9.42 -22.70
CA ASP C 666 2.14 -10.25 -21.75
C ASP C 666 2.87 -9.38 -20.73
N ILE C 667 3.42 -8.24 -21.16
CA ILE C 667 4.09 -7.33 -20.25
C ILE C 667 3.11 -6.81 -19.20
N TYR C 668 1.87 -6.54 -19.61
CA TYR C 668 0.87 -6.04 -18.67
C TYR C 668 0.62 -7.01 -17.53
N PHE C 669 0.51 -8.30 -17.85
CA PHE C 669 0.30 -9.30 -16.81
C PHE C 669 1.56 -9.52 -15.99
N ARG C 670 2.72 -9.56 -16.64
CA ARG C 670 3.97 -9.81 -15.93
C ARG C 670 4.32 -8.69 -14.97
N ARG C 671 3.91 -7.46 -15.28
CA ARG C 671 4.29 -6.28 -14.50
C ARG C 671 3.30 -5.95 -13.40
N GLN C 672 2.59 -6.95 -12.87
CA GLN C 672 1.64 -6.72 -11.78
C GLN C 672 1.62 -7.97 -10.91
N VAL C 673 1.80 -7.79 -9.60
CA VAL C 673 1.95 -8.93 -8.70
C VAL C 673 0.61 -9.57 -8.32
N GLU C 674 -0.50 -8.85 -8.46
CA GLU C 674 -1.79 -9.43 -8.14
C GLU C 674 -2.32 -10.36 -9.24
N LEU C 675 -1.65 -10.42 -10.38
CA LEU C 675 -2.04 -11.28 -11.49
C LEU C 675 -1.04 -12.41 -11.71
N SER C 676 -0.31 -12.79 -10.66
CA SER C 676 0.70 -13.83 -10.79
C SER C 676 0.08 -15.17 -11.17
N THR C 677 -1.04 -15.53 -10.55
CA THR C 677 -1.68 -16.81 -10.86
C THR C 677 -2.16 -16.84 -12.31
N MET C 678 -2.74 -15.74 -12.80
CA MET C 678 -3.19 -15.71 -14.18
C MET C 678 -2.02 -15.81 -15.15
N TYR C 679 -0.94 -15.07 -14.88
CA TYR C 679 0.21 -15.15 -15.77
C TYR C 679 0.84 -16.53 -15.75
N ARG C 680 0.86 -17.18 -14.58
CA ARG C 680 1.38 -18.53 -14.49
C ARG C 680 0.52 -19.50 -15.30
N HIS C 681 -0.80 -19.36 -15.20
CA HIS C 681 -1.68 -20.28 -15.93
C HIS C 681 -1.58 -20.07 -17.43
N MET C 682 -1.43 -18.82 -17.88
CA MET C 682 -1.32 -18.57 -19.30
C MET C 682 0.02 -19.00 -19.89
N GLU C 683 1.00 -19.36 -19.05
CA GLU C 683 2.33 -19.68 -19.56
C GLU C 683 2.37 -21.00 -20.31
N LYS C 684 1.45 -21.92 -20.02
CA LYS C 684 1.46 -23.21 -20.71
C LYS C 684 1.05 -23.05 -22.17
N HIS C 685 -0.02 -22.29 -22.43
CA HIS C 685 -0.56 -22.13 -23.77
C HIS C 685 -0.35 -20.70 -24.22
N ASN C 686 0.34 -20.52 -25.34
CA ASN C 686 0.59 -19.19 -25.89
C ASN C 686 0.82 -19.35 -27.40
N TYR C 687 -0.21 -19.02 -28.19
CA TYR C 687 -0.12 -19.17 -29.63
C TYR C 687 0.83 -18.15 -30.22
N GLU C 688 1.37 -18.48 -31.39
CA GLU C 688 2.38 -17.66 -32.06
C GLU C 688 1.80 -16.66 -33.04
N SER C 689 0.48 -16.66 -33.26
CA SER C 689 -0.11 -15.71 -34.18
C SER C 689 -1.59 -15.53 -33.82
N ALA C 690 -2.14 -14.40 -34.27
CA ALA C 690 -3.55 -14.11 -33.97
C ALA C 690 -4.50 -14.97 -34.79
N ALA C 691 -4.20 -15.14 -36.09
CA ALA C 691 -5.09 -15.92 -36.94
C ALA C 691 -5.16 -17.38 -36.50
N GLU C 692 -4.01 -17.96 -36.14
CA GLU C 692 -4.00 -19.32 -35.65
C GLU C 692 -4.79 -19.45 -34.35
N ALA C 693 -4.65 -18.46 -33.46
CA ALA C 693 -5.41 -18.49 -32.20
C ALA C 693 -6.91 -18.42 -32.46
N ILE C 694 -7.33 -17.55 -33.38
CA ILE C 694 -8.75 -17.44 -33.70
C ILE C 694 -9.26 -18.74 -34.31
N GLN C 695 -8.49 -19.33 -35.22
CA GLN C 695 -8.90 -20.59 -35.83
C GLN C 695 -9.01 -21.70 -34.79
N ALA C 696 -8.08 -21.73 -33.83
CA ALA C 696 -8.15 -22.73 -32.78
C ALA C 696 -9.31 -22.46 -31.83
N VAL C 697 -9.69 -21.19 -31.67
CA VAL C 697 -10.88 -20.87 -30.87
C VAL C 697 -12.14 -21.33 -31.59
N ARG C 698 -12.14 -21.31 -32.92
CA ARG C 698 -13.34 -21.63 -33.68
C ARG C 698 -13.89 -23.01 -33.32
N ASP C 699 -13.01 -24.00 -33.15
CA ASP C 699 -13.41 -25.29 -32.63
C ASP C 699 -13.12 -25.36 -31.13
N ASN C 700 -13.61 -26.41 -30.48
CA ASN C 700 -13.55 -26.50 -29.02
C ASN C 700 -12.17 -26.99 -28.58
N LYS C 701 -11.20 -26.09 -28.73
CA LYS C 701 -9.87 -26.28 -28.15
C LYS C 701 -9.47 -25.18 -27.20
N LEU C 702 -10.11 -24.01 -27.28
CA LEU C 702 -9.90 -22.93 -26.33
C LEU C 702 -11.26 -22.41 -25.88
N HIS C 703 -11.24 -21.50 -24.90
CA HIS C 703 -12.45 -20.90 -24.40
C HIS C 703 -12.38 -19.39 -24.27
N ALA C 704 -11.21 -18.78 -24.40
CA ALA C 704 -11.09 -17.33 -24.32
C ALA C 704 -9.82 -16.91 -25.04
N PHE C 705 -9.74 -15.61 -25.33
CA PHE C 705 -8.58 -15.05 -26.02
C PHE C 705 -8.53 -13.55 -25.72
N ILE C 706 -7.41 -13.10 -25.18
CA ILE C 706 -7.24 -11.72 -24.74
C ILE C 706 -6.32 -11.02 -25.73
N TRP C 707 -6.82 -9.98 -26.38
CA TRP C 707 -6.09 -9.27 -27.43
C TRP C 707 -6.71 -7.88 -27.57
N ASP C 708 -6.31 -7.16 -28.60
CA ASP C 708 -6.78 -5.79 -28.81
C ASP C 708 -8.28 -5.78 -29.10
N SER C 709 -8.84 -4.57 -29.08
CA SER C 709 -10.29 -4.43 -29.23
C SER C 709 -10.72 -4.21 -30.68
N ALA C 710 -9.96 -3.43 -31.46
CA ALA C 710 -10.34 -3.20 -32.85
C ALA C 710 -10.25 -4.47 -33.67
N VAL C 711 -9.14 -5.20 -33.56
CA VAL C 711 -8.97 -6.44 -34.30
C VAL C 711 -10.04 -7.45 -33.91
N LEU C 712 -10.27 -7.60 -32.61
CA LEU C 712 -11.25 -8.58 -32.14
C LEU C 712 -12.65 -8.20 -32.56
N GLU C 713 -12.99 -6.91 -32.50
CA GLU C 713 -14.30 -6.46 -32.92
C GLU C 713 -14.51 -6.72 -34.41
N PHE C 714 -13.48 -6.50 -35.23
CA PHE C 714 -13.61 -6.79 -36.65
C PHE C 714 -13.78 -8.28 -36.89
N GLU C 715 -12.94 -9.11 -36.25
CA GLU C 715 -13.04 -10.55 -36.45
C GLU C 715 -14.31 -11.14 -35.85
N ALA C 716 -15.01 -10.39 -35.01
CA ALA C 716 -16.29 -10.84 -34.48
C ALA C 716 -17.46 -10.49 -35.40
N SER C 717 -17.23 -9.74 -36.47
CA SER C 717 -18.30 -9.33 -37.37
C SER C 717 -18.34 -10.14 -38.65
N GLN C 718 -17.20 -10.45 -39.25
CA GLN C 718 -17.19 -11.26 -40.47
C GLN C 718 -17.69 -12.68 -40.24
N LYS C 719 -17.32 -13.27 -39.11
CA LYS C 719 -17.83 -14.59 -38.72
C LYS C 719 -19.07 -14.43 -37.86
N CYS C 720 -19.93 -15.44 -37.91
CA CYS C 720 -21.28 -15.34 -37.35
C CYS C 720 -21.46 -16.24 -36.14
N ASP C 721 -20.38 -16.74 -35.54
CA ASP C 721 -20.49 -17.62 -34.38
C ASP C 721 -19.53 -17.23 -33.25
N LEU C 722 -19.01 -16.00 -33.26
CA LEU C 722 -18.14 -15.52 -32.19
C LEU C 722 -18.64 -14.17 -31.68
N VAL C 723 -18.58 -14.00 -30.37
CA VAL C 723 -19.03 -12.78 -29.71
C VAL C 723 -18.02 -12.40 -28.64
N THR C 724 -17.67 -11.11 -28.59
CA THR C 724 -16.72 -10.60 -27.60
C THR C 724 -17.49 -10.00 -26.44
N THR C 725 -17.24 -10.52 -25.24
CA THR C 725 -17.87 -10.04 -24.02
C THR C 725 -16.80 -9.58 -23.03
N GLY C 726 -17.03 -8.42 -22.42
CA GLY C 726 -16.10 -7.90 -21.44
C GLY C 726 -16.00 -6.39 -21.45
N GLU C 727 -15.19 -5.83 -20.56
CA GLU C 727 -14.98 -4.40 -20.45
C GLU C 727 -13.55 -4.06 -20.86
N LEU C 728 -13.32 -2.78 -21.09
CA LEU C 728 -12.04 -2.32 -21.62
C LEU C 728 -10.97 -2.34 -20.53
N PHE C 729 -9.85 -2.96 -20.85
CA PHE C 729 -8.70 -3.12 -19.96
C PHE C 729 -7.83 -1.87 -20.04
N PHE C 730 -6.57 -1.99 -19.62
CA PHE C 730 -5.53 -1.02 -19.95
C PHE C 730 -5.72 -0.52 -21.37
N ARG C 731 -5.77 0.81 -21.53
CA ARG C 731 -6.36 1.44 -22.70
C ARG C 731 -5.45 2.56 -23.20
N SER C 732 -4.59 2.23 -24.17
CA SER C 732 -3.75 3.21 -24.83
C SER C 732 -3.84 3.00 -26.33
N GLY C 733 -3.80 4.09 -27.08
CA GLY C 733 -3.96 4.01 -28.51
C GLY C 733 -2.74 3.48 -29.22
N PHE C 734 -2.87 3.32 -30.53
CA PHE C 734 -1.77 2.88 -31.36
C PHE C 734 -0.81 4.06 -31.59
N GLY C 735 0.16 3.87 -32.47
CA GLY C 735 1.07 4.95 -32.79
C GLY C 735 2.05 4.54 -33.87
N ILE C 736 2.67 5.55 -34.46
CA ILE C 736 3.67 5.37 -35.49
C ILE C 736 5.04 5.50 -34.81
N GLY C 737 5.65 4.36 -34.49
CA GLY C 737 6.93 4.39 -33.82
C GLY C 737 8.01 5.04 -34.67
N MET C 738 9.12 5.38 -34.02
CA MET C 738 10.19 6.09 -34.69
C MET C 738 11.43 6.05 -33.80
N ARG C 739 12.59 6.13 -34.45
CA ARG C 739 13.85 6.14 -33.73
C ARG C 739 13.94 7.39 -32.85
N LYS C 740 14.63 7.24 -31.71
CA LYS C 740 14.78 8.34 -30.77
C LYS C 740 15.42 9.53 -31.45
N ASP C 741 14.63 10.60 -31.61
CA ASP C 741 14.96 11.83 -32.35
C ASP C 741 15.09 11.54 -33.84
N SER C 742 14.75 12.53 -34.68
CA SER C 742 14.75 12.38 -36.12
C SER C 742 14.37 13.71 -36.77
N PRO C 743 14.75 13.96 -38.03
CA PRO C 743 14.24 15.15 -38.72
C PRO C 743 12.72 15.16 -38.82
N TRP C 744 12.09 14.01 -39.01
CA TRP C 744 10.63 13.93 -39.13
C TRP C 744 10.03 13.56 -37.77
N LYS C 745 10.25 14.42 -36.79
CA LYS C 745 9.73 14.20 -35.44
C LYS C 745 8.59 15.14 -35.09
N GLN C 746 8.27 16.09 -35.95
CA GLN C 746 7.18 17.03 -35.72
C GLN C 746 6.13 16.99 -36.81
N GLN C 747 6.55 16.91 -38.07
CA GLN C 747 5.60 16.93 -39.19
C GLN C 747 4.67 15.73 -39.15
N VAL C 748 5.16 14.58 -38.69
CA VAL C 748 4.30 13.41 -38.60
C VAL C 748 3.17 13.64 -37.61
N SER C 749 3.49 14.19 -36.45
CA SER C 749 2.45 14.48 -35.45
C SER C 749 1.48 15.54 -35.96
N LEU C 750 2.00 16.60 -36.59
CA LEU C 750 1.11 17.64 -37.09
C LEU C 750 0.17 17.10 -38.17
N SER C 751 0.70 16.28 -39.08
CA SER C 751 -0.14 15.70 -40.14
C SER C 751 -1.17 14.74 -39.55
N ILE C 752 -0.77 13.94 -38.55
CA ILE C 752 -1.72 13.02 -37.93
C ILE C 752 -2.86 13.80 -37.30
N LEU C 753 -2.54 14.88 -36.57
CA LEU C 753 -3.59 15.66 -35.93
C LEU C 753 -4.49 16.33 -36.96
N LYS C 754 -3.89 16.88 -38.02
CA LYS C 754 -4.70 17.54 -39.05
C LYS C 754 -5.63 16.56 -39.74
N SER C 755 -5.13 15.37 -40.09
CA SER C 755 -5.98 14.38 -40.74
C SER C 755 -7.02 13.82 -39.78
N HIS C 756 -6.71 13.78 -38.48
CA HIS C 756 -7.70 13.35 -37.50
C HIS C 756 -8.84 14.35 -37.41
N GLU C 757 -8.52 15.64 -37.41
CA GLU C 757 -9.56 16.67 -37.31
C GLU C 757 -10.32 16.86 -38.61
N ASN C 758 -9.69 16.59 -39.75
CA ASN C 758 -10.26 16.92 -41.05
C ASN C 758 -11.24 15.87 -41.58
N GLY C 759 -11.45 14.78 -40.85
CA GLY C 759 -12.44 13.79 -41.24
C GLY C 759 -11.95 12.67 -42.14
N PHE C 760 -10.68 12.71 -42.57
CA PHE C 760 -10.15 11.65 -43.43
C PHE C 760 -10.17 10.30 -42.70
N MET C 761 -9.69 10.29 -41.45
CA MET C 761 -9.56 9.04 -40.72
C MET C 761 -10.91 8.38 -40.49
N GLU C 762 -11.95 9.19 -40.19
CA GLU C 762 -13.26 8.62 -39.94
C GLU C 762 -13.78 7.87 -41.17
N ASP C 763 -13.69 8.49 -42.34
CA ASP C 763 -14.19 7.85 -43.55
C ASP C 763 -13.34 6.63 -43.92
N LEU C 764 -12.02 6.71 -43.74
CA LEU C 764 -11.17 5.56 -44.03
C LEU C 764 -11.54 4.38 -43.12
N ASP C 765 -11.71 4.66 -41.82
CA ASP C 765 -12.07 3.61 -40.88
C ASP C 765 -13.44 3.03 -41.21
N LYS C 766 -14.40 3.88 -41.55
CA LYS C 766 -15.73 3.39 -41.94
C LYS C 766 -15.61 2.45 -43.13
N THR C 767 -14.90 2.88 -44.18
CA THR C 767 -14.78 2.09 -45.39
C THR C 767 -14.14 0.74 -45.11
N TRP C 768 -13.09 0.71 -44.28
CA TRP C 768 -12.36 -0.54 -44.12
C TRP C 768 -12.91 -1.48 -43.06
N VAL C 769 -13.53 -0.97 -41.99
CA VAL C 769 -13.90 -1.85 -40.88
C VAL C 769 -15.37 -1.70 -40.48
N ARG C 770 -16.17 -0.98 -41.27
CA ARG C 770 -17.53 -0.72 -40.81
C ARG C 770 -18.60 -1.26 -41.76
N TYR C 771 -18.47 -2.51 -42.19
CA TYR C 771 -19.55 -3.23 -42.83
C TYR C 771 -19.85 -4.47 -42.01
N GLN C 772 -21.08 -4.56 -41.51
CA GLN C 772 -21.49 -5.64 -40.61
C GLN C 772 -22.34 -6.65 -41.36
N GLU C 773 -21.86 -7.89 -41.42
CA GLU C 773 -22.60 -8.98 -42.04
C GLU C 773 -23.56 -9.62 -41.05
N CYS C 774 -23.10 -9.92 -39.84
CA CYS C 774 -23.94 -10.43 -38.76
C CYS C 774 -23.94 -9.44 -37.61
N ASP C 775 -25.13 -9.11 -37.13
CA ASP C 775 -25.28 -8.21 -36.00
C ASP C 775 -25.07 -9.00 -34.71
N SER C 776 -25.32 -8.34 -33.56
CA SER C 776 -25.20 -9.00 -32.26
C SER C 776 -26.44 -9.85 -31.98
N ARG C 777 -27.62 -9.22 -32.02
CA ARG C 777 -28.90 -9.91 -31.84
C ARG C 777 -28.93 -10.69 -30.52
N SER C 778 -28.56 -9.99 -29.44
CA SER C 778 -28.59 -10.61 -28.12
C SER C 778 -30.03 -10.95 -27.71
N ASN C 779 -30.97 -10.06 -28.02
CA ASN C 779 -32.38 -10.33 -27.72
C ASN C 779 -32.90 -11.52 -28.51
N ALA C 780 -32.53 -11.60 -29.79
CA ALA C 780 -32.85 -12.72 -30.69
C ALA C 780 -34.35 -12.97 -30.80
N PRO C 781 -35.10 -12.07 -31.46
CA PRO C 781 -36.53 -12.34 -31.72
C PRO C 781 -36.72 -13.21 -32.97
N ALA C 782 -36.54 -14.50 -32.79
CA ALA C 782 -36.52 -15.44 -33.91
C ALA C 782 -37.90 -15.54 -34.55
N THR C 783 -38.00 -15.10 -35.81
CA THR C 783 -39.23 -15.26 -36.56
C THR C 783 -39.44 -16.72 -36.94
N LEU C 784 -40.68 -17.19 -36.78
CA LEU C 784 -40.98 -18.59 -37.04
C LEU C 784 -40.73 -18.95 -38.51
N THR C 785 -40.20 -20.14 -38.72
CA THR C 785 -39.92 -20.67 -40.05
C THR C 785 -40.81 -21.88 -40.31
N PHE C 786 -40.58 -22.53 -41.46
CA PHE C 786 -41.38 -23.68 -41.85
C PHE C 786 -41.13 -24.91 -40.98
N GLU C 787 -40.08 -24.91 -40.16
CA GLU C 787 -39.79 -26.07 -39.31
C GLU C 787 -40.89 -26.32 -38.29
N ASN C 788 -41.72 -25.33 -38.01
CA ASN C 788 -42.83 -25.51 -37.08
C ASN C 788 -44.12 -25.89 -37.79
N MET C 789 -44.42 -25.26 -38.93
CA MET C 789 -45.63 -25.55 -39.68
C MET C 789 -45.54 -26.83 -40.49
N ALA C 790 -44.34 -27.42 -40.63
CA ALA C 790 -44.21 -28.65 -41.39
C ALA C 790 -45.02 -29.78 -40.75
N GLY C 791 -45.02 -29.85 -39.41
CA GLY C 791 -45.77 -30.90 -38.74
C GLY C 791 -47.26 -30.79 -38.99
N VAL C 792 -47.82 -29.59 -38.86
CA VAL C 792 -49.26 -29.43 -39.06
C VAL C 792 -49.63 -29.63 -40.52
N PHE C 793 -48.77 -29.20 -41.45
CA PHE C 793 -49.05 -29.44 -42.87
C PHE C 793 -49.02 -30.93 -43.18
N MET C 794 -48.07 -31.66 -42.61
CA MET C 794 -48.03 -33.11 -42.80
C MET C 794 -49.25 -33.78 -42.19
N ILE C 795 -49.71 -33.28 -41.03
CA ILE C 795 -50.91 -33.81 -40.42
C ILE C 795 -52.12 -33.59 -41.32
N VAL C 796 -52.21 -32.41 -41.93
CA VAL C 796 -53.31 -32.12 -42.85
C VAL C 796 -53.26 -33.04 -44.06
N ALA C 797 -52.06 -33.25 -44.61
CA ALA C 797 -51.91 -34.14 -45.76
C ALA C 797 -52.29 -35.57 -45.40
N GLY C 798 -51.87 -36.04 -44.22
CA GLY C 798 -52.24 -37.37 -43.77
C GLY C 798 -53.74 -37.52 -43.57
N GLY C 799 -54.38 -36.50 -42.99
CA GLY C 799 -55.82 -36.52 -42.84
C GLY C 799 -56.54 -36.56 -44.19
N ILE C 800 -56.04 -35.81 -45.16
CA ILE C 800 -56.63 -35.84 -46.50
C ILE C 800 -56.49 -37.22 -47.12
N VAL C 801 -55.31 -37.83 -46.97
CA VAL C 801 -55.09 -39.17 -47.51
C VAL C 801 -56.02 -40.18 -46.84
N ALA C 802 -56.17 -40.07 -45.51
CA ALA C 802 -57.04 -40.98 -44.78
C ALA C 802 -58.48 -40.81 -45.21
N GLY C 803 -58.92 -39.57 -45.42
CA GLY C 803 -60.28 -39.34 -45.89
C GLY C 803 -60.51 -39.89 -47.29
N ILE C 804 -59.52 -39.73 -48.17
CA ILE C 804 -59.63 -40.29 -49.52
C ILE C 804 -59.73 -41.81 -49.45
N PHE C 805 -58.92 -42.44 -48.59
CA PHE C 805 -58.97 -43.88 -48.45
C PHE C 805 -60.30 -44.34 -47.88
N LEU C 806 -60.84 -43.62 -46.89
CA LEU C 806 -62.05 -44.02 -46.20
C LEU C 806 -63.33 -43.66 -46.97
N ILE C 807 -63.23 -42.82 -48.00
CA ILE C 807 -64.40 -42.53 -48.82
C ILE C 807 -64.91 -43.81 -49.48
N PHE C 808 -63.98 -44.62 -50.01
CA PHE C 808 -64.36 -45.89 -50.62
C PHE C 808 -64.97 -46.84 -49.59
N ILE C 809 -64.42 -46.86 -48.37
CA ILE C 809 -64.96 -47.72 -47.32
C ILE C 809 -66.39 -47.29 -46.97
N GLU C 810 -66.61 -45.98 -46.86
CA GLU C 810 -67.96 -45.48 -46.57
C GLU C 810 -68.93 -45.81 -47.70
N ILE C 811 -68.48 -45.70 -48.95
CA ILE C 811 -69.33 -46.03 -50.08
C ILE C 811 -69.69 -47.51 -50.06
N ALA C 812 -68.71 -48.37 -49.77
CA ALA C 812 -68.97 -49.80 -49.69
C ALA C 812 -69.93 -50.13 -48.55
N TYR C 813 -69.77 -49.46 -47.40
CA TYR C 813 -70.68 -49.68 -46.28
C TYR C 813 -72.10 -49.26 -46.64
N LYS C 814 -72.24 -48.12 -47.34
CA LYS C 814 -73.57 -47.69 -47.77
C LYS C 814 -74.17 -48.66 -48.77
N SER C 815 -73.36 -49.18 -49.69
CA SER C 815 -73.87 -50.12 -50.68
C SER C 815 -74.29 -51.44 -50.03
N ARG C 816 -73.53 -51.92 -49.05
CA ARG C 816 -73.82 -53.17 -48.38
C ARG C 816 -74.82 -53.03 -47.24
N ALA C 817 -75.25 -51.82 -46.93
CA ALA C 817 -76.22 -51.60 -45.86
C ALA C 817 -77.20 -50.49 -46.23
N ILE D 2 55.65 -38.11 -22.58
CA ILE D 2 55.48 -36.75 -22.08
C ILE D 2 55.78 -36.71 -20.58
N GLY D 3 57.03 -36.42 -20.24
CA GLY D 3 57.44 -36.34 -18.85
C GLY D 3 56.76 -35.23 -18.08
N ILE D 4 56.02 -35.58 -17.04
CA ILE D 4 55.33 -34.61 -16.22
C ILE D 4 56.10 -34.41 -14.92
N ALA D 5 55.88 -33.26 -14.29
CA ALA D 5 56.54 -32.92 -13.03
C ALA D 5 55.49 -32.52 -12.00
N VAL D 6 55.78 -32.85 -10.75
CA VAL D 6 54.88 -32.56 -9.64
C VAL D 6 55.65 -31.74 -8.60
N ILE D 7 55.07 -30.63 -8.18
CA ILE D 7 55.68 -29.74 -7.20
C ILE D 7 54.96 -29.92 -5.87
N LEU D 8 55.71 -29.80 -4.79
CA LEU D 8 55.16 -29.94 -3.45
C LEU D 8 55.95 -29.06 -2.48
N VAL D 9 55.23 -28.24 -1.71
CA VAL D 9 55.84 -27.36 -0.73
C VAL D 9 55.21 -27.47 0.64
N GLY D 10 54.12 -28.23 0.78
CA GLY D 10 53.45 -28.37 2.06
C GLY D 10 54.05 -29.39 3.00
N THR D 11 55.10 -30.10 2.57
CA THR D 11 55.75 -31.14 3.38
C THR D 11 54.76 -32.21 3.82
N SER D 12 53.85 -32.57 2.92
CA SER D 12 52.86 -33.61 3.19
C SER D 12 53.43 -34.97 2.80
N ASP D 13 52.59 -35.99 2.79
CA ASP D 13 53.02 -37.32 2.38
C ASP D 13 53.39 -37.34 0.91
N GLU D 14 54.54 -37.93 0.60
CA GLU D 14 55.03 -38.00 -0.77
C GLU D 14 55.27 -39.43 -1.24
N VAL D 15 55.77 -40.31 -0.37
CA VAL D 15 55.97 -41.70 -0.73
C VAL D 15 54.65 -42.37 -1.05
N ALA D 16 53.64 -42.13 -0.21
CA ALA D 16 52.31 -42.64 -0.49
C ALA D 16 51.71 -42.00 -1.74
N ILE D 17 51.95 -40.70 -1.91
CA ILE D 17 51.47 -40.02 -3.11
C ILE D 17 52.13 -40.59 -4.35
N LYS D 18 53.44 -40.83 -4.28
CA LYS D 18 54.16 -41.41 -5.41
C LYS D 18 53.64 -42.82 -5.72
N ASP D 19 53.40 -43.62 -4.68
CA ASP D 19 52.86 -44.96 -4.89
C ASP D 19 51.48 -44.91 -5.54
N ALA D 20 50.63 -43.99 -5.08
CA ALA D 20 49.30 -43.86 -5.67
C ALA D 20 49.39 -43.41 -7.13
N HIS D 21 50.28 -42.45 -7.42
CA HIS D 21 50.44 -41.98 -8.80
C HIS D 21 50.94 -43.09 -9.71
N GLU D 22 51.92 -43.88 -9.23
CA GLU D 22 52.41 -45.00 -10.01
C GLU D 22 51.39 -46.12 -10.12
N LYS D 23 50.35 -46.13 -9.29
CA LYS D 23 49.32 -47.16 -9.32
C LYS D 23 48.33 -46.83 -10.42
N ASP D 24 48.71 -47.21 -11.65
CA ASP D 24 47.87 -47.00 -12.82
C ASP D 24 48.23 -48.04 -13.87
N ASP D 25 47.21 -48.56 -14.54
CA ASP D 25 47.38 -49.56 -15.58
C ASP D 25 46.51 -49.24 -16.78
N PHE D 26 46.38 -47.95 -17.10
CA PHE D 26 45.56 -47.50 -18.23
C PHE D 26 46.37 -47.68 -19.51
N HIS D 27 46.45 -48.94 -19.96
CA HIS D 27 47.17 -49.24 -21.19
C HIS D 27 46.49 -48.68 -22.43
N HIS D 28 45.19 -48.41 -22.34
CA HIS D 28 44.48 -47.85 -23.49
C HIS D 28 45.02 -46.47 -23.86
N LEU D 29 45.31 -45.64 -22.86
CA LEU D 29 45.84 -44.29 -23.05
C LEU D 29 47.18 -44.21 -22.34
N SER D 30 48.25 -44.58 -23.04
CA SER D 30 49.60 -44.54 -22.48
C SER D 30 50.52 -43.87 -23.48
N VAL D 31 51.34 -42.94 -22.99
CA VAL D 31 52.30 -42.23 -23.84
C VAL D 31 53.68 -42.31 -23.21
N VAL D 32 53.90 -43.33 -22.38
CA VAL D 32 55.16 -43.54 -21.67
C VAL D 32 55.51 -42.29 -20.86
N PRO D 33 54.77 -41.96 -19.81
CA PRO D 33 55.04 -40.76 -19.04
C PRO D 33 56.09 -40.98 -17.97
N ARG D 34 56.76 -39.90 -17.60
CA ARG D 34 57.76 -39.90 -16.56
C ARG D 34 57.20 -39.34 -15.26
N VAL D 35 57.69 -39.85 -14.14
CA VAL D 35 57.24 -39.44 -12.81
C VAL D 35 58.40 -38.76 -12.10
N GLU D 36 58.17 -37.54 -11.64
CA GLU D 36 59.18 -36.77 -10.94
C GLU D 36 58.51 -35.84 -9.94
N LEU D 37 59.19 -35.62 -8.82
CA LEU D 37 58.66 -34.76 -7.76
C LEU D 37 59.82 -34.22 -6.94
N VAL D 38 59.77 -32.92 -6.61
CA VAL D 38 60.81 -32.28 -5.84
C VAL D 38 60.17 -31.56 -4.66
N ALA D 39 60.96 -31.34 -3.62
CA ALA D 39 60.51 -30.66 -2.41
C ALA D 39 61.20 -29.32 -2.27
N MET D 40 60.55 -28.41 -1.56
CA MET D 40 61.07 -27.07 -1.37
C MET D 40 60.49 -26.48 -0.10
N ASN D 41 61.13 -25.42 0.39
CA ASN D 41 60.67 -24.70 1.57
C ASN D 41 59.55 -23.74 1.17
N GLU D 42 59.20 -22.82 2.06
CA GLU D 42 58.17 -21.82 1.78
C GLU D 42 58.46 -21.09 0.48
N THR D 43 57.55 -21.21 -0.48
CA THR D 43 57.77 -20.68 -1.81
C THR D 43 57.78 -19.16 -1.81
N ASP D 44 58.71 -18.59 -2.56
CA ASP D 44 58.83 -17.15 -2.75
C ASP D 44 59.09 -16.88 -4.22
N PRO D 45 58.72 -15.68 -4.73
CA PRO D 45 58.98 -15.32 -6.13
C PRO D 45 60.40 -14.86 -6.37
N LYS D 46 61.37 -15.61 -5.85
CA LYS D 46 62.78 -15.36 -6.04
C LYS D 46 63.50 -16.50 -6.75
N SER D 47 63.23 -17.74 -6.37
CA SER D 47 63.83 -18.90 -7.01
C SER D 47 62.83 -19.95 -7.46
N ILE D 48 61.53 -19.70 -7.28
CA ILE D 48 60.52 -20.67 -7.72
C ILE D 48 60.56 -20.83 -9.23
N ILE D 49 60.63 -19.71 -9.95
CA ILE D 49 60.69 -19.75 -11.40
C ILE D 49 61.98 -20.42 -11.86
N THR D 50 63.09 -20.12 -11.18
CA THR D 50 64.36 -20.75 -11.53
C THR D 50 64.31 -22.25 -11.35
N ARG D 51 63.73 -22.71 -10.24
CA ARG D 51 63.59 -24.15 -10.00
C ARG D 51 62.68 -24.78 -11.04
N ILE D 52 61.59 -24.11 -11.39
CA ILE D 52 60.66 -24.65 -12.38
C ILE D 52 61.34 -24.79 -13.73
N CYS D 53 62.09 -23.77 -14.15
CA CYS D 53 62.77 -23.84 -15.44
C CYS D 53 63.88 -24.88 -15.43
N ASP D 54 64.60 -25.00 -14.31
CA ASP D 54 65.63 -26.03 -14.21
C ASP D 54 65.02 -27.43 -14.30
N LEU D 55 63.90 -27.65 -13.62
CA LEU D 55 63.23 -28.94 -13.70
C LEU D 55 62.72 -29.22 -15.11
N MET D 56 62.19 -28.19 -15.78
CA MET D 56 61.74 -28.36 -17.15
C MET D 56 62.89 -28.73 -18.08
N SER D 57 64.04 -28.07 -17.91
CA SER D 57 65.20 -28.33 -18.75
C SER D 57 65.99 -29.56 -18.32
N ASP D 58 65.64 -30.18 -17.19
CA ASP D 58 66.36 -31.35 -16.71
C ASP D 58 66.27 -32.50 -17.69
N ARG D 59 65.06 -33.06 -17.88
CA ARG D 59 64.88 -34.11 -18.89
C ARG D 59 63.44 -34.02 -19.40
N LYS D 60 63.26 -33.28 -20.49
CA LYS D 60 62.02 -33.21 -21.27
C LYS D 60 60.78 -33.18 -20.38
N ILE D 61 60.76 -32.24 -19.45
CA ILE D 61 59.63 -32.07 -18.53
C ILE D 61 58.65 -31.13 -19.21
N GLN D 62 57.79 -31.70 -20.05
CA GLN D 62 56.85 -30.88 -20.81
C GLN D 62 55.73 -30.35 -19.93
N GLY D 63 55.24 -31.16 -18.99
CA GLY D 63 54.14 -30.78 -18.13
C GLY D 63 54.59 -30.62 -16.69
N VAL D 64 53.96 -29.67 -15.99
CA VAL D 64 54.26 -29.40 -14.60
C VAL D 64 52.95 -29.33 -13.83
N VAL D 65 52.89 -30.06 -12.70
CA VAL D 65 51.71 -30.04 -11.84
C VAL D 65 52.08 -29.45 -10.49
N PHE D 66 51.86 -28.15 -10.33
CA PHE D 66 52.22 -27.47 -9.09
C PHE D 66 51.22 -27.80 -7.99
N ALA D 67 51.73 -27.94 -6.77
CA ALA D 67 50.89 -28.14 -5.60
C ALA D 67 51.61 -27.60 -4.38
N ASP D 68 50.86 -26.99 -3.47
CA ASP D 68 51.42 -26.42 -2.25
C ASP D 68 50.29 -26.29 -1.23
N ASP D 69 50.60 -25.65 -0.09
CA ASP D 69 49.62 -25.45 0.95
C ASP D 69 49.68 -24.05 1.57
N THR D 70 50.38 -23.11 0.95
CA THR D 70 50.48 -21.76 1.49
C THR D 70 49.16 -21.02 1.37
N ASP D 71 48.82 -20.24 2.39
CA ASP D 71 47.59 -19.46 2.38
C ASP D 71 47.63 -18.30 1.41
N GLN D 72 48.80 -17.92 0.92
CA GLN D 72 48.91 -16.84 -0.04
C GLN D 72 48.32 -17.25 -1.39
N GLU D 73 47.85 -16.26 -2.14
CA GLU D 73 47.17 -16.50 -3.40
C GLU D 73 47.76 -15.78 -4.60
N ALA D 74 48.65 -14.82 -4.39
CA ALA D 74 49.23 -14.07 -5.50
C ALA D 74 50.19 -14.92 -6.35
N ILE D 75 50.55 -16.12 -5.88
CA ILE D 75 51.48 -16.97 -6.63
C ILE D 75 50.88 -17.38 -7.97
N ALA D 76 49.54 -17.47 -8.03
CA ALA D 76 48.87 -17.90 -9.26
C ALA D 76 49.15 -16.94 -10.41
N GLN D 77 49.29 -15.65 -10.12
CA GLN D 77 49.62 -14.69 -11.16
C GLN D 77 50.99 -14.98 -11.77
N ILE D 78 51.98 -15.28 -10.91
CA ILE D 78 53.31 -15.60 -11.41
C ILE D 78 53.28 -16.91 -12.20
N LEU D 79 52.48 -17.88 -11.74
CA LEU D 79 52.36 -19.13 -12.50
C LEU D 79 51.76 -18.89 -13.88
N ASP D 80 50.70 -18.08 -13.95
CA ASP D 80 50.13 -17.76 -15.26
C ASP D 80 51.14 -17.05 -16.15
N PHE D 81 51.93 -16.14 -15.55
CA PHE D 81 52.94 -15.43 -16.32
C PHE D 81 53.99 -16.38 -16.89
N ILE D 82 54.51 -17.29 -16.07
CA ILE D 82 55.56 -18.18 -16.57
C ILE D 82 54.99 -19.17 -17.58
N SER D 83 53.76 -19.65 -17.33
CA SER D 83 53.13 -20.55 -18.28
C SER D 83 52.91 -19.88 -19.63
N ALA D 84 52.48 -18.62 -19.62
CA ALA D 84 52.33 -17.89 -20.87
C ALA D 84 53.68 -17.66 -21.55
N GLN D 85 54.72 -17.39 -20.75
CA GLN D 85 56.04 -17.13 -21.32
C GLN D 85 56.60 -18.36 -22.01
N THR D 86 56.49 -19.52 -21.37
CA THR D 86 57.05 -20.76 -21.92
C THR D 86 56.04 -21.58 -22.70
N LEU D 87 54.76 -21.22 -22.68
CA LEU D 87 53.70 -21.90 -23.42
C LEU D 87 53.53 -23.35 -22.97
N THR D 88 54.24 -23.76 -21.93
CA THR D 88 54.11 -25.13 -21.42
C THR D 88 52.87 -25.25 -20.55
N PRO D 89 52.06 -26.30 -20.73
CA PRO D 89 50.88 -26.47 -19.87
C PRO D 89 51.23 -26.71 -18.41
N ILE D 90 50.93 -25.75 -17.55
CA ILE D 90 51.19 -25.85 -16.12
C ILE D 90 49.87 -25.63 -15.38
N LEU D 91 49.56 -26.52 -14.45
CA LEU D 91 48.30 -26.47 -13.72
C LEU D 91 48.57 -26.64 -12.23
N GLY D 92 47.81 -25.91 -11.42
CA GLY D 92 47.87 -26.03 -9.98
C GLY D 92 46.52 -26.50 -9.44
N ILE D 93 46.56 -27.38 -8.45
CA ILE D 93 45.37 -28.01 -7.89
C ILE D 93 45.15 -27.63 -6.43
N HIS D 94 46.13 -27.90 -5.58
CA HIS D 94 46.01 -27.68 -4.15
C HIS D 94 46.90 -26.51 -3.73
N GLY D 95 46.34 -25.60 -2.93
CA GLY D 95 47.08 -24.45 -2.45
C GLY D 95 46.49 -23.14 -2.90
N GLY D 96 47.35 -22.15 -3.16
CA GLY D 96 46.88 -20.87 -3.65
C GLY D 96 46.36 -20.89 -5.07
N SER D 97 46.66 -21.94 -5.83
CA SER D 97 46.16 -22.05 -7.20
C SER D 97 44.64 -22.16 -7.21
N SER D 98 44.07 -22.94 -6.27
CA SER D 98 42.62 -23.12 -6.22
C SER D 98 41.88 -21.84 -5.91
N MET D 99 42.55 -20.84 -5.34
CA MET D 99 41.91 -19.57 -5.04
C MET D 99 41.52 -18.84 -6.33
N ILE D 100 40.38 -18.16 -6.29
CA ILE D 100 39.90 -17.44 -7.47
C ILE D 100 40.73 -16.17 -7.65
N MET D 101 41.17 -15.93 -8.88
CA MET D 101 42.00 -14.77 -9.20
C MET D 101 41.41 -13.97 -10.36
N ALA D 102 42.15 -12.98 -10.86
CA ALA D 102 41.60 -11.97 -11.76
C ALA D 102 41.42 -12.53 -13.17
N ASP D 103 41.21 -11.64 -14.13
CA ASP D 103 40.97 -12.06 -15.51
C ASP D 103 42.14 -12.87 -16.04
N LYS D 104 41.84 -13.91 -16.80
CA LYS D 104 42.86 -14.81 -17.32
C LYS D 104 43.69 -14.12 -18.39
N ASP D 105 44.88 -14.67 -18.62
CA ASP D 105 45.76 -14.14 -19.66
C ASP D 105 45.19 -14.40 -21.04
N GLU D 106 45.55 -13.53 -21.99
CA GLU D 106 45.04 -13.66 -23.35
C GLU D 106 45.52 -14.95 -24.01
N SER D 107 46.79 -15.29 -23.82
CA SER D 107 47.38 -16.49 -24.41
C SER D 107 48.14 -17.24 -23.31
N SER D 108 47.50 -18.27 -22.75
CA SER D 108 48.11 -19.06 -21.70
C SER D 108 47.44 -20.42 -21.64
N MET D 109 48.12 -21.36 -20.98
CA MET D 109 47.61 -22.71 -20.76
C MET D 109 47.77 -23.01 -19.28
N PHE D 110 46.78 -22.62 -18.48
CA PHE D 110 46.83 -22.79 -17.03
C PHE D 110 45.41 -22.91 -16.51
N PHE D 111 45.18 -23.92 -15.67
CA PHE D 111 43.85 -24.21 -15.15
C PHE D 111 43.92 -24.43 -13.65
N GLN D 112 42.79 -24.18 -12.98
CA GLN D 112 42.63 -24.41 -11.56
C GLN D 112 41.46 -25.34 -11.32
N PHE D 113 41.37 -25.84 -10.09
CA PHE D 113 40.27 -26.71 -9.67
C PHE D 113 39.45 -26.02 -8.60
N GLY D 114 38.13 -25.93 -8.83
CA GLY D 114 37.24 -25.28 -7.92
C GLY D 114 36.49 -24.14 -8.56
N PRO D 115 35.26 -23.90 -8.10
CA PRO D 115 34.46 -22.81 -8.68
C PRO D 115 35.05 -21.46 -8.33
N SER D 116 35.03 -20.54 -9.31
CA SER D 116 35.67 -19.25 -9.13
C SER D 116 34.72 -18.16 -8.66
N ILE D 117 33.72 -17.82 -9.47
CA ILE D 117 32.85 -16.69 -9.17
C ILE D 117 31.39 -16.99 -9.43
N GLU D 118 31.12 -18.07 -10.19
CA GLU D 118 29.77 -18.32 -10.69
C GLU D 118 29.09 -19.51 -10.04
N GLN D 119 29.75 -20.68 -10.02
CA GLN D 119 29.09 -21.88 -9.51
C GLN D 119 28.76 -21.75 -8.02
N GLN D 120 29.67 -21.17 -7.23
CA GLN D 120 29.40 -21.01 -5.81
C GLN D 120 28.28 -20.01 -5.56
N ALA D 121 28.13 -19.00 -6.42
CA ALA D 121 27.00 -18.08 -6.30
C ALA D 121 25.68 -18.81 -6.55
N SER D 122 25.65 -19.66 -7.57
CA SER D 122 24.45 -20.45 -7.84
C SER D 122 24.15 -21.40 -6.68
N VAL D 123 25.20 -21.99 -6.09
CA VAL D 123 24.99 -22.87 -4.95
C VAL D 123 24.42 -22.09 -3.77
N MET D 124 24.96 -20.91 -3.50
CA MET D 124 24.48 -20.09 -2.39
C MET D 124 23.03 -19.67 -2.60
N LEU D 125 22.67 -19.35 -3.84
CA LEU D 125 21.27 -19.03 -4.14
C LEU D 125 20.39 -20.26 -3.97
N ASN D 126 20.87 -21.43 -4.38
CA ASN D 126 20.07 -22.65 -4.31
C ASN D 126 19.80 -23.06 -2.87
N ILE D 127 20.80 -22.97 -1.99
CA ILE D 127 20.58 -23.34 -0.60
C ILE D 127 19.67 -22.31 0.07
N MET D 128 19.69 -21.06 -0.43
CA MET D 128 18.83 -20.03 0.12
C MET D 128 17.36 -20.40 0.03
N GLU D 129 16.98 -21.23 -0.94
CA GLU D 129 15.64 -21.79 -0.99
C GLU D 129 15.73 -23.28 -0.68
N GLU D 130 15.82 -23.59 0.61
CA GLU D 130 15.60 -24.93 1.14
C GLU D 130 14.80 -24.91 2.42
N TYR D 131 14.82 -23.81 3.16
CA TYR D 131 13.94 -23.58 4.30
C TYR D 131 13.18 -22.27 4.14
N ASP D 132 13.24 -21.66 2.95
CA ASP D 132 12.47 -20.47 2.59
C ASP D 132 12.81 -19.28 3.49
N TRP D 133 14.08 -18.87 3.45
CA TRP D 133 14.49 -17.61 4.05
C TRP D 133 14.26 -16.43 3.12
N TYR D 134 14.38 -16.64 1.81
CA TYR D 134 13.94 -15.69 0.78
C TYR D 134 14.65 -14.35 0.88
N ILE D 135 14.04 -13.39 1.57
CA ILE D 135 14.55 -12.01 1.58
C ILE D 135 15.96 -11.98 2.17
N PHE D 136 16.86 -11.26 1.49
CA PHE D 136 18.23 -11.09 1.96
C PHE D 136 18.79 -9.78 1.42
N SER D 137 19.92 -9.37 2.00
CA SER D 137 20.68 -8.21 1.55
C SER D 137 22.06 -8.66 1.11
N ILE D 138 22.76 -7.77 0.41
CA ILE D 138 24.08 -8.07 -0.15
C ILE D 138 25.06 -7.01 0.35
N VAL D 139 26.19 -7.48 0.87
CA VAL D 139 27.29 -6.62 1.29
C VAL D 139 28.58 -7.16 0.69
N THR D 140 29.39 -6.26 0.13
CA THR D 140 30.61 -6.66 -0.55
C THR D 140 31.64 -5.56 -0.45
N THR D 141 32.88 -5.93 -0.74
CA THR D 141 34.02 -5.01 -0.71
C THR D 141 34.63 -4.91 -2.11
N TYR D 142 35.76 -4.22 -2.22
CA TYR D 142 36.41 -3.96 -3.50
C TYR D 142 37.32 -5.14 -3.84
N PHE D 143 36.78 -6.08 -4.61
CA PHE D 143 37.52 -7.23 -5.12
C PHE D 143 37.12 -7.46 -6.57
N PRO D 144 38.00 -8.03 -7.38
CA PRO D 144 37.63 -8.33 -8.77
C PRO D 144 36.45 -9.31 -8.83
N GLY D 145 35.57 -9.07 -9.80
CA GLY D 145 34.42 -9.93 -10.01
C GLY D 145 33.21 -9.63 -9.16
N TYR D 146 33.28 -8.63 -8.27
CA TYR D 146 32.12 -8.31 -7.45
C TYR D 146 30.96 -7.80 -8.29
N GLN D 147 31.25 -7.00 -9.32
CA GLN D 147 30.19 -6.53 -10.20
C GLN D 147 29.54 -7.69 -10.94
N ASP D 148 30.34 -8.64 -11.42
CA ASP D 148 29.78 -9.82 -12.08
C ASP D 148 28.97 -10.66 -11.11
N PHE D 149 29.43 -10.78 -9.87
CA PHE D 149 28.68 -11.53 -8.86
C PHE D 149 27.31 -10.89 -8.61
N VAL D 150 27.28 -9.57 -8.44
CA VAL D 150 26.02 -8.87 -8.21
C VAL D 150 25.11 -8.99 -9.42
N ASN D 151 25.68 -8.89 -10.63
CA ASN D 151 24.88 -9.02 -11.84
C ASN D 151 24.29 -10.41 -11.97
N LYS D 152 25.07 -11.43 -11.63
CA LYS D 152 24.55 -12.80 -11.67
C LYS D 152 23.42 -12.99 -10.67
N ILE D 153 23.59 -12.46 -9.45
CA ILE D 153 22.52 -12.55 -8.46
C ILE D 153 21.26 -11.86 -8.94
N ARG D 154 21.41 -10.66 -9.52
CA ARG D 154 20.25 -9.92 -10.00
C ARG D 154 19.56 -10.65 -11.15
N SER D 155 20.36 -11.23 -12.07
CA SER D 155 19.78 -11.97 -13.19
C SER D 155 19.03 -13.20 -12.71
N THR D 156 19.58 -13.91 -11.73
CA THR D 156 18.92 -15.11 -11.25
C THR D 156 17.69 -14.79 -10.39
N ILE D 157 17.68 -13.61 -9.75
CA ILE D 157 16.59 -13.29 -8.83
C ILE D 157 15.29 -13.04 -9.58
N GLU D 158 15.35 -12.28 -10.68
CA GLU D 158 14.14 -11.80 -11.34
C GLU D 158 13.64 -12.73 -12.44
N ASN D 159 14.18 -13.93 -12.55
CA ASN D 159 13.77 -14.89 -13.57
C ASN D 159 13.09 -16.11 -12.95
N SER D 160 12.26 -15.88 -11.94
CA SER D 160 11.56 -16.97 -11.27
C SER D 160 10.25 -16.46 -10.70
N PHE D 161 9.33 -17.40 -10.44
CA PHE D 161 8.04 -17.03 -9.87
C PHE D 161 8.16 -16.69 -8.39
N VAL D 162 8.99 -17.43 -7.64
CA VAL D 162 9.12 -17.19 -6.21
C VAL D 162 9.76 -15.82 -5.99
N GLY D 163 9.15 -15.04 -5.09
CA GLY D 163 9.57 -13.66 -4.90
C GLY D 163 10.63 -13.46 -3.84
N TRP D 164 11.82 -13.05 -4.28
CA TRP D 164 12.90 -12.67 -3.37
C TRP D 164 12.82 -11.18 -3.10
N GLU D 165 12.80 -10.82 -1.83
CA GLU D 165 12.69 -9.40 -1.42
C GLU D 165 14.09 -8.87 -1.17
N LEU D 166 14.66 -8.22 -2.18
CA LEU D 166 15.97 -7.61 -2.04
C LEU D 166 15.87 -6.36 -1.17
N GLU D 167 16.90 -6.13 -0.35
CA GLU D 167 16.95 -4.97 0.55
C GLU D 167 18.28 -4.25 0.34
N GLU D 168 18.33 -3.42 -0.71
CA GLU D 168 19.45 -2.52 -1.00
C GLU D 168 20.76 -3.26 -1.27
N VAL D 169 21.73 -2.55 -1.83
CA VAL D 169 23.08 -3.06 -2.02
C VAL D 169 24.04 -2.07 -1.38
N LEU D 170 24.86 -2.55 -0.44
CA LEU D 170 25.79 -1.70 0.31
C LEU D 170 27.20 -1.94 -0.21
N LEU D 171 27.75 -0.93 -0.89
CA LEU D 171 29.11 -0.98 -1.41
C LEU D 171 30.03 -0.29 -0.40
N LEU D 172 30.28 -0.97 0.71
CA LEU D 172 31.11 -0.41 1.76
C LEU D 172 32.57 -0.39 1.34
N ASP D 173 33.29 0.60 1.84
CA ASP D 173 34.72 0.75 1.58
C ASP D 173 35.49 0.46 2.86
N MET D 174 36.46 -0.45 2.77
CA MET D 174 37.20 -0.89 3.94
C MET D 174 38.70 -0.90 3.74
N SER D 175 39.20 -0.44 2.59
CA SER D 175 40.64 -0.36 2.38
C SER D 175 41.21 0.92 2.99
N LEU D 176 40.69 2.06 2.56
CA LEU D 176 41.13 3.34 3.11
C LEU D 176 40.60 3.53 4.53
N ASP D 177 41.43 4.11 5.39
CA ASP D 177 41.07 4.35 6.78
C ASP D 177 40.35 5.70 6.89
N ASP D 178 40.15 6.16 8.13
CA ASP D 178 39.51 7.43 8.47
C ASP D 178 38.05 7.50 8.00
N GLY D 179 37.43 6.37 7.71
CA GLY D 179 36.03 6.36 7.35
C GLY D 179 35.22 5.42 8.22
N ASP D 180 35.57 5.35 9.51
CA ASP D 180 34.93 4.40 10.41
C ASP D 180 33.47 4.78 10.67
N SER D 181 33.20 6.07 10.88
CA SER D 181 31.85 6.49 11.25
C SER D 181 30.85 6.20 10.12
N LYS D 182 31.21 6.57 8.89
CA LYS D 182 30.31 6.33 7.77
C LYS D 182 30.09 4.84 7.54
N ILE D 183 31.15 4.04 7.66
CA ILE D 183 31.03 2.59 7.48
C ILE D 183 30.11 2.00 8.53
N GLN D 184 30.29 2.41 9.79
CA GLN D 184 29.43 1.89 10.86
C GLN D 184 27.98 2.32 10.66
N ASN D 185 27.75 3.56 10.24
CA ASN D 185 26.38 4.01 9.99
C ASN D 185 25.75 3.21 8.85
N GLN D 186 26.50 2.96 7.77
CA GLN D 186 25.98 2.17 6.67
C GLN D 186 25.66 0.75 7.10
N LEU D 187 26.55 0.15 7.91
CA LEU D 187 26.32 -1.21 8.38
C LEU D 187 25.09 -1.29 9.28
N LYS D 188 24.94 -0.34 10.20
CA LYS D 188 23.80 -0.38 11.12
C LYS D 188 22.50 0.02 10.45
N LYS D 189 22.55 0.75 9.32
CA LYS D 189 21.33 1.13 8.62
C LYS D 189 20.64 -0.09 8.03
N LEU D 190 21.41 -1.02 7.45
CA LEU D 190 20.83 -2.19 6.81
C LEU D 190 20.25 -3.14 7.85
N GLN D 191 19.14 -3.78 7.50
CA GLN D 191 18.49 -4.73 8.39
C GLN D 191 17.67 -5.71 7.56
N SER D 192 18.14 -6.95 7.46
CA SER D 192 17.47 -8.00 6.72
C SER D 192 17.58 -9.29 7.50
N PRO D 193 16.65 -10.24 7.29
CA PRO D 193 16.76 -11.53 8.00
C PRO D 193 18.08 -12.24 7.76
N ILE D 194 18.61 -12.18 6.53
CA ILE D 194 19.92 -12.73 6.22
C ILE D 194 20.67 -11.75 5.32
N ILE D 195 21.98 -11.90 5.28
CA ILE D 195 22.84 -11.04 4.47
C ILE D 195 23.96 -11.88 3.87
N LEU D 196 24.63 -11.31 2.88
CA LEU D 196 25.75 -11.94 2.20
C LEU D 196 26.98 -11.05 2.31
N LEU D 197 28.15 -11.68 2.43
CA LEU D 197 29.41 -10.96 2.59
C LEU D 197 30.39 -11.46 1.54
N TYR D 198 31.16 -10.53 0.97
CA TYR D 198 32.20 -10.84 -0.02
C TYR D 198 33.44 -10.04 0.36
N CYS D 199 34.33 -10.67 1.13
CA CYS D 199 35.57 -10.03 1.56
C CYS D 199 36.69 -11.07 1.51
N THR D 200 37.83 -10.73 2.11
CA THR D 200 38.95 -11.65 2.29
C THR D 200 39.17 -11.87 3.78
N LYS D 201 39.88 -12.95 4.10
CA LYS D 201 40.04 -13.35 5.50
C LYS D 201 40.66 -12.24 6.34
N GLU D 202 41.73 -11.62 5.84
CA GLU D 202 42.33 -10.49 6.53
C GLU D 202 41.32 -9.37 6.73
N GLU D 203 40.51 -9.10 5.71
CA GLU D 203 39.44 -8.12 5.82
C GLU D 203 38.24 -8.69 6.55
N ALA D 204 38.05 -10.02 6.48
CA ALA D 204 36.94 -10.65 7.19
C ALA D 204 37.06 -10.44 8.69
N THR D 205 38.28 -10.54 9.23
CA THR D 205 38.47 -10.28 10.65
C THR D 205 38.02 -8.87 11.01
N TYR D 206 38.40 -7.88 10.20
CA TYR D 206 38.08 -6.49 10.50
C TYR D 206 36.58 -6.25 10.45
N ILE D 207 35.92 -6.76 9.40
CA ILE D 207 34.48 -6.51 9.27
C ILE D 207 33.71 -7.25 10.36
N PHE D 208 34.15 -8.47 10.70
CA PHE D 208 33.51 -9.20 11.78
C PHE D 208 33.68 -8.47 13.11
N GLU D 209 34.86 -7.91 13.35
CA GLU D 209 35.08 -7.17 14.60
C GLU D 209 34.18 -5.94 14.67
N VAL D 210 34.09 -5.18 13.59
CA VAL D 210 33.25 -3.97 13.64
C VAL D 210 31.78 -4.34 13.71
N ALA D 211 31.36 -5.43 13.07
CA ALA D 211 29.97 -5.87 13.18
C ALA D 211 29.64 -6.30 14.60
N ASN D 212 30.56 -7.01 15.26
CA ASN D 212 30.35 -7.38 16.65
C ASN D 212 30.31 -6.15 17.55
N SER D 213 31.17 -5.17 17.27
CA SER D 213 31.13 -3.92 18.03
C SER D 213 29.78 -3.22 17.85
N VAL D 214 29.27 -3.19 16.62
CA VAL D 214 27.93 -2.65 16.40
C VAL D 214 26.88 -3.56 17.01
N GLY D 215 27.16 -4.86 17.11
CA GLY D 215 26.23 -5.80 17.72
C GLY D 215 24.95 -5.98 16.95
N LEU D 216 25.03 -6.01 15.61
CA LEU D 216 23.86 -6.18 14.77
C LEU D 216 23.61 -7.64 14.40
N THR D 217 24.44 -8.57 14.88
CA THR D 217 24.27 -9.97 14.55
C THR D 217 23.06 -10.57 15.28
N GLY D 218 23.10 -10.57 16.61
CA GLY D 218 22.01 -11.12 17.39
C GLY D 218 21.88 -12.62 17.17
N TYR D 219 20.63 -13.10 17.23
CA TYR D 219 20.32 -14.50 16.98
C TYR D 219 19.33 -14.71 15.86
N GLY D 220 18.60 -13.68 15.45
CA GLY D 220 17.63 -13.79 14.38
C GLY D 220 18.17 -13.68 12.98
N TYR D 221 19.49 -13.52 12.82
CA TYR D 221 20.11 -13.38 11.52
C TYR D 221 21.27 -14.36 11.38
N THR D 222 21.52 -14.78 10.14
CA THR D 222 22.61 -15.69 9.82
C THR D 222 23.39 -15.14 8.64
N TRP D 223 24.70 -15.41 8.64
CA TRP D 223 25.60 -14.89 7.62
C TRP D 223 25.90 -15.96 6.57
N ILE D 224 26.21 -15.50 5.37
CA ILE D 224 26.55 -16.37 4.25
C ILE D 224 27.94 -15.97 3.76
N VAL D 225 28.84 -16.95 3.66
CA VAL D 225 30.24 -16.68 3.35
C VAL D 225 30.69 -17.58 2.19
N PRO D 226 31.39 -17.03 1.19
CA PRO D 226 31.92 -17.89 0.11
C PRO D 226 33.24 -18.55 0.47
N SER D 227 33.84 -19.26 -0.49
CA SER D 227 35.09 -19.97 -0.21
C SER D 227 36.25 -19.00 -0.01
N LEU D 228 36.34 -17.97 -0.85
CA LEU D 228 37.48 -17.05 -0.76
C LEU D 228 37.50 -16.31 0.58
N VAL D 229 36.33 -15.86 1.05
CA VAL D 229 36.27 -15.17 2.33
C VAL D 229 36.54 -16.16 3.47
N ALA D 230 36.05 -17.39 3.34
CA ALA D 230 36.25 -18.38 4.39
C ALA D 230 37.72 -18.72 4.56
N GLY D 231 38.45 -18.86 3.46
CA GLY D 231 39.86 -19.19 3.55
C GLY D 231 40.08 -20.60 4.07
N ASP D 232 41.21 -20.79 4.74
CA ASP D 232 41.52 -22.09 5.33
C ASP D 232 40.56 -22.42 6.46
N THR D 233 40.11 -23.67 6.50
CA THR D 233 39.20 -24.13 7.54
C THR D 233 39.89 -24.52 8.83
N ASP D 234 41.23 -24.52 8.86
CA ASP D 234 41.94 -24.91 10.08
C ASP D 234 41.80 -23.85 11.17
N THR D 235 41.84 -22.58 10.80
CA THR D 235 41.83 -21.48 11.74
C THR D 235 40.41 -20.90 11.87
N VAL D 236 40.27 -19.98 12.82
CA VAL D 236 39.01 -19.29 13.08
C VAL D 236 39.27 -17.80 13.02
N PRO D 237 38.41 -17.01 12.35
CA PRO D 237 38.66 -15.55 12.26
C PRO D 237 38.43 -14.82 13.57
N SER D 238 39.35 -14.99 14.51
CA SER D 238 39.32 -14.31 15.80
C SER D 238 38.06 -14.66 16.59
N GLU D 239 37.05 -13.80 16.51
CA GLU D 239 35.81 -13.92 17.27
C GLU D 239 34.61 -13.92 16.33
N PHE D 240 34.68 -14.74 15.29
CA PHE D 240 33.61 -14.80 14.31
C PHE D 240 32.30 -15.22 14.98
N PRO D 241 31.20 -14.52 14.71
CA PRO D 241 29.92 -14.89 15.32
C PRO D 241 29.45 -16.26 14.85
N THR D 242 28.70 -16.93 15.72
CA THR D 242 28.18 -18.26 15.39
C THR D 242 27.24 -18.18 14.19
N GLY D 243 27.43 -19.08 13.23
CA GLY D 243 26.59 -19.13 12.05
C GLY D 243 27.29 -18.76 10.77
N LEU D 244 27.53 -19.76 9.91
CA LEU D 244 28.14 -19.54 8.61
C LEU D 244 27.85 -20.76 7.74
N ILE D 245 28.00 -20.56 6.43
CA ILE D 245 27.83 -21.64 5.48
C ILE D 245 29.13 -22.02 4.77
N SER D 246 30.02 -21.05 4.54
CA SER D 246 31.38 -21.29 4.05
C SER D 246 31.42 -22.32 2.93
N VAL D 247 30.67 -22.02 1.86
CA VAL D 247 30.66 -22.91 0.70
C VAL D 247 32.05 -22.95 0.10
N SER D 248 32.71 -24.11 0.17
CA SER D 248 34.10 -24.23 -0.25
C SER D 248 34.38 -25.66 -0.69
N TYR D 249 35.49 -25.82 -1.41
CA TYR D 249 35.87 -27.13 -1.92
C TYR D 249 36.11 -28.11 -0.78
N ASP D 250 35.75 -29.36 -1.01
CA ASP D 250 35.88 -30.41 -0.01
C ASP D 250 37.35 -30.76 0.19
N GLU D 251 37.95 -30.23 1.26
CA GLU D 251 39.31 -30.56 1.65
C GLU D 251 39.34 -31.59 2.77
N TRP D 252 38.20 -32.19 3.10
CA TRP D 252 38.09 -33.16 4.18
C TRP D 252 38.09 -34.59 3.70
N ASP D 253 37.43 -34.89 2.58
CA ASP D 253 37.33 -36.24 2.05
C ASP D 253 38.19 -36.48 0.83
N TYR D 254 38.34 -35.48 -0.05
CA TYR D 254 39.16 -35.64 -1.24
C TYR D 254 40.62 -35.40 -0.90
N GLY D 255 41.48 -36.33 -1.32
CA GLY D 255 42.90 -36.27 -1.00
C GLY D 255 43.73 -35.72 -2.14
N LEU D 256 44.81 -35.02 -1.77
CA LEU D 256 45.73 -34.48 -2.77
C LEU D 256 46.34 -35.54 -3.67
N PRO D 257 46.77 -36.72 -3.18
CA PRO D 257 47.23 -37.76 -4.12
C PRO D 257 46.20 -38.12 -5.17
N ALA D 258 44.91 -38.15 -4.80
CA ALA D 258 43.87 -38.44 -5.78
C ALA D 258 43.83 -37.36 -6.85
N ARG D 259 43.97 -36.09 -6.45
CA ARG D 259 44.02 -35.01 -7.43
C ARG D 259 45.25 -35.14 -8.34
N VAL D 260 46.37 -35.57 -7.78
CA VAL D 260 47.58 -35.76 -8.58
C VAL D 260 47.36 -36.85 -9.62
N ARG D 261 46.76 -37.97 -9.21
CA ARG D 261 46.45 -39.03 -10.17
C ARG D 261 45.46 -38.55 -11.22
N ASP D 262 44.46 -37.77 -10.81
CA ASP D 262 43.49 -37.26 -11.78
C ASP D 262 44.15 -36.35 -12.81
N GLY D 263 45.05 -35.47 -12.36
CA GLY D 263 45.75 -34.61 -13.29
C GLY D 263 46.67 -35.37 -14.23
N ILE D 264 47.38 -36.37 -13.69
CA ILE D 264 48.25 -37.19 -14.54
C ILE D 264 47.43 -37.93 -15.57
N ALA D 265 46.28 -38.49 -15.17
CA ALA D 265 45.41 -39.16 -16.11
C ALA D 265 44.89 -38.20 -17.16
N ILE D 266 44.54 -36.98 -16.76
CA ILE D 266 44.01 -36.00 -17.70
C ILE D 266 45.06 -35.65 -18.76
N ILE D 267 46.29 -35.39 -18.32
CA ILE D 267 47.32 -34.98 -19.27
C ILE D 267 47.71 -36.14 -20.18
N THR D 268 47.77 -37.37 -19.62
CA THR D 268 48.10 -38.52 -20.45
C THR D 268 47.00 -38.79 -21.47
N THR D 269 45.73 -38.66 -21.07
CA THR D 269 44.63 -38.85 -22.00
C THR D 269 44.63 -37.78 -23.09
N ALA D 270 44.95 -36.54 -22.72
CA ALA D 270 45.03 -35.48 -23.74
C ALA D 270 46.14 -35.77 -24.74
N ALA D 271 47.31 -36.21 -24.26
CA ALA D 271 48.42 -36.54 -25.16
C ALA D 271 48.04 -37.71 -26.05
N SER D 272 47.41 -38.74 -25.49
CA SER D 272 47.01 -39.90 -26.29
C SER D 272 45.98 -39.52 -27.35
N ASP D 273 45.01 -38.67 -26.98
CA ASP D 273 44.02 -38.22 -27.95
C ASP D 273 44.65 -37.42 -29.06
N MET D 274 45.60 -36.54 -28.73
CA MET D 274 46.29 -35.77 -29.75
C MET D 274 47.08 -36.69 -30.69
N LEU D 275 47.77 -37.69 -30.12
CA LEU D 275 48.53 -38.63 -30.94
C LEU D 275 47.61 -39.43 -31.85
N SER D 276 46.46 -39.87 -31.33
CA SER D 276 45.52 -40.62 -32.16
C SER D 276 44.93 -39.76 -33.26
N GLU D 277 44.64 -38.49 -32.96
CA GLU D 277 44.00 -37.63 -33.95
C GLU D 277 44.97 -37.21 -35.06
N HIS D 278 46.19 -36.82 -34.69
CA HIS D 278 47.11 -36.23 -35.64
C HIS D 278 48.43 -36.97 -35.82
N SER D 279 48.82 -37.82 -34.86
CA SER D 279 50.11 -38.51 -34.90
C SER D 279 51.27 -37.51 -35.01
N PHE D 280 51.12 -36.38 -34.34
CA PHE D 280 52.17 -35.35 -34.33
C PHE D 280 52.13 -34.67 -32.97
N ILE D 281 52.98 -35.14 -32.06
CA ILE D 281 53.03 -34.62 -30.70
C ILE D 281 54.13 -33.56 -30.64
N PRO D 282 53.81 -32.30 -30.36
CA PRO D 282 54.85 -31.28 -30.26
C PRO D 282 55.72 -31.51 -29.03
N GLU D 283 57.04 -31.50 -29.24
CA GLU D 283 58.01 -31.69 -28.17
C GLU D 283 59.04 -30.57 -28.23
N PRO D 284 58.66 -29.35 -27.84
CA PRO D 284 59.61 -28.23 -27.88
C PRO D 284 60.73 -28.42 -26.88
N LYS D 285 61.90 -27.89 -27.23
CA LYS D 285 63.04 -27.93 -26.33
C LYS D 285 62.79 -27.02 -25.13
N SER D 286 63.01 -27.54 -23.93
CA SER D 286 62.79 -26.79 -22.69
C SER D 286 64.05 -25.99 -22.37
N SER D 287 64.00 -24.68 -22.61
CA SER D 287 65.11 -23.79 -22.34
C SER D 287 64.67 -22.76 -21.30
N CYS D 288 65.48 -22.62 -20.24
CA CYS D 288 65.16 -21.65 -19.20
C CYS D 288 65.20 -20.23 -19.74
N TYR D 289 66.20 -19.92 -20.55
CA TYR D 289 66.34 -18.58 -21.12
C TYR D 289 67.04 -18.72 -22.47
N ASN D 290 67.54 -17.60 -23.00
CA ASN D 290 68.25 -17.58 -24.28
C ASN D 290 67.39 -18.13 -25.42
N THR D 291 66.11 -17.77 -25.41
CA THR D 291 65.17 -18.18 -26.44
C THR D 291 64.86 -17.00 -27.33
N HIS D 292 65.08 -17.16 -28.64
CA HIS D 292 64.83 -16.11 -29.62
C HIS D 292 63.54 -16.35 -30.40
N GLU D 293 63.37 -17.55 -30.95
CA GLU D 293 62.18 -17.92 -31.71
C GLU D 293 61.66 -19.28 -31.26
N LYS D 294 61.65 -19.51 -29.95
CA LYS D 294 61.17 -20.79 -29.42
C LYS D 294 59.69 -20.99 -29.73
N ARG D 295 58.89 -19.94 -29.58
CA ARG D 295 57.46 -20.01 -29.87
C ARG D 295 57.26 -19.84 -31.37
N ILE D 296 57.13 -20.96 -32.08
CA ILE D 296 56.95 -20.94 -33.53
C ILE D 296 55.65 -21.64 -33.89
N TYR D 297 55.51 -22.89 -33.48
CA TYR D 297 54.31 -23.65 -33.78
C TYR D 297 53.13 -23.11 -32.98
N GLN D 298 51.93 -23.26 -33.55
CA GLN D 298 50.72 -22.73 -32.91
C GLN D 298 50.34 -23.60 -31.72
N SER D 299 50.15 -22.96 -30.57
CA SER D 299 49.82 -23.64 -29.33
C SER D 299 48.32 -23.81 -29.13
N ASN D 300 47.50 -23.43 -30.12
CA ASN D 300 46.05 -23.56 -29.99
C ASN D 300 45.60 -25.02 -29.91
N MET D 301 46.44 -25.96 -30.34
CA MET D 301 46.07 -27.37 -30.28
C MET D 301 46.15 -27.91 -28.86
N LEU D 302 46.97 -27.31 -28.00
CA LEU D 302 47.15 -27.82 -26.65
C LEU D 302 45.87 -27.70 -25.83
N ASN D 303 45.27 -26.51 -25.81
CA ASN D 303 44.05 -26.29 -25.05
C ASN D 303 42.80 -26.73 -25.80
N ARG D 304 42.90 -27.02 -27.09
CA ARG D 304 41.76 -27.50 -27.85
C ARG D 304 41.47 -28.98 -27.61
N TYR D 305 42.41 -29.72 -27.00
CA TYR D 305 42.24 -31.14 -26.75
C TYR D 305 42.27 -31.46 -25.27
N LEU D 306 42.09 -30.46 -24.40
CA LEU D 306 42.07 -30.65 -22.96
C LEU D 306 40.69 -30.50 -22.35
N ILE D 307 39.80 -29.74 -22.98
CA ILE D 307 38.45 -29.57 -22.44
C ILE D 307 37.69 -30.90 -22.45
N ASN D 308 37.80 -31.66 -23.54
CA ASN D 308 37.11 -32.94 -23.68
C ASN D 308 37.96 -34.01 -23.03
N VAL D 309 37.82 -34.14 -21.71
CA VAL D 309 38.56 -35.12 -20.92
C VAL D 309 37.59 -35.89 -20.04
N THR D 310 37.70 -37.22 -20.05
CA THR D 310 36.86 -38.06 -19.22
C THR D 310 37.56 -39.40 -19.04
N PHE D 311 37.60 -39.89 -17.80
CA PHE D 311 38.31 -41.13 -17.47
C PHE D 311 37.43 -41.96 -16.53
N GLU D 312 36.92 -43.08 -17.03
CA GLU D 312 36.15 -44.03 -16.24
C GLU D 312 34.97 -43.36 -15.53
N GLY D 313 34.28 -42.49 -16.26
CA GLY D 313 33.13 -41.78 -15.75
C GLY D 313 33.43 -40.48 -15.05
N ARG D 314 34.70 -40.19 -14.77
CA ARG D 314 35.09 -38.92 -14.15
C ARG D 314 35.28 -37.89 -15.25
N ASP D 315 34.25 -37.05 -15.45
CA ASP D 315 34.27 -36.05 -16.52
C ASP D 315 34.89 -34.77 -15.97
N LEU D 316 36.22 -34.71 -16.00
CA LEU D 316 36.96 -33.51 -15.59
C LEU D 316 37.15 -32.63 -16.82
N SER D 317 36.09 -31.92 -17.19
CA SER D 317 36.08 -31.06 -18.36
C SER D 317 36.41 -29.64 -17.93
N PHE D 318 37.59 -29.17 -18.31
CA PHE D 318 38.00 -27.80 -18.02
C PHE D 318 37.24 -26.81 -18.90
N SER D 319 37.01 -25.62 -18.37
CA SER D 319 36.32 -24.57 -19.11
C SER D 319 37.25 -23.94 -20.14
N GLU D 320 36.66 -23.18 -21.07
CA GLU D 320 37.45 -22.37 -21.97
C GLU D 320 38.23 -21.31 -21.20
N GLU D 321 37.61 -20.71 -20.18
CA GLU D 321 38.29 -19.72 -19.37
C GLU D 321 39.14 -20.34 -18.26
N GLY D 322 38.94 -21.61 -17.95
CA GLY D 322 39.79 -22.27 -16.98
C GLY D 322 39.12 -22.71 -15.69
N TYR D 323 37.84 -23.05 -15.76
CA TYR D 323 37.09 -23.56 -14.61
C TYR D 323 36.83 -25.05 -14.77
N GLN D 324 36.06 -25.59 -13.82
CA GLN D 324 35.74 -27.02 -13.78
C GLN D 324 34.28 -27.31 -14.11
N MET D 325 33.36 -26.46 -13.65
CA MET D 325 31.92 -26.57 -13.82
C MET D 325 31.34 -27.89 -13.32
N HIS D 326 32.15 -28.72 -12.66
CA HIS D 326 31.68 -29.97 -12.07
C HIS D 326 32.32 -30.15 -10.70
N PRO D 327 31.97 -29.29 -9.74
CA PRO D 327 32.58 -29.35 -8.42
C PRO D 327 31.77 -30.23 -7.47
N LYS D 328 32.36 -30.45 -6.30
CA LYS D 328 31.71 -31.18 -5.22
C LYS D 328 31.93 -30.47 -3.89
N LEU D 329 31.76 -29.14 -3.90
CA LEU D 329 32.02 -28.35 -2.71
C LEU D 329 31.04 -28.72 -1.59
N VAL D 330 31.54 -28.69 -0.36
CA VAL D 330 30.78 -29.09 0.82
C VAL D 330 30.67 -27.87 1.74
N ILE D 331 29.46 -27.56 2.16
CA ILE D 331 29.20 -26.44 3.05
C ILE D 331 29.37 -26.88 4.49
N ILE D 332 29.98 -26.01 5.30
CA ILE D 332 30.23 -26.28 6.71
C ILE D 332 29.68 -25.13 7.53
N LEU D 333 29.49 -25.39 8.82
CA LEU D 333 28.92 -24.39 9.71
C LEU D 333 29.72 -24.36 11.00
N LEU D 334 29.79 -23.17 11.60
CA LEU D 334 30.50 -22.98 12.86
C LEU D 334 29.53 -23.13 14.02
N ASN D 335 29.70 -24.20 14.80
CA ASN D 335 28.83 -24.48 15.94
C ASN D 335 29.28 -23.64 17.13
N LYS D 336 28.79 -24.00 18.33
CA LYS D 336 28.98 -23.15 19.51
C LYS D 336 30.46 -22.87 19.78
N GLU D 337 31.29 -23.90 19.76
CA GLU D 337 32.73 -23.69 19.91
C GLU D 337 33.39 -23.56 18.53
N ARG D 338 34.68 -23.25 18.55
CA ARG D 338 35.44 -23.02 17.32
C ARG D 338 35.70 -24.35 16.63
N LYS D 339 34.70 -24.80 15.88
CA LYS D 339 34.79 -26.07 15.17
C LYS D 339 33.83 -26.02 13.98
N TRP D 340 34.24 -26.65 12.88
CA TRP D 340 33.42 -26.72 11.68
C TRP D 340 32.67 -28.03 11.62
N GLU D 341 31.36 -27.95 11.40
CA GLU D 341 30.50 -29.12 11.28
C GLU D 341 29.96 -29.18 9.86
N ARG D 342 30.09 -30.35 9.23
CA ARG D 342 29.69 -30.51 7.84
C ARG D 342 28.17 -30.46 7.73
N VAL D 343 27.67 -29.64 6.81
CA VAL D 343 26.24 -29.52 6.60
C VAL D 343 25.75 -30.46 5.50
N GLY D 344 26.36 -30.39 4.33
CA GLY D 344 25.97 -31.26 3.23
C GLY D 344 26.78 -30.97 2.00
N LYS D 345 26.53 -31.79 0.97
CA LYS D 345 27.30 -31.77 -0.26
C LYS D 345 26.41 -31.39 -1.44
N TRP D 346 27.07 -30.97 -2.52
CA TRP D 346 26.41 -30.61 -3.77
C TRP D 346 26.66 -31.71 -4.79
N LYS D 347 25.58 -32.18 -5.42
CA LYS D 347 25.59 -33.43 -6.17
C LYS D 347 24.95 -33.23 -7.54
N ASP D 348 25.43 -32.21 -8.27
CA ASP D 348 24.91 -31.86 -9.59
C ASP D 348 23.43 -31.46 -9.51
N LYS D 349 23.20 -30.32 -8.84
CA LYS D 349 21.90 -29.70 -8.59
C LYS D 349 21.12 -30.42 -7.50
N SER D 350 21.69 -31.44 -6.87
CA SER D 350 21.05 -32.10 -5.73
C SER D 350 21.61 -31.51 -4.44
N LEU D 351 20.71 -31.07 -3.57
CA LEU D 351 21.09 -30.34 -2.36
C LEU D 351 20.40 -30.92 -1.13
N GLN D 352 20.36 -32.25 -1.03
CA GLN D 352 19.79 -32.93 0.13
C GLN D 352 20.85 -32.99 1.24
N MET D 353 21.24 -31.80 1.71
CA MET D 353 22.40 -31.67 2.58
C MET D 353 22.23 -32.42 3.90
N LYS D 354 21.32 -31.95 4.74
CA LYS D 354 21.01 -32.55 6.04
C LYS D 354 19.95 -31.69 6.70
N TYR D 355 19.45 -32.18 7.84
CA TYR D 355 18.63 -31.39 8.76
C TYR D 355 17.40 -30.81 8.05
N TYR D 356 16.51 -31.73 7.66
CA TYR D 356 15.27 -31.34 7.00
C TYR D 356 14.50 -30.32 7.83
N VAL D 357 14.54 -30.45 9.15
CA VAL D 357 14.03 -29.44 10.06
C VAL D 357 15.23 -28.65 10.59
N TRP D 358 15.25 -27.35 10.29
CA TRP D 358 16.41 -26.53 10.63
C TRP D 358 16.57 -26.42 12.13
N PRO D 359 17.77 -26.63 12.67
CA PRO D 359 18.00 -26.50 14.13
C PRO D 359 18.23 -25.05 14.57
N ARG D 360 17.13 -24.32 14.72
CA ARG D 360 17.21 -22.94 15.14
C ARG D 360 17.55 -22.84 16.62
N MET D 361 17.93 -21.63 17.04
CA MET D 361 18.28 -21.37 18.43
C MET D 361 17.93 -19.95 18.84
N ASP D 370 7.90 -17.19 24.12
CA ASP D 370 8.66 -17.45 22.90
C ASP D 370 7.99 -16.79 21.70
N ASP D 371 8.53 -17.05 20.50
CA ASP D 371 8.00 -16.50 19.28
C ASP D 371 7.80 -17.53 18.17
N HIS D 372 8.10 -18.80 18.43
CA HIS D 372 7.93 -19.86 17.45
C HIS D 372 6.90 -20.86 17.97
N LEU D 373 6.02 -21.33 17.09
CA LEU D 373 4.89 -22.14 17.48
C LEU D 373 4.32 -22.84 16.26
N SER D 374 4.16 -24.16 16.36
CA SER D 374 3.60 -24.93 15.25
C SER D 374 2.10 -24.70 15.13
N ILE D 375 1.60 -24.78 13.89
CA ILE D 375 0.20 -24.53 13.58
C ILE D 375 -0.31 -25.69 12.73
N VAL D 376 -1.30 -26.41 13.24
CA VAL D 376 -1.91 -27.51 12.49
C VAL D 376 -3.00 -26.95 11.57
N THR D 377 -3.43 -27.77 10.62
CA THR D 377 -4.52 -27.41 9.70
C THR D 377 -4.89 -28.66 8.91
N LEU D 378 -5.97 -28.55 8.13
CA LEU D 378 -6.42 -29.62 7.26
C LEU D 378 -6.71 -29.06 5.87
N GLU D 379 -6.57 -29.92 4.87
CA GLU D 379 -6.72 -29.53 3.47
C GLU D 379 -8.13 -29.91 3.00
N GLU D 380 -8.98 -28.91 2.83
CA GLU D 380 -10.34 -29.11 2.32
C GLU D 380 -10.96 -27.74 2.08
N ALA D 381 -12.02 -27.73 1.27
CA ALA D 381 -12.87 -26.55 1.07
C ALA D 381 -12.11 -25.43 0.36
N PRO D 382 -12.75 -24.28 0.08
CA PRO D 382 -11.99 -23.14 -0.43
C PRO D 382 -11.19 -22.43 0.65
N PHE D 383 -11.08 -23.04 1.82
CA PHE D 383 -10.34 -22.43 2.93
C PHE D 383 -8.85 -22.77 2.85
N VAL D 384 -8.51 -24.05 2.81
CA VAL D 384 -7.12 -24.50 2.70
C VAL D 384 -7.04 -25.50 1.56
N ILE D 385 -6.21 -25.19 0.56
CA ILE D 385 -6.03 -26.03 -0.62
C ILE D 385 -4.57 -26.43 -0.71
N VAL D 386 -4.32 -27.69 -1.04
CA VAL D 386 -2.98 -28.23 -1.20
C VAL D 386 -2.69 -28.40 -2.68
N GLU D 387 -1.53 -27.90 -3.12
CA GLU D 387 -1.09 -28.08 -4.49
C GLU D 387 0.36 -28.53 -4.49
N SER D 388 0.73 -29.31 -5.50
CA SER D 388 2.08 -29.84 -5.60
C SER D 388 3.08 -28.72 -5.84
N VAL D 389 4.27 -28.89 -5.27
CA VAL D 389 5.32 -27.90 -5.45
C VAL D 389 5.74 -27.85 -6.92
N ASP D 390 6.22 -26.69 -7.36
CA ASP D 390 6.62 -26.51 -8.74
C ASP D 390 7.75 -27.47 -9.09
N PRO D 391 7.60 -28.30 -10.12
CA PRO D 391 8.64 -29.31 -10.41
C PRO D 391 9.94 -28.73 -10.95
N LEU D 392 9.95 -27.48 -11.40
CA LEU D 392 11.12 -26.94 -12.08
C LEU D 392 12.25 -26.63 -11.10
N SER D 393 12.00 -25.72 -10.15
CA SER D 393 13.05 -25.21 -9.29
C SER D 393 13.06 -25.86 -7.91
N GLY D 394 12.01 -26.58 -7.53
CA GLY D 394 11.92 -27.22 -6.24
C GLY D 394 11.14 -26.45 -5.20
N THR D 395 10.92 -25.15 -5.42
CA THR D 395 10.10 -24.34 -4.54
C THR D 395 8.87 -23.87 -5.30
N CYS D 396 7.74 -23.77 -4.59
CA CYS D 396 6.50 -23.38 -5.24
C CYS D 396 6.40 -21.86 -5.29
N MET D 397 5.28 -21.37 -5.80
CA MET D 397 5.15 -19.98 -6.23
C MET D 397 5.00 -19.06 -5.03
N ARG D 398 4.80 -17.77 -5.31
CA ARG D 398 4.69 -16.76 -4.27
C ARG D 398 3.28 -16.80 -3.65
N ASN D 399 2.99 -15.82 -2.80
CA ASN D 399 1.74 -15.73 -2.04
C ASN D 399 1.28 -17.09 -1.52
N THR D 400 2.24 -17.88 -1.03
CA THR D 400 1.97 -19.21 -0.51
C THR D 400 2.96 -19.50 0.60
N VAL D 401 2.52 -20.28 1.58
CA VAL D 401 3.39 -20.67 2.69
C VAL D 401 3.75 -22.14 2.54
N PRO D 402 4.95 -22.55 2.92
CA PRO D 402 5.34 -23.96 2.77
C PRO D 402 4.71 -24.81 3.85
N CYS D 403 3.72 -25.60 3.48
CA CYS D 403 3.00 -26.49 4.39
C CYS D 403 3.49 -27.91 4.15
N GLU D 404 4.20 -28.46 5.14
CA GLU D 404 4.76 -29.79 5.02
C GLU D 404 3.80 -30.84 5.54
N LYS D 405 3.92 -32.06 5.02
CA LYS D 405 3.01 -33.15 5.36
C LYS D 405 3.81 -34.40 5.67
N ARG D 406 3.53 -35.00 6.83
CA ARG D 406 4.15 -36.26 7.21
C ARG D 406 3.43 -37.42 6.53
N ILE D 407 4.13 -38.55 6.43
CA ILE D 407 3.57 -39.77 5.86
C ILE D 407 3.94 -40.96 6.76
N ILE D 408 3.17 -42.03 6.60
CA ILE D 408 3.39 -43.27 7.33
C ILE D 408 3.50 -44.41 6.33
N SER D 409 4.55 -45.22 6.45
CA SER D 409 4.77 -46.33 5.56
C SER D 409 3.93 -47.53 6.00
N GLU D 410 4.17 -48.69 5.40
CA GLU D 410 3.45 -49.90 5.76
C GLU D 410 3.78 -50.31 7.19
N ASN D 411 2.77 -50.85 7.88
CA ASN D 411 2.97 -51.30 9.26
C ASN D 411 3.93 -52.48 9.36
N LYS D 412 4.11 -53.23 8.27
CA LYS D 412 5.04 -54.36 8.30
C LYS D 412 6.47 -53.89 8.53
N THR D 413 6.87 -52.80 7.87
CA THR D 413 8.21 -52.26 8.02
C THR D 413 8.15 -50.75 7.87
N ASP D 414 8.65 -50.04 8.87
CA ASP D 414 8.66 -48.58 8.89
C ASP D 414 10.09 -48.08 8.69
N GLU D 415 10.24 -46.76 8.66
CA GLU D 415 11.54 -46.12 8.46
C GLU D 415 11.53 -44.78 9.18
N GLU D 416 12.52 -43.95 8.88
CA GLU D 416 12.60 -42.63 9.48
C GLU D 416 11.45 -41.75 8.96
N PRO D 417 10.97 -40.82 9.79
CA PRO D 417 9.86 -39.95 9.35
C PRO D 417 10.30 -39.01 8.23
N GLY D 418 9.67 -39.16 7.08
CA GLY D 418 9.95 -38.31 5.93
C GLY D 418 8.72 -37.49 5.57
N TYR D 419 8.97 -36.28 5.09
CA TYR D 419 7.91 -35.36 4.70
C TYR D 419 8.20 -34.77 3.33
N ILE D 420 7.18 -34.71 2.49
CA ILE D 420 7.28 -34.10 1.17
C ILE D 420 6.75 -32.69 1.29
N LYS D 421 7.63 -31.70 1.10
CA LYS D 421 7.26 -30.31 1.33
C LYS D 421 6.36 -29.79 0.21
N LYS D 422 5.05 -29.89 0.40
CA LYS D 422 4.10 -29.19 -0.44
C LYS D 422 3.91 -27.77 0.11
N CYS D 423 2.91 -27.06 -0.39
CA CYS D 423 2.61 -25.76 0.16
C CYS D 423 1.11 -25.48 0.05
N CYS D 424 0.57 -24.90 1.13
CA CYS D 424 -0.86 -24.69 1.28
C CYS D 424 -1.23 -23.24 0.98
N LYS D 425 -2.32 -23.05 0.25
CA LYS D 425 -2.84 -21.71 0.00
C LYS D 425 -4.36 -21.77 -0.01
N GLY D 426 -4.99 -20.65 0.33
CA GLY D 426 -6.43 -20.58 0.39
C GLY D 426 -6.96 -19.33 1.05
N PHE D 427 -7.90 -19.48 1.97
CA PHE D 427 -8.54 -18.35 2.66
C PHE D 427 -7.91 -18.10 4.02
N CYS D 428 -7.92 -19.09 4.90
CA CYS D 428 -7.40 -18.90 6.26
C CYS D 428 -5.91 -18.62 6.26
N ILE D 429 -5.18 -19.07 5.24
CA ILE D 429 -3.73 -18.90 5.22
C ILE D 429 -3.39 -17.42 5.06
N ASP D 430 -4.15 -16.68 4.26
CA ASP D 430 -3.89 -15.26 4.12
C ASP D 430 -4.19 -14.51 5.41
N ILE D 431 -5.23 -14.92 6.13
CA ILE D 431 -5.51 -14.33 7.43
C ILE D 431 -4.37 -14.61 8.40
N LEU D 432 -3.81 -15.83 8.34
CA LEU D 432 -2.65 -16.14 9.15
C LEU D 432 -1.48 -15.23 8.80
N LYS D 433 -1.25 -15.00 7.51
CA LYS D 433 -0.17 -14.12 7.09
C LYS D 433 -0.37 -12.70 7.61
N LYS D 434 -1.59 -12.19 7.50
CA LYS D 434 -1.87 -10.83 7.99
C LYS D 434 -1.68 -10.74 9.50
N ILE D 435 -2.18 -11.73 10.25
CA ILE D 435 -2.04 -11.71 11.70
C ILE D 435 -0.57 -11.79 12.10
N SER D 436 0.20 -12.65 11.43
CA SER D 436 1.64 -12.74 11.70
C SER D 436 2.34 -11.42 11.39
N LYS D 437 1.95 -10.77 10.30
CA LYS D 437 2.53 -9.47 9.98
C LYS D 437 2.17 -8.41 11.02
N SER D 438 1.01 -8.53 11.65
CA SER D 438 0.60 -7.56 12.65
C SER D 438 1.24 -7.84 14.00
N VAL D 439 1.09 -9.07 14.51
CA VAL D 439 1.56 -9.42 15.85
C VAL D 439 3.04 -9.82 15.85
N LYS D 440 3.69 -9.78 14.69
CA LYS D 440 5.11 -10.09 14.49
C LYS D 440 5.55 -11.35 15.24
N PHE D 441 4.98 -12.49 14.86
CA PHE D 441 5.39 -13.79 15.37
C PHE D 441 5.53 -14.77 14.21
N THR D 442 6.44 -15.73 14.37
CA THR D 442 6.72 -16.70 13.34
C THR D 442 5.75 -17.87 13.41
N TYR D 443 5.86 -18.78 12.44
CA TYR D 443 4.96 -19.94 12.36
C TYR D 443 5.53 -20.93 11.36
N ASP D 444 4.99 -22.16 11.41
CA ASP D 444 5.30 -23.18 10.41
C ASP D 444 4.18 -24.20 10.39
N LEU D 445 3.44 -24.26 9.30
CA LEU D 445 2.31 -25.17 9.19
C LEU D 445 2.78 -26.61 9.07
N TYR D 446 1.85 -27.53 9.33
CA TYR D 446 2.05 -28.95 9.01
C TYR D 446 0.69 -29.64 9.09
N LEU D 447 0.34 -30.41 8.06
CA LEU D 447 -0.96 -31.05 8.02
C LEU D 447 -1.03 -32.22 8.98
N VAL D 448 -2.25 -32.71 9.20
CA VAL D 448 -2.51 -33.79 10.13
C VAL D 448 -2.93 -35.03 9.35
N THR D 449 -2.74 -36.20 9.97
CA THR D 449 -3.03 -37.48 9.33
C THR D 449 -4.17 -38.24 10.01
N ASN D 450 -4.07 -38.45 11.32
CA ASN D 450 -5.07 -39.23 12.04
C ASN D 450 -6.33 -38.39 12.26
N GLY D 451 -7.45 -38.85 11.70
CA GLY D 451 -8.70 -38.13 11.84
C GLY D 451 -8.78 -36.94 10.91
N LYS D 452 -9.95 -36.30 10.91
CA LYS D 452 -10.18 -35.11 10.10
C LYS D 452 -10.42 -33.86 10.94
N HIS D 453 -11.41 -33.88 11.84
CA HIS D 453 -11.72 -32.70 12.64
C HIS D 453 -11.83 -32.98 14.13
N GLY D 454 -11.97 -34.24 14.54
CA GLY D 454 -12.04 -34.56 15.96
C GLY D 454 -13.35 -35.19 16.37
N LYS D 455 -13.30 -36.46 16.77
CA LYS D 455 -14.46 -37.19 17.28
C LYS D 455 -14.04 -37.91 18.55
N LYS D 456 -14.71 -37.62 19.65
CA LYS D 456 -14.33 -38.20 20.93
C LYS D 456 -14.63 -39.70 20.95
N ILE D 457 -13.62 -40.49 21.28
CA ILE D 457 -13.76 -41.94 21.41
C ILE D 457 -13.09 -42.36 22.71
N ASN D 458 -13.86 -42.99 23.60
CA ASN D 458 -13.35 -43.53 24.86
C ASN D 458 -12.66 -42.46 25.70
N GLY D 459 -13.12 -41.21 25.60
CA GLY D 459 -12.51 -40.11 26.33
C GLY D 459 -11.27 -39.53 25.70
N THR D 460 -10.82 -40.06 24.56
CA THR D 460 -9.65 -39.56 23.86
C THR D 460 -10.08 -38.58 22.78
N TRP D 461 -9.13 -38.15 21.95
CA TRP D 461 -9.41 -37.24 20.85
C TRP D 461 -8.52 -37.59 19.67
N ASN D 462 -8.78 -36.93 18.55
CA ASN D 462 -8.03 -37.15 17.32
C ASN D 462 -8.16 -35.91 16.46
N GLY D 463 -7.46 -35.93 15.33
CA GLY D 463 -7.52 -34.79 14.42
C GLY D 463 -6.78 -33.58 14.97
N MET D 464 -7.18 -32.41 14.47
CA MET D 464 -6.53 -31.16 14.88
C MET D 464 -6.70 -30.92 16.37
N ILE D 465 -7.89 -31.16 16.90
CA ILE D 465 -8.12 -30.97 18.33
C ILE D 465 -7.25 -31.92 19.14
N GLY D 466 -7.14 -33.18 18.70
CA GLY D 466 -6.28 -34.13 19.38
C GLY D 466 -4.83 -33.68 19.43
N GLU D 467 -4.36 -33.06 18.34
CA GLU D 467 -3.00 -32.53 18.33
C GLU D 467 -2.87 -31.32 19.24
N VAL D 468 -3.93 -30.51 19.35
CA VAL D 468 -3.87 -29.35 20.24
C VAL D 468 -3.80 -29.78 21.70
N VAL D 469 -4.57 -30.82 22.07
CA VAL D 469 -4.67 -31.17 23.49
C VAL D 469 -3.38 -31.81 23.98
N MET D 470 -2.73 -32.63 23.15
CA MET D 470 -1.44 -33.24 23.50
C MET D 470 -0.27 -32.27 23.45
N LYS D 471 -0.53 -30.96 23.31
CA LYS D 471 0.50 -29.93 23.30
C LYS D 471 1.46 -30.08 22.11
N ARG D 472 1.15 -30.99 21.19
CA ARG D 472 1.98 -31.13 20.00
C ARG D 472 1.94 -29.89 19.13
N ALA D 473 0.75 -29.31 18.95
CA ALA D 473 0.58 -28.06 18.24
C ALA D 473 0.23 -26.95 19.22
N TYR D 474 0.00 -25.75 18.70
CA TYR D 474 -0.34 -24.62 19.55
C TYR D 474 -1.52 -23.80 19.07
N MET D 475 -1.84 -23.80 17.77
CA MET D 475 -2.94 -22.97 17.26
C MET D 475 -3.56 -23.69 16.06
N ALA D 476 -4.64 -24.43 16.31
CA ALA D 476 -5.40 -25.01 15.22
C ALA D 476 -6.05 -23.92 14.38
N VAL D 477 -6.21 -24.19 13.10
CA VAL D 477 -6.82 -23.24 12.17
C VAL D 477 -7.36 -24.02 10.99
N GLY D 478 -8.26 -23.40 10.24
CA GLY D 478 -8.93 -24.07 9.14
C GLY D 478 -10.43 -23.95 9.21
N SER D 479 -11.12 -25.09 9.40
CA SER D 479 -12.58 -25.10 9.39
C SER D 479 -13.13 -25.69 10.68
N LEU D 480 -12.62 -25.23 11.82
CA LEU D 480 -13.08 -25.69 13.13
C LEU D 480 -14.26 -24.83 13.58
N THR D 481 -15.42 -25.44 13.74
CA THR D 481 -16.61 -24.77 14.23
C THR D 481 -16.76 -25.00 15.73
N ILE D 482 -17.35 -24.02 16.41
CA ILE D 482 -17.39 -24.00 17.87
C ILE D 482 -18.73 -24.50 18.37
N ASN D 483 -18.71 -25.20 19.49
CA ASN D 483 -19.91 -25.69 20.15
C ASN D 483 -19.59 -25.90 21.63
N GLU D 484 -20.51 -26.56 22.34
CA GLU D 484 -20.34 -26.75 23.77
C GLU D 484 -19.18 -27.67 24.10
N GLU D 485 -19.13 -28.84 23.46
CA GLU D 485 -18.18 -29.87 23.87
C GLU D 485 -16.74 -29.46 23.61
N ARG D 486 -16.46 -28.87 22.44
CA ARG D 486 -15.10 -28.48 22.11
C ARG D 486 -14.60 -27.35 23.00
N SER D 487 -15.49 -26.40 23.33
CA SER D 487 -15.07 -25.23 24.09
C SER D 487 -14.67 -25.55 25.52
N GLU D 488 -14.97 -26.75 26.03
CA GLU D 488 -14.56 -27.12 27.37
C GLU D 488 -13.09 -27.54 27.45
N VAL D 489 -12.46 -27.81 26.31
CA VAL D 489 -11.10 -28.30 26.28
C VAL D 489 -10.13 -27.23 25.77
N VAL D 490 -10.49 -26.55 24.69
CA VAL D 490 -9.67 -25.47 24.14
C VAL D 490 -10.41 -24.16 24.29
N ASP D 491 -9.77 -23.06 23.93
CA ASP D 491 -10.34 -21.72 24.06
C ASP D 491 -10.40 -21.08 22.69
N PHE D 492 -11.60 -21.04 22.11
CA PHE D 492 -11.76 -20.48 20.79
C PHE D 492 -11.70 -18.95 20.84
N SER D 493 -11.53 -18.35 19.67
CA SER D 493 -11.42 -16.90 19.53
C SER D 493 -12.72 -16.35 18.94
N VAL D 494 -12.71 -15.04 18.65
CA VAL D 494 -13.90 -14.40 18.08
C VAL D 494 -14.14 -14.92 16.67
N PRO D 495 -15.36 -15.31 16.32
CA PRO D 495 -15.63 -15.84 14.98
C PRO D 495 -15.42 -14.78 13.90
N PHE D 496 -14.99 -15.24 12.73
CA PHE D 496 -14.82 -14.36 11.56
C PHE D 496 -15.66 -14.80 10.38
N ILE D 497 -16.62 -15.70 10.56
CA ILE D 497 -17.55 -16.10 9.51
C ILE D 497 -18.74 -16.76 10.17
N GLU D 498 -19.87 -16.78 9.47
CA GLU D 498 -21.12 -17.29 10.02
C GLU D 498 -21.56 -18.52 9.24
N THR D 499 -21.63 -19.66 9.90
CA THR D 499 -22.10 -20.90 9.27
C THR D 499 -23.22 -21.52 10.09
N GLY D 500 -23.60 -22.75 9.75
CA GLY D 500 -24.66 -23.44 10.44
C GLY D 500 -24.97 -24.78 9.82
N ILE D 501 -26.24 -25.09 9.64
CA ILE D 501 -26.69 -26.34 9.01
C ILE D 501 -27.71 -25.99 7.95
N SER D 502 -27.55 -26.56 6.75
CA SER D 502 -28.38 -26.21 5.62
C SER D 502 -28.63 -27.45 4.77
N VAL D 503 -29.67 -27.37 3.95
CA VAL D 503 -30.11 -28.50 3.13
C VAL D 503 -29.85 -28.16 1.66
N MET D 504 -29.34 -29.14 0.92
CA MET D 504 -29.00 -28.98 -0.48
C MET D 504 -29.84 -29.94 -1.32
N VAL D 505 -30.64 -29.40 -2.23
CA VAL D 505 -31.46 -30.20 -3.13
C VAL D 505 -31.36 -29.61 -4.53
N SER D 506 -31.72 -30.43 -5.52
CA SER D 506 -31.73 -30.00 -6.91
C SER D 506 -33.11 -29.47 -7.28
N ARG D 507 -33.14 -28.33 -7.97
CA ARG D 507 -34.40 -27.70 -8.34
C ARG D 507 -35.14 -28.59 -9.34
N SER D 508 -36.35 -29.00 -8.98
CA SER D 508 -37.15 -29.82 -9.88
C SER D 508 -37.58 -29.01 -11.10
N ASN D 509 -37.53 -29.65 -12.26
CA ASN D 509 -37.86 -28.97 -13.51
C ASN D 509 -39.36 -28.72 -13.58
N GLY D 510 -39.75 -27.45 -13.57
CA GLY D 510 -41.13 -27.04 -13.66
C GLY D 510 -41.48 -26.01 -12.60
N THR D 511 -42.72 -25.54 -12.68
CA THR D 511 -43.25 -24.56 -11.74
C THR D 511 -44.55 -25.08 -11.15
N VAL D 512 -44.85 -24.65 -9.93
CA VAL D 512 -46.03 -25.10 -9.20
C VAL D 512 -47.05 -23.97 -9.18
N SER D 513 -48.20 -24.22 -9.80
CA SER D 513 -49.30 -23.26 -9.80
C SER D 513 -50.61 -23.96 -10.14
N PRO D 514 -51.18 -24.72 -9.19
CA PRO D 514 -52.45 -25.41 -9.49
C PRO D 514 -53.62 -24.48 -9.74
N SER D 515 -53.54 -23.23 -9.30
CA SER D 515 -54.62 -22.27 -9.46
C SER D 515 -54.34 -21.26 -10.58
N ALA D 516 -53.53 -21.65 -11.57
CA ALA D 516 -53.18 -20.74 -12.65
C ALA D 516 -54.42 -20.33 -13.45
N PHE D 517 -55.31 -21.29 -13.72
CA PHE D 517 -56.50 -20.99 -14.53
C PHE D 517 -57.51 -20.12 -13.79
N LEU D 518 -57.40 -19.98 -12.47
CA LEU D 518 -58.26 -19.11 -11.70
C LEU D 518 -57.54 -17.95 -11.03
N GLU D 519 -56.21 -17.92 -11.06
CA GLU D 519 -55.48 -16.83 -10.42
C GLU D 519 -55.86 -15.46 -10.96
N PRO D 520 -55.91 -15.24 -12.28
CA PRO D 520 -56.43 -13.96 -12.77
C PRO D 520 -57.94 -13.89 -12.64
N PHE D 521 -58.46 -12.66 -12.63
CA PHE D 521 -59.90 -12.39 -12.58
C PHE D 521 -60.53 -13.03 -11.35
N SER D 522 -60.14 -12.48 -10.19
CA SER D 522 -60.66 -12.94 -8.90
C SER D 522 -62.17 -12.97 -8.92
N ALA D 523 -62.74 -13.78 -8.03
CA ALA D 523 -64.18 -14.07 -8.06
C ALA D 523 -65.00 -12.90 -7.53
N ASP D 524 -64.89 -11.75 -8.20
CA ASP D 524 -65.70 -10.58 -7.87
C ASP D 524 -66.40 -10.09 -9.11
N VAL D 525 -65.80 -10.33 -10.28
CA VAL D 525 -66.39 -9.90 -11.54
C VAL D 525 -67.25 -11.00 -12.18
N TRP D 526 -67.04 -12.27 -11.81
CA TRP D 526 -67.86 -13.34 -12.37
C TRP D 526 -69.32 -13.20 -11.96
N VAL D 527 -69.56 -12.85 -10.69
CA VAL D 527 -70.93 -12.62 -10.24
C VAL D 527 -71.53 -11.42 -10.95
N MET D 528 -70.72 -10.38 -11.18
CA MET D 528 -71.21 -9.21 -11.90
C MET D 528 -71.62 -9.56 -13.32
N MET D 529 -70.79 -10.34 -14.02
CA MET D 529 -71.17 -10.74 -15.38
C MET D 529 -72.36 -11.67 -15.38
N PHE D 530 -72.50 -12.53 -14.36
CA PHE D 530 -73.67 -13.40 -14.28
C PHE D 530 -74.95 -12.58 -14.13
N VAL D 531 -74.99 -11.68 -13.14
CA VAL D 531 -76.17 -10.86 -12.94
C VAL D 531 -76.42 -10.00 -14.17
N MET D 532 -75.36 -9.61 -14.87
CA MET D 532 -75.53 -8.95 -16.16
C MET D 532 -76.26 -9.85 -17.14
N LEU D 533 -75.89 -11.13 -17.22
CA LEU D 533 -76.60 -12.04 -18.11
C LEU D 533 -78.09 -12.07 -17.78
N LEU D 534 -78.43 -12.25 -16.49
CA LEU D 534 -79.85 -12.32 -16.15
C LEU D 534 -80.57 -11.00 -16.46
N ILE D 535 -79.95 -9.85 -16.17
CA ILE D 535 -80.66 -8.60 -16.33
C ILE D 535 -80.86 -8.28 -17.82
N VAL D 536 -79.85 -8.51 -18.65
CA VAL D 536 -80.04 -8.27 -20.09
C VAL D 536 -80.98 -9.30 -20.69
N SER D 537 -80.99 -10.55 -20.19
CA SER D 537 -81.97 -11.51 -20.67
C SER D 537 -83.39 -11.04 -20.36
N ALA D 538 -83.60 -10.53 -19.14
CA ALA D 538 -84.92 -10.04 -18.78
C ALA D 538 -85.32 -8.83 -19.63
N VAL D 539 -84.40 -7.90 -19.84
CA VAL D 539 -84.74 -6.71 -20.63
C VAL D 539 -84.98 -7.08 -22.08
N ALA D 540 -84.23 -8.07 -22.62
CA ALA D 540 -84.46 -8.51 -23.99
C ALA D 540 -85.81 -9.19 -24.13
N VAL D 541 -86.19 -10.00 -23.14
CA VAL D 541 -87.51 -10.63 -23.17
C VAL D 541 -88.61 -9.56 -23.13
N PHE D 542 -88.43 -8.55 -22.27
CA PHE D 542 -89.41 -7.47 -22.18
C PHE D 542 -89.52 -6.71 -23.49
N VAL D 543 -88.37 -6.44 -24.13
CA VAL D 543 -88.38 -5.71 -25.40
C VAL D 543 -89.05 -6.55 -26.49
N PHE D 544 -88.73 -7.84 -26.56
CA PHE D 544 -89.32 -8.71 -27.56
C PHE D 544 -90.81 -8.94 -27.33
N GLU D 545 -91.28 -8.79 -26.09
CA GLU D 545 -92.71 -8.94 -25.83
C GLU D 545 -93.52 -7.88 -26.57
N TYR D 546 -93.04 -6.66 -26.61
CA TYR D 546 -93.72 -5.58 -27.30
C TYR D 546 -92.86 -5.00 -28.43
N SER D 566 -91.70 -16.98 -31.81
CA SER D 566 -91.35 -18.09 -30.92
C SER D 566 -90.13 -17.74 -30.08
N PHE D 567 -90.35 -17.03 -28.98
CA PHE D 567 -89.27 -16.60 -28.09
C PHE D 567 -89.33 -17.38 -26.78
N THR D 568 -88.15 -17.54 -26.16
CA THR D 568 -88.05 -18.20 -24.88
C THR D 568 -86.81 -17.68 -24.16
N ILE D 569 -86.87 -17.70 -22.83
CA ILE D 569 -85.72 -17.26 -22.05
C ILE D 569 -84.56 -18.26 -22.15
N GLY D 570 -84.88 -19.55 -22.36
CA GLY D 570 -83.82 -20.53 -22.49
C GLY D 570 -82.96 -20.30 -23.71
N LYS D 571 -83.57 -20.02 -24.85
CA LYS D 571 -82.81 -19.73 -26.06
C LYS D 571 -81.95 -18.48 -25.87
N ALA D 572 -82.50 -17.45 -25.21
CA ALA D 572 -81.76 -16.22 -25.00
C ALA D 572 -80.55 -16.46 -24.12
N ILE D 573 -80.73 -17.16 -23.00
CA ILE D 573 -79.61 -17.39 -22.09
C ILE D 573 -78.57 -18.30 -22.74
N TRP D 574 -79.02 -19.30 -23.52
CA TRP D 574 -78.08 -20.15 -24.25
C TRP D 574 -77.25 -19.34 -25.23
N LEU D 575 -77.91 -18.45 -25.99
CA LEU D 575 -77.20 -17.62 -26.95
C LEU D 575 -76.20 -16.71 -26.25
N LEU D 576 -76.60 -16.09 -25.14
CA LEU D 576 -75.71 -15.19 -24.42
C LEU D 576 -74.48 -15.93 -23.89
N TRP D 577 -74.71 -17.07 -23.24
CA TRP D 577 -73.61 -17.84 -22.67
C TRP D 577 -72.67 -18.34 -23.76
N GLY D 578 -73.23 -18.81 -24.88
CA GLY D 578 -72.38 -19.24 -25.99
C GLY D 578 -71.59 -18.08 -26.59
N LEU D 579 -72.22 -16.91 -26.70
CA LEU D 579 -71.54 -15.76 -27.29
C LEU D 579 -70.37 -15.30 -26.42
N VAL D 580 -70.56 -15.28 -25.10
CA VAL D 580 -69.47 -14.79 -24.25
C VAL D 580 -68.25 -15.69 -24.32
N PHE D 581 -68.44 -16.98 -24.61
CA PHE D 581 -67.32 -17.92 -24.68
C PHE D 581 -66.95 -18.20 -26.14
N ASN D 582 -66.43 -17.17 -26.80
CA ASN D 582 -65.87 -17.25 -28.14
C ASN D 582 -66.88 -17.73 -29.19
N ASN D 583 -68.17 -17.58 -28.92
CA ASN D 583 -69.23 -17.90 -29.89
C ASN D 583 -69.10 -19.34 -30.39
N SER D 584 -68.77 -20.26 -29.47
CA SER D 584 -68.58 -21.65 -29.87
C SER D 584 -69.91 -22.34 -30.13
N VAL D 585 -70.91 -22.06 -29.30
CA VAL D 585 -72.21 -22.75 -29.42
C VAL D 585 -72.97 -22.17 -30.60
N PRO D 586 -73.42 -22.99 -31.55
CA PRO D 586 -74.23 -22.51 -32.69
C PRO D 586 -75.71 -22.33 -32.34
N VAL D 587 -76.02 -21.18 -31.74
CA VAL D 587 -77.36 -20.88 -31.28
C VAL D 587 -78.10 -20.09 -32.34
N GLN D 588 -79.43 -20.05 -32.22
CA GLN D 588 -80.28 -19.33 -33.16
C GLN D 588 -80.47 -17.90 -32.69
N ASN D 589 -80.30 -16.95 -33.63
CA ASN D 589 -80.34 -15.54 -33.30
C ASN D 589 -81.77 -15.00 -33.34
N PRO D 590 -82.07 -13.97 -32.53
CA PRO D 590 -83.41 -13.37 -32.55
C PRO D 590 -83.66 -12.56 -33.81
N LYS D 591 -84.83 -11.93 -33.90
CA LYS D 591 -85.21 -11.13 -35.06
C LYS D 591 -85.57 -9.69 -34.74
N GLY D 592 -85.80 -9.35 -33.48
CA GLY D 592 -86.16 -7.98 -33.16
C GLY D 592 -85.03 -7.01 -33.44
N THR D 593 -85.39 -5.85 -33.98
CA THR D 593 -84.38 -4.84 -34.34
C THR D 593 -83.66 -4.32 -33.10
N THR D 594 -84.41 -4.06 -32.02
CA THR D 594 -83.78 -3.55 -30.81
C THR D 594 -82.87 -4.60 -30.17
N SER D 595 -83.15 -5.89 -30.37
CA SER D 595 -82.32 -6.94 -29.81
C SER D 595 -80.94 -6.97 -30.45
N LYS D 596 -80.83 -6.56 -31.72
CA LYS D 596 -79.54 -6.61 -32.41
C LYS D 596 -78.52 -5.68 -31.76
N ILE D 597 -78.97 -4.50 -31.30
CA ILE D 597 -78.05 -3.57 -30.65
C ILE D 597 -77.50 -4.17 -29.37
N MET D 598 -78.38 -4.78 -28.56
CA MET D 598 -77.93 -5.43 -27.33
C MET D 598 -76.97 -6.57 -27.63
N VAL D 599 -77.27 -7.36 -28.67
CA VAL D 599 -76.39 -8.46 -29.04
C VAL D 599 -75.02 -7.94 -29.43
N SER D 600 -74.98 -6.86 -30.21
CA SER D 600 -73.71 -6.30 -30.66
C SER D 600 -72.90 -5.75 -29.50
N VAL D 601 -73.53 -5.02 -28.58
CA VAL D 601 -72.78 -4.47 -27.46
C VAL D 601 -72.29 -5.60 -26.54
N TRP D 602 -73.09 -6.65 -26.38
CA TRP D 602 -72.64 -7.80 -25.61
C TRP D 602 -71.45 -8.48 -26.29
N ALA D 603 -71.47 -8.54 -27.62
CA ALA D 603 -70.34 -9.13 -28.35
C ALA D 603 -69.08 -8.31 -28.12
N PHE D 604 -69.21 -6.98 -28.14
CA PHE D 604 -68.06 -6.12 -27.84
C PHE D 604 -67.54 -6.39 -26.44
N PHE D 605 -68.44 -6.49 -25.46
CA PHE D 605 -68.04 -6.78 -24.09
C PHE D 605 -67.33 -8.12 -24.00
N ALA D 606 -67.84 -9.14 -24.68
CA ALA D 606 -67.23 -10.46 -24.62
C ALA D 606 -65.86 -10.47 -25.28
N VAL D 607 -65.70 -9.76 -26.40
CA VAL D 607 -64.39 -9.70 -27.05
C VAL D 607 -63.37 -9.03 -26.13
N ILE D 608 -63.76 -7.92 -25.51
CA ILE D 608 -62.86 -7.26 -24.57
C ILE D 608 -62.52 -8.17 -23.41
N PHE D 609 -63.53 -8.88 -22.90
CA PHE D 609 -63.34 -9.82 -21.79
C PHE D 609 -62.30 -10.86 -22.14
N LEU D 610 -62.46 -11.52 -23.30
CA LEU D 610 -61.55 -12.59 -23.67
C LEU D 610 -60.14 -12.08 -23.91
N ALA D 611 -60.02 -10.92 -24.58
CA ALA D 611 -58.68 -10.36 -24.81
C ALA D 611 -57.97 -10.07 -23.50
N SER D 612 -58.68 -9.40 -22.57
CA SER D 612 -58.08 -9.08 -21.28
C SER D 612 -57.71 -10.34 -20.51
N TYR D 613 -58.57 -11.36 -20.56
CA TYR D 613 -58.27 -12.59 -19.82
C TYR D 613 -57.03 -13.28 -20.38
N THR D 614 -56.91 -13.35 -21.71
CA THR D 614 -55.74 -13.98 -22.30
C THR D 614 -54.47 -13.21 -21.94
N ALA D 615 -54.52 -11.87 -22.01
CA ALA D 615 -53.35 -11.08 -21.66
C ALA D 615 -52.96 -11.28 -20.20
N ASN D 616 -53.95 -11.28 -19.30
CA ASN D 616 -53.65 -11.45 -17.88
C ASN D 616 -53.08 -12.84 -17.60
N LEU D 617 -53.62 -13.87 -18.25
CA LEU D 617 -53.08 -15.21 -18.05
C LEU D 617 -51.65 -15.31 -18.53
N ALA D 618 -51.35 -14.70 -19.69
CA ALA D 618 -49.97 -14.70 -20.16
C ALA D 618 -49.05 -13.98 -19.19
N ALA D 619 -49.49 -12.83 -18.67
CA ALA D 619 -48.69 -12.07 -17.72
C ALA D 619 -48.42 -12.88 -16.45
N PHE D 620 -49.44 -13.57 -15.94
CA PHE D 620 -49.25 -14.39 -14.75
C PHE D 620 -48.32 -15.57 -15.03
N MET D 621 -48.45 -16.18 -16.20
CA MET D 621 -47.61 -17.33 -16.52
C MET D 621 -46.14 -16.93 -16.67
N ILE D 622 -45.88 -15.73 -17.19
CA ILE D 622 -44.48 -15.30 -17.33
C ILE D 622 -43.85 -15.04 -15.97
N GLN D 623 -44.59 -14.42 -15.05
CA GLN D 623 -44.04 -13.94 -13.80
C GLN D 623 -44.15 -14.94 -12.66
N GLU D 624 -44.62 -16.16 -12.92
CA GLU D 624 -44.75 -17.15 -11.86
C GLU D 624 -43.39 -17.56 -11.32
N GLU D 625 -43.34 -17.85 -10.01
CA GLU D 625 -42.12 -18.20 -9.31
C GLU D 625 -42.20 -19.65 -8.83
N TYR D 626 -41.16 -20.07 -8.10
CA TYR D 626 -41.05 -21.43 -7.60
C TYR D 626 -40.69 -21.41 -6.12
N VAL D 627 -41.08 -22.48 -5.42
CA VAL D 627 -40.84 -22.63 -3.99
C VAL D 627 -40.25 -24.01 -3.75
N ASP D 628 -39.24 -24.08 -2.88
CA ASP D 628 -38.59 -25.35 -2.58
C ASP D 628 -39.58 -26.31 -1.94
N GLN D 629 -39.39 -27.61 -2.21
CA GLN D 629 -40.34 -28.62 -1.76
C GLN D 629 -40.37 -28.73 -0.25
N VAL D 630 -39.21 -28.68 0.40
CA VAL D 630 -39.10 -28.89 1.84
C VAL D 630 -38.97 -27.54 2.53
N SER D 631 -39.76 -27.33 3.59
CA SER D 631 -39.73 -26.07 4.32
C SER D 631 -38.51 -25.97 5.23
N GLY D 632 -38.07 -27.07 5.81
CA GLY D 632 -36.94 -27.02 6.72
C GLY D 632 -36.66 -28.39 7.31
N LEU D 633 -35.69 -28.43 8.23
CA LEU D 633 -35.34 -29.68 8.88
C LEU D 633 -36.49 -30.22 9.70
N SER D 634 -37.17 -29.35 10.44
CA SER D 634 -38.33 -29.75 11.26
C SER D 634 -39.57 -29.75 10.38
N ASP D 635 -39.75 -30.83 9.64
CA ASP D 635 -40.87 -30.96 8.72
C ASP D 635 -41.29 -32.43 8.66
N LYS D 636 -42.53 -32.63 8.19
CA LYS D 636 -43.07 -33.99 8.11
C LYS D 636 -42.25 -34.87 7.17
N LYS D 637 -41.81 -34.30 6.05
CA LYS D 637 -41.02 -35.06 5.09
C LYS D 637 -39.70 -35.56 5.68
N PHE D 638 -39.18 -34.88 6.71
CA PHE D 638 -37.97 -35.31 7.38
C PHE D 638 -38.23 -36.07 8.67
N GLN D 639 -39.33 -35.76 9.37
CA GLN D 639 -39.58 -36.39 10.66
C GLN D 639 -39.84 -37.88 10.53
N ARG D 640 -40.60 -38.28 9.52
CA ARG D 640 -40.95 -39.69 9.37
C ARG D 640 -41.21 -40.02 7.91
N PRO D 641 -40.27 -40.71 7.25
CA PRO D 641 -40.44 -40.99 5.82
C PRO D 641 -41.05 -42.35 5.53
N ASN D 642 -41.27 -43.16 6.57
CA ASN D 642 -41.76 -44.52 6.38
C ASN D 642 -43.20 -44.55 5.86
N ASP D 643 -44.01 -43.56 6.25
CA ASP D 643 -45.43 -43.51 5.89
C ASP D 643 -45.69 -42.60 4.70
N PHE D 644 -44.78 -42.60 3.73
CA PHE D 644 -44.85 -41.67 2.61
C PHE D 644 -44.50 -42.44 1.34
N SER D 645 -44.16 -41.71 0.28
CA SER D 645 -43.74 -42.26 -1.01
C SER D 645 -42.45 -43.04 -0.83
N PRO D 646 -41.92 -43.69 -1.86
CA PRO D 646 -40.59 -44.31 -1.78
C PRO D 646 -39.61 -43.41 -1.05
N PRO D 647 -38.68 -44.00 -0.30
CA PRO D 647 -38.04 -43.27 0.81
C PRO D 647 -37.40 -41.96 0.37
N PHE D 648 -37.59 -40.94 1.21
CA PHE D 648 -36.98 -39.62 1.02
C PHE D 648 -35.51 -39.74 1.40
N ARG D 649 -34.70 -40.18 0.44
CA ARG D 649 -33.30 -40.47 0.72
C ARG D 649 -32.53 -39.21 1.06
N PHE D 650 -31.68 -39.30 2.09
CA PHE D 650 -30.77 -38.23 2.44
C PHE D 650 -29.59 -38.83 3.20
N GLY D 651 -28.65 -37.99 3.58
CA GLY D 651 -27.50 -38.45 4.34
C GLY D 651 -26.53 -37.32 4.57
N THR D 652 -25.43 -37.66 5.25
CA THR D 652 -24.38 -36.69 5.54
C THR D 652 -23.09 -37.44 5.80
N VAL D 653 -21.98 -36.72 5.67
CA VAL D 653 -20.67 -37.32 5.94
C VAL D 653 -20.48 -37.47 7.45
N PRO D 654 -20.10 -38.63 7.94
CA PRO D 654 -19.97 -38.83 9.39
C PRO D 654 -18.68 -38.20 9.92
N ASN D 655 -18.46 -38.39 11.23
CA ASN D 655 -17.27 -37.90 11.91
C ASN D 655 -17.14 -36.38 11.78
N GLY D 656 -18.12 -35.68 12.34
CA GLY D 656 -18.12 -34.23 12.31
C GLY D 656 -19.11 -33.67 13.31
N SER D 657 -19.19 -32.34 13.34
CA SER D 657 -20.12 -31.67 14.24
C SER D 657 -21.57 -31.86 13.80
N THR D 658 -21.81 -31.98 12.49
CA THR D 658 -23.17 -32.14 12.01
C THR D 658 -23.80 -33.44 12.51
N GLU D 659 -23.03 -34.52 12.53
CA GLU D 659 -23.55 -35.79 13.02
C GLU D 659 -23.94 -35.70 14.49
N ARG D 660 -23.08 -35.06 15.30
CA ARG D 660 -23.39 -34.91 16.72
C ARG D 660 -24.61 -34.02 16.93
N ASN D 661 -24.72 -32.94 16.16
CA ASN D 661 -25.87 -32.05 16.28
C ASN D 661 -27.16 -32.77 15.90
N ILE D 662 -27.11 -33.61 14.86
CA ILE D 662 -28.29 -34.33 14.43
C ILE D 662 -28.68 -35.42 15.43
N ARG D 663 -27.69 -36.13 15.98
CA ARG D 663 -27.98 -37.31 16.77
C ARG D 663 -28.80 -37.00 18.01
N ASN D 664 -28.36 -36.00 18.79
CA ASN D 664 -28.96 -35.78 20.10
C ASN D 664 -30.40 -35.27 19.99
N ASN D 665 -30.67 -34.38 19.03
CA ASN D 665 -32.00 -33.79 18.94
C ASN D 665 -33.03 -34.77 18.40
N TYR D 666 -32.67 -35.52 17.36
CA TYR D 666 -33.58 -36.47 16.71
C TYR D 666 -32.87 -37.80 16.58
N ALA D 667 -33.06 -38.67 17.57
CA ALA D 667 -32.39 -39.97 17.57
C ALA D 667 -32.87 -40.86 16.43
N GLU D 668 -34.18 -40.86 16.16
CA GLU D 668 -34.72 -41.77 15.16
C GLU D 668 -34.25 -41.42 13.76
N MET D 669 -34.08 -40.12 13.46
CA MET D 669 -33.55 -39.73 12.16
C MET D 669 -32.12 -40.20 11.99
N HIS D 670 -31.30 -40.08 13.04
CA HIS D 670 -29.95 -40.63 12.99
C HIS D 670 -29.98 -42.15 12.83
N ALA D 671 -30.95 -42.81 13.43
CA ALA D 671 -31.08 -44.27 13.28
C ALA D 671 -31.38 -44.64 11.82
N TYR D 672 -32.28 -43.89 11.18
CA TYR D 672 -32.64 -44.20 9.81
C TYR D 672 -31.56 -43.75 8.81
N MET D 673 -30.94 -42.60 9.06
CA MET D 673 -30.03 -41.99 8.08
C MET D 673 -28.70 -42.72 7.98
N GLY D 674 -28.41 -43.65 8.89
CA GLY D 674 -27.11 -44.30 8.90
C GLY D 674 -26.94 -45.37 7.83
N LYS D 675 -27.62 -45.21 6.70
CA LYS D 675 -27.51 -46.14 5.59
C LYS D 675 -26.91 -45.52 4.33
N PHE D 676 -27.03 -44.20 4.15
CA PHE D 676 -26.49 -43.50 2.99
C PHE D 676 -25.49 -42.46 3.50
N ASN D 677 -24.25 -42.87 3.68
CA ASN D 677 -23.18 -41.99 4.15
C ASN D 677 -22.03 -42.05 3.16
N GLN D 678 -21.65 -40.90 2.62
CA GLN D 678 -20.57 -40.82 1.64
C GLN D 678 -19.24 -40.65 2.36
N ARG D 679 -18.17 -40.41 1.60
CA ARG D 679 -16.85 -40.15 2.16
C ARG D 679 -16.19 -39.02 1.40
N GLY D 680 -16.95 -37.97 1.10
CA GLY D 680 -16.43 -36.83 0.36
C GLY D 680 -17.51 -35.94 -0.19
N VAL D 681 -17.26 -34.62 -0.17
CA VAL D 681 -18.25 -33.66 -0.66
C VAL D 681 -18.45 -33.81 -2.17
N ASP D 682 -17.36 -33.98 -2.92
CA ASP D 682 -17.46 -34.09 -4.37
C ASP D 682 -18.24 -35.33 -4.77
N ASP D 683 -17.99 -36.45 -4.11
CA ASP D 683 -18.74 -37.68 -4.41
C ASP D 683 -20.22 -37.50 -4.12
N ALA D 684 -20.54 -36.85 -3.00
CA ALA D 684 -21.95 -36.61 -2.66
C ALA D 684 -22.62 -35.71 -3.69
N LEU D 685 -21.92 -34.66 -4.12
CA LEU D 685 -22.49 -33.77 -5.14
C LEU D 685 -22.71 -34.51 -6.45
N LEU D 686 -21.75 -35.35 -6.84
CA LEU D 686 -21.90 -36.14 -8.06
C LEU D 686 -23.08 -37.08 -7.96
N SER D 687 -23.23 -37.78 -6.82
CA SER D 687 -24.32 -38.71 -6.65
C SER D 687 -25.67 -37.99 -6.66
N LEU D 688 -25.75 -36.83 -6.01
CA LEU D 688 -27.01 -36.08 -5.99
C LEU D 688 -27.33 -35.49 -7.35
N LYS D 689 -26.30 -35.22 -8.16
CA LYS D 689 -26.54 -34.68 -9.50
C LYS D 689 -27.26 -35.66 -10.39
N THR D 690 -26.93 -36.95 -10.28
CA THR D 690 -27.49 -37.98 -11.15
C THR D 690 -28.83 -38.53 -10.65
N GLY D 691 -29.33 -38.04 -9.52
CA GLY D 691 -30.63 -38.44 -9.02
C GLY D 691 -30.63 -39.63 -8.07
N LYS D 692 -29.47 -40.25 -7.82
CA LYS D 692 -29.42 -41.34 -6.84
C LYS D 692 -29.72 -40.85 -5.43
N LEU D 693 -29.43 -39.59 -5.13
CA LEU D 693 -29.76 -38.98 -3.86
C LEU D 693 -30.58 -37.72 -4.12
N ASP D 694 -31.38 -37.33 -3.12
CA ASP D 694 -32.31 -36.22 -3.30
C ASP D 694 -32.17 -35.15 -2.22
N ALA D 695 -31.30 -35.34 -1.24
CA ALA D 695 -31.11 -34.33 -0.20
C ALA D 695 -29.71 -34.47 0.36
N PHE D 696 -29.27 -33.40 1.04
CA PHE D 696 -27.93 -33.34 1.62
C PHE D 696 -27.96 -32.39 2.80
N ILE D 697 -27.18 -32.71 3.84
CA ILE D 697 -27.11 -31.91 5.06
C ILE D 697 -25.63 -31.75 5.40
N TYR D 698 -25.15 -30.51 5.39
CA TYR D 698 -23.74 -30.23 5.64
C TYR D 698 -23.59 -28.79 6.08
N ASP D 699 -22.34 -28.36 6.25
CA ASP D 699 -22.05 -27.01 6.70
C ASP D 699 -22.55 -25.99 5.67
N ALA D 700 -22.85 -24.78 6.16
CA ALA D 700 -23.47 -23.77 5.31
C ALA D 700 -22.47 -23.14 4.35
N ALA D 701 -21.25 -22.88 4.80
CA ALA D 701 -20.29 -22.13 3.98
C ALA D 701 -19.84 -22.96 2.78
N VAL D 702 -19.45 -24.22 3.01
CA VAL D 702 -19.00 -25.05 1.91
C VAL D 702 -20.14 -25.34 0.95
N LEU D 703 -21.35 -25.54 1.47
CA LEU D 703 -22.50 -25.77 0.60
C LEU D 703 -22.79 -24.54 -0.26
N ASN D 704 -22.72 -23.35 0.33
CA ASN D 704 -22.94 -22.13 -0.43
C ASN D 704 -21.89 -21.97 -1.52
N TYR D 705 -20.62 -22.23 -1.19
CA TYR D 705 -19.57 -22.10 -2.19
C TYR D 705 -19.77 -23.11 -3.32
N MET D 706 -20.11 -24.35 -2.98
CA MET D 706 -20.33 -25.36 -4.02
C MET D 706 -21.52 -25.00 -4.90
N ALA D 707 -22.59 -24.48 -4.30
CA ALA D 707 -23.76 -24.09 -5.08
C ALA D 707 -23.42 -22.93 -6.01
N GLY D 708 -22.61 -21.98 -5.55
CA GLY D 708 -22.28 -20.84 -6.38
C GLY D 708 -21.17 -21.04 -7.39
N ARG D 709 -20.48 -22.18 -7.39
CA ARG D 709 -19.32 -22.38 -8.25
C ARG D 709 -19.35 -23.77 -8.88
N ASP D 710 -20.51 -24.17 -9.41
CA ASP D 710 -20.64 -25.46 -10.07
C ASP D 710 -20.94 -25.25 -11.56
N GLU D 711 -21.10 -26.36 -12.27
CA GLU D 711 -21.45 -26.29 -13.69
C GLU D 711 -22.90 -25.83 -13.81
N GLY D 712 -23.10 -24.52 -13.95
CA GLY D 712 -24.40 -23.96 -13.74
C GLY D 712 -24.73 -23.98 -12.26
N CYS D 713 -25.96 -23.57 -11.96
CA CYS D 713 -26.47 -23.61 -10.59
C CYS D 713 -27.88 -24.21 -10.57
N LYS D 714 -28.01 -25.37 -11.22
CA LYS D 714 -29.19 -26.22 -11.06
C LYS D 714 -29.32 -26.78 -9.65
N LEU D 715 -28.42 -26.41 -8.74
CA LEU D 715 -28.48 -26.82 -7.34
C LEU D 715 -28.81 -25.61 -6.47
N VAL D 716 -29.71 -25.82 -5.51
CA VAL D 716 -30.18 -24.75 -4.66
C VAL D 716 -30.20 -25.24 -3.22
N THR D 717 -30.18 -24.28 -2.29
CA THR D 717 -30.32 -24.57 -0.87
C THR D 717 -31.71 -24.13 -0.43
N ILE D 718 -32.43 -25.02 0.25
CA ILE D 718 -33.82 -24.74 0.60
C ILE D 718 -33.88 -23.51 1.49
N GLY D 719 -34.93 -22.72 1.31
CA GLY D 719 -35.03 -21.44 1.99
C GLY D 719 -34.17 -20.39 1.32
N SER D 720 -34.64 -19.13 1.33
CA SER D 720 -33.88 -18.03 0.75
C SER D 720 -32.75 -17.67 1.70
N GLY D 721 -31.69 -18.48 1.65
CA GLY D 721 -30.58 -18.32 2.56
C GLY D 721 -30.95 -18.67 3.99
N LYS D 722 -31.27 -19.93 4.24
CA LYS D 722 -31.72 -20.38 5.55
C LYS D 722 -30.59 -21.12 6.26
N VAL D 723 -30.42 -20.81 7.55
CA VAL D 723 -29.39 -21.43 8.38
C VAL D 723 -30.03 -21.87 9.69
N PHE D 724 -29.68 -23.08 10.12
CA PHE D 724 -30.16 -23.63 11.39
C PHE D 724 -28.96 -23.90 12.29
N ALA D 725 -29.08 -23.52 13.56
CA ALA D 725 -28.02 -23.71 14.56
C ALA D 725 -26.74 -22.98 14.14
N SER D 726 -26.88 -21.68 13.86
CA SER D 726 -25.75 -20.89 13.40
C SER D 726 -24.73 -20.71 14.52
N THR D 727 -23.52 -21.21 14.30
CA THR D 727 -22.46 -21.12 15.31
C THR D 727 -21.30 -20.23 14.86
N GLY D 728 -20.67 -20.54 13.73
CA GLY D 728 -19.53 -19.79 13.24
C GLY D 728 -18.26 -20.62 13.22
N TYR D 729 -17.20 -20.00 12.73
CA TYR D 729 -15.87 -20.58 12.69
C TYR D 729 -14.95 -19.86 13.67
N GLY D 730 -13.77 -20.43 13.90
CA GLY D 730 -12.85 -19.82 14.83
C GLY D 730 -11.47 -20.43 14.73
N ILE D 731 -10.56 -19.87 15.52
CA ILE D 731 -9.17 -20.31 15.59
C ILE D 731 -8.94 -20.89 16.98
N ALA D 732 -8.89 -22.21 17.07
CA ALA D 732 -8.64 -22.86 18.35
C ALA D 732 -7.23 -22.58 18.84
N ILE D 733 -7.12 -22.25 20.13
CA ILE D 733 -5.84 -21.98 20.77
C ILE D 733 -5.71 -22.91 21.97
N GLN D 734 -4.48 -23.06 22.47
CA GLN D 734 -4.26 -23.85 23.66
C GLN D 734 -4.91 -23.20 24.88
N LYS D 735 -5.21 -24.02 25.87
CA LYS D 735 -5.91 -23.55 27.06
C LYS D 735 -5.05 -22.59 27.87
N ASP D 736 -5.71 -21.60 28.47
CA ASP D 736 -5.13 -20.63 29.40
C ASP D 736 -3.76 -20.13 28.94
N SER D 737 -3.74 -19.58 27.74
CA SER D 737 -2.53 -18.99 27.18
C SER D 737 -2.60 -17.47 27.24
N GLY D 738 -1.46 -16.83 26.98
CA GLY D 738 -1.36 -15.39 26.96
C GLY D 738 -1.46 -14.73 25.60
N TRP D 739 -1.88 -15.48 24.57
CA TRP D 739 -1.97 -14.96 23.22
C TRP D 739 -3.38 -14.53 22.81
N LYS D 740 -4.39 -14.93 23.58
CA LYS D 740 -5.77 -14.78 23.11
C LYS D 740 -6.17 -13.33 22.93
N ARG D 741 -5.79 -12.46 23.88
CA ARG D 741 -6.18 -11.06 23.80
C ARG D 741 -5.66 -10.40 22.52
N GLN D 742 -4.38 -10.60 22.23
CA GLN D 742 -3.78 -9.96 21.06
C GLN D 742 -4.39 -10.47 19.77
N VAL D 743 -4.62 -11.79 19.68
CA VAL D 743 -5.19 -12.37 18.46
C VAL D 743 -6.61 -11.85 18.26
N ASP D 744 -7.42 -11.82 19.32
CA ASP D 744 -8.78 -11.32 19.20
C ASP D 744 -8.80 -9.85 18.79
N LEU D 745 -7.93 -9.04 19.40
CA LEU D 745 -7.88 -7.63 19.02
C LEU D 745 -7.44 -7.45 17.58
N ALA D 746 -6.47 -8.25 17.12
CA ALA D 746 -6.03 -8.16 15.73
C ALA D 746 -7.16 -8.54 14.78
N ILE D 747 -7.92 -9.59 15.10
CA ILE D 747 -9.02 -10.00 14.23
C ILE D 747 -10.09 -8.92 14.18
N LEU D 748 -10.43 -8.34 15.33
CA LEU D 748 -11.41 -7.26 15.33
C LEU D 748 -10.90 -6.03 14.57
N GLN D 749 -9.60 -5.75 14.64
CA GLN D 749 -9.03 -4.67 13.85
C GLN D 749 -9.14 -4.96 12.36
N LEU D 750 -8.90 -6.21 11.97
CA LEU D 750 -9.08 -6.59 10.57
C LEU D 750 -10.52 -6.39 10.12
N PHE D 751 -11.48 -6.77 10.96
CA PHE D 751 -12.88 -6.55 10.64
C PHE D 751 -13.19 -5.07 10.49
N GLY D 752 -12.71 -4.25 11.44
CA GLY D 752 -13.03 -2.84 11.42
C GLY D 752 -12.40 -2.08 10.27
N ASP D 753 -11.17 -2.42 9.92
CA ASP D 753 -10.41 -1.63 8.95
C ASP D 753 -10.93 -1.76 7.52
N GLY D 754 -11.85 -2.69 7.26
CA GLY D 754 -12.36 -2.88 5.92
C GLY D 754 -11.52 -3.80 5.05
N GLU D 755 -10.55 -4.51 5.63
CA GLU D 755 -9.67 -5.41 4.88
C GLU D 755 -10.19 -6.84 4.86
N MET D 756 -11.51 -7.04 4.96
CA MET D 756 -12.10 -8.36 4.92
C MET D 756 -13.18 -8.52 3.86
N GLU D 757 -13.89 -7.44 3.50
CA GLU D 757 -14.87 -7.52 2.43
C GLU D 757 -14.20 -7.84 1.09
N GLU D 758 -13.06 -7.21 0.82
CA GLU D 758 -12.31 -7.53 -0.39
C GLU D 758 -11.81 -8.96 -0.36
N LEU D 759 -11.46 -9.47 0.83
CA LEU D 759 -11.09 -10.87 0.95
C LEU D 759 -12.25 -11.78 0.57
N GLU D 760 -13.45 -11.45 1.05
CA GLU D 760 -14.63 -12.23 0.67
C GLU D 760 -14.85 -12.20 -0.83
N ALA D 761 -14.77 -11.01 -1.44
CA ALA D 761 -14.95 -10.90 -2.88
C ALA D 761 -13.89 -11.69 -3.64
N LEU D 762 -12.67 -11.75 -3.12
CA LEU D 762 -11.60 -12.43 -3.83
C LEU D 762 -11.74 -13.95 -3.73
N TRP D 763 -12.08 -14.47 -2.55
CA TRP D 763 -11.93 -15.91 -2.31
C TRP D 763 -13.23 -16.67 -2.12
N LEU D 764 -14.36 -15.99 -1.89
CA LEU D 764 -15.61 -16.67 -1.55
C LEU D 764 -16.77 -16.07 -2.32
N THR D 765 -16.62 -15.95 -3.64
CA THR D 765 -17.65 -15.40 -4.49
C THR D 765 -18.11 -16.44 -5.51
N GLY D 766 -19.30 -16.20 -6.07
CA GLY D 766 -19.90 -17.12 -7.02
C GLY D 766 -20.26 -16.41 -8.32
N ILE D 767 -20.85 -17.19 -9.23
CA ILE D 767 -21.16 -16.70 -10.57
C ILE D 767 -22.62 -16.27 -10.66
N CYS D 768 -23.55 -17.21 -10.47
CA CYS D 768 -24.97 -16.94 -10.61
C CYS D 768 -25.62 -16.79 -9.24
N HIS D 769 -26.69 -15.99 -9.20
CA HIS D 769 -27.40 -15.67 -7.97
C HIS D 769 -28.71 -16.42 -7.92
N ASN D 770 -28.95 -17.12 -6.81
CA ASN D 770 -30.20 -17.86 -6.62
C ASN D 770 -31.20 -16.97 -5.89
N GLU D 771 -31.76 -16.01 -6.64
CA GLU D 771 -32.70 -15.04 -6.10
C GLU D 771 -33.77 -14.78 -7.15
N LYS D 772 -34.92 -15.45 -7.00
CA LYS D 772 -36.07 -15.27 -7.88
C LYS D 772 -35.70 -15.56 -9.34
N ASN D 773 -35.32 -16.81 -9.58
CA ASN D 773 -34.90 -17.22 -10.92
C ASN D 773 -36.09 -17.40 -11.86
N GLU D 774 -36.97 -18.33 -11.54
CA GLU D 774 -38.15 -18.64 -12.35
C GLU D 774 -37.74 -18.92 -13.80
N VAL D 775 -36.99 -20.02 -13.96
CA VAL D 775 -36.35 -20.29 -15.25
C VAL D 775 -37.39 -20.51 -16.34
N MET D 776 -38.19 -21.56 -16.22
CA MET D 776 -39.17 -21.91 -17.24
C MET D 776 -39.99 -23.11 -16.77
N SER D 777 -41.05 -23.41 -17.51
CA SER D 777 -41.86 -24.59 -17.31
C SER D 777 -42.54 -24.93 -18.63
N SER D 778 -42.96 -26.17 -18.77
CA SER D 778 -43.56 -26.62 -20.01
C SER D 778 -44.36 -27.90 -19.78
N GLN D 779 -45.03 -28.36 -20.84
CA GLN D 779 -45.71 -29.64 -20.94
C GLN D 779 -47.02 -29.68 -20.15
N LEU D 780 -47.30 -28.65 -19.35
CA LEU D 780 -48.56 -28.45 -18.64
C LEU D 780 -49.14 -29.76 -18.13
N ASP D 781 -48.37 -30.42 -17.27
CA ASP D 781 -48.77 -31.72 -16.77
C ASP D 781 -50.03 -31.60 -15.91
N ILE D 782 -50.70 -32.74 -15.71
CA ILE D 782 -51.98 -32.77 -15.02
C ILE D 782 -51.84 -32.32 -13.56
N ASP D 783 -50.64 -32.35 -13.00
CA ASP D 783 -50.45 -31.94 -11.61
C ASP D 783 -50.80 -30.47 -11.42
N ASN D 784 -50.45 -29.62 -12.39
CA ASN D 784 -50.69 -28.19 -12.29
C ASN D 784 -52.01 -27.77 -12.93
N MET D 785 -52.81 -28.72 -13.41
CA MET D 785 -54.06 -28.38 -14.09
C MET D 785 -55.25 -29.26 -13.72
N ALA D 786 -55.11 -30.16 -12.74
CA ALA D 786 -56.18 -31.11 -12.44
C ALA D 786 -57.45 -30.42 -11.94
N GLY D 787 -57.36 -29.15 -11.55
CA GLY D 787 -58.52 -28.46 -11.02
C GLY D 787 -59.65 -28.34 -12.03
N VAL D 788 -59.31 -28.05 -13.29
CA VAL D 788 -60.35 -27.88 -14.31
C VAL D 788 -61.10 -29.18 -14.55
N PHE D 789 -60.39 -30.30 -14.64
CA PHE D 789 -61.08 -31.57 -14.84
C PHE D 789 -61.85 -32.00 -13.61
N TYR D 790 -61.34 -31.70 -12.41
CA TYR D 790 -62.10 -31.98 -11.21
C TYR D 790 -63.40 -31.20 -11.17
N MET D 791 -63.34 -29.91 -11.52
CA MET D 791 -64.55 -29.08 -11.56
C MET D 791 -65.51 -29.58 -12.63
N LEU D 792 -64.99 -29.97 -13.80
CA LEU D 792 -65.84 -30.50 -14.86
C LEU D 792 -66.55 -31.77 -14.42
N GLY D 793 -65.82 -32.68 -13.77
CA GLY D 793 -66.43 -33.90 -13.28
C GLY D 793 -67.49 -33.63 -12.22
N ALA D 794 -67.21 -32.70 -11.29
CA ALA D 794 -68.19 -32.36 -10.27
C ALA D 794 -69.44 -31.76 -10.89
N ALA D 795 -69.28 -30.85 -11.86
CA ALA D 795 -70.43 -30.24 -12.52
C ALA D 795 -71.24 -31.27 -13.29
N MET D 796 -70.56 -32.19 -13.99
CA MET D 796 -71.27 -33.24 -14.72
C MET D 796 -72.03 -34.14 -13.78
N ALA D 797 -71.43 -34.51 -12.65
CA ALA D 797 -72.12 -35.35 -11.68
C ALA D 797 -73.33 -34.63 -11.11
N LEU D 798 -73.20 -33.34 -10.78
CA LEU D 798 -74.33 -32.59 -10.25
C LEU D 798 -75.46 -32.50 -11.27
N SER D 799 -75.11 -32.24 -12.54
CA SER D 799 -76.13 -32.15 -13.58
C SER D 799 -76.83 -33.48 -13.78
N LEU D 800 -76.08 -34.58 -13.79
CA LEU D 800 -76.69 -35.90 -13.94
C LEU D 800 -77.61 -36.21 -12.77
N ILE D 801 -77.17 -35.89 -11.55
CA ILE D 801 -78.00 -36.16 -10.36
C ILE D 801 -79.29 -35.36 -10.41
N THR D 802 -79.20 -34.08 -10.77
CA THR D 802 -80.42 -33.27 -10.83
C THR D 802 -81.32 -33.70 -11.99
N PHE D 803 -80.75 -34.18 -13.09
CA PHE D 803 -81.56 -34.70 -14.18
C PHE D 803 -82.31 -35.96 -13.77
N ILE D 804 -81.64 -36.84 -13.02
CA ILE D 804 -82.31 -38.03 -12.49
C ILE D 804 -83.40 -37.63 -11.51
N SER D 805 -83.12 -36.63 -10.66
CA SER D 805 -84.09 -36.21 -9.65
C SER D 805 -85.33 -35.59 -10.29
N GLU D 806 -85.15 -34.86 -11.40
CA GLU D 806 -86.29 -34.21 -12.05
C GLU D 806 -87.28 -35.22 -12.61
N HIS D 807 -86.86 -36.46 -12.85
CA HIS D 807 -87.74 -37.44 -13.46
C HIS D 807 -88.93 -37.77 -12.55
N LEU D 808 -88.67 -37.96 -11.25
CA LEU D 808 -89.76 -38.27 -10.34
C LEU D 808 -90.73 -37.09 -10.18
N PHE D 809 -90.19 -35.87 -10.18
CA PHE D 809 -91.05 -34.69 -10.13
C PHE D 809 -91.92 -34.59 -11.37
N TYR D 810 -91.34 -34.88 -12.54
CA TYR D 810 -92.13 -34.87 -13.77
C TYR D 810 -93.20 -35.94 -13.76
N TRP D 811 -92.87 -37.14 -13.25
CA TRP D 811 -93.86 -38.21 -13.18
C TRP D 811 -94.96 -37.87 -12.19
N GLN D 812 -94.62 -37.25 -11.06
CA GLN D 812 -95.61 -36.89 -10.05
C GLN D 812 -96.46 -35.71 -10.52
N LEU E 1 -19.07 -16.02 84.08
CA LEU E 1 -17.61 -16.11 83.95
C LEU E 1 -16.93 -15.97 85.31
N GLN E 2 -15.85 -16.74 85.49
CA GLN E 2 -15.09 -16.71 86.73
C GLN E 2 -13.73 -17.32 86.48
N LEU E 3 -12.70 -16.72 87.08
CA LEU E 3 -11.33 -17.22 87.00
C LEU E 3 -10.93 -17.73 88.39
N GLN E 4 -10.49 -18.99 88.45
CA GLN E 4 -10.10 -19.62 89.70
C GLN E 4 -8.59 -19.81 89.71
N GLU E 5 -7.93 -19.21 90.69
CA GLU E 5 -6.49 -19.34 90.83
C GLU E 5 -6.14 -20.68 91.46
N SER E 6 -5.09 -21.32 90.93
CA SER E 6 -4.65 -22.61 91.44
C SER E 6 -3.14 -22.72 91.23
N GLY E 7 -2.61 -23.93 91.39
CA GLY E 7 -1.20 -24.16 91.26
C GLY E 7 -0.63 -24.86 92.48
N PRO E 8 0.50 -25.56 92.30
CA PRO E 8 1.10 -26.25 93.45
C PRO E 8 1.58 -25.30 94.54
N GLY E 9 2.42 -24.33 94.19
CA GLY E 9 2.92 -23.39 95.17
C GLY E 9 4.22 -23.82 95.80
N LEU E 10 5.28 -23.04 95.60
CA LEU E 10 6.59 -23.36 96.16
C LEU E 10 7.21 -22.10 96.72
N VAL E 11 8.13 -22.29 97.67
CA VAL E 11 8.82 -21.19 98.32
C VAL E 11 10.32 -21.41 98.24
N LYS E 12 10.72 -22.60 97.79
CA LYS E 12 12.14 -22.91 97.68
C LYS E 12 12.78 -22.06 96.60
N PRO E 13 14.04 -21.65 96.78
CA PRO E 13 14.73 -20.85 95.77
C PRO E 13 15.51 -21.72 94.80
N SER E 14 15.98 -21.07 93.73
CA SER E 14 16.78 -21.72 92.68
C SER E 14 16.03 -22.92 92.09
N GLN E 15 14.79 -22.67 91.67
CA GLN E 15 13.93 -23.70 91.09
C GLN E 15 13.09 -23.05 90.00
N THR E 16 12.08 -23.79 89.53
CA THR E 16 11.18 -23.32 88.49
C THR E 16 9.76 -23.43 89.00
N LEU E 17 9.04 -22.31 89.01
CA LEU E 17 7.65 -22.31 89.46
C LEU E 17 6.73 -22.80 88.34
N SER E 18 5.57 -23.32 88.75
CA SER E 18 4.59 -23.83 87.80
C SER E 18 3.21 -23.70 88.42
N LEU E 19 2.44 -22.72 87.96
CA LEU E 19 1.10 -22.46 88.45
C LEU E 19 0.12 -22.47 87.29
N THR E 20 -1.05 -23.06 87.51
CA THR E 20 -2.09 -23.17 86.49
C THR E 20 -3.38 -22.59 87.02
N CYS E 21 -4.14 -21.94 86.14
CA CYS E 21 -5.37 -21.26 86.50
C CYS E 21 -6.54 -21.87 85.72
N THR E 22 -7.65 -22.13 86.42
CA THR E 22 -8.85 -22.67 85.82
C THR E 22 -9.89 -21.56 85.65
N VAL E 23 -10.71 -21.70 84.61
CA VAL E 23 -11.75 -20.73 84.29
C VAL E 23 -13.10 -21.42 84.34
N SER E 24 -14.05 -20.82 85.04
CA SER E 24 -15.41 -21.34 85.17
C SER E 24 -16.40 -20.31 84.65
N GLY E 25 -17.41 -20.78 83.92
CA GLY E 25 -18.42 -19.94 83.34
C GLY E 25 -18.07 -19.40 81.96
N GLY E 26 -16.84 -19.67 81.48
CA GLY E 26 -16.42 -19.22 80.17
C GLY E 26 -15.56 -20.27 79.49
N SER E 27 -15.31 -20.02 78.20
CA SER E 27 -14.49 -20.90 77.37
C SER E 27 -13.31 -20.12 76.84
N ILE E 28 -12.11 -20.70 76.93
CA ILE E 28 -10.91 -20.04 76.45
C ILE E 28 -10.85 -19.95 74.94
N SER E 29 -11.75 -20.63 74.22
CA SER E 29 -11.83 -20.52 72.77
C SER E 29 -12.66 -19.29 72.40
N SER E 30 -12.09 -18.12 72.73
CA SER E 30 -12.77 -16.85 72.54
C SER E 30 -11.77 -15.87 71.96
N SER E 31 -12.17 -14.59 71.93
CA SER E 31 -11.32 -13.52 71.42
C SER E 31 -10.67 -12.70 72.53
N ASN E 32 -10.74 -13.17 73.77
CA ASN E 32 -10.22 -12.44 74.91
C ASN E 32 -8.83 -12.96 75.29
N TRP E 33 -7.89 -12.03 75.48
CA TRP E 33 -6.55 -12.40 75.91
C TRP E 33 -6.55 -12.73 77.40
N TRP E 34 -5.44 -13.32 77.85
CA TRP E 34 -5.30 -13.74 79.25
C TRP E 34 -4.03 -13.14 79.81
N SER E 35 -4.15 -12.41 80.91
CA SER E 35 -3.03 -11.73 81.53
C SER E 35 -2.54 -12.49 82.76
N TRP E 36 -1.31 -12.19 83.16
CA TRP E 36 -0.64 -12.84 84.29
C TRP E 36 0.02 -11.80 85.18
N VAL E 37 -0.75 -10.76 85.56
CA VAL E 37 -0.19 -9.67 86.35
C VAL E 37 0.30 -10.20 87.69
N ARG E 38 1.49 -9.74 88.09
CA ARG E 38 2.13 -10.14 89.34
C ARG E 38 2.10 -8.98 90.33
N GLN E 39 1.89 -9.30 91.60
CA GLN E 39 1.75 -8.30 92.65
C GLN E 39 2.82 -8.50 93.71
N PRO E 40 3.81 -7.60 93.81
CA PRO E 40 4.76 -7.67 94.92
C PRO E 40 4.16 -7.11 96.19
N PRO E 41 4.35 -7.77 97.33
CA PRO E 41 3.74 -7.27 98.57
C PRO E 41 4.25 -5.89 98.94
N GLY E 42 3.34 -5.06 99.42
CA GLY E 42 3.68 -3.70 99.82
C GLY E 42 4.03 -2.76 98.69
N LYS E 43 3.88 -3.19 97.44
CA LYS E 43 4.23 -2.35 96.30
C LYS E 43 3.07 -2.25 95.33
N GLY E 44 3.31 -1.68 94.14
CA GLY E 44 2.29 -1.52 93.13
C GLY E 44 2.10 -2.76 92.29
N LEU E 45 1.94 -2.55 90.98
CA LEU E 45 1.76 -3.63 90.03
C LEU E 45 2.79 -3.53 88.91
N GLU E 46 3.09 -4.67 88.29
CA GLU E 46 3.90 -4.72 87.10
C GLU E 46 3.40 -5.84 86.21
N TRP E 47 3.27 -5.55 84.92
CA TRP E 47 2.76 -6.51 83.95
C TRP E 47 3.82 -7.55 83.61
N ILE E 48 3.36 -8.77 83.32
CA ILE E 48 4.26 -9.90 83.05
C ILE E 48 4.12 -10.39 81.61
N GLY E 49 2.93 -10.84 81.24
CA GLY E 49 2.75 -11.37 79.89
C GLY E 49 1.29 -11.64 79.58
N GLU E 50 1.03 -11.80 78.28
CA GLU E 50 -0.29 -12.15 77.79
C GLU E 50 -0.18 -13.33 76.84
N ILE E 51 -1.25 -14.12 76.77
CA ILE E 51 -1.29 -15.33 75.95
C ILE E 51 -2.60 -15.36 75.18
N TYR E 52 -2.52 -15.66 73.89
CA TYR E 52 -3.70 -15.85 73.05
C TYR E 52 -3.92 -17.34 72.83
N HIS E 53 -5.19 -17.74 72.74
CA HIS E 53 -5.52 -19.15 72.61
C HIS E 53 -5.01 -19.75 71.30
N SER E 54 -4.69 -18.90 70.31
CA SER E 54 -4.10 -19.42 69.07
C SER E 54 -2.74 -20.06 69.33
N GLY E 55 -1.93 -19.44 70.18
CA GLY E 55 -0.63 -19.99 70.50
C GLY E 55 0.47 -18.95 70.67
N ASN E 56 0.33 -17.80 70.03
CA ASN E 56 1.34 -16.77 70.13
C ASN E 56 1.34 -16.11 71.51
N THR E 57 2.47 -15.55 71.88
CA THR E 57 2.67 -14.97 73.21
C THR E 57 3.23 -13.55 73.09
N ASN E 58 3.05 -12.78 74.15
CA ASN E 58 3.57 -11.41 74.23
C ASN E 58 4.17 -11.22 75.61
N TYR E 59 5.47 -10.97 75.67
CA TYR E 59 6.19 -10.84 76.93
C TYR E 59 6.66 -9.40 77.12
N ASN E 60 7.38 -9.18 78.21
CA ASN E 60 7.99 -7.91 78.59
C ASN E 60 9.46 -7.88 78.20
N PRO E 61 9.94 -6.77 77.65
CA PRO E 61 11.34 -6.69 77.24
C PRO E 61 12.33 -6.90 78.37
N SER E 62 11.99 -6.49 79.59
CA SER E 62 12.88 -6.67 80.73
C SER E 62 13.14 -8.16 81.00
N LEU E 63 12.10 -8.90 81.35
CA LEU E 63 12.20 -10.34 81.55
C LEU E 63 11.73 -11.06 80.28
N LYS E 64 12.58 -10.99 79.26
CA LYS E 64 12.19 -11.52 77.95
C LYS E 64 12.44 -13.02 77.85
N SER E 65 13.66 -13.46 78.16
CA SER E 65 14.05 -14.85 78.00
C SER E 65 14.00 -15.63 79.30
N ARG E 66 13.04 -15.32 80.17
CA ARG E 66 12.94 -15.97 81.47
C ARG E 66 11.54 -16.44 81.84
N VAL E 67 10.50 -15.99 81.15
CA VAL E 67 9.12 -16.35 81.49
C VAL E 67 8.46 -16.96 80.26
N THR E 68 7.79 -18.09 80.46
CA THR E 68 7.04 -18.76 79.41
C THR E 68 5.64 -19.07 79.91
N VAL E 69 4.64 -18.70 79.12
CA VAL E 69 3.24 -18.96 79.44
C VAL E 69 2.62 -19.71 78.26
N SER E 70 1.98 -20.84 78.54
CA SER E 70 1.36 -21.66 77.53
C SER E 70 -0.05 -22.03 77.97
N VAL E 71 -0.83 -22.57 77.02
CA VAL E 71 -2.21 -22.94 77.27
C VAL E 71 -2.41 -24.40 76.86
N ASP E 72 -3.47 -25.00 77.41
CA ASP E 72 -3.84 -26.38 77.09
C ASP E 72 -5.27 -26.38 76.58
N LYS E 73 -5.43 -26.59 75.27
CA LYS E 73 -6.76 -26.56 74.67
C LYS E 73 -7.64 -27.69 75.22
N SER E 74 -7.08 -28.89 75.35
CA SER E 74 -7.86 -30.04 75.78
C SER E 74 -8.31 -29.90 77.24
N LYS E 75 -7.41 -29.45 78.11
CA LYS E 75 -7.69 -29.36 79.54
C LYS E 75 -8.31 -28.03 79.94
N ASN E 76 -8.43 -27.08 79.01
CA ASN E 76 -9.06 -25.77 79.27
C ASN E 76 -8.35 -25.07 80.44
N GLN E 77 -7.04 -24.90 80.28
CA GLN E 77 -6.22 -24.34 81.35
C GLN E 77 -4.90 -23.86 80.78
N PHE E 78 -4.42 -22.73 81.26
CA PHE E 78 -3.11 -22.21 80.93
C PHE E 78 -2.20 -22.29 82.15
N SER E 79 -0.90 -22.09 81.93
CA SER E 79 0.07 -22.26 82.99
C SER E 79 1.21 -21.27 82.81
N LEU E 80 1.93 -21.04 83.91
CA LEU E 80 3.12 -20.19 83.93
C LEU E 80 4.29 -21.01 84.47
N LYS E 81 5.41 -20.98 83.75
CA LYS E 81 6.58 -21.78 84.07
C LYS E 81 7.82 -20.89 84.19
N LEU E 82 7.71 -19.84 84.99
CA LEU E 82 8.86 -19.00 85.32
C LEU E 82 10.02 -19.85 85.82
N THR E 83 11.18 -19.66 85.21
CA THR E 83 12.37 -20.44 85.52
C THR E 83 13.45 -19.55 86.10
N SER E 84 14.44 -20.18 86.74
CA SER E 84 15.56 -19.49 87.39
C SER E 84 15.05 -18.47 88.39
N VAL E 85 14.06 -18.88 89.18
CA VAL E 85 13.47 -18.00 90.18
C VAL E 85 14.46 -17.78 91.31
N THR E 86 14.70 -16.52 91.66
CA THR E 86 15.62 -16.17 92.74
C THR E 86 14.85 -16.01 94.04
N ALA E 87 15.54 -15.60 95.11
CA ALA E 87 14.93 -15.39 96.41
C ALA E 87 14.51 -13.94 96.64
N ALA E 88 14.77 -13.04 95.68
CA ALA E 88 14.44 -11.64 95.82
C ALA E 88 13.25 -11.22 94.97
N ASP E 89 12.51 -12.18 94.39
CA ASP E 89 11.37 -11.87 93.54
C ASP E 89 10.09 -12.54 94.03
N THR E 90 10.00 -12.85 95.31
CA THR E 90 8.77 -13.43 95.86
C THR E 90 7.66 -12.39 95.81
N ALA E 91 6.44 -12.87 95.57
CA ALA E 91 5.28 -12.00 95.38
C ALA E 91 4.04 -12.87 95.35
N VAL E 92 2.88 -12.22 95.26
CA VAL E 92 1.60 -12.89 95.07
C VAL E 92 1.18 -12.70 93.61
N TYR E 93 0.81 -13.80 92.95
CA TYR E 93 0.55 -13.80 91.53
C TYR E 93 -0.95 -13.81 91.27
N TYR E 94 -1.40 -12.93 90.37
CA TYR E 94 -2.81 -12.75 90.07
C TYR E 94 -3.12 -13.27 88.67
N CYS E 95 -4.29 -13.88 88.52
CA CYS E 95 -4.79 -14.32 87.23
C CYS E 95 -5.91 -13.37 86.80
N ALA E 96 -5.75 -12.78 85.61
CA ALA E 96 -6.72 -11.81 85.12
C ALA E 96 -6.95 -12.02 83.63
N ARG E 97 -8.18 -11.73 83.19
CA ARG E 97 -8.56 -11.82 81.79
C ARG E 97 -9.14 -10.48 81.36
N ASP E 98 -8.70 -10.00 80.20
CA ASP E 98 -9.14 -8.72 79.65
C ASP E 98 -10.02 -8.93 78.43
N VAL E 99 -10.68 -7.86 78.02
CA VAL E 99 -11.55 -7.86 76.85
C VAL E 99 -10.75 -7.34 75.66
N SER E 100 -10.95 -7.95 74.49
CA SER E 100 -10.22 -7.55 73.30
C SER E 100 -10.54 -6.11 72.93
N GLY E 101 -11.79 -5.86 72.51
CA GLY E 101 -12.24 -4.53 72.16
C GLY E 101 -11.25 -3.72 71.35
N GLY E 102 -10.79 -2.62 71.93
CA GLY E 102 -9.69 -1.86 71.38
C GLY E 102 -8.81 -1.31 72.49
N VAL E 103 -9.01 -1.83 73.70
CA VAL E 103 -8.35 -1.35 74.90
C VAL E 103 -7.77 -2.54 75.66
N ASN E 104 -7.00 -2.24 76.70
CA ASN E 104 -6.58 -3.23 77.70
C ASN E 104 -7.32 -2.92 79.00
N TRP E 105 -8.22 -3.83 79.39
CA TRP E 105 -9.23 -3.59 80.41
C TRP E 105 -9.29 -4.77 81.38
N PHE E 106 -8.16 -5.10 82.00
CA PHE E 106 -8.03 -6.35 82.74
C PHE E 106 -9.08 -6.42 83.84
N ASP E 107 -10.13 -7.22 83.61
CA ASP E 107 -11.25 -7.38 84.52
C ASP E 107 -12.18 -8.48 84.01
N PRO E 108 -12.78 -9.29 84.89
CA PRO E 108 -12.61 -9.31 86.35
C PRO E 108 -11.33 -10.03 86.75
N TRP E 109 -10.79 -9.75 87.93
CA TRP E 109 -9.57 -10.37 88.40
C TRP E 109 -9.88 -11.66 89.14
N GLY E 110 -8.92 -12.59 89.12
CA GLY E 110 -9.07 -13.85 89.79
C GLY E 110 -8.82 -13.74 91.29
N GLN E 111 -8.92 -14.90 91.95
CA GLN E 111 -8.68 -14.94 93.40
C GLN E 111 -7.25 -14.55 93.73
N GLY E 112 -6.29 -15.03 92.95
CA GLY E 112 -4.90 -14.69 93.18
C GLY E 112 -4.17 -15.71 94.03
N THR E 113 -2.90 -15.97 93.70
CA THR E 113 -2.08 -16.90 94.44
C THR E 113 -1.36 -16.17 95.57
N LEU E 114 -0.64 -16.94 96.40
CA LEU E 114 0.11 -16.39 97.52
C LEU E 114 1.48 -17.03 97.60
N VAL E 115 2.13 -17.20 96.45
CA VAL E 115 3.45 -17.82 96.40
C VAL E 115 4.53 -16.82 96.79
N LEU F 1 46.28 22.29 -71.26
CA LEU F 1 47.10 22.69 -70.13
C LEU F 1 48.56 22.88 -70.55
N GLN F 2 49.02 24.13 -70.51
CA GLN F 2 50.39 24.48 -70.89
C GLN F 2 50.99 25.37 -69.81
N LEU F 3 52.28 25.15 -69.53
CA LEU F 3 53.01 25.92 -68.55
C LEU F 3 54.22 26.58 -69.21
N GLN F 4 54.43 27.85 -68.88
CA GLN F 4 55.54 28.62 -69.44
C GLN F 4 56.24 29.38 -68.33
N GLU F 5 57.51 29.70 -68.55
CA GLU F 5 58.32 30.41 -67.58
C GLU F 5 58.54 31.85 -68.03
N SER F 6 58.39 32.78 -67.09
CA SER F 6 58.57 34.20 -67.37
C SER F 6 59.09 34.87 -66.10
N GLY F 7 59.05 36.21 -66.09
CA GLY F 7 59.49 36.96 -64.94
C GLY F 7 60.53 38.01 -65.30
N PRO F 8 60.96 38.78 -64.30
CA PRO F 8 61.96 39.83 -64.59
C PRO F 8 63.34 39.25 -64.87
N GLY F 9 63.76 38.23 -64.14
CA GLY F 9 65.07 37.64 -64.33
C GLY F 9 66.22 38.58 -64.02
N LEU F 10 66.19 39.19 -62.84
CA LEU F 10 67.23 40.13 -62.45
C LEU F 10 68.57 39.42 -62.32
N VAL F 11 69.64 40.13 -62.67
CA VAL F 11 70.99 39.58 -62.62
C VAL F 11 71.86 40.26 -61.58
N LYS F 12 71.39 41.33 -60.95
CA LYS F 12 72.19 42.01 -59.93
C LYS F 12 72.28 41.15 -58.68
N PRO F 13 73.47 40.93 -58.13
CA PRO F 13 73.58 40.12 -56.91
C PRO F 13 73.02 40.85 -55.71
N SER F 14 72.70 40.06 -54.67
CA SER F 14 72.13 40.57 -53.42
C SER F 14 70.84 41.34 -53.68
N GLN F 15 70.01 40.82 -54.58
CA GLN F 15 68.73 41.41 -54.93
C GLN F 15 67.60 40.43 -54.62
N THR F 16 66.37 40.88 -54.81
CA THR F 16 65.19 40.07 -54.55
C THR F 16 64.74 39.39 -55.83
N LEU F 17 64.61 38.07 -55.79
CA LEU F 17 64.17 37.31 -56.95
C LEU F 17 62.69 37.57 -57.21
N SER F 18 62.31 37.55 -58.48
CA SER F 18 60.92 37.77 -58.87
C SER F 18 60.69 37.10 -60.21
N LEU F 19 59.92 36.01 -60.21
CA LEU F 19 59.60 35.29 -61.43
C LEU F 19 58.25 34.62 -61.27
N THR F 20 57.45 34.66 -62.34
CA THR F 20 56.12 34.07 -62.35
C THR F 20 55.99 33.13 -63.54
N CYS F 21 55.29 32.02 -63.33
CA CYS F 21 55.08 31.02 -64.36
C CYS F 21 53.69 31.18 -64.96
N THR F 22 53.63 31.34 -66.28
CA THR F 22 52.34 31.47 -66.95
C THR F 22 51.59 30.15 -66.94
N VAL F 23 50.28 30.22 -66.69
CA VAL F 23 49.41 29.05 -66.67
C VAL F 23 48.35 29.24 -67.73
N SER F 24 48.24 28.27 -68.64
CA SER F 24 47.28 28.34 -69.74
C SER F 24 46.79 26.94 -70.06
N GLY F 25 45.63 26.88 -70.72
CA GLY F 25 45.06 25.62 -71.15
C GLY F 25 44.22 24.89 -70.12
N GLY F 26 44.03 25.46 -68.93
CA GLY F 26 43.22 24.81 -67.92
C GLY F 26 42.97 25.72 -66.74
N SER F 27 41.97 25.34 -65.94
CA SER F 27 41.64 26.09 -64.74
C SER F 27 42.63 25.74 -63.64
N ILE F 28 43.36 26.74 -63.16
CA ILE F 28 44.41 26.49 -62.17
C ILE F 28 43.80 26.07 -60.84
N SER F 29 42.79 26.79 -60.38
CA SER F 29 42.29 26.62 -59.01
C SER F 29 41.16 25.58 -58.93
N SER F 30 41.36 24.41 -59.54
CA SER F 30 40.46 23.29 -59.34
C SER F 30 40.98 22.31 -58.30
N SER F 31 42.13 21.68 -58.58
CA SER F 31 42.81 20.83 -57.60
C SER F 31 44.26 20.70 -58.06
N ASN F 32 45.15 21.46 -57.42
CA ASN F 32 46.54 21.48 -57.84
C ASN F 32 47.42 21.93 -56.68
N TRP F 33 48.72 21.72 -56.84
CA TRP F 33 49.69 22.15 -55.83
C TRP F 33 50.97 22.53 -56.59
N TRP F 34 51.09 23.81 -56.92
CA TRP F 34 52.22 24.31 -57.68
C TRP F 34 53.47 24.41 -56.80
N SER F 35 54.62 24.10 -57.39
CA SER F 35 55.89 24.13 -56.70
C SER F 35 56.88 25.02 -57.45
N TRP F 36 57.95 25.39 -56.76
CA TRP F 36 59.02 26.22 -57.31
C TRP F 36 60.35 25.49 -57.21
N VAL F 37 60.33 24.19 -57.55
CA VAL F 37 61.54 23.37 -57.44
C VAL F 37 62.59 23.89 -58.42
N ARG F 38 63.79 24.14 -57.91
CA ARG F 38 64.90 24.67 -58.70
C ARG F 38 66.14 23.82 -58.47
N GLN F 39 67.00 23.78 -59.47
CA GLN F 39 68.23 22.99 -59.43
C GLN F 39 69.43 23.88 -59.66
N PRO F 40 70.37 23.97 -58.72
CA PRO F 40 71.63 24.68 -58.99
C PRO F 40 72.36 24.06 -60.17
N PRO F 41 73.01 24.87 -61.00
CA PRO F 41 73.67 24.33 -62.19
C PRO F 41 74.76 23.34 -61.82
N GLY F 42 74.85 22.26 -62.60
CA GLY F 42 75.88 21.26 -62.38
C GLY F 42 75.74 20.46 -61.11
N LYS F 43 74.56 20.46 -60.49
CA LYS F 43 74.35 19.74 -59.24
C LYS F 43 72.92 19.20 -59.24
N GLY F 44 72.48 18.72 -58.07
CA GLY F 44 71.16 18.16 -57.92
C GLY F 44 70.09 19.23 -57.83
N LEU F 45 68.85 18.76 -57.71
CA LEU F 45 67.69 19.64 -57.61
C LEU F 45 67.16 19.64 -56.17
N GLU F 46 66.94 20.83 -55.63
CA GLU F 46 66.47 21.00 -54.26
C GLU F 46 65.07 21.58 -54.27
N TRP F 47 64.18 20.99 -53.49
CA TRP F 47 62.82 21.50 -53.37
C TRP F 47 62.79 22.75 -52.51
N ILE F 48 62.04 23.75 -52.95
CA ILE F 48 61.88 25.00 -52.23
C ILE F 48 60.55 25.08 -51.51
N GLY F 49 59.45 24.88 -52.22
CA GLY F 49 58.13 24.95 -51.61
C GLY F 49 56.96 24.81 -52.55
N GLU F 50 55.85 24.29 -52.03
CA GLU F 50 54.61 24.15 -52.77
C GLU F 50 53.56 25.11 -52.20
N ILE F 51 52.65 25.57 -53.08
CA ILE F 51 51.72 26.63 -52.74
C ILE F 51 50.31 26.19 -53.07
N TYR F 52 49.38 26.43 -52.15
CA TYR F 52 47.95 26.30 -52.40
C TYR F 52 47.41 27.70 -52.67
N HIS F 53 46.48 27.79 -53.63
CA HIS F 53 46.16 29.09 -54.24
C HIS F 53 45.60 30.07 -53.22
N SER F 54 44.73 29.62 -52.31
CA SER F 54 43.91 30.57 -51.56
C SER F 54 44.57 31.02 -50.25
N GLY F 55 44.78 30.09 -49.32
CA GLY F 55 45.19 30.50 -48.00
C GLY F 55 46.34 29.75 -47.36
N ASN F 56 46.75 28.62 -47.94
CA ASN F 56 47.75 27.76 -47.33
C ASN F 56 48.99 27.66 -48.22
N THR F 57 50.15 27.62 -47.56
CA THR F 57 51.41 27.47 -48.27
C THR F 57 52.40 26.75 -47.34
N ASN F 58 53.30 26.00 -47.95
CA ASN F 58 54.36 25.32 -47.22
C ASN F 58 55.73 25.74 -47.73
N TYR F 59 56.76 25.49 -46.92
CA TYR F 59 58.11 25.89 -47.25
C TYR F 59 59.09 24.84 -46.74
N ASN F 60 60.27 24.82 -47.37
CA ASN F 60 61.34 23.95 -46.90
C ASN F 60 61.83 24.43 -45.54
N PRO F 61 61.94 23.56 -44.54
CA PRO F 61 62.40 24.01 -43.21
C PRO F 61 63.78 24.66 -43.24
N SER F 62 64.64 24.29 -44.19
CA SER F 62 65.96 24.90 -44.27
C SER F 62 65.86 26.40 -44.52
N LEU F 63 65.33 26.79 -45.67
CA LEU F 63 65.11 28.20 -45.99
C LEU F 63 63.66 28.59 -45.65
N LYS F 64 63.30 28.36 -44.39
CA LYS F 64 61.94 28.66 -43.94
C LYS F 64 61.68 30.16 -43.92
N SER F 65 62.63 30.95 -43.45
CA SER F 65 62.49 32.39 -43.33
C SER F 65 63.40 33.11 -44.33
N ARG F 66 63.62 32.49 -45.49
CA ARG F 66 64.47 33.08 -46.53
C ARG F 66 63.72 33.38 -47.81
N VAL F 67 62.54 32.81 -48.03
CA VAL F 67 61.78 33.05 -49.25
C VAL F 67 60.29 32.87 -48.94
N THR F 68 59.48 33.76 -49.50
CA THR F 68 58.03 33.68 -49.39
C THR F 68 57.42 33.95 -50.75
N VAL F 69 56.20 33.44 -50.96
CA VAL F 69 55.53 33.52 -52.24
C VAL F 69 54.12 34.07 -52.06
N SER F 70 53.57 34.59 -53.15
CA SER F 70 52.22 35.12 -53.18
C SER F 70 51.49 34.55 -54.39
N VAL F 71 50.18 34.32 -54.23
CA VAL F 71 49.35 33.75 -55.27
C VAL F 71 48.19 34.70 -55.54
N ASP F 72 47.98 35.03 -56.82
CA ASP F 72 46.87 35.90 -57.24
C ASP F 72 46.14 35.22 -58.38
N LYS F 73 44.91 34.78 -58.13
CA LYS F 73 44.12 34.08 -59.14
C LYS F 73 43.51 35.03 -60.16
N SER F 74 43.50 36.33 -59.90
CA SER F 74 42.90 37.27 -60.84
C SER F 74 43.65 37.26 -62.18
N LYS F 75 44.97 37.25 -62.13
CA LYS F 75 45.80 37.21 -63.32
C LYS F 75 46.21 35.79 -63.70
N ASN F 76 45.78 34.79 -62.94
CA ASN F 76 46.16 33.38 -63.17
C ASN F 76 47.68 33.21 -63.20
N GLN F 77 48.37 33.93 -62.33
CA GLN F 77 49.82 33.88 -62.25
C GLN F 77 50.25 34.18 -60.83
N PHE F 78 51.27 33.47 -60.37
CA PHE F 78 51.81 33.64 -59.03
C PHE F 78 53.34 33.72 -59.10
N SER F 79 53.91 34.61 -58.29
CA SER F 79 55.32 34.97 -58.40
C SER F 79 56.00 34.90 -57.04
N LEU F 80 57.28 34.57 -57.07
CA LEU F 80 58.12 34.54 -55.88
C LEU F 80 58.70 35.93 -55.59
N LYS F 81 58.98 36.19 -54.32
CA LYS F 81 59.62 37.42 -53.88
C LYS F 81 60.74 37.11 -52.90
N LEU F 82 61.56 36.12 -53.23
CA LEU F 82 62.65 35.69 -52.37
C LEU F 82 63.68 36.79 -52.19
N THR F 83 63.81 37.27 -50.95
CA THR F 83 64.77 38.32 -50.62
C THR F 83 65.98 37.72 -49.90
N SER F 84 66.97 38.58 -49.65
CA SER F 84 68.22 38.20 -48.99
C SER F 84 68.89 37.03 -49.73
N VAL F 85 68.88 37.08 -51.05
CA VAL F 85 69.47 36.03 -51.87
C VAL F 85 70.98 36.23 -51.91
N THR F 86 71.73 35.18 -51.55
CA THR F 86 73.17 35.24 -51.55
C THR F 86 73.71 35.17 -52.99
N ALA F 87 74.98 35.55 -53.14
CA ALA F 87 75.61 35.50 -54.46
C ALA F 87 75.73 34.07 -54.97
N ALA F 88 75.99 33.11 -54.08
CA ALA F 88 76.11 31.71 -54.47
C ALA F 88 74.76 31.01 -54.56
N ASP F 89 73.66 31.70 -54.28
CA ASP F 89 72.33 31.11 -54.35
C ASP F 89 71.75 31.10 -55.76
N THR F 90 72.47 31.64 -56.74
CA THR F 90 71.98 31.66 -58.11
C THR F 90 71.78 30.24 -58.63
N ALA F 91 70.64 30.00 -59.25
CA ALA F 91 70.30 28.68 -59.76
C ALA F 91 69.25 28.83 -60.86
N VAL F 92 69.07 27.75 -61.61
CA VAL F 92 68.06 27.71 -62.66
C VAL F 92 66.72 27.37 -62.03
N TYR F 93 65.78 28.31 -62.08
CA TYR F 93 64.48 28.16 -61.43
C TYR F 93 63.41 27.90 -62.48
N TYR F 94 62.66 26.82 -62.28
CA TYR F 94 61.53 26.48 -63.13
C TYR F 94 60.28 26.29 -62.27
N CYS F 95 59.13 26.37 -62.90
CA CYS F 95 57.84 26.28 -62.22
C CYS F 95 57.09 25.04 -62.68
N ALA F 96 56.45 24.36 -61.74
CA ALA F 96 55.71 23.13 -62.03
C ALA F 96 54.40 23.12 -61.26
N ARG F 97 53.46 22.34 -61.77
CA ARG F 97 52.17 22.09 -61.12
C ARG F 97 52.02 20.60 -60.88
N ASP F 98 51.51 20.24 -59.70
CA ASP F 98 51.40 18.85 -59.30
C ASP F 98 49.95 18.48 -59.01
N VAL F 99 49.65 17.19 -59.17
CA VAL F 99 48.33 16.64 -58.89
C VAL F 99 48.42 15.78 -57.64
N SER F 100 47.44 15.92 -56.75
CA SER F 100 47.45 15.23 -55.47
C SER F 100 47.48 13.72 -55.64
N GLY F 101 46.40 13.15 -56.18
CA GLY F 101 46.29 11.72 -56.37
C GLY F 101 46.59 10.92 -55.13
N GLY F 102 47.67 10.15 -55.17
CA GLY F 102 48.13 9.41 -54.00
C GLY F 102 49.53 9.84 -53.59
N VAL F 103 50.25 10.47 -54.52
CA VAL F 103 51.60 10.98 -54.26
C VAL F 103 51.83 12.16 -55.18
N ASN F 104 52.87 12.93 -54.89
CA ASN F 104 53.18 14.10 -55.70
C ASN F 104 53.59 13.69 -57.11
N TRP F 105 53.27 14.56 -58.07
CA TRP F 105 53.55 14.29 -59.48
C TRP F 105 54.16 15.56 -60.07
N PHE F 106 55.48 15.56 -60.27
CA PHE F 106 56.19 16.73 -60.79
C PHE F 106 56.18 16.72 -62.31
N ASP F 107 54.96 16.71 -62.87
CA ASP F 107 54.78 16.74 -64.31
C ASP F 107 53.38 17.27 -64.60
N PRO F 108 53.19 18.09 -65.64
CA PRO F 108 54.19 18.58 -66.59
C PRO F 108 55.08 19.66 -65.99
N TRP F 109 56.30 19.83 -66.50
CA TRP F 109 57.22 20.81 -65.96
C TRP F 109 56.98 22.16 -66.63
N GLY F 110 57.86 23.13 -66.34
CA GLY F 110 57.78 24.44 -66.94
C GLY F 110 58.69 24.59 -68.15
N GLN F 111 58.54 25.73 -68.83
CA GLN F 111 59.38 26.02 -69.98
C GLN F 111 60.84 26.15 -69.57
N GLY F 112 61.11 26.82 -68.46
CA GLY F 112 62.46 26.96 -67.94
C GLY F 112 62.92 28.40 -67.96
N THR F 113 63.55 28.82 -66.86
CA THR F 113 64.11 30.16 -66.74
C THR F 113 65.56 30.05 -66.31
N LEU F 114 66.45 30.74 -67.01
CA LEU F 114 67.87 30.68 -66.73
C LEU F 114 68.27 31.80 -65.79
N VAL F 115 69.02 31.46 -64.74
CA VAL F 115 69.49 32.45 -63.78
C VAL F 115 70.78 31.96 -63.12
N ASN G 1 64.22 14.26 -42.12
CA ASN G 1 65.13 14.50 -43.23
C ASN G 1 65.81 13.20 -43.67
N PHE G 2 66.02 13.05 -44.97
CA PHE G 2 66.67 11.87 -45.51
C PHE G 2 67.49 12.26 -46.72
N MET G 3 68.46 11.42 -47.06
CA MET G 3 69.35 11.63 -48.20
C MET G 3 69.33 10.41 -49.09
N LEU G 4 69.39 10.62 -50.40
CA LEU G 4 69.37 9.57 -51.39
C LEU G 4 70.71 9.52 -52.11
N THR G 5 71.26 8.33 -52.26
CA THR G 5 72.54 8.11 -52.92
C THR G 5 72.34 7.42 -54.26
N GLN G 6 73.03 7.91 -55.28
CA GLN G 6 72.93 7.37 -56.63
C GLN G 6 74.32 7.16 -57.21
N PRO G 7 74.49 6.20 -58.11
CA PRO G 7 75.78 6.00 -58.77
C PRO G 7 76.13 7.19 -59.66
N HIS G 8 77.45 7.39 -59.82
N HIS G 8 77.45 7.39 -59.82
CA HIS G 8 77.93 8.52 -60.61
CA HIS G 8 77.93 8.52 -60.61
C HIS G 8 77.52 8.40 -62.07
C HIS G 8 77.52 8.40 -62.07
N SER G 9 77.81 7.27 -62.69
CA SER G 9 77.49 7.06 -64.10
C SER G 9 77.53 5.57 -64.41
N VAL G 10 76.67 5.15 -65.33
CA VAL G 10 76.63 3.78 -65.81
C VAL G 10 76.69 3.81 -67.34
N SER G 11 77.66 3.11 -67.92
CA SER G 11 77.83 3.06 -69.36
C SER G 11 77.89 1.60 -69.82
N GLU G 12 77.19 1.31 -70.91
CA GLU G 12 77.16 -0.03 -71.46
C GLU G 12 76.78 0.04 -72.93
N SER G 13 77.05 -1.04 -73.65
CA SER G 13 76.71 -1.11 -75.06
C SER G 13 75.20 -1.16 -75.24
N PRO G 14 74.69 -0.65 -76.35
CA PRO G 14 73.24 -0.67 -76.58
C PRO G 14 72.73 -2.10 -76.77
N GLY G 15 71.47 -2.30 -76.36
CA GLY G 15 70.83 -3.59 -76.46
C GLY G 15 71.02 -4.49 -75.25
N LYS G 16 71.83 -4.10 -74.28
CA LYS G 16 72.06 -4.89 -73.09
C LYS G 16 71.10 -4.46 -71.98
N THR G 17 71.22 -5.10 -70.82
CA THR G 17 70.39 -4.80 -69.66
C THR G 17 71.24 -4.11 -68.61
N VAL G 18 70.80 -2.92 -68.19
CA VAL G 18 71.51 -2.12 -67.19
C VAL G 18 70.51 -1.70 -66.12
N THR G 19 70.89 -1.87 -64.86
CA THR G 19 70.06 -1.52 -63.72
C THR G 19 70.79 -0.50 -62.85
N ILE G 20 70.05 0.49 -62.38
CA ILE G 20 70.59 1.55 -61.53
C ILE G 20 69.89 1.47 -60.18
N SER G 21 70.67 1.36 -59.11
CA SER G 21 70.14 1.25 -57.75
C SER G 21 70.30 2.59 -57.04
N CYS G 22 69.19 3.11 -56.54
CA CYS G 22 69.16 4.38 -55.80
C CYS G 22 68.90 4.06 -54.34
N THR G 23 69.90 4.31 -53.49
CA THR G 23 69.85 3.94 -52.09
C THR G 23 69.65 5.17 -51.22
N ARG G 24 68.78 5.06 -50.23
CA ARG G 24 68.51 6.13 -49.27
C ARG G 24 69.22 5.78 -47.96
N SER G 25 70.20 6.60 -47.58
CA SER G 25 70.95 6.35 -46.36
C SER G 25 70.07 6.46 -45.12
N SER G 26 69.18 7.46 -45.09
CA SER G 26 68.29 7.68 -43.96
C SER G 26 66.89 7.21 -44.32
N GLY G 27 66.27 6.45 -43.41
CA GLY G 27 64.95 5.93 -43.62
C GLY G 27 64.93 4.47 -43.99
N SER G 28 63.84 4.06 -44.64
CA SER G 28 63.67 2.68 -45.05
C SER G 28 62.84 2.64 -46.32
N ILE G 29 62.94 1.51 -47.03
CA ILE G 29 62.16 1.31 -48.25
C ILE G 29 60.69 1.06 -47.98
N ALA G 30 60.32 0.84 -46.72
CA ALA G 30 58.92 0.60 -46.37
C ALA G 30 58.07 1.86 -46.46
N SER G 31 58.68 3.03 -46.68
CA SER G 31 57.94 4.27 -46.80
C SER G 31 57.33 4.36 -48.20
N ASN G 32 56.82 5.54 -48.55
CA ASN G 32 56.14 5.71 -49.83
C ASN G 32 57.10 5.43 -50.99
N TYR G 33 56.55 4.86 -52.06
CA TYR G 33 57.36 4.45 -53.20
C TYR G 33 58.02 5.66 -53.86
N VAL G 34 59.24 5.43 -54.37
CA VAL G 34 60.00 6.48 -55.03
C VAL G 34 59.52 6.64 -56.47
N GLN G 35 59.89 7.75 -57.09
CA GLN G 35 59.51 8.04 -58.47
C GLN G 35 60.75 8.23 -59.32
N TRP G 36 60.72 7.70 -60.54
CA TRP G 36 61.84 7.80 -61.46
C TRP G 36 61.53 8.84 -62.53
N TYR G 37 62.45 9.79 -62.71
CA TYR G 37 62.27 10.88 -63.67
C TYR G 37 63.42 10.84 -64.67
N GLN G 38 63.07 10.99 -65.96
CA GLN G 38 64.05 11.02 -67.03
C GLN G 38 64.12 12.44 -67.57
N GLN G 39 65.31 13.04 -67.51
CA GLN G 39 65.53 14.41 -67.93
C GLN G 39 66.61 14.46 -69.00
N ARG G 40 66.37 15.24 -70.05
CA ARG G 40 67.32 15.43 -71.12
C ARG G 40 67.94 16.82 -71.05
N PRO G 41 69.21 16.96 -71.43
CA PRO G 41 69.83 18.30 -71.41
C PRO G 41 69.10 19.26 -72.34
N GLY G 42 68.96 20.50 -71.88
CA GLY G 42 68.24 21.50 -72.66
C GLY G 42 66.76 21.22 -72.80
N SER G 43 66.18 20.43 -71.91
CA SER G 43 64.77 20.10 -71.99
C SER G 43 64.24 19.84 -70.59
N ALA G 44 62.92 19.95 -70.44
CA ALA G 44 62.28 19.72 -69.15
C ALA G 44 62.29 18.23 -68.80
N PRO G 45 62.42 17.89 -67.52
CA PRO G 45 62.36 16.48 -67.12
C PRO G 45 61.00 15.87 -67.41
N THR G 46 61.00 14.57 -67.69
CA THR G 46 59.79 13.83 -68.00
C THR G 46 59.73 12.55 -67.17
N THR G 47 58.52 12.13 -66.86
CA THR G 47 58.33 10.92 -66.06
C THR G 47 58.72 9.68 -66.85
N VAL G 48 59.44 8.77 -66.21
CA VAL G 48 59.84 7.52 -66.85
C VAL G 48 59.21 6.35 -66.12
N ILE G 49 58.98 6.51 -64.82
CA ILE G 49 58.36 5.47 -64.01
C ILE G 49 57.91 6.09 -62.69
N TYR G 50 56.77 5.62 -62.19
CA TYR G 50 56.25 6.07 -60.91
C TYR G 50 55.81 4.86 -60.09
N GLU G 51 55.99 4.96 -58.78
CA GLU G 51 55.60 3.93 -57.81
C GLU G 51 56.30 2.60 -58.04
N ASP G 52 57.32 2.57 -58.90
CA ASP G 52 58.13 1.38 -59.20
C ASP G 52 57.31 0.23 -59.77
N ASN G 53 56.08 0.49 -60.23
CA ASN G 53 55.25 -0.55 -60.80
C ASN G 53 54.54 -0.16 -62.09
N GLN G 54 54.35 1.12 -62.37
CA GLN G 54 53.62 1.57 -63.54
C GLN G 54 54.46 2.55 -64.35
N ARG G 55 54.19 2.61 -65.64
CA ARG G 55 54.86 3.50 -66.57
C ARG G 55 53.83 4.30 -67.35
N PRO G 56 54.16 5.53 -67.74
CA PRO G 56 53.19 6.37 -68.45
C PRO G 56 53.09 5.99 -69.92
N SER G 57 51.96 6.38 -70.51
CA SER G 57 51.73 6.12 -71.92
C SER G 57 52.70 6.91 -72.77
N GLY G 58 53.30 6.25 -73.75
CA GLY G 58 54.31 6.84 -74.59
C GLY G 58 55.73 6.60 -74.15
N VAL G 59 55.95 6.24 -72.89
CA VAL G 59 57.27 5.89 -72.38
C VAL G 59 57.57 4.45 -72.75
N PRO G 60 58.85 4.07 -72.89
CA PRO G 60 59.17 2.68 -73.24
C PRO G 60 58.72 1.72 -72.13
N ASP G 61 58.25 0.54 -72.55
CA ASP G 61 57.84 -0.49 -71.62
C ASP G 61 58.97 -1.44 -71.24
N ARG G 62 60.14 -1.32 -71.89
CA ARG G 62 61.26 -2.20 -71.56
C ARG G 62 61.80 -1.90 -70.18
N PHE G 63 61.86 -0.63 -69.80
CA PHE G 63 62.36 -0.25 -68.49
C PHE G 63 61.43 -0.75 -67.39
N SER G 64 62.02 -1.26 -66.31
CA SER G 64 61.27 -1.78 -65.18
C SER G 64 62.01 -1.46 -63.89
N GLY G 65 61.26 -1.43 -62.80
CA GLY G 65 61.82 -1.13 -61.50
C GLY G 65 61.39 -2.14 -60.46
N SER G 66 62.20 -2.24 -59.40
CA SER G 66 61.92 -3.15 -58.31
C SER G 66 62.49 -2.57 -57.02
N ILE G 67 61.96 -3.04 -55.90
CA ILE G 67 62.36 -2.58 -54.58
C ILE G 67 62.93 -3.77 -53.81
N ASP G 68 64.16 -3.61 -53.33
CA ASP G 68 64.80 -4.67 -52.55
C ASP G 68 64.17 -4.79 -51.16
N SER G 69 63.77 -3.67 -50.57
CA SER G 69 63.13 -3.59 -49.25
C SER G 69 64.03 -4.11 -48.14
N SER G 70 65.31 -4.31 -48.39
CA SER G 70 66.26 -4.76 -47.38
C SER G 70 67.43 -3.82 -47.20
N SER G 71 67.97 -3.26 -48.28
CA SER G 71 69.08 -2.32 -48.22
C SER G 71 68.63 -0.88 -48.34
N ASN G 72 67.33 -0.62 -48.24
CA ASN G 72 66.76 0.72 -48.39
C ASN G 72 67.14 1.34 -49.74
N SER G 73 67.14 0.51 -50.78
CA SER G 73 67.52 0.93 -52.12
C SER G 73 66.47 0.45 -53.12
N ALA G 74 66.20 1.28 -54.12
CA ALA G 74 65.27 0.95 -55.20
C ALA G 74 66.06 0.87 -56.50
N SER G 75 65.88 -0.24 -57.22
CA SER G 75 66.62 -0.51 -58.45
C SER G 75 65.67 -0.48 -59.64
N LEU G 76 66.03 0.28 -60.66
CA LEU G 76 65.29 0.34 -61.92
C LEU G 76 66.17 -0.22 -63.03
N THR G 77 65.65 -1.20 -63.76
CA THR G 77 66.39 -1.91 -64.79
C THR G 77 65.83 -1.58 -66.16
N ILE G 78 66.71 -1.30 -67.11
CA ILE G 78 66.33 -1.01 -68.48
C ILE G 78 66.93 -2.08 -69.37
N SER G 79 66.08 -2.76 -70.14
CA SER G 79 66.50 -3.83 -71.03
C SER G 79 66.49 -3.33 -72.47
N GLY G 80 67.57 -3.57 -73.20
CA GLY G 80 67.69 -3.12 -74.56
C GLY G 80 67.76 -1.61 -74.68
N LEU G 81 68.84 -1.03 -74.17
CA LEU G 81 69.00 0.42 -74.21
C LEU G 81 69.14 0.90 -75.65
N LYS G 82 68.51 2.04 -75.94
CA LYS G 82 68.53 2.63 -77.27
C LYS G 82 69.38 3.90 -77.27
N THR G 83 69.56 4.46 -78.46
CA THR G 83 70.36 5.68 -78.58
C THR G 83 69.69 6.85 -77.86
N GLU G 84 68.36 6.96 -77.98
CA GLU G 84 67.63 8.04 -77.33
C GLU G 84 67.51 7.85 -75.83
N ASP G 85 67.88 6.69 -75.29
CA ASP G 85 67.78 6.44 -73.86
C ASP G 85 68.81 7.22 -73.06
N GLU G 86 69.82 7.80 -73.70
CA GLU G 86 70.84 8.57 -72.99
C GLU G 86 70.23 9.86 -72.45
N ALA G 87 70.02 9.90 -71.14
CA ALA G 87 69.42 11.06 -70.48
C ALA G 87 69.85 11.06 -69.02
N ASP G 88 69.27 11.97 -68.24
CA ASP G 88 69.56 12.08 -66.82
C ASP G 88 68.40 11.52 -66.01
N TYR G 89 68.72 10.66 -65.04
CA TYR G 89 67.72 10.00 -64.21
C TYR G 89 67.87 10.48 -62.77
N TYR G 90 66.75 10.83 -62.16
CA TYR G 90 66.72 11.39 -60.82
C TYR G 90 65.83 10.56 -59.91
N CYS G 91 66.14 10.59 -58.62
CA CYS G 91 65.35 9.90 -57.61
C CYS G 91 64.43 10.89 -56.89
N GLN G 92 63.16 10.51 -56.76
CA GLN G 92 62.17 11.33 -56.08
C GLN G 92 61.71 10.60 -54.82
N SER G 93 61.85 11.26 -53.68
CA SER G 93 61.46 10.67 -52.40
C SER G 93 61.19 11.80 -51.42
N TYR G 94 60.52 11.45 -50.32
CA TYR G 94 60.16 12.43 -49.31
C TYR G 94 59.96 11.71 -47.98
N ASP G 95 59.53 12.47 -46.98
CA ASP G 95 59.18 11.95 -45.66
C ASP G 95 58.24 12.95 -44.99
N SER G 96 58.02 12.79 -43.69
CA SER G 96 57.09 13.65 -42.98
C SER G 96 57.57 15.10 -42.89
N SER G 97 58.85 15.36 -43.12
CA SER G 97 59.39 16.72 -43.00
C SER G 97 59.43 17.44 -44.35
N THR G 98 60.13 16.89 -45.32
CA THR G 98 60.29 17.54 -46.62
C THR G 98 60.53 16.48 -47.68
N VAL G 99 60.90 16.94 -48.89
CA VAL G 99 61.15 16.07 -50.02
C VAL G 99 62.59 16.29 -50.49
N VAL G 100 63.34 15.19 -50.63
CA VAL G 100 64.73 15.23 -51.04
C VAL G 100 64.89 14.44 -52.32
N PHE G 101 65.54 15.03 -53.31
CA PHE G 101 65.82 14.37 -54.58
C PHE G 101 67.12 13.58 -54.49
N GLY G 102 67.29 12.65 -55.44
CA GLY G 102 68.48 11.81 -55.45
C GLY G 102 69.68 12.50 -56.06
N GLY G 103 70.82 11.82 -55.97
CA GLY G 103 72.05 12.35 -56.54
C GLY G 103 71.99 12.48 -58.05
N GLY G 104 71.45 11.46 -58.71
CA GLY G 104 71.31 11.50 -60.15
C GLY G 104 72.31 10.58 -60.84
N THR G 105 71.91 10.06 -61.99
CA THR G 105 72.75 9.17 -62.78
C THR G 105 72.77 9.64 -64.23
N LYS G 106 73.89 9.40 -64.90
CA LYS G 106 74.06 9.75 -66.30
C LYS G 106 74.34 8.47 -67.11
N LEU G 107 73.59 8.28 -68.18
CA LEU G 107 73.73 7.11 -69.04
C LEU G 107 74.10 7.56 -70.45
N THR G 108 75.06 6.87 -71.04
CA THR G 108 75.52 7.20 -72.40
C THR G 108 75.48 5.98 -73.30
N ASN H 1 9.47 2.81 77.76
CA ASN H 1 8.60 2.86 78.93
C ASN H 1 8.79 4.16 79.69
N PHE H 2 7.95 4.39 80.70
CA PHE H 2 8.00 5.59 81.50
C PHE H 2 7.52 5.25 82.91
N MET H 3 7.36 6.27 83.74
CA MET H 3 6.94 6.10 85.13
C MET H 3 5.75 7.01 85.41
N LEU H 4 4.98 6.63 86.42
CA LEU H 4 3.79 7.36 86.84
C LEU H 4 3.91 7.72 88.32
N THR H 5 3.53 8.95 88.65
CA THR H 5 3.58 9.45 90.01
C THR H 5 2.19 9.92 90.44
N GLN H 6 1.82 9.61 91.67
CA GLN H 6 0.52 10.00 92.22
C GLN H 6 0.70 10.51 93.63
N PRO H 7 -0.12 11.47 94.06
CA PRO H 7 -0.08 11.97 95.46
C PRO H 7 -0.78 11.02 96.43
N HIS H 8 -0.03 10.04 96.90
N HIS H 8 -0.03 10.04 96.90
CA HIS H 8 -0.52 8.98 97.79
CA HIS H 8 -0.52 8.98 97.79
C HIS H 8 -0.73 9.45 99.22
C HIS H 8 -0.73 9.45 99.22
N SER H 9 -0.69 10.76 99.51
CA SER H 9 -0.87 11.28 100.85
C SER H 9 -2.01 12.30 100.88
N VAL H 10 -3.13 11.93 100.27
CA VAL H 10 -4.31 12.78 100.20
C VAL H 10 -5.44 12.08 100.94
N SER H 11 -6.02 12.78 101.91
CA SER H 11 -7.16 12.26 102.65
C SER H 11 -7.90 13.44 103.27
N GLU H 12 -9.10 13.71 102.80
CA GLU H 12 -9.89 14.84 103.26
C GLU H 12 -11.00 14.38 104.21
N SER H 13 -11.77 15.33 104.71
CA SER H 13 -12.85 15.03 105.63
C SER H 13 -14.02 14.37 104.88
N PRO H 14 -14.87 13.66 105.60
CA PRO H 14 -16.02 13.01 104.96
C PRO H 14 -17.01 14.03 104.42
N GLY H 15 -17.75 13.60 103.40
CA GLY H 15 -18.71 14.48 102.75
C GLY H 15 -18.08 15.62 101.98
N LYS H 16 -16.98 15.35 101.28
CA LYS H 16 -16.29 16.36 100.49
C LYS H 16 -15.84 15.75 99.18
N THR H 17 -15.55 16.61 98.21
CA THR H 17 -15.11 16.20 96.88
C THR H 17 -13.60 16.30 96.79
N VAL H 18 -12.97 15.24 96.29
CA VAL H 18 -11.52 15.18 96.17
C VAL H 18 -11.16 14.79 94.74
N THR H 19 -9.95 15.16 94.32
CA THR H 19 -9.45 14.87 93.00
C THR H 19 -8.08 14.22 93.10
N ILE H 20 -7.90 13.11 92.38
CA ILE H 20 -6.63 12.41 92.33
C ILE H 20 -6.06 12.55 90.92
N SER H 21 -4.75 12.63 90.82
CA SER H 21 -4.07 12.88 89.55
C SER H 21 -2.98 11.85 89.34
N CYS H 22 -2.93 11.27 88.13
CA CYS H 22 -1.87 10.38 87.71
C CYS H 22 -1.08 11.08 86.61
N THR H 23 0.23 11.23 86.82
CA THR H 23 1.08 12.01 85.94
C THR H 23 1.97 11.09 85.11
N ARG H 24 2.20 11.47 83.85
CA ARG H 24 3.06 10.72 82.95
C ARG H 24 4.43 11.38 82.90
N SER H 25 5.46 10.62 83.26
CA SER H 25 6.81 11.19 83.34
C SER H 25 7.36 11.54 81.96
N SER H 26 7.27 10.61 81.01
CA SER H 26 7.86 10.77 79.69
C SER H 26 6.80 10.59 78.62
N GLY H 27 6.82 11.47 77.63
CA GLY H 27 5.87 11.43 76.54
C GLY H 27 4.67 12.33 76.78
N SER H 28 3.72 12.24 75.84
CA SER H 28 2.48 13.01 75.91
C SER H 28 1.32 12.04 76.00
N ILE H 29 0.53 12.16 77.08
CA ILE H 29 -0.62 11.27 77.28
C ILE H 29 -1.80 11.95 76.61
N ALA H 30 -1.90 11.74 75.29
CA ALA H 30 -3.04 12.22 74.53
C ALA H 30 -3.57 11.21 73.52
N SER H 31 -2.83 10.17 73.16
CA SER H 31 -3.29 9.14 72.24
C SER H 31 -3.76 7.89 72.98
N ASN H 32 -2.90 7.32 73.82
CA ASN H 32 -3.28 6.22 74.69
C ASN H 32 -3.63 6.78 76.07
N TYR H 33 -4.73 6.29 76.62
CA TYR H 33 -5.35 6.83 77.81
C TYR H 33 -5.25 5.84 78.97
N VAL H 34 -5.86 6.22 80.10
CA VAL H 34 -5.67 5.53 81.37
C VAL H 34 -7.03 5.14 81.95
N GLN H 35 -7.02 4.07 82.74
CA GLN H 35 -8.19 3.64 83.50
C GLN H 35 -7.76 3.38 84.94
N TRP H 36 -8.72 3.53 85.86
CA TRP H 36 -8.45 3.49 87.29
C TRP H 36 -8.98 2.20 87.89
N TYR H 37 -8.18 1.60 88.77
CA TYR H 37 -8.54 0.38 89.48
C TYR H 37 -8.55 0.65 90.97
N GLN H 38 -9.64 0.24 91.64
CA GLN H 38 -9.77 0.36 93.09
C GLN H 38 -9.64 -1.01 93.72
N GLN H 39 -8.77 -1.12 94.72
CA GLN H 39 -8.50 -2.39 95.39
C GLN H 39 -8.88 -2.25 96.87
N ARG H 40 -9.92 -2.98 97.27
CA ARG H 40 -10.28 -3.04 98.67
C ARG H 40 -9.24 -3.87 99.44
N PRO H 41 -9.00 -3.55 100.71
CA PRO H 41 -7.98 -4.30 101.46
C PRO H 41 -8.45 -5.70 101.83
N GLY H 42 -7.88 -6.70 101.18
CA GLY H 42 -8.27 -8.08 101.41
C GLY H 42 -9.10 -8.67 100.29
N SER H 43 -8.93 -8.15 99.08
CA SER H 43 -9.67 -8.61 97.92
C SER H 43 -8.86 -8.29 96.67
N ALA H 44 -9.49 -8.40 95.51
CA ALA H 44 -8.86 -8.13 94.23
C ALA H 44 -9.22 -6.74 93.72
N PRO H 45 -8.30 -6.07 93.04
CA PRO H 45 -8.60 -4.74 92.51
C PRO H 45 -9.76 -4.78 91.51
N THR H 46 -10.58 -3.74 91.55
CA THR H 46 -11.74 -3.62 90.68
C THR H 46 -11.69 -2.31 89.92
N THR H 47 -12.05 -2.36 88.63
CA THR H 47 -12.10 -1.16 87.82
C THR H 47 -13.25 -0.27 88.28
N VAL H 48 -13.04 1.04 88.17
CA VAL H 48 -14.06 2.01 88.58
C VAL H 48 -14.38 2.95 87.43
N ILE H 49 -13.44 3.12 86.50
CA ILE H 49 -13.65 3.98 85.36
C ILE H 49 -12.69 3.58 84.23
N TYR H 50 -13.23 3.46 83.02
CA TYR H 50 -12.43 3.23 81.82
C TYR H 50 -12.86 4.21 80.75
N GLU H 51 -11.99 4.39 79.75
CA GLU H 51 -12.14 5.39 78.70
C GLU H 51 -12.12 6.81 79.25
N ASP H 52 -11.88 6.97 80.55
CA ASP H 52 -11.81 8.23 81.30
C ASP H 52 -13.14 8.98 81.33
N ASN H 53 -14.18 8.49 80.66
CA ASN H 53 -15.48 9.15 80.68
C ASN H 53 -16.60 8.27 81.21
N GLN H 54 -16.70 7.02 80.72
CA GLN H 54 -17.84 6.16 81.02
C GLN H 54 -17.48 5.16 82.10
N ARG H 55 -18.31 5.10 83.14
CA ARG H 55 -18.20 4.14 84.23
C ARG H 55 -18.73 2.78 83.79
N PRO H 56 -18.30 1.70 84.45
CA PRO H 56 -18.80 0.37 84.09
C PRO H 56 -20.28 0.23 84.38
N SER H 57 -20.81 -0.93 83.98
CA SER H 57 -22.25 -1.20 84.10
C SER H 57 -22.60 -1.41 85.56
N GLY H 58 -23.02 -0.34 86.24
CA GLY H 58 -23.42 -0.41 87.62
C GLY H 58 -22.37 0.11 88.57
N VAL H 59 -22.51 1.37 89.00
CA VAL H 59 -21.58 2.03 89.90
C VAL H 59 -22.16 3.40 90.26
N PRO H 60 -21.80 3.97 91.41
CA PRO H 60 -22.26 5.33 91.72
C PRO H 60 -21.68 6.33 90.74
N ASP H 61 -22.46 7.38 90.47
CA ASP H 61 -22.07 8.42 89.53
C ASP H 61 -21.23 9.51 90.18
N ARG H 62 -20.96 9.41 91.48
CA ARG H 62 -20.17 10.42 92.16
C ARG H 62 -18.75 10.49 91.60
N PHE H 63 -18.13 9.34 91.35
CA PHE H 63 -16.78 9.32 90.79
C PHE H 63 -16.79 9.82 89.36
N SER H 64 -15.73 10.55 88.99
CA SER H 64 -15.60 11.10 87.65
C SER H 64 -14.13 11.26 87.33
N GLY H 65 -13.84 11.40 86.04
CA GLY H 65 -12.47 11.55 85.59
C GLY H 65 -12.38 12.47 84.39
N SER H 66 -11.20 13.06 84.23
CA SER H 66 -10.94 13.98 83.13
C SER H 66 -9.43 14.13 82.97
N ILE H 67 -9.04 14.76 81.86
CA ILE H 67 -7.64 15.01 81.57
C ILE H 67 -7.48 16.47 81.16
N ASP H 68 -6.25 16.97 81.29
CA ASP H 68 -5.93 18.35 80.97
C ASP H 68 -5.15 18.52 79.68
N SER H 69 -4.35 17.51 79.29
CA SER H 69 -3.54 17.53 78.07
C SER H 69 -2.51 18.65 78.06
N SER H 70 -2.24 19.25 79.22
CA SER H 70 -1.25 20.31 79.34
C SER H 70 -0.13 19.93 80.31
N SER H 71 -0.46 19.42 81.49
CA SER H 71 0.52 18.96 82.45
C SER H 71 0.83 17.48 82.33
N ASN H 72 0.29 16.81 81.31
CA ASN H 72 0.47 15.38 81.10
C ASN H 72 0.02 14.58 82.32
N SER H 73 -1.11 14.97 82.89
CA SER H 73 -1.68 14.30 84.05
C SER H 73 -3.18 14.11 83.85
N ALA H 74 -3.67 12.95 84.28
CA ALA H 74 -5.09 12.62 84.22
C ALA H 74 -5.70 12.72 85.60
N SER H 75 -6.81 13.44 85.71
CA SER H 75 -7.43 13.73 86.99
C SER H 75 -8.72 12.91 87.14
N LEU H 76 -8.83 12.20 88.26
CA LEU H 76 -10.04 11.47 88.61
C LEU H 76 -10.64 12.12 89.85
N THR H 77 -11.92 12.47 89.77
CA THR H 77 -12.60 13.23 90.81
C THR H 77 -13.66 12.35 91.46
N ILE H 78 -13.66 12.33 92.80
CA ILE H 78 -14.63 11.59 93.59
C ILE H 78 -15.35 12.59 94.49
N SER H 79 -16.68 12.54 94.47
CA SER H 79 -17.50 13.48 95.22
C SER H 79 -18.31 12.72 96.28
N GLY H 80 -18.63 13.41 97.37
CA GLY H 80 -19.42 12.82 98.43
C GLY H 80 -18.70 11.70 99.16
N LEU H 81 -17.64 12.06 99.89
CA LEU H 81 -16.87 11.06 100.62
C LEU H 81 -17.73 10.39 101.68
N LYS H 82 -17.56 9.07 101.83
CA LYS H 82 -18.32 8.28 102.78
C LYS H 82 -17.44 7.13 103.25
N THR H 83 -18.07 6.15 103.91
CA THR H 83 -17.32 4.99 104.40
C THR H 83 -16.80 4.14 103.26
N GLU H 84 -17.50 4.11 102.12
CA GLU H 84 -17.07 3.32 100.98
C GLU H 84 -16.05 4.07 100.16
N ASP H 85 -14.97 4.54 100.81
CA ASP H 85 -13.92 5.28 100.13
C ASP H 85 -12.50 4.83 100.48
N GLU H 86 -12.31 4.14 101.60
CA GLU H 86 -10.98 3.68 101.98
C GLU H 86 -10.55 2.49 101.14
N ALA H 87 -9.84 2.75 100.04
CA ALA H 87 -9.38 1.69 99.16
C ALA H 87 -8.15 2.18 98.41
N ASP H 88 -7.43 1.22 97.83
CA ASP H 88 -6.21 1.52 97.07
C ASP H 88 -6.58 1.79 95.61
N TYR H 89 -6.28 3.00 95.14
CA TYR H 89 -6.60 3.42 93.79
C TYR H 89 -5.32 3.46 92.96
N TYR H 90 -5.37 2.87 91.77
CA TYR H 90 -4.21 2.76 90.90
C TYR H 90 -4.55 3.22 89.49
N CYS H 91 -3.57 3.83 88.83
CA CYS H 91 -3.67 4.24 87.45
C CYS H 91 -2.75 3.38 86.58
N GLN H 92 -3.23 3.00 85.40
CA GLN H 92 -2.46 2.13 84.51
C GLN H 92 -2.63 2.61 83.08
N SER H 93 -1.52 2.96 82.44
CA SER H 93 -1.50 3.35 81.04
C SER H 93 -0.66 2.35 80.25
N TYR H 94 -0.44 2.67 78.98
CA TYR H 94 0.35 1.78 78.14
C TYR H 94 0.87 2.54 76.92
N ASP H 95 2.16 2.40 76.65
CA ASP H 95 2.70 2.77 75.35
C ASP H 95 2.46 1.62 74.36
N SER H 96 2.91 1.78 73.13
CA SER H 96 2.73 0.70 72.17
C SER H 96 3.91 -0.26 72.14
N SER H 97 4.43 -0.65 73.31
CA SER H 97 5.29 -1.82 73.41
C SER H 97 5.06 -2.66 74.65
N THR H 98 4.58 -2.09 75.75
CA THR H 98 4.45 -2.80 77.04
C THR H 98 3.22 -2.25 77.75
N VAL H 99 3.13 -2.53 79.05
CA VAL H 99 2.09 -1.98 79.92
C VAL H 99 2.78 -1.31 81.11
N VAL H 100 2.27 -0.14 81.50
CA VAL H 100 2.84 0.65 82.58
C VAL H 100 1.80 0.82 83.67
N PHE H 101 2.20 0.56 84.92
CA PHE H 101 1.32 0.69 86.07
C PHE H 101 1.81 1.81 86.98
N GLY H 102 0.86 2.54 87.56
CA GLY H 102 1.20 3.66 88.41
C GLY H 102 1.55 3.25 89.83
N GLY H 103 2.01 4.24 90.60
CA GLY H 103 2.39 3.98 91.97
C GLY H 103 1.22 3.59 92.86
N GLY H 104 0.11 4.28 92.72
CA GLY H 104 -1.07 3.99 93.51
C GLY H 104 -1.31 5.02 94.59
N THR H 105 -2.56 5.08 95.06
CA THR H 105 -2.94 6.04 96.08
C THR H 105 -4.11 5.47 96.89
N LYS H 106 -4.26 6.00 98.10
CA LYS H 106 -5.35 5.63 98.99
C LYS H 106 -5.73 6.82 99.85
N LEU H 107 -6.98 6.83 100.32
CA LEU H 107 -7.49 7.90 101.15
C LEU H 107 -8.11 7.31 102.42
N THR H 108 -8.07 8.09 103.49
CA THR H 108 -8.62 7.66 104.77
C THR H 108 -9.66 8.66 105.27
#